data_6V4K
#
_entry.id   6V4K
#
_cell.length_a   262.101
_cell.length_b   188.495
_cell.length_c   187.911
_cell.angle_alpha   90.000
_cell.angle_beta   133.163
_cell.angle_gamma   90.000
#
_symmetry.space_group_name_H-M   'C 1 2 1'
#
loop_
_entity.id
_entity.type
_entity.pdbx_description
1 polymer 'Trk system potassium uptake protein'
2 polymer 'Potassium transporter peripheral membrane component'
3 non-polymer "ADENOSINE-5'-DIPHOSPHATE"
#
loop_
_entity_poly.entity_id
_entity_poly.type
_entity_poly.pdbx_seq_one_letter_code
_entity_poly.pdbx_strand_id
1 'polypeptide(L)'
;MQFRSIIRIVGLLLALFSVTMLAPALVALLYRDGAGVPFVTTFFVLLFCGAMCWFPNRRHKHELKSRDGFLIVVLFWTVL
GSAGSLPFLIADNPNISVTDAFFESFSALTTTGATVIVGLDELPKAILFYRQFLQWFGGMGIIVLAVAILPVLGIGGMQL
YRAEIPGPVKDTKMTPRIAETAKALWYIYLSLTIACAVAFWLAGMTPFDAISHSFSTIAIGGFSTHDASMGYFDSYAINL
ITVVFLLISACNFTLHFAAFASGGVHPKYYWKDPEFRAFIFIQVLLFLVCFLLLLKHHSYTSPYDAFDQALFQTVSISTT
AGFTTTGFADWPLFLPVLLLFSSFIGGCAGSTGGGMKVIRILLLTLQGARELKRLVHPRAVYTIKVGGSALPQRVVDAVW
GFFSAYALVFVVCMLGLIATGMDELSAFSAVAATLNNLGPGLGEVALHFGDVNDKAKWVLIVSMLFGRLEIFTLLILLTP
TFWRS
;
A,B,C,D
2 'polypeptide(L)'
;MKIIILGAGQVGGTLAENLVGENNDITIVDNNADRLRELQDKYDLRVVNGHASHPDVLHEAGAQDADMLVAVTNTDETNM
AACQVAFTLFNTPNRVARIRSPEYLAEKEALFKSGAIPVDHLIAPEELVTSYIERLIQYPGALQVVSFAEQKVSLVAVKA
YYGGPLVGNALSALREHMPHIDTRVAAIFRQGRPIRPQGTTIIEADDEVFFVAASNHIRSVMSELQRLEKPYRRIMIVGG
GNIGASLAKRLEQTYSVKLIERDYQRAEKLSEQLENTIVFCGDAADQELLTEENIDQVDVFIALTNEDETNIMSAMLAKR
MGAKKVMVLIQRGAYVDLVQGGVIDVAISPQQATISALLTHVRRADIVNVSSLRRGAAEAIEAVAHGDETTSKVVGRAIG
DIKLPPGTTIGAVVRGEEVLIAHDRTVIEQDDHVVMFLVDKKYVPDVEALFQPSPFFL
;
E,F,G,H
#
# COMPACT_ATOMS: atom_id res chain seq x y z
N GLN A 2 19.30 -19.11 -34.17
CA GLN A 2 20.18 -20.27 -34.26
C GLN A 2 19.99 -20.94 -35.62
N PHE A 3 20.10 -20.13 -36.66
CA PHE A 3 19.95 -20.64 -38.00
C PHE A 3 21.16 -21.50 -38.36
N ARG A 4 20.95 -22.47 -39.23
CA ARG A 4 21.92 -23.47 -39.75
C ARG A 4 22.13 -24.64 -38.79
N SER A 5 21.44 -24.68 -37.66
CA SER A 5 21.45 -25.82 -36.76
C SER A 5 20.28 -26.73 -37.08
N ILE A 6 19.50 -26.32 -38.08
CA ILE A 6 18.29 -26.97 -38.56
C ILE A 6 18.60 -28.10 -39.52
N ILE A 7 19.74 -28.02 -40.22
CA ILE A 7 20.09 -28.96 -41.27
C ILE A 7 20.09 -30.40 -40.79
N ARG A 8 20.48 -30.64 -39.52
CA ARG A 8 20.46 -32.00 -38.98
C ARG A 8 19.05 -32.59 -39.00
N ILE A 9 18.07 -31.79 -38.56
CA ILE A 9 16.68 -32.25 -38.54
C ILE A 9 16.19 -32.49 -39.96
N VAL A 10 16.56 -31.60 -40.89
CA VAL A 10 16.14 -31.76 -42.28
C VAL A 10 16.67 -33.07 -42.85
N GLY A 11 17.93 -33.38 -42.56
CA GLY A 11 18.51 -34.62 -43.05
C GLY A 11 17.79 -35.83 -42.49
N LEU A 12 17.52 -35.82 -41.18
CA LEU A 12 16.81 -36.93 -40.57
C LEU A 12 15.42 -37.11 -41.18
N LEU A 13 14.74 -35.98 -41.44
CA LEU A 13 13.39 -36.03 -41.98
C LEU A 13 13.36 -36.66 -43.37
N LEU A 14 14.23 -36.20 -44.26
CA LEU A 14 14.21 -36.82 -45.59
C LEU A 14 14.75 -38.25 -45.58
N ALA A 15 15.64 -38.61 -44.64
CA ALA A 15 16.06 -40.00 -44.56
C ALA A 15 14.87 -40.90 -44.24
N LEU A 16 14.05 -40.47 -43.27
CA LEU A 16 12.84 -41.24 -42.99
C LEU A 16 11.97 -41.28 -44.23
N PHE A 17 11.95 -40.16 -44.97
CA PHE A 17 11.15 -40.11 -46.19
C PHE A 17 11.63 -41.16 -47.19
N SER A 18 12.94 -41.38 -47.27
CA SER A 18 13.47 -42.39 -48.17
C SER A 18 12.96 -43.78 -47.80
N VAL A 19 12.93 -44.09 -46.49
CA VAL A 19 12.41 -45.41 -46.10
C VAL A 19 10.94 -45.54 -46.50
N THR A 20 10.20 -44.45 -46.34
CA THR A 20 8.80 -44.47 -46.75
C THR A 20 8.71 -44.72 -48.24
N MET A 21 9.62 -44.13 -49.01
CA MET A 21 9.63 -44.33 -50.46
C MET A 21 9.86 -45.79 -50.80
N LEU A 22 10.73 -46.48 -50.04
CA LEU A 22 10.94 -47.90 -50.33
C LEU A 22 9.66 -48.69 -50.22
N ALA A 23 8.83 -48.38 -49.21
CA ALA A 23 7.60 -49.17 -49.10
C ALA A 23 6.72 -49.10 -50.35
N PRO A 24 6.34 -47.93 -50.90
CA PRO A 24 5.67 -47.91 -52.20
C PRO A 24 6.41 -48.63 -53.32
N ALA A 25 7.75 -48.52 -53.35
CA ALA A 25 8.52 -49.21 -54.39
C ALA A 25 8.34 -50.72 -54.29
N LEU A 26 8.35 -51.24 -53.06
CA LEU A 26 8.13 -52.67 -52.86
C LEU A 26 6.75 -53.05 -53.38
N VAL A 27 5.74 -52.20 -53.12
CA VAL A 27 4.40 -52.50 -53.63
C VAL A 27 4.43 -52.52 -55.17
N ALA A 28 5.22 -51.62 -55.77
CA ALA A 28 5.35 -51.58 -57.22
C ALA A 28 5.90 -52.89 -57.76
N LEU A 29 6.95 -53.39 -57.12
CA LEU A 29 7.53 -54.65 -57.56
C LEU A 29 6.53 -55.79 -57.37
N LEU A 30 5.78 -55.76 -56.27
CA LEU A 30 4.83 -56.83 -55.99
C LEU A 30 3.74 -56.91 -57.06
N TYR A 31 3.18 -55.76 -57.48
CA TYR A 31 2.09 -55.84 -58.44
C TYR A 31 2.55 -56.15 -59.87
N ARG A 32 3.84 -56.01 -60.17
CA ARG A 32 4.44 -56.30 -61.48
C ARG A 32 4.06 -55.29 -62.58
N ASP A 33 3.61 -54.09 -62.23
CA ASP A 33 3.37 -53.06 -63.24
C ASP A 33 3.89 -51.71 -62.75
N GLY A 34 4.45 -50.95 -63.68
CA GLY A 34 4.68 -49.55 -63.44
C GLY A 34 5.96 -49.27 -62.68
N ALA A 35 6.46 -48.07 -62.89
CA ALA A 35 7.89 -47.78 -62.83
C ALA A 35 8.34 -47.68 -61.38
N GLY A 36 8.96 -48.76 -60.87
CA GLY A 36 9.54 -48.71 -59.55
C GLY A 36 10.96 -48.22 -59.55
N VAL A 37 11.56 -48.12 -60.74
CA VAL A 37 12.95 -47.67 -60.84
C VAL A 37 13.10 -46.25 -60.33
N PRO A 38 12.21 -45.30 -60.66
CA PRO A 38 12.35 -43.95 -60.11
C PRO A 38 12.29 -43.94 -58.60
N PHE A 39 11.45 -44.79 -58.02
CA PHE A 39 11.32 -44.83 -56.56
C PHE A 39 12.65 -45.18 -55.91
N VAL A 40 13.33 -46.21 -56.43
CA VAL A 40 14.63 -46.63 -55.88
C VAL A 40 15.67 -45.54 -56.11
N THR A 41 15.66 -44.93 -57.31
CA THR A 41 16.63 -43.88 -57.61
C THR A 41 16.42 -42.71 -56.66
N THR A 42 15.15 -42.34 -56.43
CA THR A 42 14.83 -41.25 -55.53
C THR A 42 15.27 -41.59 -54.11
N PHE A 43 15.10 -42.84 -53.69
CA PHE A 43 15.55 -43.23 -52.36
C PHE A 43 17.04 -42.96 -52.22
N PHE A 44 17.82 -43.37 -53.22
CA PHE A 44 19.25 -43.15 -53.12
C PHE A 44 19.56 -41.66 -53.10
N VAL A 45 18.91 -40.88 -53.96
CA VAL A 45 19.17 -39.44 -54.02
C VAL A 45 18.81 -38.79 -52.69
N LEU A 46 17.67 -39.16 -52.11
CA LEU A 46 17.22 -38.55 -50.86
C LEU A 46 18.13 -38.91 -49.70
N LEU A 47 18.55 -40.18 -49.60
CA LEU A 47 19.46 -40.57 -48.53
C LEU A 47 20.79 -39.85 -48.70
N PHE A 48 21.26 -39.71 -49.94
CA PHE A 48 22.51 -39.01 -50.20
C PHE A 48 22.36 -37.56 -49.78
N CYS A 49 21.22 -36.93 -50.10
CA CYS A 49 21.01 -35.54 -49.71
C CYS A 49 21.00 -35.41 -48.19
N GLY A 50 20.39 -36.38 -47.51
CA GLY A 50 20.37 -36.37 -46.06
C GLY A 50 21.76 -36.46 -45.45
N ALA A 51 22.63 -37.27 -46.04
CA ALA A 51 23.96 -37.39 -45.44
C ALA A 51 24.83 -36.20 -45.84
N MET A 52 24.72 -35.75 -47.09
CA MET A 52 25.42 -34.56 -47.56
C MET A 52 25.00 -33.36 -46.72
N CYS A 53 23.74 -33.31 -46.31
CA CYS A 53 23.23 -32.24 -45.47
C CYS A 53 23.31 -32.55 -43.98
N TRP A 54 23.35 -33.82 -43.58
CA TRP A 54 23.45 -34.08 -42.14
C TRP A 54 24.80 -33.62 -41.60
N PHE A 55 25.90 -33.96 -42.31
CA PHE A 55 27.30 -33.68 -41.96
C PHE A 55 27.44 -34.10 -40.49
N PRO A 56 27.96 -33.29 -39.52
CA PRO A 56 27.92 -33.77 -38.13
C PRO A 56 27.02 -32.87 -37.29
N ASN A 57 26.19 -33.47 -36.45
CA ASN A 57 25.28 -32.67 -35.63
C ASN A 57 26.06 -31.69 -34.77
N ARG A 58 25.31 -30.74 -34.21
CA ARG A 58 25.90 -29.64 -33.45
C ARG A 58 25.06 -29.39 -32.21
N ARG A 59 25.38 -28.30 -31.52
CA ARG A 59 24.68 -27.93 -30.30
C ARG A 59 23.17 -27.91 -30.47
N HIS A 60 22.45 -28.34 -29.43
CA HIS A 60 21.00 -28.36 -29.47
C HIS A 60 20.43 -26.96 -29.60
N LYS A 61 20.96 -26.03 -28.81
CA LYS A 61 20.46 -24.66 -28.84
C LYS A 61 21.55 -23.71 -28.32
N SER A 66 12.48 -19.83 -30.44
CA SER A 66 11.08 -19.86 -30.84
C SER A 66 10.95 -19.70 -32.35
N ARG A 67 11.71 -18.74 -32.90
CA ARG A 67 11.71 -18.54 -34.35
C ARG A 67 12.24 -19.77 -35.08
N ASP A 68 13.08 -20.55 -34.39
CA ASP A 68 13.61 -21.77 -34.98
C ASP A 68 12.48 -22.74 -35.30
N GLY A 69 11.49 -22.86 -34.42
CA GLY A 69 10.38 -23.75 -34.67
C GLY A 69 9.60 -23.38 -35.91
N PHE A 70 9.41 -22.08 -36.12
CA PHE A 70 8.70 -21.61 -37.31
C PHE A 70 9.47 -22.03 -38.56
N LEU A 71 10.78 -21.83 -38.53
CA LEU A 71 11.60 -22.22 -39.68
C LEU A 71 11.55 -23.74 -39.87
N ILE A 72 11.52 -24.50 -38.77
CA ILE A 72 11.48 -25.96 -38.86
C ILE A 72 10.22 -26.41 -39.57
N VAL A 73 9.05 -25.91 -39.15
CA VAL A 73 7.82 -26.40 -39.76
C VAL A 73 7.72 -25.95 -41.23
N VAL A 74 8.12 -24.72 -41.55
CA VAL A 74 8.03 -24.29 -42.94
C VAL A 74 8.95 -25.14 -43.81
N LEU A 75 10.17 -25.39 -43.33
CA LEU A 75 11.13 -26.19 -44.05
C LEU A 75 10.64 -27.62 -44.20
N PHE A 76 10.00 -28.14 -43.17
CA PHE A 76 9.48 -29.50 -43.18
C PHE A 76 8.50 -29.68 -44.32
N TRP A 77 7.46 -28.83 -44.37
CA TRP A 77 6.48 -28.95 -45.44
C TRP A 77 7.10 -28.74 -46.82
N THR A 78 7.90 -27.67 -46.99
CA THR A 78 8.44 -27.36 -48.30
C THR A 78 9.41 -28.43 -48.79
N VAL A 79 10.35 -28.83 -47.94
CA VAL A 79 11.36 -29.81 -48.33
C VAL A 79 10.72 -31.13 -48.69
N LEU A 80 9.81 -31.64 -47.85
CA LEU A 80 9.21 -32.92 -48.21
C LEU A 80 8.36 -32.80 -49.47
N GLY A 81 7.71 -31.66 -49.71
CA GLY A 81 6.98 -31.52 -50.96
C GLY A 81 7.90 -31.60 -52.17
N SER A 82 9.05 -30.93 -52.09
CA SER A 82 10.02 -31.00 -53.19
C SER A 82 10.54 -32.43 -53.37
N ALA A 83 10.76 -33.13 -52.26
CA ALA A 83 11.19 -34.52 -52.33
C ALA A 83 10.15 -35.35 -53.05
N GLY A 84 8.87 -35.14 -52.73
CA GLY A 84 7.82 -35.86 -53.42
C GLY A 84 7.80 -35.53 -54.90
N SER A 85 8.05 -34.26 -55.23
CA SER A 85 8.07 -33.80 -56.62
C SER A 85 9.10 -34.57 -57.44
N LEU A 86 10.26 -34.85 -56.87
CA LEU A 86 11.31 -35.56 -57.61
C LEU A 86 10.89 -36.93 -58.16
N PRO A 87 10.30 -37.85 -57.38
CA PRO A 87 9.83 -39.11 -57.98
C PRO A 87 8.96 -38.96 -59.19
N PHE A 88 8.02 -38.01 -59.19
CA PHE A 88 7.19 -37.84 -60.37
C PHE A 88 8.07 -37.37 -61.53
N LEU A 89 8.97 -36.43 -61.22
CA LEU A 89 9.90 -35.87 -62.20
C LEU A 89 10.63 -36.96 -62.97
N ILE A 90 10.99 -38.05 -62.29
CA ILE A 90 11.85 -39.04 -62.94
C ILE A 90 11.05 -39.99 -63.82
N ALA A 91 9.93 -40.51 -63.31
CA ALA A 91 9.19 -41.55 -64.03
C ALA A 91 8.68 -41.06 -65.38
N ASP A 92 8.27 -42.02 -66.22
CA ASP A 92 7.85 -41.76 -67.59
C ASP A 92 6.36 -41.93 -67.82
N ASN A 93 5.70 -42.85 -67.11
CA ASN A 93 4.29 -43.13 -67.38
C ASN A 93 3.42 -41.89 -67.16
N PRO A 94 3.51 -41.16 -66.04
CA PRO A 94 2.91 -39.82 -66.01
C PRO A 94 3.93 -38.78 -66.43
N ASN A 95 4.05 -38.54 -67.74
CA ASN A 95 5.02 -37.59 -68.26
C ASN A 95 4.44 -36.18 -68.03
N ILE A 96 4.89 -35.53 -66.98
CA ILE A 96 4.33 -34.26 -66.52
C ILE A 96 5.46 -33.28 -66.29
N SER A 97 5.17 -32.01 -66.54
CA SER A 97 6.15 -30.95 -66.32
C SER A 97 6.57 -30.92 -64.85
N VAL A 98 7.72 -30.29 -64.60
CA VAL A 98 8.21 -30.13 -63.23
C VAL A 98 7.15 -29.47 -62.35
N THR A 99 6.44 -28.49 -62.90
CA THR A 99 5.41 -27.79 -62.13
C THR A 99 4.26 -28.72 -61.76
N ASP A 100 3.74 -29.49 -62.73
CA ASP A 100 2.69 -30.44 -62.41
C ASP A 100 3.16 -31.47 -61.39
N ALA A 101 4.47 -31.72 -61.33
CA ALA A 101 4.99 -32.71 -60.39
C ALA A 101 5.04 -32.13 -58.98
N PHE A 102 5.58 -30.90 -58.86
CA PHE A 102 5.53 -30.21 -57.58
C PHE A 102 4.10 -30.08 -57.09
N PHE A 103 3.18 -29.73 -57.98
CA PHE A 103 1.77 -29.62 -57.61
C PHE A 103 1.23 -30.93 -57.05
N GLU A 104 1.36 -32.03 -57.79
CA GLU A 104 0.81 -33.29 -57.32
C GLU A 104 1.47 -33.74 -56.02
N SER A 105 2.76 -33.49 -55.87
CA SER A 105 3.45 -33.90 -54.65
C SER A 105 2.97 -33.09 -53.45
N PHE A 106 2.93 -31.77 -53.60
CA PHE A 106 2.48 -30.93 -52.50
C PHE A 106 1.04 -31.25 -52.12
N SER A 107 0.16 -31.34 -53.12
CA SER A 107 -1.25 -31.62 -52.85
C SER A 107 -1.42 -32.97 -52.16
N ALA A 108 -0.68 -33.98 -52.60
CA ALA A 108 -0.72 -35.27 -51.90
C ALA A 108 -0.26 -35.09 -50.45
N LEU A 109 0.82 -34.34 -50.25
CA LEU A 109 1.39 -34.23 -48.92
C LEU A 109 0.67 -33.18 -48.07
N THR A 110 0.31 -32.04 -48.68
CA THR A 110 -0.39 -30.98 -47.97
C THR A 110 -1.87 -31.29 -47.77
N THR A 111 -2.31 -32.51 -48.10
CA THR A 111 -3.65 -33.03 -47.84
C THR A 111 -4.71 -32.37 -48.71
N THR A 112 -4.36 -31.37 -49.52
CA THR A 112 -5.32 -30.77 -50.44
C THR A 112 -5.57 -31.72 -51.60
N GLY A 113 -6.82 -32.11 -51.80
CA GLY A 113 -7.15 -33.15 -52.76
C GLY A 113 -6.94 -32.81 -54.22
N ALA A 114 -6.35 -31.65 -54.50
CA ALA A 114 -6.19 -31.19 -55.87
C ALA A 114 -5.23 -32.10 -56.64
N THR A 115 -5.54 -32.35 -57.91
CA THR A 115 -4.72 -33.20 -58.76
C THR A 115 -4.62 -32.59 -60.15
N VAL A 116 -3.51 -32.89 -60.83
CA VAL A 116 -3.26 -32.39 -62.18
C VAL A 116 -2.99 -33.50 -63.18
N ILE A 117 -3.05 -34.76 -62.75
CA ILE A 117 -2.83 -35.89 -63.64
C ILE A 117 -4.19 -36.48 -64.03
N VAL A 118 -4.41 -36.65 -65.33
CA VAL A 118 -5.62 -37.26 -65.88
C VAL A 118 -5.26 -38.67 -66.33
N GLY A 119 -6.20 -39.60 -66.14
CA GLY A 119 -5.94 -41.00 -66.45
C GLY A 119 -5.38 -41.75 -65.27
N LEU A 120 -6.06 -41.63 -64.12
CA LEU A 120 -5.56 -42.25 -62.90
C LEU A 120 -5.78 -43.76 -62.91
N ASP A 121 -6.91 -44.21 -63.49
CA ASP A 121 -7.19 -45.65 -63.54
C ASP A 121 -6.05 -46.42 -64.20
N GLU A 122 -5.67 -46.02 -65.41
CA GLU A 122 -4.61 -46.69 -66.16
C GLU A 122 -3.24 -46.13 -65.77
N LEU A 123 -2.92 -46.27 -64.50
CA LEU A 123 -1.66 -45.73 -63.99
C LEU A 123 -0.92 -46.78 -63.18
N PRO A 124 0.42 -46.70 -63.14
CA PRO A 124 1.21 -47.60 -62.31
C PRO A 124 0.74 -47.66 -60.86
N LYS A 125 0.36 -48.84 -60.38
CA LYS A 125 -0.15 -48.98 -59.02
C LYS A 125 0.84 -48.48 -57.98
N ALA A 126 2.12 -48.33 -58.35
CA ALA A 126 3.08 -47.73 -57.43
C ALA A 126 2.80 -46.26 -57.22
N ILE A 127 2.61 -45.52 -58.30
CA ILE A 127 2.47 -44.08 -58.22
C ILE A 127 1.19 -43.70 -57.49
N LEU A 128 0.05 -44.25 -57.93
CA LEU A 128 -1.20 -43.91 -57.26
C LEU A 128 -1.33 -44.58 -55.89
N PHE A 129 -0.40 -45.44 -55.48
CA PHE A 129 -0.31 -45.84 -54.08
C PHE A 129 0.51 -44.83 -53.28
N TYR A 130 1.68 -44.48 -53.81
CA TYR A 130 2.53 -43.47 -53.19
C TYR A 130 1.81 -42.14 -53.02
N ARG A 131 0.84 -41.83 -53.87
CA ARG A 131 0.04 -40.62 -53.71
C ARG A 131 -0.80 -40.69 -52.44
N GLN A 132 -1.51 -41.80 -52.25
CA GLN A 132 -2.33 -41.96 -51.06
C GLN A 132 -1.46 -42.07 -49.82
N PHE A 133 -0.26 -42.62 -49.99
CA PHE A 133 0.66 -42.76 -48.86
C PHE A 133 1.20 -41.40 -48.45
N LEU A 134 1.47 -40.53 -49.43
CA LEU A 134 1.82 -39.15 -49.12
C LEU A 134 0.70 -38.48 -48.34
N GLN A 135 -0.55 -38.68 -48.76
CA GLN A 135 -1.68 -38.14 -48.01
C GLN A 135 -1.68 -38.64 -46.57
N TRP A 136 -1.45 -39.95 -46.38
CA TRP A 136 -1.39 -40.53 -45.04
C TRP A 136 -0.25 -39.94 -44.21
N PHE A 137 0.90 -39.72 -44.85
CA PHE A 137 2.06 -39.15 -44.18
C PHE A 137 1.78 -37.73 -43.71
N GLY A 138 1.38 -36.86 -44.63
CA GLY A 138 1.00 -35.53 -44.23
C GLY A 138 -0.16 -35.47 -43.26
N GLY A 139 -1.00 -36.52 -43.23
CA GLY A 139 -2.01 -36.60 -42.17
C GLY A 139 -1.39 -36.72 -40.80
N MET A 140 -0.42 -37.64 -40.67
CA MET A 140 0.31 -37.72 -39.41
C MET A 140 1.00 -36.41 -39.10
N GLY A 141 1.67 -35.83 -40.10
CA GLY A 141 2.32 -34.55 -39.90
C GLY A 141 1.38 -33.49 -39.34
N ILE A 142 0.15 -33.46 -39.85
CA ILE A 142 -0.83 -32.48 -39.39
C ILE A 142 -1.15 -32.71 -37.92
N ILE A 143 -1.61 -33.92 -37.60
CA ILE A 143 -2.11 -34.05 -36.23
C ILE A 143 -0.97 -34.00 -35.21
N VAL A 144 0.22 -34.50 -35.58
CA VAL A 144 1.36 -34.47 -34.67
C VAL A 144 1.84 -33.04 -34.45
N LEU A 145 1.77 -32.18 -35.47
CA LEU A 145 2.15 -30.79 -35.26
C LEU A 145 1.06 -30.06 -34.49
N ALA A 146 -0.14 -29.98 -35.08
CA ALA A 146 -1.21 -29.17 -34.49
C ALA A 146 -1.56 -29.61 -33.06
N VAL A 147 -1.24 -30.85 -32.66
CA VAL A 147 -1.52 -31.25 -31.29
C VAL A 147 -0.27 -31.10 -30.43
N ALA A 148 0.92 -31.32 -31.01
CA ALA A 148 2.14 -31.31 -30.22
C ALA A 148 3.03 -30.11 -30.47
N ILE A 149 2.62 -29.19 -31.34
CA ILE A 149 3.37 -27.96 -31.60
C ILE A 149 2.38 -26.80 -31.63
N LEU A 150 1.93 -26.38 -30.44
CA LEU A 150 0.90 -25.35 -30.33
C LEU A 150 1.42 -23.96 -29.91
N PRO A 151 2.76 -23.69 -29.80
CA PRO A 151 3.12 -22.30 -29.48
C PRO A 151 2.79 -21.37 -30.64
N VAL A 152 1.74 -20.56 -30.45
CA VAL A 152 1.25 -19.59 -31.41
C VAL A 152 0.82 -20.33 -32.69
N LEU A 153 0.23 -21.52 -32.53
CA LEU A 153 -0.26 -22.32 -33.66
C LEU A 153 -1.64 -22.89 -33.30
N GLY A 154 -2.63 -22.01 -33.20
CA GLY A 154 -3.95 -22.38 -32.73
C GLY A 154 -4.66 -23.44 -33.56
N MET A 174 -3.09 -27.71 -19.07
CA MET A 174 -2.66 -29.07 -18.80
C MET A 174 -1.83 -29.65 -19.94
N THR A 175 -0.59 -30.05 -19.66
CA THR A 175 0.24 -30.65 -20.70
C THR A 175 0.75 -32.03 -20.27
N PRO A 176 0.41 -33.07 -21.05
CA PRO A 176 0.86 -34.44 -20.77
C PRO A 176 2.15 -34.70 -21.50
N ARG A 177 2.68 -35.89 -21.37
CA ARG A 177 3.91 -36.26 -22.03
C ARG A 177 3.87 -35.99 -23.55
N ILE A 178 4.96 -35.45 -24.07
CA ILE A 178 5.06 -35.06 -25.47
C ILE A 178 5.15 -36.28 -26.39
N ALA A 179 6.06 -37.20 -26.11
CA ALA A 179 6.28 -38.31 -27.03
C ALA A 179 5.24 -39.41 -26.84
N GLU A 180 4.82 -39.66 -25.60
CA GLU A 180 3.82 -40.69 -25.37
C GLU A 180 2.52 -40.37 -26.10
N THR A 181 2.16 -39.09 -26.19
CA THR A 181 1.00 -38.74 -27.00
C THR A 181 1.36 -38.60 -28.47
N ALA A 182 2.59 -38.20 -28.79
CA ALA A 182 3.04 -38.18 -30.18
C ALA A 182 2.93 -39.55 -30.83
N LYS A 183 2.96 -40.62 -30.04
CA LYS A 183 2.76 -41.96 -30.56
C LYS A 183 1.39 -42.55 -30.24
N ALA A 184 0.71 -42.09 -29.17
CA ALA A 184 -0.68 -42.51 -28.98
C ALA A 184 -1.56 -42.01 -30.11
N LEU A 185 -1.26 -40.82 -30.63
CA LEU A 185 -1.94 -40.34 -31.83
C LEU A 185 -1.67 -41.27 -33.00
N TRP A 186 -0.41 -41.65 -33.22
CA TRP A 186 -0.11 -42.58 -34.30
C TRP A 186 -0.83 -43.92 -34.13
N TYR A 187 -1.05 -44.34 -32.89
CA TYR A 187 -1.77 -45.58 -32.66
C TYR A 187 -3.25 -45.42 -33.00
N ILE A 188 -3.85 -44.29 -32.66
CA ILE A 188 -5.23 -44.03 -33.08
C ILE A 188 -5.31 -43.94 -34.60
N TYR A 189 -4.37 -43.19 -35.19
CA TYR A 189 -4.30 -42.98 -36.63
C TYR A 189 -4.09 -44.28 -37.40
N LEU A 190 -3.58 -45.32 -36.76
CA LEU A 190 -3.46 -46.61 -37.41
C LEU A 190 -4.61 -47.56 -37.09
N SER A 191 -5.12 -47.52 -35.86
CA SER A 191 -6.32 -48.29 -35.52
C SER A 191 -7.54 -47.79 -36.28
N LEU A 192 -7.46 -46.61 -36.87
CA LEU A 192 -8.55 -46.11 -37.70
C LEU A 192 -8.39 -46.58 -39.14
N THR A 193 -7.23 -46.31 -39.75
CA THR A 193 -7.01 -46.71 -41.13
C THR A 193 -7.10 -48.22 -41.32
N ILE A 194 -6.77 -49.01 -40.28
CA ILE A 194 -6.94 -50.45 -40.39
C ILE A 194 -8.42 -50.80 -40.46
N ALA A 195 -9.21 -50.35 -39.49
CA ALA A 195 -10.62 -50.69 -39.46
C ALA A 195 -11.36 -50.12 -40.67
N CYS A 196 -10.81 -49.09 -41.30
CA CYS A 196 -11.49 -48.49 -42.44
C CYS A 196 -11.13 -49.18 -43.73
N ALA A 197 -9.84 -49.49 -43.95
CA ALA A 197 -9.49 -50.34 -45.08
C ALA A 197 -10.21 -51.68 -44.99
N VAL A 198 -10.38 -52.20 -43.78
CA VAL A 198 -11.10 -53.45 -43.59
C VAL A 198 -12.57 -53.30 -43.98
N ALA A 199 -13.24 -52.26 -43.48
CA ALA A 199 -14.64 -52.06 -43.85
C ALA A 199 -14.80 -51.83 -45.35
N PHE A 200 -13.81 -51.16 -45.97
CA PHE A 200 -13.82 -51.02 -47.43
C PHE A 200 -13.75 -52.38 -48.11
N TRP A 201 -12.75 -53.19 -47.75
CA TRP A 201 -12.62 -54.50 -48.38
C TRP A 201 -13.81 -55.40 -48.07
N LEU A 202 -14.52 -55.14 -46.97
CA LEU A 202 -15.78 -55.82 -46.70
C LEU A 202 -16.92 -55.26 -47.53
N ALA A 203 -16.74 -54.07 -48.10
CA ALA A 203 -17.72 -53.43 -48.95
C ALA A 203 -17.52 -53.78 -50.41
N GLY A 204 -16.54 -54.63 -50.72
CA GLY A 204 -16.24 -55.03 -52.08
C GLY A 204 -15.10 -54.27 -52.72
N MET A 205 -14.43 -53.40 -51.98
CA MET A 205 -13.30 -52.65 -52.50
C MET A 205 -12.09 -53.57 -52.71
N THR A 206 -11.31 -53.27 -53.74
CA THR A 206 -10.07 -53.99 -53.95
C THR A 206 -9.16 -53.74 -52.75
N PRO A 207 -8.45 -54.75 -52.24
CA PRO A 207 -7.57 -54.50 -51.07
C PRO A 207 -6.55 -53.41 -51.32
N PHE A 208 -6.09 -53.28 -52.57
CA PHE A 208 -5.26 -52.15 -52.94
C PHE A 208 -6.03 -50.85 -52.80
N ASP A 209 -7.17 -50.76 -53.49
CA ASP A 209 -7.99 -49.56 -53.40
C ASP A 209 -8.53 -49.34 -51.99
N ALA A 210 -8.66 -50.41 -51.20
CA ALA A 210 -9.13 -50.23 -49.82
C ALA A 210 -8.05 -49.57 -48.97
N ILE A 211 -6.80 -50.01 -49.11
CA ILE A 211 -5.72 -49.33 -48.38
C ILE A 211 -5.53 -47.92 -48.91
N SER A 212 -5.47 -47.77 -50.24
CA SER A 212 -5.25 -46.48 -50.86
C SER A 212 -6.35 -45.48 -50.53
N HIS A 213 -7.58 -45.96 -50.27
CA HIS A 213 -8.67 -45.06 -49.95
C HIS A 213 -8.88 -44.89 -48.46
N SER A 214 -8.26 -45.73 -47.63
CA SER A 214 -8.27 -45.40 -46.22
C SER A 214 -7.15 -44.43 -45.88
N PHE A 215 -6.04 -44.51 -46.62
CA PHE A 215 -4.99 -43.52 -46.54
C PHE A 215 -5.52 -42.11 -46.76
N SER A 216 -6.58 -41.98 -47.56
CA SER A 216 -7.11 -40.67 -47.92
C SER A 216 -8.44 -40.33 -47.27
N THR A 217 -9.19 -41.32 -46.78
CA THR A 217 -10.40 -41.02 -46.03
C THR A 217 -10.14 -40.78 -44.56
N ILE A 218 -9.03 -41.29 -44.02
CA ILE A 218 -8.70 -40.97 -42.63
C ILE A 218 -7.88 -39.70 -42.56
N ALA A 219 -6.91 -39.54 -43.45
CA ALA A 219 -6.12 -38.32 -43.54
C ALA A 219 -6.92 -37.13 -44.06
N ILE A 220 -8.20 -37.30 -44.40
CA ILE A 220 -9.06 -36.21 -44.87
C ILE A 220 -8.36 -35.55 -46.05
N GLY A 221 -7.95 -36.35 -47.03
CA GLY A 221 -7.16 -35.83 -48.13
C GLY A 221 -7.94 -35.48 -49.37
N GLY A 222 -8.68 -36.45 -49.91
CA GLY A 222 -9.43 -36.26 -51.14
C GLY A 222 -8.84 -36.91 -52.36
N PHE A 223 -7.89 -37.83 -52.18
CA PHE A 223 -7.25 -38.49 -53.30
C PHE A 223 -7.86 -39.87 -53.55
N SER A 224 -7.84 -40.28 -54.81
CA SER A 224 -8.31 -41.61 -55.18
C SER A 224 -7.46 -42.10 -56.34
N THR A 225 -7.48 -43.42 -56.55
CA THR A 225 -6.80 -44.01 -57.69
C THR A 225 -7.63 -43.94 -58.96
N HIS A 226 -8.81 -43.33 -58.90
CA HIS A 226 -9.74 -43.28 -60.02
C HIS A 226 -10.08 -41.83 -60.35
N ASP A 227 -10.30 -41.58 -61.64
CA ASP A 227 -10.67 -40.25 -62.11
C ASP A 227 -12.02 -39.80 -61.58
N ALA A 228 -12.90 -40.72 -61.20
CA ALA A 228 -14.22 -40.37 -60.73
C ALA A 228 -14.30 -40.21 -59.22
N SER A 229 -13.15 -40.11 -58.54
CA SER A 229 -13.08 -39.96 -57.08
C SER A 229 -13.79 -41.17 -56.46
N MET A 230 -14.85 -41.00 -55.69
CA MET A 230 -15.55 -42.12 -55.08
C MET A 230 -16.74 -42.56 -55.92
N GLY A 231 -16.84 -42.07 -57.16
CA GLY A 231 -17.89 -42.53 -58.05
C GLY A 231 -17.64 -43.94 -58.55
N TYR A 232 -16.37 -44.29 -58.77
CA TYR A 232 -16.03 -45.61 -59.29
C TYR A 232 -16.54 -46.70 -58.36
N PHE A 233 -16.32 -46.56 -57.07
CA PHE A 233 -16.86 -47.49 -56.08
C PHE A 233 -18.24 -46.97 -55.66
N ASP A 234 -19.22 -47.19 -56.54
CA ASP A 234 -20.56 -46.64 -56.34
C ASP A 234 -21.40 -47.61 -55.52
N SER A 235 -21.10 -47.63 -54.22
CA SER A 235 -21.79 -48.48 -53.26
C SER A 235 -22.33 -47.60 -52.14
N TYR A 236 -23.56 -47.89 -51.71
CA TYR A 236 -24.11 -47.15 -50.57
C TYR A 236 -23.25 -47.37 -49.33
N ALA A 237 -22.78 -48.62 -49.15
CA ALA A 237 -21.99 -48.95 -47.97
C ALA A 237 -20.68 -48.16 -47.95
N ILE A 238 -19.98 -48.13 -49.08
CA ILE A 238 -18.73 -47.38 -49.17
C ILE A 238 -18.96 -45.91 -48.87
N ASN A 239 -20.07 -45.35 -49.35
CA ASN A 239 -20.39 -43.95 -49.08
C ASN A 239 -20.63 -43.72 -47.59
N LEU A 240 -21.41 -44.61 -46.96
CA LEU A 240 -21.70 -44.44 -45.54
C LEU A 240 -20.45 -44.63 -44.70
N ILE A 241 -19.55 -45.53 -45.11
CA ILE A 241 -18.31 -45.73 -44.38
C ILE A 241 -17.42 -44.51 -44.51
N THR A 242 -17.34 -43.94 -45.72
CA THR A 242 -16.59 -42.70 -45.90
C THR A 242 -17.16 -41.59 -45.02
N VAL A 243 -18.49 -41.46 -44.99
CA VAL A 243 -19.11 -40.44 -44.14
C VAL A 243 -18.73 -40.65 -42.68
N VAL A 244 -18.81 -41.90 -42.22
CA VAL A 244 -18.58 -42.20 -40.81
C VAL A 244 -17.13 -41.90 -40.44
N PHE A 245 -16.18 -42.45 -41.21
CA PHE A 245 -14.79 -42.23 -40.84
C PHE A 245 -14.30 -40.84 -41.19
N LEU A 246 -15.06 -40.08 -41.99
CA LEU A 246 -14.76 -38.67 -42.15
C LEU A 246 -15.19 -37.88 -40.94
N LEU A 247 -16.39 -38.16 -40.40
CA LEU A 247 -16.78 -37.52 -39.15
C LEU A 247 -15.83 -37.89 -38.02
N ILE A 248 -15.48 -39.17 -37.91
CA ILE A 248 -14.52 -39.61 -36.89
C ILE A 248 -13.18 -38.91 -37.05
N SER A 249 -12.72 -38.74 -38.29
CA SER A 249 -11.40 -38.19 -38.52
C SER A 249 -11.43 -36.67 -38.47
N ALA A 250 -12.60 -36.07 -38.68
CA ALA A 250 -12.83 -34.64 -38.50
C ALA A 250 -12.93 -34.27 -37.02
N CYS A 251 -13.08 -35.26 -36.14
CA CYS A 251 -13.14 -35.02 -34.70
C CYS A 251 -11.76 -34.82 -34.11
N ASN A 252 -11.69 -34.04 -33.03
CA ASN A 252 -10.44 -33.72 -32.38
C ASN A 252 -9.78 -34.99 -31.82
N PHE A 253 -8.58 -35.32 -32.33
CA PHE A 253 -7.92 -36.57 -31.91
C PHE A 253 -7.59 -36.58 -30.42
N THR A 254 -7.31 -35.40 -29.84
CA THR A 254 -7.16 -35.33 -28.38
C THR A 254 -8.37 -35.88 -27.66
N LEU A 255 -9.56 -35.74 -28.26
CA LEU A 255 -10.77 -36.27 -27.65
C LEU A 255 -10.88 -37.77 -27.82
N HIS A 256 -10.36 -38.32 -28.93
CA HIS A 256 -10.25 -39.77 -29.07
C HIS A 256 -9.29 -40.36 -28.05
N PHE A 257 -8.25 -39.60 -27.69
CA PHE A 257 -7.32 -40.05 -26.65
C PHE A 257 -8.06 -40.38 -25.36
N ALA A 258 -9.13 -39.64 -25.05
CA ALA A 258 -9.93 -39.96 -23.86
C ALA A 258 -10.66 -41.28 -24.01
N ALA A 259 -11.02 -41.65 -25.24
CA ALA A 259 -11.62 -42.96 -25.48
C ALA A 259 -10.59 -44.07 -25.51
N PHE A 260 -9.31 -43.74 -25.65
CA PHE A 260 -8.25 -44.75 -25.66
C PHE A 260 -7.60 -44.93 -24.31
N ALA A 261 -7.27 -43.83 -23.63
CA ALA A 261 -6.52 -43.90 -22.38
C ALA A 261 -7.30 -44.66 -21.30
N SER A 262 -6.66 -45.68 -20.74
CA SER A 262 -7.26 -46.54 -19.71
C SER A 262 -8.54 -47.20 -20.22
N GLY A 263 -8.52 -47.63 -21.47
CA GLY A 263 -9.66 -48.29 -22.06
C GLY A 263 -10.79 -47.30 -22.33
N GLY A 264 -11.99 -47.86 -22.51
CA GLY A 264 -13.13 -47.07 -22.92
C GLY A 264 -13.79 -46.33 -21.78
N VAL A 265 -13.12 -45.30 -21.26
CA VAL A 265 -13.54 -44.70 -19.99
C VAL A 265 -14.92 -44.05 -20.13
N HIS A 266 -15.15 -43.35 -21.24
CA HIS A 266 -16.48 -42.94 -21.63
C HIS A 266 -16.57 -42.99 -23.15
N PRO A 267 -17.76 -43.25 -23.70
CA PRO A 267 -17.96 -43.03 -25.14
C PRO A 267 -18.67 -41.71 -25.44
N LYS A 268 -19.16 -41.03 -24.42
CA LYS A 268 -19.84 -39.75 -24.56
C LYS A 268 -19.09 -38.63 -23.84
N TYR A 269 -17.77 -38.78 -23.67
CA TYR A 269 -16.93 -37.63 -23.37
C TYR A 269 -16.95 -36.62 -24.51
N TYR A 270 -17.32 -37.06 -25.71
CA TYR A 270 -17.38 -36.18 -26.87
C TYR A 270 -18.39 -35.06 -26.67
N TRP A 271 -19.63 -35.41 -26.31
CA TRP A 271 -20.72 -34.44 -26.24
C TRP A 271 -20.49 -33.34 -25.22
N LYS A 272 -19.51 -33.48 -24.32
CA LYS A 272 -19.20 -32.39 -23.41
C LYS A 272 -18.41 -31.29 -24.09
N ASP A 273 -17.52 -31.65 -25.01
CA ASP A 273 -16.71 -30.69 -25.76
C ASP A 273 -17.61 -29.85 -26.65
N PRO A 274 -17.78 -28.56 -26.38
CA PRO A 274 -18.72 -27.75 -27.19
C PRO A 274 -18.26 -27.55 -28.64
N GLU A 275 -16.98 -27.79 -28.94
CA GLU A 275 -16.57 -27.78 -30.34
C GLU A 275 -17.20 -28.93 -31.09
N PHE A 276 -17.26 -30.11 -30.46
CA PHE A 276 -17.96 -31.25 -31.06
C PHE A 276 -19.43 -30.92 -31.29
N ARG A 277 -20.08 -30.31 -30.31
CA ARG A 277 -21.49 -29.95 -30.46
C ARG A 277 -21.69 -28.98 -31.61
N ALA A 278 -20.83 -27.96 -31.72
CA ALA A 278 -20.94 -27.04 -32.85
C ALA A 278 -20.67 -27.74 -34.18
N PHE A 279 -19.77 -28.73 -34.18
CA PHE A 279 -19.47 -29.46 -35.39
C PHE A 279 -20.65 -30.31 -35.85
N ILE A 280 -21.30 -30.99 -34.90
CA ILE A 280 -22.47 -31.80 -35.25
C ILE A 280 -23.63 -30.90 -35.67
N PHE A 281 -23.80 -29.75 -35.00
CA PHE A 281 -24.81 -28.79 -35.43
C PHE A 281 -24.58 -28.37 -36.88
N ILE A 282 -23.34 -27.99 -37.20
CA ILE A 282 -23.04 -27.54 -38.56
C ILE A 282 -23.29 -28.66 -39.56
N GLN A 283 -22.84 -29.87 -39.25
CA GLN A 283 -22.97 -30.96 -40.21
C GLN A 283 -24.43 -31.33 -40.44
N VAL A 284 -25.23 -31.33 -39.37
CA VAL A 284 -26.64 -31.69 -39.50
C VAL A 284 -27.40 -30.60 -40.25
N LEU A 285 -27.15 -29.34 -39.90
CA LEU A 285 -27.83 -28.23 -40.58
C LEU A 285 -27.50 -28.23 -42.06
N LEU A 286 -26.21 -28.18 -42.40
CA LEU A 286 -25.82 -28.18 -43.81
C LEU A 286 -26.34 -29.42 -44.54
N PHE A 287 -26.40 -30.57 -43.86
CA PHE A 287 -26.91 -31.77 -44.49
C PHE A 287 -28.38 -31.60 -44.86
N LEU A 288 -29.22 -31.28 -43.86
CA LEU A 288 -30.64 -31.27 -44.13
C LEU A 288 -31.06 -30.09 -45.01
N VAL A 289 -30.30 -28.99 -45.01
CA VAL A 289 -30.64 -27.95 -45.97
C VAL A 289 -30.26 -28.38 -47.38
N CYS A 290 -29.15 -29.11 -47.54
CA CYS A 290 -28.79 -29.59 -48.87
C CYS A 290 -29.77 -30.67 -49.33
N PHE A 291 -30.31 -31.45 -48.40
CA PHE A 291 -31.22 -32.54 -48.74
C PHE A 291 -32.59 -31.99 -49.12
N LEU A 292 -33.13 -31.10 -48.29
CA LEU A 292 -34.41 -30.46 -48.64
C LEU A 292 -34.31 -29.69 -49.96
N LEU A 293 -33.21 -28.96 -50.17
CA LEU A 293 -33.03 -28.30 -51.47
C LEU A 293 -32.90 -29.30 -52.61
N LEU A 294 -32.23 -30.44 -52.36
CA LEU A 294 -32.14 -31.50 -53.36
C LEU A 294 -33.47 -32.17 -53.62
N LEU A 295 -34.46 -31.93 -52.77
CA LEU A 295 -35.80 -32.48 -53.00
C LEU A 295 -36.78 -31.47 -53.59
N LYS A 296 -36.62 -30.18 -53.28
CA LYS A 296 -37.46 -29.16 -53.90
C LYS A 296 -37.31 -29.15 -55.41
N HIS A 297 -36.13 -29.50 -55.92
CA HIS A 297 -35.87 -29.51 -57.35
C HIS A 297 -36.10 -30.87 -58.00
N HIS A 298 -36.48 -31.88 -57.22
CA HIS A 298 -36.59 -33.25 -57.71
C HIS A 298 -35.35 -33.66 -58.48
N SER A 299 -34.18 -33.28 -57.95
CA SER A 299 -32.92 -33.55 -58.62
C SER A 299 -32.63 -35.04 -58.72
N TYR A 300 -33.12 -35.83 -57.77
CA TYR A 300 -32.98 -37.27 -57.76
C TYR A 300 -34.34 -37.92 -57.67
N THR A 301 -34.52 -39.02 -58.41
CA THR A 301 -35.83 -39.66 -58.50
C THR A 301 -36.21 -40.36 -57.20
N SER A 302 -35.23 -40.89 -56.47
CA SER A 302 -35.48 -41.68 -55.27
C SER A 302 -34.90 -40.97 -54.05
N PRO A 303 -35.71 -40.70 -53.02
CA PRO A 303 -35.15 -40.06 -51.81
C PRO A 303 -34.01 -40.82 -51.17
N TYR A 304 -33.96 -42.15 -51.32
CA TYR A 304 -32.82 -42.92 -50.84
C TYR A 304 -31.54 -42.53 -51.56
N ASP A 305 -31.63 -41.97 -52.77
CA ASP A 305 -30.46 -41.47 -53.48
C ASP A 305 -30.11 -40.06 -53.05
N ALA A 306 -31.12 -39.18 -52.94
CA ALA A 306 -30.86 -37.82 -52.48
C ALA A 306 -30.23 -37.80 -51.10
N PHE A 307 -30.71 -38.67 -50.20
CA PHE A 307 -30.12 -38.78 -48.87
C PHE A 307 -28.65 -39.16 -48.97
N ASP A 308 -28.35 -40.23 -49.69
CA ASP A 308 -26.98 -40.70 -49.83
C ASP A 308 -26.07 -39.61 -50.37
N GLN A 309 -26.42 -39.06 -51.53
CA GLN A 309 -25.52 -38.11 -52.18
C GLN A 309 -25.40 -36.81 -51.41
N ALA A 310 -26.48 -36.36 -50.75
CA ALA A 310 -26.40 -35.16 -49.93
C ALA A 310 -25.48 -35.40 -48.73
N LEU A 311 -25.76 -36.45 -47.95
CA LEU A 311 -24.95 -36.70 -46.77
C LEU A 311 -23.48 -36.88 -47.13
N PHE A 312 -23.20 -37.57 -48.24
CA PHE A 312 -21.81 -37.82 -48.59
C PHE A 312 -21.13 -36.55 -49.07
N GLN A 313 -21.84 -35.72 -49.85
CA GLN A 313 -21.15 -34.57 -50.42
C GLN A 313 -20.96 -33.48 -49.37
N THR A 314 -21.93 -33.31 -48.47
CA THR A 314 -21.75 -32.41 -47.34
C THR A 314 -20.61 -32.89 -46.44
N VAL A 315 -20.66 -34.14 -45.99
CA VAL A 315 -19.62 -34.62 -45.09
C VAL A 315 -18.25 -34.59 -45.76
N SER A 316 -18.20 -34.75 -47.09
CA SER A 316 -16.91 -34.71 -47.78
C SER A 316 -16.37 -33.29 -47.89
N ILE A 317 -17.20 -32.33 -48.29
CA ILE A 317 -16.68 -31.00 -48.61
C ILE A 317 -16.62 -30.10 -47.37
N SER A 318 -17.63 -30.18 -46.50
CA SER A 318 -17.63 -29.37 -45.29
C SER A 318 -16.44 -29.70 -44.40
N THR A 319 -16.07 -30.98 -44.33
CA THR A 319 -14.97 -31.42 -43.48
C THR A 319 -13.63 -31.28 -44.19
N THR A 320 -13.62 -30.65 -45.37
CA THR A 320 -12.46 -30.34 -46.21
C THR A 320 -11.79 -31.60 -46.75
N ALA A 321 -12.51 -32.72 -46.80
CA ALA A 321 -11.94 -33.96 -47.31
C ALA A 321 -11.67 -33.85 -48.81
N GLY A 322 -12.69 -33.52 -49.58
CA GLY A 322 -12.52 -33.33 -51.01
C GLY A 322 -12.99 -34.45 -51.91
N PHE A 323 -13.66 -35.46 -51.36
CA PHE A 323 -14.17 -36.54 -52.18
C PHE A 323 -15.45 -36.10 -52.88
N THR A 324 -15.67 -36.65 -54.07
CA THR A 324 -16.86 -36.36 -54.85
C THR A 324 -17.44 -37.65 -55.39
N THR A 325 -18.76 -37.77 -55.32
CA THR A 325 -19.47 -38.92 -55.86
C THR A 325 -20.33 -38.58 -57.07
N THR A 326 -20.53 -37.30 -57.38
CA THR A 326 -21.36 -36.89 -58.49
C THR A 326 -20.71 -35.69 -59.17
N GLY A 327 -21.18 -35.42 -60.40
CA GLY A 327 -20.69 -34.30 -61.17
C GLY A 327 -21.49 -33.03 -61.03
N PHE A 328 -22.43 -32.99 -60.08
CA PHE A 328 -23.34 -31.85 -59.90
C PHE A 328 -24.13 -31.54 -61.16
N ALA A 329 -24.36 -32.57 -61.99
CA ALA A 329 -25.04 -32.37 -63.26
C ALA A 329 -26.49 -31.95 -63.05
N ASP A 330 -27.22 -32.71 -62.23
CA ASP A 330 -28.60 -32.38 -61.90
C ASP A 330 -28.71 -31.50 -60.67
N TRP A 331 -27.60 -31.22 -60.00
CA TRP A 331 -27.64 -30.45 -58.75
C TRP A 331 -27.92 -28.99 -59.04
N PRO A 332 -28.82 -28.35 -58.29
CA PRO A 332 -29.02 -26.90 -58.47
C PRO A 332 -27.76 -26.14 -58.11
N LEU A 333 -27.46 -25.12 -58.91
CA LEU A 333 -26.17 -24.42 -58.83
C LEU A 333 -25.90 -23.85 -57.44
N PHE A 334 -26.94 -23.65 -56.62
CA PHE A 334 -26.73 -23.14 -55.27
C PHE A 334 -25.92 -24.12 -54.42
N LEU A 335 -26.22 -25.41 -54.52
CA LEU A 335 -25.63 -26.39 -53.62
C LEU A 335 -24.11 -26.54 -53.76
N PRO A 336 -23.53 -26.64 -54.95
CA PRO A 336 -22.05 -26.65 -55.01
C PRO A 336 -21.41 -25.41 -54.41
N VAL A 337 -22.03 -24.25 -54.61
CA VAL A 337 -21.51 -23.01 -54.03
C VAL A 337 -21.62 -23.06 -52.51
N LEU A 338 -22.74 -23.58 -52.00
CA LEU A 338 -22.92 -23.69 -50.57
C LEU A 338 -21.91 -24.65 -49.96
N LEU A 339 -21.62 -25.75 -50.64
CA LEU A 339 -20.60 -26.68 -50.16
C LEU A 339 -19.22 -26.02 -50.15
N LEU A 340 -18.90 -25.27 -51.21
CA LEU A 340 -17.61 -24.60 -51.26
C LEU A 340 -17.47 -23.58 -50.13
N PHE A 341 -18.52 -22.79 -49.89
CA PHE A 341 -18.50 -21.83 -48.79
C PHE A 341 -18.43 -22.53 -47.44
N SER A 342 -19.10 -23.67 -47.30
CA SER A 342 -19.05 -24.43 -46.06
C SER A 342 -17.66 -25.03 -45.83
N SER A 343 -16.88 -25.19 -46.90
CA SER A 343 -15.53 -25.72 -46.73
C SER A 343 -14.63 -24.79 -45.92
N PHE A 344 -15.07 -23.58 -45.60
CA PHE A 344 -14.28 -22.71 -44.73
C PHE A 344 -14.36 -23.19 -43.28
N ILE A 345 -15.56 -23.51 -42.80
CA ILE A 345 -15.73 -24.03 -41.45
C ILE A 345 -15.42 -25.53 -41.46
N GLY A 346 -14.14 -25.86 -41.61
CA GLY A 346 -13.72 -27.23 -41.83
C GLY A 346 -13.77 -28.13 -40.61
N GLY A 347 -12.76 -28.96 -40.46
CA GLY A 347 -12.69 -29.89 -39.35
C GLY A 347 -12.45 -29.21 -38.01
N CYS A 348 -12.35 -30.04 -36.97
CA CYS A 348 -12.08 -29.54 -35.64
C CYS A 348 -10.62 -29.12 -35.50
N ALA A 349 -10.32 -28.43 -34.40
CA ALA A 349 -9.00 -27.81 -34.22
C ALA A 349 -7.89 -28.84 -34.11
N GLY A 350 -8.16 -30.01 -33.53
CA GLY A 350 -7.12 -31.03 -33.45
C GLY A 350 -7.15 -32.02 -34.58
N SER A 351 -8.24 -32.03 -35.33
CA SER A 351 -8.46 -32.99 -36.39
C SER A 351 -7.63 -32.70 -37.62
N THR A 352 -7.57 -33.68 -38.52
CA THR A 352 -6.76 -33.58 -39.72
C THR A 352 -7.52 -32.85 -40.82
N GLY A 353 -6.92 -31.79 -41.35
CA GLY A 353 -7.48 -31.05 -42.45
C GLY A 353 -8.50 -30.00 -42.06
N GLY A 354 -8.22 -28.73 -42.32
CA GLY A 354 -9.21 -27.72 -42.01
C GLY A 354 -8.93 -26.39 -42.66
N GLY A 355 -9.96 -25.55 -42.66
CA GLY A 355 -9.86 -24.16 -43.09
C GLY A 355 -9.80 -23.44 -41.75
N MET A 356 -10.58 -22.38 -41.57
CA MET A 356 -10.69 -21.84 -40.23
C MET A 356 -11.40 -22.90 -39.40
N LYS A 357 -10.82 -23.28 -38.26
CA LYS A 357 -11.40 -24.42 -37.56
C LYS A 357 -12.77 -24.08 -36.98
N VAL A 358 -13.56 -25.12 -36.71
CA VAL A 358 -14.92 -24.93 -36.22
C VAL A 358 -14.91 -24.22 -34.87
N ILE A 359 -13.83 -24.40 -34.11
CA ILE A 359 -13.78 -23.80 -32.77
C ILE A 359 -13.63 -22.29 -32.87
N ARG A 360 -12.92 -21.79 -33.89
CA ARG A 360 -12.87 -20.35 -34.11
C ARG A 360 -14.24 -19.79 -34.48
N ILE A 361 -15.11 -20.62 -35.06
CA ILE A 361 -16.44 -20.15 -35.40
C ILE A 361 -17.34 -20.21 -34.18
N LEU A 362 -17.14 -21.21 -33.32
CA LEU A 362 -17.86 -21.24 -32.06
C LEU A 362 -17.46 -20.06 -31.19
N LEU A 363 -16.18 -19.70 -31.19
CA LEU A 363 -15.73 -18.49 -30.50
C LEU A 363 -16.36 -17.24 -31.08
N LEU A 364 -16.41 -17.13 -32.41
CA LEU A 364 -17.07 -15.98 -33.03
C LEU A 364 -18.53 -15.87 -32.59
N THR A 365 -19.25 -16.99 -32.64
CA THR A 365 -20.64 -17.00 -32.19
C THR A 365 -20.76 -16.61 -30.72
N LEU A 366 -19.93 -17.22 -29.87
CA LEU A 366 -19.96 -16.91 -28.44
C LEU A 366 -19.69 -15.44 -28.19
N GLN A 367 -18.77 -14.84 -28.95
CA GLN A 367 -18.47 -13.43 -28.73
C GLN A 367 -19.59 -12.53 -29.21
N GLY A 368 -20.24 -12.89 -30.32
CA GLY A 368 -21.42 -12.12 -30.73
C GLY A 368 -22.52 -12.19 -29.68
N ALA A 369 -22.77 -13.38 -29.17
CA ALA A 369 -23.76 -13.54 -28.11
C ALA A 369 -23.37 -12.76 -26.87
N ARG A 370 -22.09 -12.80 -26.50
CA ARG A 370 -21.58 -12.05 -25.37
C ARG A 370 -21.84 -10.56 -25.53
N GLU A 371 -21.50 -10.00 -26.70
CA GLU A 371 -21.74 -8.57 -26.92
C GLU A 371 -23.23 -8.24 -26.90
N LEU A 372 -24.06 -9.15 -27.42
CA LEU A 372 -25.51 -8.94 -27.35
C LEU A 372 -25.98 -8.88 -25.91
N LYS A 373 -25.58 -9.87 -25.11
CA LYS A 373 -25.96 -9.91 -23.70
C LYS A 373 -25.35 -8.77 -22.89
N ARG A 374 -24.18 -8.26 -23.31
CA ARG A 374 -23.54 -7.12 -22.65
C ARG A 374 -24.12 -5.78 -23.11
N LEU A 375 -25.00 -5.79 -24.10
CA LEU A 375 -25.67 -4.54 -24.44
C LEU A 375 -26.87 -4.28 -23.55
N VAL A 376 -27.53 -5.35 -23.08
CA VAL A 376 -28.65 -5.19 -22.17
C VAL A 376 -28.18 -4.76 -20.79
N HIS A 377 -27.13 -5.43 -20.29
CA HIS A 377 -26.55 -5.15 -18.97
C HIS A 377 -25.17 -4.54 -19.16
N PRO A 378 -25.07 -3.22 -19.37
CA PRO A 378 -23.76 -2.66 -19.74
C PRO A 378 -22.68 -2.83 -18.70
N ARG A 379 -22.98 -2.57 -17.42
CA ARG A 379 -21.95 -2.67 -16.38
C ARG A 379 -21.94 -4.09 -15.82
N ALA A 380 -21.56 -5.03 -16.67
CA ALA A 380 -21.52 -6.44 -16.29
C ALA A 380 -20.24 -7.09 -16.80
N VAL A 381 -19.75 -8.07 -16.04
CA VAL A 381 -18.54 -8.79 -16.38
C VAL A 381 -18.96 -10.13 -16.98
N TYR A 382 -18.89 -10.23 -18.31
CA TYR A 382 -19.13 -11.47 -19.01
C TYR A 382 -17.82 -12.01 -19.57
N THR A 383 -17.65 -13.31 -19.53
CA THR A 383 -16.44 -13.95 -20.05
C THR A 383 -16.81 -15.15 -20.92
N ILE A 384 -16.04 -15.33 -21.99
CA ILE A 384 -16.29 -16.41 -22.94
C ILE A 384 -15.94 -17.74 -22.29
N LYS A 385 -16.96 -18.46 -21.84
CA LYS A 385 -16.77 -19.73 -21.15
C LYS A 385 -16.95 -20.86 -22.15
N VAL A 386 -15.92 -21.69 -22.31
CA VAL A 386 -15.96 -22.84 -23.21
C VAL A 386 -15.77 -24.09 -22.36
N GLY A 387 -16.83 -24.88 -22.25
CA GLY A 387 -16.78 -26.10 -21.46
C GLY A 387 -16.51 -25.85 -19.99
N GLY A 388 -16.89 -24.68 -19.46
CA GLY A 388 -16.73 -24.34 -18.07
C GLY A 388 -15.54 -23.42 -17.80
N SER A 389 -14.52 -23.47 -18.65
CA SER A 389 -13.32 -22.67 -18.44
C SER A 389 -13.42 -21.35 -19.22
N ALA A 390 -12.74 -20.33 -18.70
CA ALA A 390 -12.68 -19.03 -19.35
C ALA A 390 -11.47 -18.95 -20.26
N LEU A 391 -11.57 -18.09 -21.27
CA LEU A 391 -10.51 -18.01 -22.27
C LEU A 391 -9.68 -16.74 -22.08
N PRO A 392 -8.36 -16.85 -22.09
CA PRO A 392 -7.53 -15.65 -21.98
C PRO A 392 -7.68 -14.77 -23.22
N GLN A 393 -7.69 -13.45 -22.99
CA GLN A 393 -7.92 -12.49 -24.07
C GLN A 393 -6.88 -12.58 -25.17
N ARG A 394 -5.72 -13.19 -24.90
CA ARG A 394 -4.70 -13.33 -25.94
C ARG A 394 -5.11 -14.36 -26.99
N VAL A 395 -5.66 -15.50 -26.55
CA VAL A 395 -6.14 -16.52 -27.48
C VAL A 395 -7.29 -15.95 -28.31
N VAL A 396 -8.24 -15.30 -27.65
CA VAL A 396 -9.40 -14.75 -28.34
C VAL A 396 -8.98 -13.64 -29.31
N ASP A 397 -7.91 -12.91 -28.99
CA ASP A 397 -7.36 -11.94 -29.95
C ASP A 397 -6.68 -12.65 -31.12
N ALA A 398 -6.09 -13.81 -30.87
CA ALA A 398 -5.39 -14.52 -31.93
C ALA A 398 -6.38 -15.11 -32.93
N VAL A 399 -7.55 -15.54 -32.46
CA VAL A 399 -8.54 -16.13 -33.36
C VAL A 399 -8.98 -15.11 -34.41
N TRP A 400 -9.06 -13.84 -34.03
CA TRP A 400 -9.48 -12.83 -35.00
C TRP A 400 -8.32 -12.25 -35.78
N GLY A 401 -7.10 -12.26 -35.21
CA GLY A 401 -5.95 -12.03 -36.07
C GLY A 401 -5.86 -13.08 -37.16
N PHE A 402 -6.25 -14.32 -36.86
CA PHE A 402 -6.26 -15.36 -37.86
C PHE A 402 -7.35 -15.12 -38.90
N PHE A 403 -8.55 -14.76 -38.46
CA PHE A 403 -9.60 -14.43 -39.44
C PHE A 403 -9.14 -13.32 -40.39
N SER A 404 -8.48 -12.30 -39.85
CA SER A 404 -8.04 -11.18 -40.69
C SER A 404 -6.95 -11.61 -41.66
N ALA A 405 -5.99 -12.39 -41.18
CA ALA A 405 -4.91 -12.84 -42.05
C ALA A 405 -5.44 -13.77 -43.13
N TYR A 406 -6.37 -14.66 -42.76
CA TYR A 406 -7.02 -15.52 -43.74
C TYR A 406 -7.66 -14.70 -44.84
N ALA A 407 -8.48 -13.70 -44.48
CA ALA A 407 -9.17 -12.91 -45.50
C ALA A 407 -8.18 -12.16 -46.39
N LEU A 408 -7.21 -11.47 -45.78
CA LEU A 408 -6.27 -10.68 -46.56
C LEU A 408 -5.21 -11.54 -47.26
N VAL A 409 -5.20 -12.85 -47.04
CA VAL A 409 -4.41 -13.74 -47.89
C VAL A 409 -5.26 -14.29 -49.03
N PHE A 410 -6.51 -14.63 -48.74
CA PHE A 410 -7.46 -15.03 -49.76
C PHE A 410 -7.52 -14.01 -50.90
N VAL A 411 -7.68 -12.73 -50.54
CA VAL A 411 -7.82 -11.70 -51.56
C VAL A 411 -6.58 -11.60 -52.43
N VAL A 412 -5.39 -11.71 -51.81
CA VAL A 412 -4.14 -11.61 -52.57
C VAL A 412 -3.98 -12.82 -53.50
N CYS A 413 -4.38 -14.00 -53.02
CA CYS A 413 -4.31 -15.18 -53.87
C CYS A 413 -5.24 -15.05 -55.07
N MET A 414 -6.47 -14.62 -54.83
CA MET A 414 -7.42 -14.46 -55.92
C MET A 414 -6.92 -13.45 -56.94
N LEU A 415 -6.43 -12.28 -56.48
CA LEU A 415 -5.90 -11.29 -57.40
C LEU A 415 -4.65 -11.79 -58.12
N GLY A 416 -3.93 -12.74 -57.54
CA GLY A 416 -2.75 -13.27 -58.20
C GLY A 416 -3.15 -14.22 -59.30
N LEU A 417 -4.11 -15.11 -59.01
CA LEU A 417 -4.62 -15.99 -60.05
C LEU A 417 -5.22 -15.19 -61.20
N ILE A 418 -6.03 -14.18 -60.87
CA ILE A 418 -6.65 -13.35 -61.91
C ILE A 418 -5.59 -12.66 -62.75
N ALA A 419 -4.50 -12.21 -62.11
CA ALA A 419 -3.45 -11.52 -62.85
C ALA A 419 -2.82 -12.41 -63.91
N THR A 420 -2.66 -13.70 -63.62
CA THR A 420 -2.12 -14.66 -64.59
C THR A 420 -3.12 -15.06 -65.67
N GLY A 421 -4.27 -14.39 -65.78
CA GLY A 421 -5.22 -14.68 -66.82
C GLY A 421 -6.23 -15.77 -66.50
N MET A 422 -6.14 -16.40 -65.33
CA MET A 422 -7.12 -17.40 -64.93
C MET A 422 -8.50 -16.76 -64.83
N ASP A 423 -9.53 -17.56 -65.09
CA ASP A 423 -10.90 -17.08 -64.96
C ASP A 423 -11.16 -16.64 -63.52
N GLU A 424 -11.90 -15.55 -63.37
CA GLU A 424 -12.09 -14.92 -62.08
C GLU A 424 -12.89 -15.79 -61.12
N LEU A 425 -14.14 -16.12 -61.50
CA LEU A 425 -14.94 -17.01 -60.66
C LEU A 425 -14.20 -18.32 -60.39
N SER A 426 -13.50 -18.81 -61.40
CA SER A 426 -12.70 -20.02 -61.24
C SER A 426 -11.54 -19.76 -60.30
N ALA A 427 -10.97 -18.56 -60.34
CA ALA A 427 -9.89 -18.22 -59.41
C ALA A 427 -10.39 -18.27 -57.98
N PHE A 428 -11.55 -17.65 -57.72
CA PHE A 428 -12.13 -17.67 -56.38
C PHE A 428 -12.42 -19.09 -55.93
N SER A 429 -12.80 -19.97 -56.86
CA SER A 429 -13.05 -21.34 -56.46
C SER A 429 -11.76 -22.11 -56.19
N ALA A 430 -10.75 -21.94 -57.05
CA ALA A 430 -9.47 -22.60 -56.83
C ALA A 430 -8.83 -22.13 -55.52
N VAL A 431 -8.96 -20.84 -55.20
CA VAL A 431 -8.42 -20.32 -53.95
C VAL A 431 -9.15 -20.93 -52.77
N ALA A 432 -10.49 -20.92 -52.80
CA ALA A 432 -11.22 -21.51 -51.68
C ALA A 432 -11.01 -23.01 -51.58
N ALA A 433 -10.60 -23.66 -52.68
CA ALA A 433 -10.30 -25.10 -52.64
C ALA A 433 -8.91 -25.39 -52.10
N THR A 434 -7.94 -24.51 -52.35
CA THR A 434 -6.58 -24.78 -51.92
C THR A 434 -6.28 -24.24 -50.53
N LEU A 435 -6.64 -22.98 -50.27
CA LEU A 435 -6.43 -22.40 -48.94
C LEU A 435 -7.17 -23.18 -47.87
N ASN A 436 -8.33 -23.77 -48.21
CA ASN A 436 -9.05 -24.65 -47.29
C ASN A 436 -8.49 -26.06 -47.27
N ASN A 437 -7.53 -26.38 -48.13
CA ASN A 437 -7.01 -27.74 -48.27
C ASN A 437 -8.13 -28.72 -48.58
N LEU A 438 -8.98 -28.34 -49.54
CA LEU A 438 -10.18 -29.13 -49.84
C LEU A 438 -9.83 -30.43 -50.55
N GLY A 439 -9.39 -30.44 -51.83
CA GLY A 439 -9.16 -29.30 -52.71
C GLY A 439 -9.77 -29.28 -54.11
N PRO A 440 -10.91 -29.95 -54.35
CA PRO A 440 -11.59 -29.77 -55.64
C PRO A 440 -12.45 -28.51 -55.65
N GLY A 441 -12.13 -27.59 -56.55
CA GLY A 441 -12.86 -26.34 -56.72
C GLY A 441 -13.74 -26.39 -57.96
N LEU A 442 -14.95 -25.85 -57.84
CA LEU A 442 -15.89 -25.90 -58.96
C LEU A 442 -15.47 -24.89 -60.05
N GLY A 443 -16.11 -25.00 -61.23
CA GLY A 443 -15.86 -24.04 -62.29
C GLY A 443 -14.85 -24.45 -63.34
N GLU A 444 -14.05 -23.50 -63.86
CA GLU A 444 -13.07 -23.83 -64.90
C GLU A 444 -12.09 -24.89 -64.41
N VAL A 445 -11.59 -24.71 -63.20
CA VAL A 445 -10.73 -25.68 -62.56
C VAL A 445 -11.69 -26.56 -61.76
N ALA A 446 -12.50 -27.38 -62.45
CA ALA A 446 -13.52 -28.18 -61.77
C ALA A 446 -13.00 -29.54 -61.30
N LEU A 447 -12.79 -30.45 -62.22
CA LEU A 447 -12.36 -31.79 -61.84
C LEU A 447 -10.85 -31.93 -61.84
N HIS A 448 -10.18 -31.23 -62.76
CA HIS A 448 -8.74 -31.38 -62.91
C HIS A 448 -8.11 -30.00 -62.96
N PHE A 449 -6.96 -29.90 -62.32
CA PHE A 449 -6.15 -28.70 -62.28
C PHE A 449 -5.11 -28.70 -63.39
N GLY A 450 -5.13 -29.72 -64.25
CA GLY A 450 -4.09 -29.86 -65.27
C GLY A 450 -3.97 -28.66 -66.20
N ASP A 451 -5.10 -28.19 -66.75
CA ASP A 451 -5.00 -27.08 -67.67
C ASP A 451 -4.95 -25.71 -66.99
N VAL A 452 -4.70 -25.66 -65.69
CA VAL A 452 -4.53 -24.38 -65.00
C VAL A 452 -3.25 -23.70 -65.48
N ASN A 453 -3.31 -22.37 -65.60
CA ASN A 453 -2.13 -21.58 -65.92
C ASN A 453 -0.98 -21.94 -64.98
N ASP A 454 0.25 -21.84 -65.51
CA ASP A 454 1.42 -22.32 -64.79
C ASP A 454 1.75 -21.42 -63.61
N LYS A 455 1.76 -20.10 -63.84
CA LYS A 455 1.97 -19.16 -62.75
C LYS A 455 0.86 -19.31 -61.71
N ALA A 456 -0.38 -19.46 -62.17
CA ALA A 456 -1.48 -19.72 -61.24
C ALA A 456 -1.29 -21.04 -60.53
N LYS A 457 -0.57 -21.99 -61.14
CA LYS A 457 -0.32 -23.26 -60.47
C LYS A 457 0.67 -23.07 -59.31
N TRP A 458 1.65 -22.19 -59.50
CA TRP A 458 2.57 -21.89 -58.41
C TRP A 458 1.87 -21.11 -57.31
N VAL A 459 1.05 -20.11 -57.68
CA VAL A 459 0.30 -19.37 -56.68
C VAL A 459 -0.64 -20.29 -55.92
N LEU A 460 -1.17 -21.31 -56.58
CA LEU A 460 -1.98 -22.31 -55.89
C LEU A 460 -1.16 -23.07 -54.87
N ILE A 461 0.04 -23.53 -55.25
CA ILE A 461 0.89 -24.24 -54.30
C ILE A 461 1.19 -23.36 -53.09
N VAL A 462 1.46 -22.08 -53.32
CA VAL A 462 1.70 -21.15 -52.21
C VAL A 462 0.46 -21.04 -51.33
N SER A 463 -0.72 -21.02 -51.94
CA SER A 463 -1.96 -20.87 -51.18
C SER A 463 -2.20 -22.07 -50.28
N MET A 464 -2.08 -23.29 -50.83
CA MET A 464 -2.27 -24.48 -50.02
C MET A 464 -1.22 -24.58 -48.92
N LEU A 465 0.01 -24.09 -49.17
CA LEU A 465 0.99 -24.03 -48.09
C LEU A 465 0.53 -23.08 -46.99
N PHE A 466 0.04 -21.90 -47.37
CA PHE A 466 -0.52 -20.96 -46.40
C PHE A 466 -1.60 -21.65 -45.57
N GLY A 467 -2.50 -22.36 -46.25
CA GLY A 467 -3.61 -23.01 -45.57
C GLY A 467 -3.19 -24.11 -44.62
N ARG A 468 -2.10 -24.81 -44.92
CA ARG A 468 -1.61 -25.83 -44.00
C ARG A 468 -0.95 -25.22 -42.77
N LEU A 469 -0.25 -24.09 -42.94
CA LEU A 469 0.50 -23.47 -41.85
C LEU A 469 -0.35 -22.58 -40.96
N GLU A 470 -1.68 -22.60 -41.13
CA GLU A 470 -2.59 -21.78 -40.35
C GLU A 470 -2.35 -20.29 -40.59
N ILE A 471 -2.00 -19.97 -41.84
CA ILE A 471 -1.92 -18.61 -42.38
C ILE A 471 -0.90 -17.71 -41.67
N PHE A 472 -0.31 -18.18 -40.58
CA PHE A 472 0.61 -17.35 -39.81
C PHE A 472 2.06 -17.78 -39.94
N THR A 473 2.33 -19.07 -39.78
CA THR A 473 3.70 -19.57 -39.82
C THR A 473 4.44 -19.11 -41.08
N LEU A 474 3.77 -19.11 -42.23
CA LEU A 474 4.43 -18.65 -43.46
C LEU A 474 4.39 -17.12 -43.58
N LEU A 475 3.25 -16.50 -43.29
CA LEU A 475 3.14 -15.05 -43.41
C LEU A 475 4.20 -14.33 -42.60
N ILE A 476 4.56 -14.89 -41.44
CA ILE A 476 5.57 -14.28 -40.57
C ILE A 476 6.92 -14.19 -41.28
N LEU A 477 7.28 -15.23 -42.04
CA LEU A 477 8.56 -15.25 -42.73
C LEU A 477 8.71 -14.11 -43.73
N LEU A 478 7.62 -13.70 -44.37
CA LEU A 478 7.70 -12.61 -45.34
C LEU A 478 7.99 -11.26 -44.70
N THR A 479 7.74 -11.12 -43.40
CA THR A 479 7.95 -9.84 -42.73
C THR A 479 9.45 -9.54 -42.62
N PRO A 480 9.86 -8.30 -42.86
CA PRO A 480 11.29 -7.96 -42.67
C PRO A 480 11.72 -7.98 -41.22
N THR A 481 10.83 -7.60 -40.29
CA THR A 481 11.16 -7.55 -38.87
C THR A 481 11.58 -8.91 -38.32
N PHE A 482 11.21 -10.00 -38.99
CA PHE A 482 11.59 -11.33 -38.52
C PHE A 482 13.10 -11.52 -38.58
N TRP A 483 13.70 -11.25 -39.73
CA TRP A 483 15.12 -11.47 -39.94
C TRP A 483 15.97 -10.44 -39.21
N GLN B 2 39.80 9.42 13.10
CA GLN B 2 41.02 10.21 12.91
C GLN B 2 41.72 10.39 14.26
N PHE B 3 42.10 9.28 14.88
CA PHE B 3 42.80 9.33 16.15
C PHE B 3 44.23 9.82 15.95
N ARG B 4 44.79 10.43 16.99
CA ARG B 4 46.16 10.93 17.08
C ARG B 4 46.38 12.18 16.23
N SER B 5 45.35 12.69 15.57
CA SER B 5 45.41 13.97 14.88
C SER B 5 44.88 15.09 15.75
N ILE B 6 44.69 14.82 17.05
CA ILE B 6 44.22 15.83 17.99
C ILE B 6 45.37 16.62 18.59
N ILE B 7 46.56 16.00 18.70
CA ILE B 7 47.71 16.66 19.30
C ILE B 7 48.03 17.97 18.59
N ARG B 8 47.75 18.06 17.30
CA ARG B 8 47.95 19.31 16.57
C ARG B 8 47.05 20.42 17.12
N ILE B 9 45.78 20.11 17.37
CA ILE B 9 44.87 21.12 17.91
C ILE B 9 45.22 21.42 19.36
N VAL B 10 45.53 20.37 20.14
CA VAL B 10 45.94 20.58 21.53
C VAL B 10 47.15 21.51 21.60
N GLY B 11 48.12 21.32 20.69
CA GLY B 11 49.27 22.20 20.66
C GLY B 11 48.90 23.63 20.30
N LEU B 12 48.09 23.82 19.26
CA LEU B 12 47.67 25.18 18.92
C LEU B 12 46.83 25.80 20.03
N LEU B 13 46.20 24.95 20.84
CA LEU B 13 45.29 25.41 21.88
C LEU B 13 46.08 25.90 23.09
N LEU B 14 47.01 25.10 23.57
CA LEU B 14 47.83 25.60 24.67
C LEU B 14 48.85 26.64 24.20
N ALA B 15 49.08 26.80 22.89
CA ALA B 15 49.80 27.98 22.42
C ALA B 15 48.95 29.25 22.57
N LEU B 16 47.68 29.16 22.16
CA LEU B 16 46.75 30.25 22.44
C LEU B 16 46.72 30.54 23.94
N PHE B 17 46.72 29.49 24.76
CA PHE B 17 46.68 29.70 26.19
C PHE B 17 47.98 30.30 26.72
N SER B 18 49.10 30.01 26.05
CA SER B 18 50.37 30.60 26.45
C SER B 18 50.34 32.10 26.26
N VAL B 19 49.69 32.56 25.19
CA VAL B 19 49.59 34.00 24.96
C VAL B 19 48.87 34.68 26.12
N THR B 20 47.92 34.00 26.76
CA THR B 20 47.17 34.56 27.87
C THR B 20 48.02 34.85 29.10
N MET B 21 49.19 34.22 29.22
CA MET B 21 50.07 34.44 30.37
C MET B 21 50.64 35.86 30.43
N LEU B 22 50.68 36.57 29.31
CA LEU B 22 51.32 37.89 29.31
C LEU B 22 50.51 38.92 30.10
N ALA B 23 49.19 38.89 29.99
CA ALA B 23 48.37 39.90 30.67
C ALA B 23 48.57 39.93 32.19
N PRO B 24 48.60 38.81 32.91
CA PRO B 24 48.93 38.90 34.34
C PRO B 24 50.38 39.27 34.59
N ALA B 25 51.31 38.85 33.71
CA ALA B 25 52.69 39.31 33.84
C ALA B 25 52.78 40.82 33.66
N LEU B 26 52.03 41.36 32.70
CA LEU B 26 51.98 42.82 32.53
C LEU B 26 51.40 43.49 33.76
N VAL B 27 50.36 42.89 34.36
CA VAL B 27 49.80 43.46 35.59
C VAL B 27 50.82 43.39 36.73
N ALA B 28 51.64 42.34 36.76
CA ALA B 28 52.70 42.24 37.75
C ALA B 28 53.72 43.35 37.57
N LEU B 29 54.13 43.61 36.33
CA LEU B 29 55.05 44.71 36.09
C LEU B 29 54.42 46.05 36.45
N LEU B 30 53.11 46.18 36.24
CA LEU B 30 52.41 47.43 36.53
C LEU B 30 52.37 47.69 38.05
N TYR B 31 52.07 46.66 38.83
CA TYR B 31 51.92 46.80 40.28
C TYR B 31 53.19 46.54 41.07
N ARG B 32 54.04 45.61 40.62
CA ARG B 32 55.09 45.00 41.43
C ARG B 32 54.55 44.55 42.79
N ASP B 33 53.56 43.68 42.71
CA ASP B 33 53.47 42.53 43.61
C ASP B 33 54.66 41.61 43.39
N GLY B 34 55.10 41.51 42.14
CA GLY B 34 54.90 40.30 41.37
C GLY B 34 55.79 39.15 41.80
N ALA B 35 55.38 37.97 41.37
CA ALA B 35 56.27 37.05 40.66
C ALA B 35 56.07 37.34 39.17
N GLY B 36 57.03 38.04 38.57
CA GLY B 36 57.10 38.16 37.13
C GLY B 36 57.59 36.91 36.44
N VAL B 37 58.59 36.26 37.04
CA VAL B 37 59.32 35.20 36.35
C VAL B 37 58.42 34.03 35.97
N PRO B 38 57.55 33.50 36.85
CA PRO B 38 56.76 32.32 36.45
C PRO B 38 55.84 32.54 35.27
N PHE B 39 55.21 33.71 35.16
CA PHE B 39 54.28 33.95 34.07
C PHE B 39 54.97 33.92 32.70
N VAL B 40 56.12 34.60 32.59
CA VAL B 40 56.86 34.57 31.33
C VAL B 40 57.47 33.20 31.09
N THR B 41 57.88 32.53 32.17
CA THR B 41 58.42 31.18 32.05
C THR B 41 57.36 30.26 31.46
N THR B 42 56.15 30.28 32.04
CA THR B 42 55.05 29.47 31.54
C THR B 42 54.71 29.84 30.10
N PHE B 43 54.75 31.13 29.77
CA PHE B 43 54.54 31.54 28.38
C PHE B 43 55.49 30.81 27.44
N PHE B 44 56.78 30.77 27.80
CA PHE B 44 57.75 30.12 26.93
C PHE B 44 57.57 28.60 26.91
N VAL B 45 57.38 27.99 28.10
CA VAL B 45 57.24 26.54 28.16
C VAL B 45 56.02 26.07 27.39
N LEU B 46 54.93 26.84 27.45
CA LEU B 46 53.72 26.43 26.74
C LEU B 46 53.82 26.69 25.26
N LEU B 47 54.43 27.79 24.82
CA LEU B 47 54.61 27.98 23.39
C LEU B 47 55.53 26.90 22.81
N PHE B 48 56.54 26.48 23.59
CA PHE B 48 57.42 25.42 23.15
C PHE B 48 56.68 24.08 23.08
N CYS B 49 55.86 23.78 24.09
CA CYS B 49 55.09 22.53 24.05
C CYS B 49 54.08 22.54 22.91
N GLY B 50 53.46 23.70 22.64
CA GLY B 50 52.51 23.79 21.55
C GLY B 50 53.16 23.63 20.19
N ALA B 51 54.40 24.08 20.04
CA ALA B 51 55.11 23.84 18.78
C ALA B 51 55.61 22.40 18.71
N MET B 52 56.06 21.86 19.83
CA MET B 52 56.49 20.46 19.89
C MET B 52 55.37 19.51 19.50
N CYS B 53 54.13 19.85 19.84
CA CYS B 53 52.98 19.03 19.48
C CYS B 53 52.37 19.43 18.15
N TRP B 54 53.01 20.34 17.43
CA TRP B 54 52.56 20.80 16.11
C TRP B 54 53.50 20.28 15.03
N PHE B 55 53.95 19.04 15.19
CA PHE B 55 54.85 18.41 14.22
C PHE B 55 54.15 17.55 13.17
N PRO B 56 52.99 16.89 13.44
CA PRO B 56 52.35 16.14 12.35
C PRO B 56 51.67 17.07 11.37
N ASN B 57 51.04 18.12 11.90
CA ASN B 57 50.39 19.17 11.10
C ASN B 57 49.43 18.56 10.07
N ARG B 58 48.76 17.47 10.45
CA ARG B 58 47.81 16.80 9.57
C ARG B 58 46.43 17.38 9.84
N ARG B 59 46.08 18.41 9.08
CA ARG B 59 44.79 19.08 9.23
C ARG B 59 43.69 18.31 8.50
N HIS B 60 42.46 18.54 8.94
CA HIS B 60 41.29 17.90 8.37
C HIS B 60 40.32 18.97 7.89
N LYS B 61 39.77 18.76 6.70
CA LYS B 61 38.87 19.72 6.08
C LYS B 61 37.66 19.03 5.48
N SER B 66 32.62 11.82 14.89
CA SER B 66 31.86 12.44 15.97
C SER B 66 32.55 12.22 17.31
N ARG B 67 32.99 10.98 17.56
CA ARG B 67 33.69 10.66 18.79
C ARG B 67 35.03 11.37 18.91
N ASP B 68 35.52 12.03 17.85
CA ASP B 68 36.74 12.81 17.97
C ASP B 68 36.48 14.13 18.70
N GLY B 69 35.32 14.73 18.49
CA GLY B 69 35.02 15.98 19.18
C GLY B 69 34.95 15.81 20.68
N PHE B 70 34.52 14.64 21.14
CA PHE B 70 34.52 14.36 22.57
C PHE B 70 35.94 14.34 23.13
N LEU B 71 36.87 13.71 22.40
CA LEU B 71 38.26 13.70 22.83
C LEU B 71 38.94 15.05 22.62
N ILE B 72 38.30 15.95 21.87
CA ILE B 72 38.76 17.33 21.80
C ILE B 72 38.32 18.09 23.05
N VAL B 73 37.03 18.02 23.37
CA VAL B 73 36.52 18.78 24.50
C VAL B 73 37.00 18.25 25.85
N VAL B 74 37.33 16.96 25.95
CA VAL B 74 37.92 16.47 27.19
C VAL B 74 39.32 17.05 27.39
N LEU B 75 40.06 17.22 26.30
CA LEU B 75 41.40 17.76 26.43
C LEU B 75 41.40 19.28 26.52
N PHE B 76 40.33 19.93 26.04
CA PHE B 76 40.22 21.38 26.17
C PHE B 76 40.15 21.80 27.63
N TRP B 77 39.68 20.91 28.50
CA TRP B 77 39.69 21.18 29.93
C TRP B 77 40.86 20.51 30.66
N THR B 78 41.18 19.24 30.36
CA THR B 78 42.26 18.57 31.08
C THR B 78 43.62 19.17 30.73
N VAL B 79 43.94 19.25 29.44
CA VAL B 79 45.23 19.79 29.00
C VAL B 79 45.40 21.22 29.51
N LEU B 80 44.39 22.06 29.26
CA LEU B 80 44.48 23.46 29.67
C LEU B 80 44.57 23.62 31.19
N GLY B 81 43.96 22.72 31.96
CA GLY B 81 44.14 22.78 33.40
C GLY B 81 45.55 22.40 33.83
N SER B 82 46.09 21.34 33.23
CA SER B 82 47.45 20.96 33.59
C SER B 82 48.46 22.00 33.16
N ALA B 83 48.20 22.68 32.03
CA ALA B 83 49.04 23.80 31.62
C ALA B 83 48.92 24.97 32.58
N GLY B 84 47.70 25.28 33.02
CA GLY B 84 47.49 26.37 33.96
C GLY B 84 47.93 26.08 35.37
N SER B 85 48.33 24.84 35.65
CA SER B 85 48.79 24.49 36.99
C SER B 85 50.25 24.84 37.23
N LEU B 86 50.94 25.38 36.23
CA LEU B 86 52.36 25.72 36.32
C LEU B 86 52.64 27.03 37.09
N PRO B 87 51.92 28.14 36.80
CA PRO B 87 52.20 29.37 37.56
C PRO B 87 52.17 29.22 39.08
N PHE B 88 51.21 28.46 39.62
CA PHE B 88 51.20 28.23 41.06
C PHE B 88 52.37 27.36 41.51
N LEU B 89 52.76 26.39 40.68
CA LEU B 89 53.86 25.51 41.03
C LEU B 89 55.19 26.25 41.06
N ILE B 90 55.37 27.22 40.16
CA ILE B 90 56.68 27.86 40.01
C ILE B 90 56.87 28.95 41.05
N ALA B 91 55.85 29.77 41.28
CA ALA B 91 55.98 30.93 42.16
C ALA B 91 56.35 30.48 43.58
N ASP B 92 56.79 31.45 44.38
CA ASP B 92 57.33 31.17 45.70
C ASP B 92 56.42 31.59 46.85
N ASN B 93 55.68 32.70 46.69
CA ASN B 93 54.87 33.20 47.80
C ASN B 93 53.82 32.19 48.24
N PRO B 94 52.98 31.62 47.35
CA PRO B 94 52.18 30.47 47.75
C PRO B 94 52.89 29.16 47.45
N ASN B 95 53.73 28.70 48.38
CA ASN B 95 54.48 27.46 48.18
C ASN B 95 53.54 26.30 48.44
N ILE B 96 53.03 25.70 47.37
CA ILE B 96 51.98 24.69 47.45
C ILE B 96 52.38 23.48 46.64
N SER B 97 51.98 22.30 47.12
CA SER B 97 52.28 21.06 46.43
C SER B 97 51.67 21.04 45.02
N VAL B 98 52.21 20.15 44.19
CA VAL B 98 51.67 19.96 42.84
C VAL B 98 50.18 19.65 42.89
N THR B 99 49.76 18.84 43.87
CA THR B 99 48.35 18.50 44.00
C THR B 99 47.48 19.72 44.26
N ASP B 100 47.87 20.54 45.26
CA ASP B 100 47.14 21.78 45.53
C ASP B 100 47.16 22.72 44.34
N ALA B 101 48.19 22.62 43.50
CA ALA B 101 48.31 23.52 42.36
C ALA B 101 47.36 23.09 41.25
N PHE B 102 47.37 21.79 40.93
CA PHE B 102 46.39 21.26 39.98
C PHE B 102 44.96 21.57 40.45
N PHE B 103 44.69 21.40 41.74
CA PHE B 103 43.36 21.74 42.26
C PHE B 103 43.01 23.19 41.98
N GLU B 104 43.87 24.12 42.40
CA GLU B 104 43.55 25.54 42.22
C GLU B 104 43.42 25.89 40.74
N SER B 105 44.23 25.27 39.88
CA SER B 105 44.17 25.58 38.46
C SER B 105 42.88 25.08 37.84
N PHE B 106 42.52 23.82 38.11
CA PHE B 106 41.30 23.26 37.58
C PHE B 106 40.09 24.04 38.07
N SER B 107 40.04 24.33 39.37
CA SER B 107 38.91 25.07 39.93
C SER B 107 38.80 26.46 39.31
N ALA B 108 39.93 27.14 39.12
CA ALA B 108 39.90 28.42 38.44
C ALA B 108 39.37 28.29 37.02
N LEU B 109 39.79 27.24 36.30
CA LEU B 109 39.44 27.13 34.89
C LEU B 109 38.07 26.47 34.72
N THR B 110 37.77 25.43 35.49
CA THR B 110 36.48 24.76 35.41
C THR B 110 35.34 25.53 36.09
N THR B 111 35.58 26.78 36.48
CA THR B 111 34.59 27.70 37.01
C THR B 111 34.10 27.32 38.41
N THR B 112 34.54 26.20 38.96
CA THR B 112 34.17 25.84 40.33
C THR B 112 34.94 26.70 41.32
N GLY B 113 34.21 27.45 42.15
CA GLY B 113 34.83 28.45 43.00
C GLY B 113 35.72 27.94 44.11
N ALA B 114 35.99 26.63 44.11
CA ALA B 114 36.77 26.03 45.18
C ALA B 114 38.21 26.55 45.16
N THR B 115 38.78 26.75 46.35
CA THR B 115 40.15 27.24 46.48
C THR B 115 40.83 26.49 47.61
N VAL B 116 42.16 26.37 47.51
CA VAL B 116 42.96 25.69 48.51
C VAL B 116 44.07 26.57 49.07
N ILE B 117 44.16 27.83 48.65
CA ILE B 117 45.14 28.76 49.17
C ILE B 117 44.45 29.67 50.18
N VAL B 118 45.04 29.77 51.37
CA VAL B 118 44.55 30.63 52.44
C VAL B 118 45.44 31.87 52.50
N GLY B 119 44.83 33.01 52.79
CA GLY B 119 45.59 34.25 52.78
C GLY B 119 45.57 34.95 51.44
N LEU B 120 44.37 35.15 50.88
CA LEU B 120 44.28 35.75 49.55
C LEU B 120 44.63 37.23 49.58
N ASP B 121 44.17 37.97 50.59
CA ASP B 121 44.42 39.41 50.60
C ASP B 121 45.92 39.68 50.63
N GLU B 122 46.62 39.01 51.53
CA GLU B 122 48.07 39.17 51.68
C GLU B 122 48.82 38.19 50.80
N LEU B 123 48.58 38.30 49.49
CA LEU B 123 49.18 37.47 48.47
C LEU B 123 49.47 38.34 47.27
N PRO B 124 50.49 38.01 46.46
CA PRO B 124 50.80 38.84 45.29
C PRO B 124 49.59 39.05 44.39
N LYS B 125 49.14 40.30 44.27
CA LYS B 125 47.95 40.59 43.46
C LYS B 125 48.12 40.15 42.01
N ALA B 126 49.35 39.88 41.58
CA ALA B 126 49.55 39.36 40.23
C ALA B 126 48.97 37.96 40.09
N ILE B 127 49.22 37.09 41.08
CA ILE B 127 48.79 35.70 40.99
C ILE B 127 47.27 35.60 40.98
N LEU B 128 46.60 36.23 41.96
CA LEU B 128 45.15 36.10 42.00
C LEU B 128 44.45 36.89 40.90
N PHE B 129 45.20 37.65 40.10
CA PHE B 129 44.62 38.19 38.89
C PHE B 129 44.57 37.10 37.83
N TYR B 130 45.66 36.35 37.67
CA TYR B 130 45.62 35.18 36.81
C TYR B 130 44.57 34.18 37.28
N ARG B 131 44.28 34.15 38.58
CA ARG B 131 43.19 33.31 39.09
C ARG B 131 41.82 33.75 38.58
N GLN B 132 41.53 35.05 38.71
CA GLN B 132 40.26 35.53 38.19
C GLN B 132 40.22 35.47 36.67
N PHE B 133 41.40 35.57 36.04
CA PHE B 133 41.47 35.53 34.59
C PHE B 133 41.21 34.13 34.07
N LEU B 134 41.71 33.11 34.78
CA LEU B 134 41.35 31.73 34.46
C LEU B 134 39.84 31.54 34.55
N GLN B 135 39.23 32.07 35.62
CA GLN B 135 37.76 31.99 35.70
C GLN B 135 37.09 32.66 34.50
N TRP B 136 37.58 33.84 34.10
CA TRP B 136 37.02 34.53 32.93
C TRP B 136 37.23 33.73 31.65
N PHE B 137 38.38 33.08 31.52
CA PHE B 137 38.69 32.29 30.33
C PHE B 137 37.74 31.10 30.22
N GLY B 138 37.69 30.27 31.26
CA GLY B 138 36.71 29.20 31.24
C GLY B 138 35.27 29.68 31.18
N GLY B 139 35.03 30.94 31.56
CA GLY B 139 33.72 31.53 31.36
C GLY B 139 33.36 31.64 29.90
N MET B 140 34.29 32.18 29.10
CA MET B 140 34.05 32.16 27.65
C MET B 140 33.97 30.74 27.13
N GLY B 141 34.91 29.89 27.55
CA GLY B 141 34.94 28.49 27.10
C GLY B 141 33.62 27.77 27.26
N ILE B 142 32.89 28.04 28.34
CA ILE B 142 31.61 27.38 28.55
C ILE B 142 30.64 27.74 27.43
N ILE B 143 30.40 29.03 27.24
CA ILE B 143 29.37 29.43 26.27
C ILE B 143 29.84 29.13 24.85
N VAL B 144 31.15 29.16 24.60
CA VAL B 144 31.67 28.81 23.29
C VAL B 144 31.46 27.32 23.00
N LEU B 145 31.52 26.47 24.02
CA LEU B 145 31.24 25.06 23.81
C LEU B 145 29.75 24.78 23.76
N ALA B 146 29.05 24.99 24.89
CA ALA B 146 27.67 24.55 25.05
C ALA B 146 26.74 25.16 24.01
N VAL B 147 27.11 26.27 23.39
CA VAL B 147 26.27 26.84 22.34
C VAL B 147 26.68 26.35 20.95
N ALA B 148 27.96 26.02 20.75
CA ALA B 148 28.45 25.64 19.43
C ALA B 148 28.74 24.16 19.28
N ILE B 149 28.46 23.35 20.31
CA ILE B 149 28.50 21.89 20.19
C ILE B 149 27.25 21.35 20.86
N LEU B 150 26.24 21.01 20.06
CA LEU B 150 24.98 20.53 20.60
C LEU B 150 24.66 19.06 20.24
N PRO B 151 25.64 18.16 20.06
CA PRO B 151 25.23 16.75 19.87
C PRO B 151 24.50 16.16 21.05
N VAL B 152 24.95 16.42 22.29
CA VAL B 152 24.28 15.86 23.45
C VAL B 152 23.91 16.89 24.51
N LEU B 153 24.45 18.10 24.50
CA LEU B 153 24.11 19.03 25.56
C LEU B 153 22.73 19.65 25.32
N GLY B 154 22.13 20.11 26.41
CA GLY B 154 20.78 20.66 26.37
C GLY B 154 20.65 21.94 25.54
N MET B 174 14.66 28.28 15.43
CA MET B 174 15.76 29.21 15.25
C MET B 174 17.10 28.47 15.09
N THR B 175 17.67 28.56 13.89
CA THR B 175 18.96 27.94 13.59
C THR B 175 19.86 28.97 12.92
N PRO B 176 20.39 29.91 13.72
CA PRO B 176 21.25 31.02 13.30
C PRO B 176 22.67 30.60 12.98
N ARG B 177 23.43 31.52 12.39
CA ARG B 177 24.82 31.32 12.00
C ARG B 177 25.71 30.61 13.04
N ILE B 178 26.67 29.86 12.52
CA ILE B 178 27.55 29.05 13.37
C ILE B 178 28.60 29.89 14.09
N ALA B 179 29.21 30.85 13.40
CA ALA B 179 30.30 31.61 13.99
C ALA B 179 29.85 32.99 14.43
N GLU B 180 29.16 33.73 13.56
CA GLU B 180 28.63 35.05 13.89
C GLU B 180 28.10 35.09 15.32
N THR B 181 27.52 33.98 15.78
CA THR B 181 27.11 33.87 17.17
C THR B 181 28.25 33.46 18.09
N ALA B 182 29.21 32.68 17.59
CA ALA B 182 30.41 32.37 18.37
C ALA B 182 31.15 33.63 18.79
N LYS B 183 30.99 34.73 18.04
CA LYS B 183 31.56 36.00 18.42
C LYS B 183 30.54 36.99 18.99
N ALA B 184 29.26 36.85 18.67
CA ALA B 184 28.25 37.63 19.35
C ALA B 184 28.21 37.29 20.83
N LEU B 185 28.46 36.03 21.19
CA LEU B 185 28.63 35.66 22.58
C LEU B 185 29.82 36.39 23.20
N TRP B 186 30.95 36.41 22.51
CA TRP B 186 32.11 37.14 23.03
C TRP B 186 31.81 38.63 23.21
N TYR B 187 30.98 39.20 22.33
CA TYR B 187 30.62 40.60 22.48
C TYR B 187 29.71 40.83 23.68
N ILE B 188 28.74 39.95 23.89
CA ILE B 188 27.90 40.07 25.08
C ILE B 188 28.72 39.85 26.35
N TYR B 189 29.57 38.82 26.34
CA TYR B 189 30.42 38.47 27.46
C TYR B 189 31.41 39.58 27.80
N LEU B 190 31.72 40.47 26.86
CA LEU B 190 32.60 41.58 27.18
C LEU B 190 31.83 42.86 27.50
N SER B 191 30.71 43.11 26.83
CA SER B 191 29.84 44.24 27.18
C SER B 191 29.21 44.07 28.55
N LEU B 192 29.24 42.86 29.10
CA LEU B 192 28.75 42.65 30.45
C LEU B 192 29.85 42.89 31.48
N THR B 193 31.00 42.24 31.32
CA THR B 193 32.11 42.43 32.25
C THR B 193 32.56 43.89 32.29
N ILE B 194 32.41 44.63 31.19
CA ILE B 194 32.73 46.06 31.22
C ILE B 194 31.76 46.79 32.13
N ALA B 195 30.46 46.66 31.87
CA ALA B 195 29.47 47.39 32.66
C ALA B 195 29.50 46.96 34.12
N CYS B 196 30.00 45.76 34.41
CA CYS B 196 30.01 45.30 35.79
C CYS B 196 31.26 45.74 36.53
N ALA B 197 32.43 45.65 35.91
CA ALA B 197 33.61 46.27 36.50
C ALA B 197 33.38 47.75 36.72
N VAL B 198 32.66 48.40 35.80
CA VAL B 198 32.34 49.81 35.94
C VAL B 198 31.43 50.04 37.15
N ALA B 199 30.34 49.27 37.26
CA ALA B 199 29.45 49.44 38.40
C ALA B 199 30.14 49.14 39.73
N PHE B 200 31.06 48.17 39.74
CA PHE B 200 31.85 47.90 40.93
C PHE B 200 32.73 49.09 41.30
N TRP B 201 33.56 49.54 40.36
CA TRP B 201 34.46 50.66 40.64
C TRP B 201 33.68 51.94 40.95
N LEU B 202 32.44 52.07 40.49
CA LEU B 202 31.58 53.16 40.89
C LEU B 202 31.00 52.95 42.29
N ALA B 203 30.88 51.69 42.72
CA ALA B 203 30.35 51.36 44.04
C ALA B 203 31.42 51.32 45.12
N GLY B 204 32.63 51.79 44.82
CA GLY B 204 33.67 51.85 45.81
C GLY B 204 34.52 50.60 45.88
N MET B 205 35.19 50.27 44.77
CA MET B 205 36.06 49.12 44.71
C MET B 205 37.34 49.51 43.97
N THR B 206 38.46 48.95 44.43
CA THR B 206 39.71 49.11 43.70
C THR B 206 39.51 48.69 42.25
N PRO B 207 40.00 49.45 41.27
CA PRO B 207 39.86 49.01 39.87
C PRO B 207 40.45 47.65 39.61
N PHE B 208 41.50 47.27 40.35
CA PHE B 208 42.01 45.91 40.30
C PHE B 208 40.97 44.93 40.79
N ASP B 209 40.49 45.12 42.02
CA ASP B 209 39.47 44.23 42.55
C ASP B 209 38.18 44.31 41.75
N ALA B 210 37.92 45.44 41.08
CA ALA B 210 36.72 45.54 40.27
C ALA B 210 36.82 44.66 39.02
N ILE B 211 37.98 44.68 38.34
CA ILE B 211 38.17 43.79 37.21
C ILE B 211 38.21 42.34 37.67
N SER B 212 38.98 42.06 38.72
CA SER B 212 39.13 40.71 39.23
C SER B 212 37.81 40.13 39.73
N HIS B 213 36.88 40.97 40.17
CA HIS B 213 35.60 40.48 40.66
C HIS B 213 34.51 40.51 39.61
N SER B 214 34.72 41.21 38.49
CA SER B 214 33.80 41.04 37.38
C SER B 214 34.16 39.83 36.55
N PHE B 215 35.46 39.50 36.48
CA PHE B 215 35.90 38.25 35.88
C PHE B 215 35.20 37.06 36.51
N SER B 216 34.83 37.16 37.78
CA SER B 216 34.27 36.04 38.53
C SER B 216 32.78 36.18 38.80
N THR B 217 32.22 37.39 38.72
CA THR B 217 30.78 37.53 38.84
C THR B 217 30.06 37.36 37.50
N ILE B 218 30.76 37.54 36.37
CA ILE B 218 30.12 37.29 35.08
C ILE B 218 30.29 35.83 34.66
N ALA B 219 31.50 35.28 34.83
CA ALA B 219 31.72 33.87 34.50
C ALA B 219 31.01 32.92 35.46
N ILE B 220 30.34 33.43 36.50
CA ILE B 220 29.63 32.61 37.48
C ILE B 220 30.63 31.62 38.06
N GLY B 221 31.75 32.14 38.55
CA GLY B 221 32.83 31.31 39.04
C GLY B 221 32.84 31.08 40.53
N GLY B 222 32.87 32.16 41.31
CA GLY B 222 32.95 32.09 42.74
C GLY B 222 34.31 32.46 43.33
N PHE B 223 35.19 33.08 42.57
CA PHE B 223 36.51 33.44 43.04
C PHE B 223 36.55 34.89 43.48
N SER B 224 37.42 35.17 44.44
CA SER B 224 37.67 36.53 44.89
C SER B 224 39.13 36.64 45.27
N THR B 225 39.60 37.88 45.32
CA THR B 225 40.95 38.16 45.78
C THR B 225 41.02 38.18 47.29
N HIS B 226 39.92 37.88 47.96
CA HIS B 226 39.81 37.97 49.41
C HIS B 226 39.40 36.64 50.02
N ASP B 227 39.92 36.39 51.22
CA ASP B 227 39.58 35.17 51.95
C ASP B 227 38.10 35.17 52.31
N ALA B 228 37.49 36.33 52.39
CA ALA B 228 36.11 36.49 52.78
C ALA B 228 35.15 36.52 51.59
N SER B 229 35.65 36.20 50.38
CA SER B 229 34.83 36.23 49.17
C SER B 229 34.27 37.64 49.08
N MET B 230 32.94 37.83 49.09
CA MET B 230 32.36 39.17 49.01
C MET B 230 32.00 39.70 50.41
N GLY B 231 32.78 39.29 51.42
CA GLY B 231 32.57 39.82 52.76
C GLY B 231 32.89 41.30 52.85
N TYR B 232 34.00 41.71 52.24
CA TYR B 232 34.34 43.13 52.22
C TYR B 232 33.32 43.88 51.38
N PHE B 233 32.78 44.97 51.92
CA PHE B 233 33.25 45.58 53.16
C PHE B 233 32.53 45.26 54.50
N ASP B 234 31.27 44.81 54.52
CA ASP B 234 30.37 44.58 53.39
C ASP B 234 29.77 45.84 52.82
N SER B 235 29.35 45.76 51.56
CA SER B 235 28.69 46.86 50.86
C SER B 235 27.35 46.36 50.33
N TYR B 236 26.29 47.10 50.62
CA TYR B 236 24.98 46.78 50.05
C TYR B 236 25.02 46.87 48.54
N ALA B 237 25.76 47.85 48.01
CA ALA B 237 25.79 48.10 46.57
C ALA B 237 26.50 46.97 45.85
N ILE B 238 27.67 46.56 46.34
CA ILE B 238 28.40 45.45 45.72
C ILE B 238 27.55 44.19 45.73
N ASN B 239 26.80 43.96 46.81
CA ASN B 239 25.93 42.78 46.88
C ASN B 239 24.82 42.85 45.85
N LEU B 240 24.15 44.00 45.74
CA LEU B 240 23.04 44.10 44.78
C LEU B 240 23.54 44.02 43.35
N ILE B 241 24.72 44.59 43.07
CA ILE B 241 25.28 44.51 41.72
C ILE B 241 25.67 43.08 41.39
N THR B 242 26.30 42.39 42.34
CA THR B 242 26.61 40.98 42.14
C THR B 242 25.36 40.18 41.86
N VAL B 243 24.28 40.42 42.62
CA VAL B 243 23.02 39.71 42.38
C VAL B 243 22.53 39.99 40.96
N VAL B 244 22.57 41.26 40.54
CA VAL B 244 22.02 41.63 39.24
C VAL B 244 22.82 40.96 38.13
N PHE B 245 24.14 41.11 38.14
CA PHE B 245 24.91 40.54 37.05
C PHE B 245 25.08 39.03 37.17
N LEU B 246 24.72 38.44 38.31
CA LEU B 246 24.64 36.98 38.39
C LEU B 246 23.38 36.49 37.71
N LEU B 247 22.24 37.15 37.96
CA LEU B 247 21.03 36.78 37.24
C LEU B 247 21.20 36.99 35.74
N ILE B 248 21.80 38.11 35.34
CA ILE B 248 22.06 38.37 33.92
C ILE B 248 22.98 37.31 33.32
N SER B 249 24.03 36.91 34.04
CA SER B 249 25.03 36.03 33.45
C SER B 249 24.67 34.54 33.54
N ALA B 250 23.84 34.15 34.50
CA ALA B 250 23.33 32.79 34.56
C ALA B 250 22.22 32.54 33.55
N CYS B 251 21.66 33.59 32.97
CA CYS B 251 20.59 33.47 32.00
C CYS B 251 21.14 33.06 30.64
N ASN B 252 20.31 32.39 29.85
CA ASN B 252 20.74 31.86 28.57
C ASN B 252 21.21 32.98 27.65
N PHE B 253 22.50 32.95 27.30
CA PHE B 253 23.09 34.02 26.49
C PHE B 253 22.47 34.10 25.10
N THR B 254 22.03 32.96 24.56
CA THR B 254 21.28 32.99 23.30
C THR B 254 20.06 33.90 23.39
N LEU B 255 19.48 34.01 24.58
CA LEU B 255 18.33 34.89 24.77
C LEU B 255 18.77 36.35 24.88
N HIS B 256 19.96 36.61 25.43
CA HIS B 256 20.51 37.96 25.39
C HIS B 256 20.81 38.38 23.96
N PHE B 257 21.17 37.43 23.09
CA PHE B 257 21.35 37.74 21.68
C PHE B 257 20.09 38.36 21.09
N ALA B 258 18.91 37.95 21.57
CA ALA B 258 17.68 38.55 21.10
C ALA B 258 17.58 40.01 21.52
N ALA B 259 18.18 40.37 22.66
CA ALA B 259 18.26 41.77 23.06
C ALA B 259 19.37 42.50 22.32
N PHE B 260 20.31 41.77 21.70
CA PHE B 260 21.39 42.37 20.94
C PHE B 260 21.12 42.41 19.44
N ALA B 261 20.64 41.31 18.87
CA ALA B 261 20.47 41.22 17.41
C ALA B 261 19.46 42.23 16.92
N SER B 262 19.91 43.10 16.01
CA SER B 262 19.06 44.16 15.44
C SER B 262 18.51 45.07 16.53
N GLY B 263 19.31 45.31 17.56
CA GLY B 263 18.96 46.20 18.64
C GLY B 263 17.92 45.61 19.60
N GLY B 264 17.27 46.51 20.33
CA GLY B 264 16.35 46.12 21.38
C GLY B 264 14.96 45.76 20.86
N VAL B 265 14.85 44.58 20.26
CA VAL B 265 13.64 44.25 19.50
C VAL B 265 12.43 44.17 20.42
N HIS B 266 12.60 43.56 21.59
CA HIS B 266 11.62 43.62 22.66
C HIS B 266 12.37 43.57 23.98
N PRO B 267 11.79 44.10 25.06
CA PRO B 267 12.34 43.85 26.39
C PRO B 267 11.69 42.68 27.11
N LYS B 268 10.62 42.10 26.54
CA LYS B 268 9.95 40.94 27.10
C LYS B 268 10.03 39.73 26.19
N TYR B 269 11.06 39.69 25.32
CA TYR B 269 11.40 38.43 24.68
C TYR B 269 11.87 37.38 25.69
N TYR B 270 12.34 37.82 26.86
CA TYR B 270 12.75 36.90 27.91
C TYR B 270 11.57 36.10 28.41
N TRP B 271 10.47 36.78 28.75
CA TRP B 271 9.31 36.14 29.36
C TRP B 271 8.67 35.08 28.47
N LYS B 272 9.04 35.01 27.19
CA LYS B 272 8.49 33.96 26.35
C LYS B 272 9.19 32.62 26.59
N ASP B 273 10.49 32.63 26.83
CA ASP B 273 11.23 31.41 27.11
C ASP B 273 10.77 30.83 28.44
N PRO B 274 10.10 29.68 28.46
CA PRO B 274 9.61 29.15 29.75
C PRO B 274 10.73 28.73 30.69
N GLU B 275 11.95 28.57 30.18
CA GLU B 275 13.09 28.34 31.07
C GLU B 275 13.38 29.56 31.91
N PHE B 276 13.31 30.76 31.31
CA PHE B 276 13.46 31.99 32.08
C PHE B 276 12.38 32.12 33.14
N ARG B 277 11.13 31.84 32.75
CA ARG B 277 10.02 31.93 33.70
C ARG B 277 10.21 30.97 34.88
N ALA B 278 10.61 29.72 34.59
CA ALA B 278 10.87 28.79 35.67
C ALA B 278 12.06 29.21 36.51
N PHE B 279 13.05 29.87 35.89
CA PHE B 279 14.22 30.32 36.64
C PHE B 279 13.85 31.43 37.61
N ILE B 280 13.05 32.40 37.16
CA ILE B 280 12.63 33.48 38.04
C ILE B 280 11.70 32.95 39.12
N PHE B 281 10.81 32.02 38.77
CA PHE B 281 9.96 31.39 39.78
C PHE B 281 10.80 30.72 40.87
N ILE B 282 11.79 29.93 40.47
CA ILE B 282 12.62 29.22 41.45
C ILE B 282 13.37 30.22 42.32
N GLN B 283 13.97 31.24 41.69
CA GLN B 283 14.78 32.17 42.47
C GLN B 283 13.93 32.98 43.44
N VAL B 284 12.73 33.38 43.02
CA VAL B 284 11.87 34.16 43.92
C VAL B 284 11.36 33.30 45.05
N LEU B 285 10.94 32.08 44.76
CA LEU B 285 10.45 31.18 45.79
C LEU B 285 11.55 30.90 46.81
N LEU B 286 12.71 30.41 46.35
CA LEU B 286 13.82 30.13 47.25
C LEU B 286 14.25 31.37 48.03
N PHE B 287 14.18 32.55 47.41
CA PHE B 287 14.53 33.77 48.12
C PHE B 287 13.58 34.00 49.27
N LEU B 288 12.28 34.07 48.99
CA LEU B 288 11.35 34.46 50.04
C LEU B 288 11.19 33.37 51.10
N VAL B 289 11.42 32.10 50.76
CA VAL B 289 11.41 31.10 51.82
C VAL B 289 12.65 31.24 52.71
N CYS B 290 13.80 31.58 52.11
CA CYS B 290 14.99 31.79 52.93
C CYS B 290 14.85 33.04 53.78
N PHE B 291 14.14 34.05 53.27
CA PHE B 291 13.98 35.31 53.99
C PHE B 291 12.98 35.16 55.14
N LEU B 292 11.83 34.55 54.87
CA LEU B 292 10.87 34.29 55.93
C LEU B 292 11.48 33.39 57.01
N LEU B 293 12.22 32.35 56.63
CA LEU B 293 12.89 31.53 57.64
C LEU B 293 13.95 32.33 58.39
N LEU B 294 14.66 33.23 57.70
CA LEU B 294 15.62 34.09 58.36
C LEU B 294 14.96 35.12 59.28
N LEU B 295 13.65 35.29 59.18
CA LEU B 295 12.94 36.18 60.09
C LEU B 295 12.21 35.45 61.21
N LYS B 296 11.76 34.21 60.97
CA LYS B 296 11.17 33.44 62.05
C LYS B 296 12.15 33.23 63.20
N HIS B 297 13.44 33.18 62.90
CA HIS B 297 14.47 33.01 63.91
C HIS B 297 15.05 34.34 64.39
N HIS B 298 14.60 35.46 63.81
CA HIS B 298 15.17 36.77 64.10
C HIS B 298 16.70 36.74 64.04
N SER B 299 17.22 36.07 63.01
CA SER B 299 18.66 35.88 62.87
C SER B 299 19.38 37.21 62.66
N TYR B 300 18.71 38.19 62.06
CA TYR B 300 19.27 39.51 61.85
C TYR B 300 18.36 40.54 62.49
N THR B 301 18.97 41.56 63.11
CA THR B 301 18.19 42.54 63.87
C THR B 301 17.37 43.44 62.97
N SER B 302 17.85 43.71 61.76
CA SER B 302 17.20 44.64 60.84
C SER B 302 16.74 43.90 59.59
N PRO B 303 15.45 43.96 59.25
CA PRO B 303 14.98 43.29 58.02
C PRO B 303 15.71 43.75 56.77
N TYR B 304 16.19 45.01 56.73
CA TYR B 304 17.00 45.45 55.61
C TYR B 304 18.30 44.66 55.48
N ASP B 305 18.77 44.06 56.58
CA ASP B 305 19.96 43.21 56.52
C ASP B 305 19.60 41.78 56.10
N ALA B 306 18.53 41.23 56.68
CA ALA B 306 18.08 39.91 56.30
C ALA B 306 17.75 39.85 54.81
N PHE B 307 17.11 40.89 54.28
CA PHE B 307 16.82 40.96 52.86
C PHE B 307 18.10 40.88 52.03
N ASP B 308 19.07 41.73 52.37
CA ASP B 308 20.34 41.74 51.64
C ASP B 308 21.00 40.37 51.66
N GLN B 309 21.22 39.82 52.86
CA GLN B 309 21.97 38.58 52.96
C GLN B 309 21.22 37.40 52.35
N ALA B 310 19.89 37.37 52.48
CA ALA B 310 19.11 36.32 51.85
C ALA B 310 19.18 36.41 50.34
N LEU B 311 18.86 37.57 49.78
CA LEU B 311 18.86 37.71 48.33
C LEU B 311 20.24 37.41 47.74
N PHE B 312 21.30 37.84 48.43
CA PHE B 312 22.63 37.63 47.89
C PHE B 312 23.03 36.16 48.00
N GLN B 313 22.69 35.50 49.10
CA GLN B 313 23.18 34.14 49.27
C GLN B 313 22.38 33.17 48.41
N THR B 314 21.07 33.40 48.28
CA THR B 314 20.27 32.61 47.34
C THR B 314 20.74 32.81 45.90
N VAL B 315 20.81 34.07 45.45
CA VAL B 315 21.22 34.30 44.07
C VAL B 315 22.64 33.79 43.82
N SER B 316 23.50 33.79 44.84
CA SER B 316 24.87 33.31 44.66
C SER B 316 24.93 31.79 44.56
N ILE B 317 24.25 31.08 45.45
CA ILE B 317 24.43 29.63 45.51
C ILE B 317 23.48 28.90 44.57
N SER B 318 22.24 29.38 44.44
CA SER B 318 21.29 28.75 43.52
C SER B 318 21.78 28.81 42.09
N THR B 319 22.48 29.88 41.71
CA THR B 319 23.00 30.04 40.35
C THR B 319 24.36 29.39 40.20
N THR B 320 24.77 28.57 41.18
CA THR B 320 26.03 27.83 41.20
C THR B 320 27.22 28.78 40.99
N ALA B 321 27.08 30.01 41.50
CA ALA B 321 28.17 30.98 41.40
C ALA B 321 29.23 30.69 42.45
N GLY B 322 28.84 30.69 43.73
CA GLY B 322 29.74 30.30 44.79
C GLY B 322 30.22 31.42 45.70
N PHE B 323 29.67 32.62 45.56
CA PHE B 323 30.06 33.72 46.42
C PHE B 323 29.41 33.58 47.78
N THR B 324 30.11 34.07 48.81
CA THR B 324 29.59 34.05 50.17
C THR B 324 29.84 35.41 50.81
N THR B 325 28.82 35.90 51.52
CA THR B 325 28.93 37.17 52.24
C THR B 325 28.88 36.99 53.75
N THR B 326 28.57 35.80 54.24
CA THR B 326 28.45 35.56 55.67
C THR B 326 29.03 34.18 56.00
N GLY B 327 29.29 33.98 57.29
CA GLY B 327 29.83 32.73 57.79
C GLY B 327 28.80 31.74 58.28
N PHE B 328 27.52 32.00 58.05
CA PHE B 328 26.42 31.18 58.56
C PHE B 328 26.44 31.07 60.07
N ALA B 329 26.99 32.09 60.74
CA ALA B 329 27.13 32.03 62.19
C ALA B 329 25.78 32.05 62.89
N ASP B 330 24.93 33.02 62.54
CA ASP B 330 23.58 33.11 63.09
C ASP B 330 22.55 32.38 62.26
N TRP B 331 22.95 31.82 61.12
CA TRP B 331 22.00 31.19 60.21
C TRP B 331 21.55 29.84 60.76
N PRO B 332 20.26 29.54 60.76
CA PRO B 332 19.81 28.20 61.14
C PRO B 332 20.36 27.17 60.16
N LEU B 333 20.81 26.04 60.72
CA LEU B 333 21.54 25.06 59.93
C LEU B 333 20.75 24.54 58.72
N PHE B 334 19.42 24.70 58.74
CA PHE B 334 18.61 24.28 57.59
C PHE B 334 18.97 25.06 56.32
N LEU B 335 19.17 26.37 56.46
CA LEU B 335 19.36 27.22 55.28
C LEU B 335 20.62 26.92 54.48
N PRO B 336 21.80 26.74 55.09
CA PRO B 336 22.95 26.32 54.26
C PRO B 336 22.73 25.01 53.53
N VAL B 337 22.04 24.06 54.17
CA VAL B 337 21.75 22.79 53.51
C VAL B 337 20.77 23.00 52.36
N LEU B 338 19.78 23.87 52.56
CA LEU B 338 18.82 24.17 51.51
C LEU B 338 19.50 24.85 50.33
N LEU B 339 20.43 25.76 50.60
CA LEU B 339 21.18 26.40 49.52
C LEU B 339 22.05 25.38 48.77
N LEU B 340 22.69 24.47 49.51
CA LEU B 340 23.50 23.45 48.86
C LEU B 340 22.64 22.56 47.97
N PHE B 341 21.47 22.15 48.46
CA PHE B 341 20.57 21.35 47.64
C PHE B 341 20.06 22.15 46.44
N SER B 342 19.78 23.45 46.64
CA SER B 342 19.31 24.28 45.53
C SER B 342 20.41 24.49 44.48
N SER B 343 21.68 24.30 44.86
CA SER B 343 22.75 24.41 43.87
C SER B 343 22.67 23.35 42.79
N PHE B 344 21.78 22.36 42.94
CA PHE B 344 21.58 21.39 41.87
C PHE B 344 20.83 22.02 40.71
N ILE B 345 19.73 22.71 40.98
CA ILE B 345 19.01 23.39 39.92
C ILE B 345 19.73 24.71 39.68
N GLY B 346 20.80 24.67 38.89
CA GLY B 346 21.66 25.83 38.74
C GLY B 346 21.24 26.80 37.65
N GLY B 347 22.21 27.23 36.87
CA GLY B 347 21.96 28.23 35.84
C GLY B 347 21.21 27.64 34.65
N CYS B 348 20.76 28.55 33.78
CA CYS B 348 20.04 28.14 32.59
C CYS B 348 20.97 27.39 31.64
N ALA B 349 20.36 26.59 30.77
CA ALA B 349 21.11 25.68 29.90
C ALA B 349 22.16 26.43 29.07
N GLY B 350 21.77 27.55 28.47
CA GLY B 350 22.71 28.28 27.65
C GLY B 350 23.48 29.36 28.38
N SER B 351 24.19 28.97 29.44
CA SER B 351 24.95 29.92 30.24
C SER B 351 25.96 29.15 31.08
N THR B 352 26.80 29.90 31.78
CA THR B 352 27.84 29.30 32.59
C THR B 352 27.26 28.69 33.87
N GLY B 353 27.99 27.74 34.42
CA GLY B 353 27.66 27.09 35.69
C GLY B 353 26.88 25.80 35.52
N GLY B 354 27.02 24.92 36.53
CA GLY B 354 26.33 23.66 36.58
C GLY B 354 25.01 23.76 37.32
N GLY B 355 24.47 22.62 37.72
CA GLY B 355 24.85 21.31 37.20
C GLY B 355 23.72 20.90 36.28
N MET B 356 22.70 20.25 36.82
CA MET B 356 21.51 19.96 36.01
C MET B 356 20.81 21.28 35.75
N LYS B 357 20.76 21.70 34.50
CA LYS B 357 20.24 23.02 34.20
C LYS B 357 18.74 23.08 34.51
N VAL B 358 18.24 24.32 34.63
CA VAL B 358 16.87 24.54 35.06
C VAL B 358 15.88 23.98 34.05
N ILE B 359 16.27 23.92 32.77
CA ILE B 359 15.35 23.45 31.75
C ILE B 359 15.04 21.98 31.92
N ARG B 360 16.01 21.17 32.38
CA ARG B 360 15.73 19.77 32.67
C ARG B 360 14.74 19.62 33.83
N ILE B 361 14.68 20.61 34.71
CA ILE B 361 13.72 20.54 35.81
C ILE B 361 12.36 21.01 35.34
N LEU B 362 12.33 21.98 34.43
CA LEU B 362 11.07 22.37 33.81
C LEU B 362 10.48 21.21 33.01
N LEU B 363 11.34 20.47 32.30
CA LEU B 363 10.91 19.26 31.62
C LEU B 363 10.38 18.22 32.59
N LEU B 364 11.07 18.02 33.72
CA LEU B 364 10.58 17.07 34.72
C LEU B 364 9.18 17.46 35.21
N THR B 365 8.99 18.73 35.55
CA THR B 365 7.68 19.21 35.97
C THR B 365 6.64 19.00 34.87
N LEU B 366 6.96 19.42 33.65
CA LEU B 366 6.04 19.27 32.53
C LEU B 366 5.65 17.81 32.32
N GLN B 367 6.60 16.89 32.52
CA GLN B 367 6.29 15.47 32.34
C GLN B 367 5.39 14.97 33.46
N GLY B 368 5.60 15.46 34.69
CA GLY B 368 4.67 15.12 35.74
C GLY B 368 3.25 15.58 35.42
N ALA B 369 3.14 16.81 34.92
CA ALA B 369 1.84 17.32 34.46
C ALA B 369 1.28 16.45 33.34
N ARG B 370 2.15 16.05 32.41
CA ARG B 370 1.76 15.16 31.32
C ARG B 370 1.18 13.85 31.85
N GLU B 371 1.85 13.23 32.81
CA GLU B 371 1.33 11.99 33.39
C GLU B 371 0.02 12.21 34.12
N LEU B 372 -0.16 13.38 34.72
CA LEU B 372 -1.46 13.70 35.32
C LEU B 372 -2.54 13.76 34.24
N LYS B 373 -2.27 14.49 33.16
CA LYS B 373 -3.21 14.61 32.06
C LYS B 373 -3.42 13.28 31.34
N ARG B 374 -2.45 12.37 31.40
CA ARG B 374 -2.60 11.05 30.80
C ARG B 374 -3.39 10.06 31.65
N LEU B 375 -3.27 10.12 32.98
CA LEU B 375 -4.03 9.17 33.78
C LEU B 375 -5.53 9.41 33.64
N VAL B 376 -5.94 10.65 33.55
CA VAL B 376 -7.31 11.01 33.19
C VAL B 376 -7.27 11.20 31.68
N HIS B 377 -8.36 10.92 30.97
CA HIS B 377 -8.29 10.95 29.50
C HIS B 377 -7.19 10.01 29.04
N PRO B 378 -7.28 8.71 29.36
CA PRO B 378 -6.14 7.81 29.07
C PRO B 378 -5.76 7.71 27.61
N ARG B 379 -6.73 7.73 26.70
CA ARG B 379 -6.47 7.55 25.28
C ARG B 379 -6.08 8.84 24.57
N ALA B 380 -6.00 9.97 25.28
CA ALA B 380 -5.63 11.22 24.65
C ALA B 380 -4.15 11.24 24.30
N VAL B 381 -3.81 12.02 23.28
CA VAL B 381 -2.43 12.15 22.80
C VAL B 381 -1.89 13.46 23.36
N TYR B 382 -1.05 13.37 24.38
CA TYR B 382 -0.35 14.51 24.95
C TYR B 382 1.13 14.43 24.61
N THR B 383 1.72 15.58 24.30
CA THR B 383 3.13 15.69 23.98
C THR B 383 3.73 16.88 24.73
N ILE B 384 4.98 16.74 25.16
CA ILE B 384 5.62 17.79 25.94
C ILE B 384 5.85 19.01 25.07
N LYS B 385 4.98 20.01 25.22
CA LYS B 385 5.05 21.22 24.43
C LYS B 385 5.78 22.28 25.25
N VAL B 386 6.87 22.81 24.70
CA VAL B 386 7.67 23.83 25.36
C VAL B 386 7.62 25.08 24.50
N GLY B 387 6.93 26.11 24.99
CA GLY B 387 6.80 27.36 24.27
C GLY B 387 6.10 27.22 22.94
N GLY B 388 5.22 26.23 22.80
CA GLY B 388 4.48 26.00 21.59
C GLY B 388 5.04 24.88 20.72
N SER B 389 6.33 24.60 20.82
CA SER B 389 6.97 23.58 20.01
C SER B 389 7.02 22.27 20.77
N ALA B 390 7.01 21.17 20.02
CA ALA B 390 7.09 19.84 20.59
C ALA B 390 8.53 19.35 20.64
N LEU B 391 8.80 18.44 21.58
CA LEU B 391 10.14 17.95 21.80
C LEU B 391 10.26 16.51 21.30
N PRO B 392 11.31 16.19 20.55
CA PRO B 392 11.49 14.80 20.12
C PRO B 392 11.79 13.89 21.31
N GLN B 393 11.22 12.69 21.28
CA GLN B 393 11.36 11.77 22.41
C GLN B 393 12.81 11.39 22.69
N ARG B 394 13.70 11.59 21.72
CA ARG B 394 15.11 11.26 21.96
C ARG B 394 15.74 12.27 22.91
N VAL B 395 15.45 13.56 22.72
CA VAL B 395 15.96 14.59 23.62
C VAL B 395 15.40 14.39 25.02
N VAL B 396 14.09 14.17 25.11
CA VAL B 396 13.46 14.01 26.42
C VAL B 396 13.96 12.76 27.10
N ASP B 397 14.32 11.71 26.35
CA ASP B 397 14.98 10.56 26.95
C ASP B 397 16.40 10.88 27.38
N ALA B 398 17.05 11.81 26.69
CA ALA B 398 18.42 12.16 27.04
C ALA B 398 18.46 12.93 28.35
N VAL B 399 17.45 13.76 28.60
CA VAL B 399 17.42 14.53 29.84
C VAL B 399 17.39 13.61 31.06
N TRP B 400 16.71 12.47 30.95
CA TRP B 400 16.65 11.56 32.08
C TRP B 400 17.79 10.55 32.09
N GLY B 401 18.38 10.23 30.94
CA GLY B 401 19.67 9.58 30.97
C GLY B 401 20.70 10.45 31.68
N PHE B 402 20.57 11.76 31.53
CA PHE B 402 21.46 12.70 32.22
C PHE B 402 21.21 12.68 33.72
N PHE B 403 19.93 12.71 34.13
CA PHE B 403 19.64 12.61 35.56
C PHE B 403 20.21 11.32 36.15
N SER B 404 20.10 10.22 35.42
CA SER B 404 20.59 8.95 35.94
C SER B 404 22.10 8.94 36.05
N ALA B 405 22.79 9.47 35.03
CA ALA B 405 24.25 9.51 35.08
C ALA B 405 24.73 10.44 36.18
N TYR B 406 24.06 11.59 36.34
CA TYR B 406 24.38 12.52 37.42
C TYR B 406 24.30 11.81 38.77
N ALA B 407 23.19 11.14 39.05
CA ALA B 407 23.02 10.49 40.35
C ALA B 407 24.06 9.39 40.56
N LEU B 408 24.23 8.51 39.57
CA LEU B 408 25.16 7.41 39.72
C LEU B 408 26.62 7.82 39.61
N VAL B 409 26.91 9.08 39.30
CA VAL B 409 28.26 9.61 39.47
C VAL B 409 28.42 10.27 40.83
N PHE B 410 27.39 11.00 41.26
CA PHE B 410 27.37 11.60 42.60
C PHE B 410 27.66 10.56 43.66
N VAL B 411 26.91 9.45 43.64
CA VAL B 411 27.06 8.44 44.69
C VAL B 411 28.46 7.84 44.68
N VAL B 412 29.00 7.58 43.48
CA VAL B 412 30.32 6.98 43.40
C VAL B 412 31.40 7.96 43.88
N CYS B 413 31.23 9.25 43.58
CA CYS B 413 32.18 10.25 44.04
C CYS B 413 32.15 10.35 45.57
N MET B 414 30.96 10.42 46.15
CA MET B 414 30.85 10.50 47.60
C MET B 414 31.46 9.27 48.27
N LEU B 415 31.13 8.07 47.78
CA LEU B 415 31.73 6.87 48.33
C LEU B 415 33.24 6.80 48.10
N GLY B 416 33.76 7.49 47.09
CA GLY B 416 35.19 7.46 46.87
C GLY B 416 35.88 8.36 47.87
N LEU B 417 35.33 9.57 48.06
CA LEU B 417 35.87 10.46 49.08
C LEU B 417 35.83 9.79 50.45
N ILE B 418 34.71 9.15 50.79
CA ILE B 418 34.62 8.45 52.06
C ILE B 418 35.66 7.34 52.14
N ALA B 419 35.88 6.63 51.02
CA ALA B 419 36.88 5.57 51.00
C ALA B 419 38.27 6.11 51.30
N THR B 420 38.57 7.33 50.82
CA THR B 420 39.84 7.95 51.15
C THR B 420 39.90 8.50 52.58
N GLY B 421 38.91 8.20 53.42
CA GLY B 421 38.92 8.62 54.81
C GLY B 421 38.32 9.97 55.08
N MET B 422 37.88 10.69 54.05
CA MET B 422 37.24 11.99 54.25
C MET B 422 35.98 11.84 55.08
N ASP B 423 35.65 12.88 55.83
CA ASP B 423 34.41 12.90 56.61
C ASP B 423 33.21 12.76 55.67
N GLU B 424 32.21 12.00 56.12
CA GLU B 424 31.11 11.61 55.25
C GLU B 424 30.24 12.81 54.87
N LEU B 425 29.66 13.49 55.85
CA LEU B 425 28.88 14.69 55.57
C LEU B 425 29.71 15.70 54.79
N SER B 426 30.99 15.81 55.13
CA SER B 426 31.88 16.69 54.38
C SER B 426 32.09 16.19 52.96
N ALA B 427 32.14 14.86 52.78
CA ALA B 427 32.25 14.32 51.43
C ALA B 427 31.03 14.67 50.59
N PHE B 428 29.84 14.47 51.15
CA PHE B 428 28.61 14.83 50.43
C PHE B 428 28.55 16.32 50.11
N SER B 429 29.12 17.16 50.98
CA SER B 429 29.12 18.58 50.68
C SER B 429 30.14 18.94 49.61
N ALA B 430 31.34 18.37 49.70
CA ALA B 430 32.37 18.62 48.68
C ALA B 430 31.91 18.14 47.32
N VAL B 431 31.20 17.00 47.27
CA VAL B 431 30.67 16.49 46.01
C VAL B 431 29.61 17.44 45.46
N ALA B 432 28.66 17.86 46.31
CA ALA B 432 27.63 18.78 45.83
C ALA B 432 28.22 20.15 45.47
N ALA B 433 29.40 20.48 45.99
CA ALA B 433 30.06 21.73 45.63
C ALA B 433 30.84 21.62 44.32
N THR B 434 31.41 20.44 44.02
CA THR B 434 32.25 20.30 42.84
C THR B 434 31.45 19.81 41.63
N LEU B 435 30.64 18.77 41.80
CA LEU B 435 29.82 18.28 40.69
C LEU B 435 28.86 19.36 40.21
N ASN B 436 28.38 20.22 41.11
CA ASN B 436 27.58 21.37 40.72
C ASN B 436 28.42 22.54 40.24
N ASN B 437 29.74 22.46 40.34
CA ASN B 437 30.63 23.56 40.00
C ASN B 437 30.26 24.82 40.80
N LEU B 438 30.07 24.64 42.10
CA LEU B 438 29.56 25.73 42.94
C LEU B 438 30.63 26.80 43.15
N GLY B 439 31.70 26.57 43.93
CA GLY B 439 32.05 25.35 44.64
C GLY B 439 32.40 25.40 46.13
N PRO B 440 31.86 26.34 46.91
CA PRO B 440 32.05 26.24 48.37
C PRO B 440 31.06 25.28 49.00
N GLY B 441 31.58 24.23 49.62
CA GLY B 441 30.75 23.24 50.31
C GLY B 441 30.84 23.44 51.81
N LEU B 442 29.71 23.31 52.49
CA LEU B 442 29.67 23.53 53.92
C LEU B 442 30.31 22.37 54.69
N GLY B 443 30.64 22.63 55.95
CA GLY B 443 31.18 21.62 56.82
C GLY B 443 32.66 21.74 57.10
N GLU B 444 33.34 20.60 57.13
CA GLU B 444 34.79 20.45 57.29
C GLU B 444 35.54 20.88 56.02
N VAL B 445 34.82 21.34 55.00
CA VAL B 445 35.39 21.46 53.66
C VAL B 445 36.25 22.70 53.40
N ALA B 446 36.15 23.81 54.15
CA ALA B 446 35.07 24.18 55.06
C ALA B 446 33.88 24.93 54.42
N LEU B 447 34.06 25.96 53.58
CA LEU B 447 35.26 26.41 52.84
C LEU B 447 36.25 27.05 53.83
N HIS B 448 37.55 26.71 53.76
CA HIS B 448 38.34 26.53 52.54
C HIS B 448 38.83 25.09 52.33
N PHE B 449 39.01 24.71 51.05
CA PHE B 449 39.39 23.36 50.65
C PHE B 449 40.86 23.02 50.90
N GLY B 450 41.54 23.75 51.78
CA GLY B 450 42.96 23.52 52.01
C GLY B 450 43.30 22.14 52.56
N ASP B 451 42.79 21.85 53.76
CA ASP B 451 43.15 20.66 54.52
C ASP B 451 42.46 19.38 54.06
N VAL B 452 41.91 19.35 52.84
CA VAL B 452 41.29 18.12 52.33
C VAL B 452 42.36 17.03 52.19
N ASN B 453 41.96 15.80 52.48
CA ASN B 453 42.81 14.63 52.28
C ASN B 453 43.38 14.62 50.85
N ASP B 454 44.59 14.09 50.72
CA ASP B 454 45.34 14.22 49.47
C ASP B 454 44.74 13.35 48.37
N LYS B 455 44.43 12.09 48.68
CA LYS B 455 43.81 11.22 47.69
C LYS B 455 42.44 11.73 47.25
N ALA B 456 41.64 12.21 48.21
CA ALA B 456 40.33 12.76 47.90
C ALA B 456 40.39 14.00 47.01
N LYS B 457 41.53 14.71 46.98
CA LYS B 457 41.62 15.91 46.17
C LYS B 457 41.58 15.58 44.67
N TRP B 458 42.17 14.46 44.28
CA TRP B 458 42.10 14.06 42.87
C TRP B 458 40.69 13.63 42.49
N VAL B 459 40.02 12.86 43.35
CA VAL B 459 38.64 12.47 43.07
C VAL B 459 37.75 13.71 43.00
N LEU B 460 38.07 14.73 43.79
CA LEU B 460 37.34 16.00 43.68
C LEU B 460 37.56 16.64 42.32
N ILE B 461 38.81 16.68 41.86
CA ILE B 461 39.11 17.23 40.53
C ILE B 461 38.32 16.47 39.45
N VAL B 462 38.26 15.14 39.58
CA VAL B 462 37.48 14.33 38.64
C VAL B 462 36.01 14.72 38.71
N SER B 463 35.51 14.98 39.91
CA SER B 463 34.09 15.33 40.08
C SER B 463 33.77 16.66 39.41
N MET B 464 34.58 17.69 39.65
CA MET B 464 34.34 18.98 39.00
C MET B 464 34.48 18.87 37.48
N LEU B 465 35.38 18.00 37.00
CA LEU B 465 35.44 17.75 35.56
C LEU B 465 34.13 17.14 35.06
N PHE B 466 33.63 16.13 35.78
CA PHE B 466 32.35 15.51 35.44
C PHE B 466 31.24 16.56 35.36
N GLY B 467 31.15 17.41 36.39
CA GLY B 467 30.12 18.42 36.43
C GLY B 467 30.25 19.48 35.35
N ARG B 468 31.48 19.81 34.95
CA ARG B 468 31.67 20.78 33.88
C ARG B 468 31.29 20.19 32.53
N LEU B 469 31.61 18.91 32.32
CA LEU B 469 31.40 18.25 31.03
C LEU B 469 30.03 17.61 30.90
N GLU B 470 29.15 17.84 31.87
CA GLU B 470 27.79 17.33 31.89
C GLU B 470 27.71 15.83 32.09
N ILE B 471 28.76 15.24 32.70
CA ILE B 471 28.76 13.87 33.20
C ILE B 471 28.70 12.82 32.08
N PHE B 472 28.58 13.25 30.83
CA PHE B 472 28.49 12.27 29.75
C PHE B 472 29.78 12.15 28.95
N THR B 473 30.44 13.28 28.66
CA THR B 473 31.65 13.24 27.85
C THR B 473 32.71 12.34 28.48
N LEU B 474 32.91 12.43 29.80
CA LEU B 474 33.89 11.57 30.46
C LEU B 474 33.40 10.14 30.61
N LEU B 475 32.14 9.97 31.03
CA LEU B 475 31.62 8.62 31.27
C LEU B 475 31.78 7.75 30.04
N ILE B 476 31.67 8.34 28.84
CA ILE B 476 31.85 7.59 27.61
C ILE B 476 33.24 6.98 27.55
N LEU B 477 34.26 7.75 27.94
CA LEU B 477 35.64 7.28 27.88
C LEU B 477 35.86 6.03 28.72
N LEU B 478 35.16 5.92 29.86
CA LEU B 478 35.33 4.75 30.71
C LEU B 478 34.72 3.49 30.09
N THR B 479 33.83 3.63 29.12
CA THR B 479 33.19 2.47 28.52
C THR B 479 34.18 1.67 27.70
N PRO B 480 34.14 0.33 27.79
CA PRO B 480 35.02 -0.47 26.93
C PRO B 480 34.65 -0.41 25.46
N THR B 481 33.35 -0.32 25.15
CA THR B 481 32.89 -0.30 23.77
C THR B 481 33.40 0.90 22.99
N PHE B 482 33.82 1.96 23.67
CA PHE B 482 34.30 3.16 22.98
C PHE B 482 35.58 2.90 22.21
N TRP B 483 36.61 2.41 22.88
CA TRP B 483 37.90 2.18 22.23
C TRP B 483 37.86 0.96 21.33
N GLN C 2 -38.56 2.15 -17.99
CA GLN C 2 -39.75 3.00 -17.90
C GLN C 2 -40.55 2.86 -19.19
N PHE C 3 -40.98 1.62 -19.44
CA PHE C 3 -41.74 1.24 -20.62
C PHE C 3 -43.16 1.81 -20.56
N ARG C 4 -43.73 2.05 -21.73
CA ARG C 4 -45.10 2.53 -21.99
C ARG C 4 -45.25 4.04 -21.86
N SER C 5 -44.17 4.80 -21.63
CA SER C 5 -44.23 6.25 -21.65
C SER C 5 -43.65 6.80 -22.95
N ILE C 6 -43.42 5.92 -23.91
CA ILE C 6 -42.84 6.25 -25.20
C ILE C 6 -43.89 6.82 -26.15
N ILE C 7 -45.16 6.45 -25.97
CA ILE C 7 -46.21 6.85 -26.91
C ILE C 7 -46.24 8.35 -27.14
N ARG C 8 -45.88 9.15 -26.13
CA ARG C 8 -45.81 10.59 -26.32
C ARG C 8 -44.80 10.95 -27.41
N ILE C 9 -43.65 10.28 -27.41
CA ILE C 9 -42.63 10.57 -28.43
C ILE C 9 -43.09 10.04 -29.79
N VAL C 10 -43.69 8.85 -29.82
CA VAL C 10 -44.20 8.31 -31.08
C VAL C 10 -45.19 9.29 -31.71
N GLY C 11 -46.10 9.84 -30.90
CA GLY C 11 -47.04 10.82 -31.42
C GLY C 11 -46.36 12.10 -31.89
N LEU C 12 -45.46 12.63 -31.07
CA LEU C 12 -44.73 13.84 -31.46
C LEU C 12 -43.88 13.63 -32.71
N LEU C 13 -43.49 12.38 -32.97
CA LEU C 13 -42.64 12.02 -34.09
C LEU C 13 -43.45 11.91 -35.38
N LEU C 14 -44.52 11.12 -35.34
CA LEU C 14 -45.34 11.02 -36.54
C LEU C 14 -46.17 12.28 -36.77
N ALA C 15 -46.25 13.21 -35.82
CA ALA C 15 -46.79 14.53 -36.13
C ALA C 15 -45.84 15.32 -37.04
N LEU C 16 -44.55 15.32 -36.70
CA LEU C 16 -43.55 15.88 -37.61
C LEU C 16 -43.60 15.19 -38.97
N PHE C 17 -43.79 13.87 -38.96
CA PHE C 17 -43.85 13.14 -40.22
C PHE C 17 -45.11 13.50 -40.98
N SER C 18 -46.18 13.84 -40.27
CA SER C 18 -47.40 14.31 -40.91
C SER C 18 -47.16 15.64 -41.60
N VAL C 19 -46.44 16.54 -40.91
CA VAL C 19 -46.11 17.84 -41.47
C VAL C 19 -45.27 17.70 -42.74
N THR C 20 -44.40 16.69 -42.77
CA THR C 20 -43.55 16.50 -43.95
C THR C 20 -44.34 16.12 -45.20
N MET C 21 -45.55 15.58 -45.06
CA MET C 21 -46.35 15.16 -46.22
C MET C 21 -46.81 16.32 -47.09
N LEU C 22 -46.92 17.53 -46.53
CA LEU C 22 -47.48 18.65 -47.30
C LEU C 22 -46.60 19.06 -48.47
N ALA C 23 -45.28 19.02 -48.30
CA ALA C 23 -44.40 19.47 -49.39
C ALA C 23 -44.57 18.67 -50.67
N PRO C 24 -44.60 17.32 -50.64
CA PRO C 24 -44.91 16.60 -51.88
C PRO C 24 -46.30 16.89 -52.40
N ALA C 25 -47.28 17.08 -51.51
CA ALA C 25 -48.62 17.47 -51.95
C ALA C 25 -48.59 18.82 -52.64
N LEU C 26 -47.81 19.77 -52.11
CA LEU C 26 -47.67 21.07 -52.75
C LEU C 26 -47.04 20.92 -54.13
N VAL C 27 -46.05 20.03 -54.25
CA VAL C 27 -45.46 19.77 -55.57
C VAL C 27 -46.50 19.19 -56.50
N ALA C 28 -47.39 18.36 -55.97
CA ALA C 28 -48.50 17.82 -56.77
C ALA C 28 -49.41 18.92 -57.27
N LEU C 29 -49.75 19.88 -56.41
CA LEU C 29 -50.60 20.99 -56.83
C LEU C 29 -49.92 21.85 -57.89
N LEU C 30 -48.61 22.06 -57.76
CA LEU C 30 -47.91 22.92 -58.72
C LEU C 30 -47.98 22.33 -60.12
N TYR C 31 -47.69 21.04 -60.25
CA TYR C 31 -47.84 20.38 -61.54
C TYR C 31 -49.31 20.14 -61.87
N ARG C 32 -50.14 19.95 -60.85
CA ARG C 32 -51.59 19.77 -60.89
C ARG C 32 -51.97 18.36 -61.31
N ASP C 33 -50.99 17.46 -61.48
CA ASP C 33 -51.24 16.10 -61.91
C ASP C 33 -50.56 15.15 -60.94
N GLY C 34 -51.17 14.00 -60.72
CA GLY C 34 -50.53 13.06 -59.82
C GLY C 34 -51.33 12.53 -58.65
N ALA C 35 -52.63 12.84 -58.58
CA ALA C 35 -53.51 12.28 -57.56
C ALA C 35 -52.92 12.50 -56.16
N GLY C 36 -52.82 13.78 -55.79
CA GLY C 36 -52.28 14.13 -54.49
C GLY C 36 -53.25 14.09 -53.34
N VAL C 37 -54.48 13.59 -53.56
CA VAL C 37 -55.46 13.54 -52.47
C VAL C 37 -54.94 12.68 -51.33
N PRO C 38 -54.32 11.50 -51.57
CA PRO C 38 -53.82 10.70 -50.45
C PRO C 38 -52.84 11.45 -49.56
N PHE C 39 -52.02 12.34 -50.12
CA PHE C 39 -51.05 13.05 -49.30
C PHE C 39 -51.73 13.88 -48.21
N VAL C 40 -52.78 14.62 -48.58
CA VAL C 40 -53.52 15.39 -47.58
C VAL C 40 -54.31 14.46 -46.66
N THR C 41 -54.82 13.36 -47.21
CA THR C 41 -55.53 12.39 -46.37
C THR C 41 -54.61 11.84 -45.29
N THR C 42 -53.43 11.37 -45.69
CA THR C 42 -52.43 10.87 -44.76
C THR C 42 -52.00 11.96 -43.78
N PHE C 43 -51.86 13.20 -44.26
CA PHE C 43 -51.57 14.31 -43.35
C PHE C 43 -52.58 14.35 -42.21
N PHE C 44 -53.87 14.26 -42.55
CA PHE C 44 -54.89 14.33 -41.50
C PHE C 44 -54.87 13.09 -40.62
N VAL C 45 -54.79 11.89 -41.23
CA VAL C 45 -54.82 10.66 -40.44
C VAL C 45 -53.65 10.59 -39.48
N LEU C 46 -52.46 11.02 -39.92
CA LEU C 46 -51.29 10.93 -39.07
C LEU C 46 -51.26 12.04 -38.03
N LEU C 47 -51.69 13.26 -38.37
CA LEU C 47 -51.78 14.29 -37.34
C LEU C 47 -52.81 13.90 -36.28
N PHE C 48 -53.89 13.24 -36.70
CA PHE C 48 -54.88 12.74 -35.76
C PHE C 48 -54.30 11.63 -34.88
N CYS C 49 -53.50 10.73 -35.47
CA CYS C 49 -52.87 9.69 -34.66
C CYS C 49 -51.89 10.30 -33.67
N GLY C 50 -51.17 11.34 -34.07
CA GLY C 50 -50.27 12.02 -33.16
C GLY C 50 -50.98 12.72 -32.02
N ALA C 51 -52.17 13.24 -32.27
CA ALA C 51 -52.96 13.84 -31.21
C ALA C 51 -53.64 12.78 -30.34
N MET C 52 -54.03 11.66 -30.93
CA MET C 52 -54.74 10.61 -30.21
C MET C 52 -53.95 10.07 -29.03
N CYS C 53 -52.63 10.00 -29.17
CA CYS C 53 -51.77 9.47 -28.11
C CYS C 53 -50.68 10.50 -27.81
N TRP C 54 -51.08 11.59 -27.13
CA TRP C 54 -50.15 12.65 -26.77
C TRP C 54 -50.46 13.13 -25.33
N PHE C 55 -50.15 12.29 -24.36
CA PHE C 55 -50.29 12.69 -22.96
C PHE C 55 -48.89 12.80 -22.34
N PRO C 56 -48.46 14.00 -21.95
CA PRO C 56 -47.12 14.13 -21.34
C PRO C 56 -47.07 13.42 -20.00
N ASN C 57 -46.02 12.62 -19.80
CA ASN C 57 -45.87 11.91 -18.54
C ASN C 57 -44.52 12.18 -17.90
N ARG C 58 -43.42 11.78 -18.55
CA ARG C 58 -42.08 11.96 -17.98
C ARG C 58 -41.21 12.74 -18.96
N ARG C 59 -41.33 14.07 -18.99
CA ARG C 59 -40.40 14.83 -19.80
C ARG C 59 -39.17 15.11 -18.94
N HIS C 60 -38.25 15.94 -19.43
CA HIS C 60 -37.09 16.31 -18.65
C HIS C 60 -36.55 17.64 -19.17
N LYS C 61 -35.75 18.28 -18.33
CA LYS C 61 -35.14 19.57 -18.66
C LYS C 61 -33.92 19.39 -19.56
N SER C 66 -31.66 3.77 -20.58
CA SER C 66 -30.84 3.33 -21.69
C SER C 66 -31.55 2.27 -22.53
N ARG C 67 -32.11 1.27 -21.85
CA ARG C 67 -32.85 0.21 -22.53
C ARG C 67 -34.10 0.73 -23.23
N ASP C 68 -34.54 1.94 -22.93
CA ASP C 68 -35.67 2.53 -23.64
C ASP C 68 -35.29 3.07 -25.01
N GLY C 69 -34.07 3.59 -25.17
CA GLY C 69 -33.68 4.17 -26.45
C GLY C 69 -33.68 3.17 -27.59
N PHE C 70 -33.41 1.90 -27.29
CA PHE C 70 -33.49 0.86 -28.32
C PHE C 70 -34.91 0.75 -28.84
N LEU C 71 -35.89 0.72 -27.94
CA LEU C 71 -37.30 0.68 -28.33
C LEU C 71 -37.79 2.01 -28.85
N ILE C 72 -36.99 3.08 -28.68
CA ILE C 72 -37.30 4.34 -29.33
C ILE C 72 -36.92 4.30 -30.80
N VAL C 73 -35.67 3.94 -31.10
CA VAL C 73 -35.23 3.96 -32.49
C VAL C 73 -35.85 2.81 -33.30
N VAL C 74 -36.16 1.69 -32.66
CA VAL C 74 -36.84 0.63 -33.41
C VAL C 74 -38.22 1.11 -33.84
N LEU C 75 -38.88 1.91 -33.01
CA LEU C 75 -40.16 2.46 -33.42
C LEU C 75 -39.99 3.67 -34.33
N PHE C 76 -38.85 4.36 -34.24
CA PHE C 76 -38.57 5.46 -35.17
C PHE C 76 -38.44 4.95 -36.59
N TRP C 77 -38.06 3.69 -36.76
CA TRP C 77 -38.07 3.15 -38.11
C TRP C 77 -39.32 2.34 -38.44
N THR C 78 -39.81 1.50 -37.54
CA THR C 78 -40.99 0.68 -37.84
C THR C 78 -42.25 1.54 -37.95
N VAL C 79 -42.54 2.34 -36.92
CA VAL C 79 -43.73 3.18 -36.92
C VAL C 79 -43.71 4.11 -38.13
N LEU C 80 -42.60 4.82 -38.34
CA LEU C 80 -42.53 5.75 -39.46
C LEU C 80 -42.65 5.06 -40.80
N GLY C 81 -42.17 3.81 -40.92
CA GLY C 81 -42.39 3.08 -42.16
C GLY C 81 -43.85 2.74 -42.38
N SER C 82 -44.52 2.27 -41.33
CA SER C 82 -45.94 1.95 -41.47
C SER C 82 -46.77 3.20 -41.74
N ALA C 83 -46.38 4.33 -41.15
CA ALA C 83 -47.04 5.59 -41.44
C ALA C 83 -46.80 6.03 -42.88
N GLY C 84 -45.57 5.88 -43.38
CA GLY C 84 -45.27 6.24 -44.75
C GLY C 84 -45.81 5.28 -45.78
N SER C 85 -46.35 4.15 -45.34
CA SER C 85 -46.91 3.18 -46.28
C SER C 85 -48.33 3.50 -46.71
N LEU C 86 -48.91 4.60 -46.21
CA LEU C 86 -50.29 4.97 -46.52
C LEU C 86 -50.44 5.63 -47.90
N PRO C 87 -49.60 6.62 -48.27
CA PRO C 87 -49.76 7.22 -49.61
C PRO C 87 -49.77 6.20 -50.74
N PHE C 88 -48.91 5.19 -50.69
CA PHE C 88 -48.94 4.14 -51.72
C PHE C 88 -50.21 3.30 -51.61
N LEU C 89 -50.69 3.08 -50.39
CA LEU C 89 -51.91 2.28 -50.21
C LEU C 89 -53.13 2.98 -50.79
N ILE C 90 -53.20 4.30 -50.67
CA ILE C 90 -54.42 5.02 -51.05
C ILE C 90 -54.44 5.30 -52.55
N ALA C 91 -53.32 5.80 -53.09
CA ALA C 91 -53.30 6.26 -54.47
C ALA C 91 -53.61 5.12 -55.44
N ASP C 92 -53.97 5.50 -56.67
CA ASP C 92 -54.44 4.54 -57.66
C ASP C 92 -53.49 4.30 -58.82
N ASN C 93 -52.75 5.33 -59.26
CA ASN C 93 -51.91 5.16 -60.44
C ASN C 93 -50.85 4.08 -60.24
N PRO C 94 -50.07 4.07 -59.15
CA PRO C 94 -49.35 2.83 -58.80
C PRO C 94 -50.19 1.99 -57.85
N ASN C 95 -51.09 1.19 -58.40
CA ASN C 95 -51.98 0.35 -57.61
C ASN C 95 -51.21 -0.87 -57.13
N ILE C 96 -50.78 -0.85 -55.88
CA ILE C 96 -49.87 -1.85 -55.34
C ILE C 96 -50.43 -2.42 -54.04
N SER C 97 -50.16 -3.69 -53.81
CA SER C 97 -50.64 -4.39 -52.63
C SER C 97 -50.10 -3.73 -51.35
N VAL C 98 -50.77 -4.03 -50.24
CA VAL C 98 -50.33 -3.55 -48.94
C VAL C 98 -48.89 -3.97 -48.66
N THR C 99 -48.55 -5.21 -49.05
CA THR C 99 -47.17 -5.68 -48.86
C THR C 99 -46.19 -4.87 -49.70
N ASP C 100 -46.49 -4.69 -50.99
CA ASP C 100 -45.64 -3.84 -51.82
C ASP C 100 -45.58 -2.41 -51.29
N ALA C 101 -46.61 -1.98 -50.57
CA ALA C 101 -46.62 -0.62 -50.05
C ALA C 101 -45.69 -0.50 -48.85
N PHE C 102 -45.80 -1.43 -47.90
CA PHE C 102 -44.85 -1.50 -46.80
C PHE C 102 -43.43 -1.61 -47.32
N PHE C 103 -43.21 -2.45 -48.32
CA PHE C 103 -41.88 -2.61 -48.89
C PHE C 103 -41.35 -1.28 -49.43
N GLU C 104 -42.11 -0.65 -50.33
CA GLU C 104 -41.63 0.59 -50.93
C GLU C 104 -41.43 1.69 -49.90
N SER C 105 -42.29 1.75 -48.89
CA SER C 105 -42.16 2.78 -47.88
C SER C 105 -40.93 2.56 -47.02
N PHE C 106 -40.75 1.32 -46.52
CA PHE C 106 -39.60 1.02 -45.69
C PHE C 106 -38.31 1.23 -46.47
N SER C 107 -38.24 0.71 -47.69
CA SER C 107 -37.03 0.85 -48.50
C SER C 107 -36.73 2.33 -48.78
N ALA C 108 -37.76 3.12 -49.08
CA ALA C 108 -37.56 4.55 -49.24
C ALA C 108 -37.01 5.19 -47.98
N LEU C 109 -37.55 4.81 -46.83
CA LEU C 109 -37.17 5.47 -45.58
C LEU C 109 -35.89 4.86 -45.01
N THR C 110 -35.74 3.53 -45.09
CA THR C 110 -34.56 2.84 -44.60
C THR C 110 -33.36 2.97 -45.54
N THR C 111 -33.44 3.81 -46.57
CA THR C 111 -32.35 4.18 -47.47
C THR C 111 -31.94 3.04 -48.40
N THR C 112 -32.52 1.85 -48.26
CA THR C 112 -32.24 0.74 -49.18
C THR C 112 -32.94 0.97 -50.52
N GLY C 113 -32.16 0.97 -51.60
CA GLY C 113 -32.70 1.34 -52.90
C GLY C 113 -33.69 0.38 -53.52
N ALA C 114 -34.14 -0.62 -52.77
CA ALA C 114 -35.03 -1.64 -53.31
C ALA C 114 -36.39 -1.03 -53.67
N THR C 115 -36.96 -1.50 -54.78
CA THR C 115 -38.25 -1.01 -55.24
C THR C 115 -39.10 -2.17 -55.76
N VAL C 116 -40.42 -2.00 -55.68
CA VAL C 116 -41.38 -2.98 -56.16
C VAL C 116 -42.35 -2.41 -57.16
N ILE C 117 -42.23 -1.14 -57.52
CA ILE C 117 -43.09 -0.52 -58.53
C ILE C 117 -42.32 -0.44 -59.85
N VAL C 118 -42.92 -0.96 -60.91
CA VAL C 118 -42.36 -0.90 -62.25
C VAL C 118 -43.16 0.14 -63.04
N GLY C 119 -42.46 0.89 -63.90
CA GLY C 119 -43.09 1.97 -64.63
C GLY C 119 -43.00 3.29 -63.89
N LEU C 120 -41.79 3.66 -63.49
CA LEU C 120 -41.60 4.89 -62.72
C LEU C 120 -41.74 6.11 -63.60
N ASP C 121 -41.28 6.04 -64.85
CA ASP C 121 -41.36 7.19 -65.76
C ASP C 121 -42.78 7.72 -65.87
N GLU C 122 -43.73 6.87 -66.25
CA GLU C 122 -45.12 7.28 -66.41
C GLU C 122 -45.87 7.16 -65.08
N LEU C 123 -45.38 7.89 -64.09
CA LEU C 123 -45.93 7.87 -62.75
C LEU C 123 -46.16 9.29 -62.26
N PRO C 124 -47.15 9.47 -61.36
CA PRO C 124 -47.40 10.79 -60.77
C PRO C 124 -46.18 11.44 -60.15
N LYS C 125 -45.81 12.63 -60.65
CA LYS C 125 -44.64 13.33 -60.12
C LYS C 125 -44.75 13.58 -58.62
N ALA C 126 -45.95 13.52 -58.05
CA ALA C 126 -46.09 13.64 -56.60
C ALA C 126 -45.51 12.41 -55.89
N ILE C 127 -45.89 11.22 -56.34
CA ILE C 127 -45.50 10.00 -55.64
C ILE C 127 -44.00 9.79 -55.72
N LEU C 128 -43.44 9.81 -56.93
CA LEU C 128 -42.01 9.59 -57.06
C LEU C 128 -41.18 10.78 -56.59
N PHE C 129 -41.81 11.88 -56.17
CA PHE C 129 -41.12 12.90 -55.39
C PHE C 129 -41.11 12.51 -53.92
N TYR C 130 -42.27 12.13 -53.39
CA TYR C 130 -42.37 11.66 -52.01
C TYR C 130 -41.43 10.48 -51.75
N ARG C 131 -41.14 9.67 -52.77
CA ARG C 131 -40.18 8.58 -52.61
C ARG C 131 -38.78 9.12 -52.34
N GLN C 132 -38.33 10.08 -53.14
CA GLN C 132 -37.01 10.65 -52.94
C GLN C 132 -36.97 11.47 -51.65
N PHE C 133 -38.11 12.04 -51.27
CA PHE C 133 -38.15 12.82 -50.03
C PHE C 133 -38.09 11.90 -48.83
N LEU C 134 -38.73 10.73 -48.90
CA LEU C 134 -38.53 9.71 -47.86
C LEU C 134 -37.07 9.33 -47.74
N GLN C 135 -36.40 9.12 -48.88
CA GLN C 135 -34.97 8.83 -48.84
C GLN C 135 -34.20 9.96 -48.15
N TRP C 136 -34.52 11.21 -48.50
CA TRP C 136 -33.87 12.37 -47.87
C TRP C 136 -34.14 12.44 -46.36
N PHE C 137 -35.38 12.13 -45.98
CA PHE C 137 -35.78 12.16 -44.57
C PHE C 137 -35.03 11.13 -43.76
N GLY C 138 -35.13 9.86 -44.15
CA GLY C 138 -34.32 8.86 -43.48
C GLY C 138 -32.83 9.10 -43.61
N GLY C 139 -32.42 9.87 -44.62
CA GLY C 139 -31.02 10.28 -44.71
C GLY C 139 -30.61 11.16 -43.55
N MET C 140 -31.42 12.18 -43.25
CA MET C 140 -31.15 12.99 -42.06
C MET C 140 -31.21 12.10 -40.81
N GLY C 141 -32.27 11.31 -40.70
CA GLY C 141 -32.44 10.42 -39.56
C GLY C 141 -31.22 9.58 -39.25
N ILE C 142 -30.53 9.12 -40.30
CA ILE C 142 -29.36 8.26 -40.09
C ILE C 142 -28.29 9.01 -39.31
N ILE C 143 -27.86 10.16 -39.84
CA ILE C 143 -26.74 10.87 -39.23
C ILE C 143 -27.16 11.48 -37.90
N VAL C 144 -28.43 11.86 -37.76
CA VAL C 144 -28.92 12.39 -36.49
C VAL C 144 -28.92 11.31 -35.41
N LEU C 145 -29.17 10.06 -35.79
CA LEU C 145 -29.12 8.97 -34.81
C LEU C 145 -27.69 8.53 -34.54
N ALA C 146 -27.02 7.99 -35.57
CA ALA C 146 -25.74 7.31 -35.41
C ALA C 146 -24.64 8.20 -34.82
N VAL C 147 -24.74 9.53 -34.92
CA VAL C 147 -23.69 10.37 -34.35
C VAL C 147 -24.08 10.84 -32.95
N ALA C 148 -25.38 10.94 -32.68
CA ALA C 148 -25.86 11.50 -31.43
C ALA C 148 -26.42 10.44 -30.49
N ILE C 149 -26.39 9.16 -30.87
CA ILE C 149 -26.72 8.05 -29.99
C ILE C 149 -25.63 7.00 -30.16
N LEU C 150 -24.77 6.88 -29.15
CA LEU C 150 -23.64 5.97 -29.25
C LEU C 150 -23.60 4.80 -28.27
N PRO C 151 -24.73 4.22 -27.83
CA PRO C 151 -24.60 2.93 -27.10
C PRO C 151 -23.98 1.86 -27.97
N VAL C 152 -24.23 1.92 -29.27
CA VAL C 152 -23.59 1.04 -30.25
C VAL C 152 -22.88 1.98 -31.23
N LEU C 153 -21.64 2.31 -30.92
CA LEU C 153 -20.93 3.36 -31.66
C LEU C 153 -20.58 2.90 -33.08
N GLY C 154 -19.81 1.82 -33.20
CA GLY C 154 -19.32 1.39 -34.49
C GLY C 154 -18.41 2.40 -35.16
N MET C 174 -13.33 19.76 -26.92
CA MET C 174 -12.80 18.51 -27.44
C MET C 174 -13.96 17.62 -27.90
N THR C 175 -15.12 17.80 -27.27
CA THR C 175 -16.35 17.12 -27.65
C THR C 175 -17.43 18.20 -27.67
N PRO C 176 -18.07 18.46 -28.81
CA PRO C 176 -19.04 19.56 -28.89
C PRO C 176 -20.43 19.17 -28.38
N ARG C 177 -21.34 20.13 -28.53
CA ARG C 177 -22.72 20.03 -28.09
C ARG C 177 -23.52 19.06 -28.95
N ILE C 178 -24.60 18.53 -28.37
CA ILE C 178 -25.46 17.59 -29.08
C ILE C 178 -26.28 18.33 -30.15
N ALA C 179 -26.93 19.43 -29.77
CA ALA C 179 -27.84 20.09 -30.68
C ALA C 179 -27.10 20.97 -31.70
N GLU C 180 -26.03 21.63 -31.27
CA GLU C 180 -25.29 22.48 -32.20
C GLU C 180 -24.69 21.66 -33.33
N THR C 181 -24.29 20.41 -33.05
CA THR C 181 -23.85 19.55 -34.14
C THR C 181 -25.02 18.87 -34.83
N ALA C 182 -26.11 18.60 -34.10
CA ALA C 182 -27.33 18.10 -34.72
C ALA C 182 -27.84 19.04 -35.80
N LYS C 183 -27.50 20.32 -35.72
CA LYS C 183 -27.86 21.26 -36.77
C LYS C 183 -26.70 21.63 -37.69
N ALA C 184 -25.45 21.54 -37.24
CA ALA C 184 -24.33 21.71 -38.17
C ALA C 184 -24.32 20.60 -39.22
N LEU C 185 -24.66 19.37 -38.80
CA LEU C 185 -24.85 18.30 -39.76
C LEU C 185 -25.98 18.61 -40.72
N TRP C 186 -27.11 19.07 -40.20
CA TRP C 186 -28.23 19.43 -41.08
C TRP C 186 -27.83 20.51 -42.08
N TYR C 187 -26.96 21.43 -41.67
CA TYR C 187 -26.51 22.48 -42.58
C TYR C 187 -25.59 21.92 -43.66
N ILE C 188 -24.70 21.00 -43.30
CA ILE C 188 -23.87 20.35 -44.31
C ILE C 188 -24.74 19.50 -45.24
N TYR C 189 -25.67 18.74 -44.66
CA TYR C 189 -26.58 17.88 -45.39
C TYR C 189 -27.49 18.66 -46.32
N LEU C 190 -27.67 19.96 -46.09
CA LEU C 190 -28.46 20.76 -47.02
C LEU C 190 -27.60 21.51 -48.03
N SER C 191 -26.42 22.00 -47.63
CA SER C 191 -25.52 22.60 -48.60
C SER C 191 -25.01 21.57 -49.59
N LEU C 192 -25.12 20.29 -49.26
CA LEU C 192 -24.68 19.26 -50.19
C LEU C 192 -25.77 18.96 -51.20
N THR C 193 -26.98 18.67 -50.72
CA THR C 193 -28.07 18.41 -51.65
C THR C 193 -28.32 19.61 -52.56
N ILE C 194 -28.08 20.83 -52.07
CA ILE C 194 -28.17 22.00 -52.93
C ILE C 194 -27.04 22.02 -53.96
N ALA C 195 -25.78 21.92 -53.51
CA ALA C 195 -24.67 21.98 -54.44
C ALA C 195 -24.70 20.85 -55.46
N CYS C 196 -25.40 19.76 -55.17
CA CYS C 196 -25.50 18.65 -56.10
C CYS C 196 -26.69 18.77 -57.04
N ALA C 197 -27.86 19.16 -56.52
CA ALA C 197 -29.00 19.43 -57.39
C ALA C 197 -28.67 20.51 -58.40
N VAL C 198 -27.86 21.50 -58.01
CA VAL C 198 -27.49 22.56 -58.95
C VAL C 198 -26.65 22.00 -60.09
N ALA C 199 -25.60 21.25 -59.77
CA ALA C 199 -24.76 20.67 -60.81
C ALA C 199 -25.52 19.68 -61.68
N PHE C 200 -26.47 18.94 -61.09
CA PHE C 200 -27.33 18.05 -61.87
C PHE C 200 -28.13 18.84 -62.88
N TRP C 201 -28.87 19.85 -62.42
CA TRP C 201 -29.67 20.67 -63.32
C TRP C 201 -28.81 21.45 -64.32
N LEU C 202 -27.54 21.67 -63.98
CA LEU C 202 -26.59 22.28 -64.92
C LEU C 202 -26.12 21.30 -65.98
N ALA C 203 -26.14 20.00 -65.68
CA ALA C 203 -25.70 18.99 -66.63
C ALA C 203 -26.83 18.52 -67.55
N GLY C 204 -27.95 19.24 -67.57
CA GLY C 204 -29.06 18.91 -68.43
C GLY C 204 -30.05 17.98 -67.77
N MET C 205 -30.64 18.43 -66.67
CA MET C 205 -31.61 17.67 -65.91
C MET C 205 -32.76 18.59 -65.53
N THR C 206 -33.98 18.06 -65.59
CA THR C 206 -35.13 18.78 -65.08
C THR C 206 -34.88 19.17 -63.61
N PRO C 207 -35.20 20.39 -63.21
CA PRO C 207 -35.02 20.75 -61.78
C PRO C 207 -35.77 19.81 -60.86
N PHE C 208 -36.88 19.25 -61.33
CA PHE C 208 -37.56 18.21 -60.58
C PHE C 208 -36.67 16.97 -60.44
N ASP C 209 -36.20 16.43 -61.58
CA ASP C 209 -35.31 15.29 -61.51
C ASP C 209 -34.01 15.62 -60.81
N ALA C 210 -33.59 16.89 -60.82
CA ALA C 210 -32.36 17.25 -60.14
C ALA C 210 -32.54 17.19 -58.62
N ILE C 211 -33.67 17.70 -58.12
CA ILE C 211 -33.95 17.60 -56.70
C ILE C 211 -34.16 16.13 -56.31
N SER C 212 -34.98 15.42 -57.10
CA SER C 212 -35.28 14.02 -56.81
C SER C 212 -34.05 13.14 -56.83
N HIS C 213 -33.02 13.51 -57.60
CA HIS C 213 -31.80 12.71 -57.63
C HIS C 213 -30.72 13.22 -56.71
N SER C 214 -30.85 14.43 -56.17
CA SER C 214 -29.92 14.81 -55.11
C SER C 214 -30.40 14.31 -53.76
N PHE C 215 -31.73 14.26 -53.57
CA PHE C 215 -32.32 13.61 -52.40
C PHE C 215 -31.80 12.19 -52.23
N SER C 216 -31.45 11.53 -53.34
CA SER C 216 -31.07 10.13 -53.31
C SER C 216 -29.59 9.90 -53.55
N THR C 217 -28.86 10.86 -54.12
CA THR C 217 -27.42 10.73 -54.22
C THR C 217 -26.70 11.23 -52.98
N ILE C 218 -27.32 12.10 -52.18
CA ILE C 218 -26.67 12.51 -50.95
C ILE C 218 -27.01 11.58 -49.80
N ALA C 219 -28.28 11.17 -49.68
CA ALA C 219 -28.67 10.20 -48.67
C ALA C 219 -28.11 8.80 -48.94
N ILE C 220 -27.45 8.59 -50.08
CA ILE C 220 -26.88 7.30 -50.43
C ILE C 220 -28.01 6.26 -50.41
N GLY C 221 -29.09 6.55 -51.14
CA GLY C 221 -30.27 5.71 -51.12
C GLY C 221 -30.35 4.71 -52.24
N GLY C 222 -30.29 5.19 -53.48
CA GLY C 222 -30.44 4.35 -54.65
C GLY C 222 -31.74 4.47 -55.40
N PHE C 223 -32.54 5.51 -55.15
CA PHE C 223 -33.82 5.69 -55.81
C PHE C 223 -33.71 6.67 -56.96
N SER C 224 -34.55 6.45 -57.96
CA SER C 224 -34.67 7.36 -59.08
C SER C 224 -36.12 7.36 -59.54
N THR C 225 -36.48 8.41 -60.29
CA THR C 225 -37.81 8.51 -60.86
C THR C 225 -37.95 7.73 -62.16
N HIS C 226 -36.91 7.01 -62.58
CA HIS C 226 -36.89 6.30 -63.85
C HIS C 226 -36.61 4.82 -63.63
N ASP C 227 -37.21 3.99 -64.49
CA ASP C 227 -37.00 2.55 -64.43
C ASP C 227 -35.56 2.16 -64.69
N ALA C 228 -34.77 3.04 -65.31
CA ALA C 228 -33.38 2.76 -65.60
C ALA C 228 -32.43 3.36 -64.56
N SER C 229 -32.96 3.93 -63.48
CA SER C 229 -32.16 4.55 -62.42
C SER C 229 -31.31 5.63 -63.06
N MET C 230 -29.99 5.59 -62.95
CA MET C 230 -29.14 6.62 -63.51
C MET C 230 -28.71 6.30 -64.94
N GLY C 231 -29.28 5.25 -65.53
CA GLY C 231 -29.03 4.94 -66.92
C GLY C 231 -29.90 5.72 -67.88
N TYR C 232 -31.01 6.28 -67.38
CA TYR C 232 -31.89 7.08 -68.22
C TYR C 232 -31.14 8.30 -68.76
N PHE C 233 -30.41 8.98 -67.89
CA PHE C 233 -29.54 10.05 -68.34
C PHE C 233 -28.31 9.41 -68.95
N ASP C 234 -27.87 9.91 -70.10
CA ASP C 234 -26.69 9.39 -70.76
C ASP C 234 -25.70 10.52 -70.96
N SER C 235 -25.07 10.95 -69.87
CA SER C 235 -24.08 12.01 -69.89
C SER C 235 -22.91 11.61 -69.01
N TYR C 236 -21.69 11.73 -69.54
CA TYR C 236 -20.50 11.48 -68.74
C TYR C 236 -20.47 12.39 -67.50
N ALA C 237 -20.98 13.61 -67.65
CA ALA C 237 -20.88 14.60 -66.57
C ALA C 237 -21.72 14.21 -65.36
N ILE C 238 -22.99 13.84 -65.57
CA ILE C 238 -23.82 13.42 -64.44
C ILE C 238 -23.20 12.21 -63.74
N ASN C 239 -22.58 11.30 -64.50
CA ASN C 239 -21.91 10.16 -63.88
C ASN C 239 -20.78 10.63 -62.99
N LEU C 240 -19.95 11.55 -63.49
CA LEU C 240 -18.83 12.04 -62.68
C LEU C 240 -19.32 12.81 -61.46
N ILE C 241 -20.41 13.55 -61.60
CA ILE C 241 -20.96 14.31 -60.47
C ILE C 241 -21.50 13.36 -59.41
N THR C 242 -22.24 12.34 -59.83
CA THR C 242 -22.71 11.33 -58.90
C THR C 242 -21.56 10.64 -58.19
N VAL C 243 -20.50 10.29 -58.93
CA VAL C 243 -19.33 9.68 -58.30
C VAL C 243 -18.76 10.61 -57.23
N VAL C 244 -18.64 11.89 -57.56
CA VAL C 244 -18.03 12.83 -56.64
C VAL C 244 -18.88 12.99 -55.38
N PHE C 245 -20.18 13.26 -55.55
CA PHE C 245 -21.02 13.47 -54.39
C PHE C 245 -21.38 12.18 -53.66
N LEU C 246 -21.12 11.02 -54.26
CA LEU C 246 -21.22 9.78 -53.51
C LEU C 246 -20.02 9.59 -52.61
N LEU C 247 -18.82 9.87 -53.15
CA LEU C 247 -17.64 9.82 -52.28
C LEU C 247 -17.75 10.84 -51.15
N ILE C 248 -18.20 12.06 -51.45
CA ILE C 248 -18.39 13.08 -50.42
C ILE C 248 -19.43 12.65 -49.40
N SER C 249 -20.54 12.02 -49.82
CA SER C 249 -21.60 11.72 -48.88
C SER C 249 -21.38 10.43 -48.11
N ALA C 250 -20.57 9.51 -48.64
CA ALA C 250 -20.18 8.32 -47.91
C ALA C 250 -19.12 8.61 -46.86
N CYS C 251 -18.49 9.79 -46.92
CA CYS C 251 -17.45 10.16 -45.99
C CYS C 251 -18.04 10.58 -44.65
N ASN C 252 -17.23 10.40 -43.60
CA ASN C 252 -17.69 10.67 -42.23
C ASN C 252 -18.08 12.14 -42.08
N PHE C 253 -19.36 12.38 -41.81
CA PHE C 253 -19.87 13.75 -41.71
C PHE C 253 -19.22 14.52 -40.57
N THR C 254 -18.85 13.83 -39.48
CA THR C 254 -18.07 14.47 -38.43
C THR C 254 -16.78 15.08 -38.98
N LEU C 255 -16.23 14.48 -40.04
CA LEU C 255 -15.03 15.02 -40.65
C LEU C 255 -15.35 16.23 -41.54
N HIS C 256 -16.53 16.25 -42.16
CA HIS C 256 -16.98 17.45 -42.86
C HIS C 256 -17.22 18.60 -41.89
N PHE C 257 -17.61 18.28 -40.65
CA PHE C 257 -17.77 19.32 -39.63
C PHE C 257 -16.49 20.13 -39.48
N ALA C 258 -15.32 19.49 -39.63
CA ALA C 258 -14.07 20.22 -39.60
C ALA C 258 -13.92 21.15 -40.80
N ALA C 259 -14.53 20.79 -41.93
CA ALA C 259 -14.54 21.66 -43.09
C ALA C 259 -15.57 22.77 -42.97
N PHE C 260 -16.51 22.67 -42.03
CA PHE C 260 -17.52 23.70 -41.83
C PHE C 260 -17.15 24.70 -40.74
N ALA C 261 -16.71 24.21 -39.58
CA ALA C 261 -16.43 25.08 -38.44
C ALA C 261 -15.30 26.05 -38.76
N SER C 262 -15.61 27.35 -38.71
CA SER C 262 -14.67 28.44 -38.94
C SER C 262 -14.12 28.46 -40.37
N GLY C 263 -14.66 27.61 -41.25
CA GLY C 263 -14.11 27.53 -42.59
C GLY C 263 -12.79 26.79 -42.59
N GLY C 264 -12.02 27.00 -43.65
CA GLY C 264 -11.21 25.95 -44.19
C GLY C 264 -9.90 25.75 -43.46
N VAL C 265 -9.97 25.14 -42.26
CA VAL C 265 -8.82 25.12 -41.37
C VAL C 265 -7.68 24.32 -41.99
N HIS C 266 -8.02 23.19 -42.59
CA HIS C 266 -7.25 22.59 -43.66
C HIS C 266 -8.21 22.01 -44.68
N PRO C 267 -7.78 21.86 -45.93
CA PRO C 267 -8.50 21.01 -46.87
C PRO C 267 -8.02 19.57 -46.89
N LYS C 268 -6.93 19.29 -46.18
CA LYS C 268 -6.38 17.94 -46.08
C LYS C 268 -6.44 17.42 -44.64
N TYR C 269 -7.40 17.93 -43.86
CA TYR C 269 -7.78 17.25 -42.63
C TYR C 269 -8.34 15.87 -42.90
N TYR C 270 -8.85 15.64 -44.11
CA TYR C 270 -9.39 14.33 -44.47
C TYR C 270 -8.30 13.27 -44.47
N TRP C 271 -7.21 13.52 -45.21
CA TRP C 271 -6.16 12.51 -45.37
C TRP C 271 -5.48 12.12 -44.06
N LYS C 272 -5.71 12.87 -42.98
CA LYS C 272 -5.17 12.47 -41.69
C LYS C 272 -5.97 11.33 -41.08
N ASP C 273 -7.28 11.33 -41.30
CA ASP C 273 -8.19 10.29 -40.83
C ASP C 273 -7.86 8.96 -41.51
N PRO C 274 -7.37 7.95 -40.79
CA PRO C 274 -7.02 6.69 -41.47
C PRO C 274 -8.23 5.95 -42.03
N GLU C 275 -9.43 6.27 -41.57
CA GLU C 275 -10.63 5.71 -42.18
C GLU C 275 -10.80 6.22 -43.60
N PHE C 276 -10.57 7.53 -43.80
CA PHE C 276 -10.60 8.10 -45.15
C PHE C 276 -9.57 7.43 -46.04
N ARG C 277 -8.35 7.24 -45.52
CA ARG C 277 -7.30 6.60 -46.30
C ARG C 277 -7.69 5.19 -46.71
N ALA C 278 -8.24 4.41 -45.78
CA ALA C 278 -8.70 3.07 -46.14
C ALA C 278 -9.86 3.10 -47.13
N PHE C 279 -10.72 4.13 -47.03
CA PHE C 279 -11.84 4.25 -47.94
C PHE C 279 -11.39 4.55 -49.36
N ILE C 280 -10.44 5.48 -49.50
CA ILE C 280 -9.91 5.81 -50.83
C ILE C 280 -9.12 4.65 -51.40
N PHE C 281 -8.35 3.95 -50.54
CA PHE C 281 -7.65 2.75 -51.00
C PHE C 281 -8.62 1.73 -51.56
N ILE C 282 -9.70 1.45 -50.83
CA ILE C 282 -10.67 0.46 -51.28
C ILE C 282 -11.30 0.91 -52.59
N GLN C 283 -11.69 2.18 -52.68
CA GLN C 283 -12.39 2.63 -53.88
C GLN C 283 -11.47 2.59 -55.10
N VAL C 284 -10.20 2.96 -54.93
CA VAL C 284 -9.28 2.97 -56.07
C VAL C 284 -8.94 1.54 -56.49
N LEU C 285 -8.65 0.67 -55.53
CA LEU C 285 -8.32 -0.71 -55.86
C LEU C 285 -9.48 -1.39 -56.58
N LEU C 286 -10.67 -1.38 -55.95
CA LEU C 286 -11.84 -1.99 -56.57
C LEU C 286 -12.14 -1.37 -57.93
N PHE C 287 -11.89 -0.07 -58.08
CA PHE C 287 -12.11 0.57 -59.37
C PHE C 287 -11.20 -0.03 -60.43
N LEU C 288 -9.89 0.01 -60.20
CA LEU C 288 -8.98 -0.38 -61.27
C LEU C 288 -9.01 -1.89 -61.51
N VAL C 289 -9.38 -2.70 -60.51
CA VAL C 289 -9.56 -4.13 -60.81
C VAL C 289 -10.81 -4.34 -61.66
N CYS C 290 -11.88 -3.57 -61.39
CA CYS C 290 -13.07 -3.71 -62.22
C CYS C 290 -12.81 -3.20 -63.63
N PHE C 291 -11.93 -2.21 -63.76
CA PHE C 291 -11.63 -1.63 -65.07
C PHE C 291 -10.76 -2.57 -65.90
N LEU C 292 -9.68 -3.08 -65.30
CA LEU C 292 -8.85 -4.06 -65.99
C LEU C 292 -9.65 -5.29 -66.39
N LEU C 293 -10.49 -5.81 -65.48
CA LEU C 293 -11.35 -6.93 -65.86
C LEU C 293 -12.36 -6.55 -66.93
N LEU C 294 -12.87 -5.32 -66.91
CA LEU C 294 -13.75 -4.84 -67.97
C LEU C 294 -13.03 -4.68 -69.29
N LEU C 295 -11.70 -4.73 -69.28
CA LEU C 295 -10.94 -4.68 -70.53
C LEU C 295 -10.43 -6.05 -70.99
N LYS C 296 -10.15 -6.97 -70.06
CA LYS C 296 -9.78 -8.32 -70.46
C LYS C 296 -10.87 -8.99 -71.28
N HIS C 297 -12.13 -8.66 -71.00
CA HIS C 297 -13.27 -9.26 -71.69
C HIS C 297 -13.78 -8.44 -72.86
N HIS C 298 -13.18 -7.27 -73.12
CA HIS C 298 -13.66 -6.34 -74.15
C HIS C 298 -15.15 -6.08 -74.00
N SER C 299 -15.58 -5.86 -72.75
CA SER C 299 -16.99 -5.66 -72.48
C SER C 299 -17.52 -4.37 -73.10
N TYR C 300 -16.66 -3.36 -73.26
CA TYR C 300 -17.03 -2.10 -73.88
C TYR C 300 -16.10 -1.80 -75.04
N THR C 301 -16.67 -1.22 -76.11
CA THR C 301 -15.91 -0.99 -77.33
C THR C 301 -14.87 0.11 -77.16
N SER C 302 -15.14 1.10 -76.30
CA SER C 302 -14.26 2.24 -76.11
C SER C 302 -13.72 2.23 -74.69
N PRO C 303 -12.40 2.23 -74.49
CA PRO C 303 -11.86 2.25 -73.12
C PRO C 303 -12.32 3.44 -72.30
N TYR C 304 -12.60 4.58 -72.91
CA TYR C 304 -13.17 5.69 -72.15
C TYR C 304 -14.54 5.33 -71.57
N ASP C 305 -15.24 4.41 -72.21
CA ASP C 305 -16.52 3.95 -71.71
C ASP C 305 -16.34 2.94 -70.60
N ALA C 306 -15.41 2.00 -70.77
CA ALA C 306 -15.11 1.08 -69.68
C ALA C 306 -14.69 1.85 -68.44
N PHE C 307 -13.88 2.90 -68.61
CA PHE C 307 -13.50 3.77 -67.50
C PHE C 307 -14.72 4.41 -66.85
N ASP C 308 -15.56 5.07 -67.65
CA ASP C 308 -16.75 5.74 -67.11
C ASP C 308 -17.62 4.77 -66.33
N GLN C 309 -18.03 3.68 -66.98
CA GLN C 309 -18.99 2.76 -66.38
C GLN C 309 -18.39 2.04 -65.18
N ALA C 310 -17.08 1.72 -65.23
CA ALA C 310 -16.44 1.10 -64.09
C ALA C 310 -16.43 2.05 -62.90
N LEU C 311 -15.93 3.27 -63.09
CA LEU C 311 -15.85 4.19 -61.97
C LEU C 311 -17.23 4.44 -61.37
N PHE C 312 -18.26 4.55 -62.22
CA PHE C 312 -19.58 4.85 -61.67
C PHE C 312 -20.17 3.65 -60.96
N GLN C 313 -19.96 2.43 -61.48
CA GLN C 313 -20.63 1.29 -60.88
C GLN C 313 -19.92 0.88 -59.59
N THR C 314 -18.59 0.98 -59.56
CA THR C 314 -17.86 0.77 -58.31
C THR C 314 -18.27 1.80 -57.26
N VAL C 315 -18.19 3.10 -57.58
CA VAL C 315 -18.52 4.10 -56.58
C VAL C 315 -19.98 3.99 -56.15
N SER C 316 -20.86 3.52 -57.04
CA SER C 316 -22.27 3.39 -56.68
C SER C 316 -22.52 2.20 -55.75
N ILE C 317 -21.95 1.03 -56.07
CA ILE C 317 -22.32 -0.16 -55.31
C ILE C 317 -21.42 -0.34 -54.09
N SER C 318 -20.13 -0.05 -54.22
CA SER C 318 -19.21 -0.19 -53.08
C SER C 318 -19.62 0.74 -51.95
N THR C 319 -20.11 1.93 -52.29
CA THR C 319 -20.51 2.92 -51.30
C THR C 319 -21.97 2.76 -50.90
N THR C 320 -22.54 1.59 -51.18
CA THR C 320 -23.92 1.20 -50.83
C THR C 320 -24.96 2.22 -51.30
N ALA C 321 -24.72 2.81 -52.47
CA ALA C 321 -25.69 3.76 -52.99
C ALA C 321 -26.81 3.02 -53.70
N GLY C 322 -26.48 2.27 -54.74
CA GLY C 322 -27.44 1.44 -55.42
C GLY C 322 -27.84 1.91 -56.80
N PHE C 323 -27.17 2.94 -57.32
CA PHE C 323 -27.50 3.41 -58.65
C PHE C 323 -26.85 2.50 -59.69
N THR C 324 -27.52 2.38 -60.83
CA THR C 324 -27.02 1.58 -61.94
C THR C 324 -27.19 2.34 -63.23
N THR C 325 -26.17 2.27 -64.08
CA THR C 325 -26.21 2.89 -65.40
C THR C 325 -26.27 1.86 -66.52
N THR C 326 -26.06 0.59 -66.21
CA THR C 326 -26.07 -0.47 -67.22
C THR C 326 -26.76 -1.69 -66.62
N GLY C 327 -27.13 -2.61 -67.50
CA GLY C 327 -27.77 -3.85 -67.08
C GLY C 327 -26.82 -4.99 -66.86
N PHE C 328 -25.50 -4.74 -66.87
CA PHE C 328 -24.49 -5.78 -66.74
C PHE C 328 -24.63 -6.83 -67.85
N ALA C 329 -25.16 -6.42 -69.00
CA ALA C 329 -25.44 -7.36 -70.08
C ALA C 329 -24.16 -7.96 -70.65
N ASP C 330 -23.20 -7.10 -71.00
CA ASP C 330 -21.91 -7.57 -71.48
C ASP C 330 -20.89 -7.74 -70.37
N TRP C 331 -21.25 -7.40 -69.14
CA TRP C 331 -20.31 -7.45 -68.04
C TRP C 331 -20.07 -8.90 -67.64
N PRO C 332 -18.82 -9.32 -67.46
CA PRO C 332 -18.56 -10.67 -66.96
C PRO C 332 -19.11 -10.81 -65.55
N LEU C 333 -19.72 -11.96 -65.26
CA LEU C 333 -20.47 -12.15 -64.02
C LEU C 333 -19.62 -11.90 -62.78
N PHE C 334 -18.29 -11.98 -62.92
CA PHE C 334 -17.42 -11.70 -61.79
C PHE C 334 -17.61 -10.28 -61.30
N LEU C 335 -17.74 -9.32 -62.22
CA LEU C 335 -17.83 -7.92 -61.78
C LEU C 335 -19.11 -7.66 -60.98
N PRO C 336 -20.30 -8.09 -61.42
CA PRO C 336 -21.46 -7.95 -60.52
C PRO C 336 -21.30 -8.71 -59.21
N VAL C 337 -20.70 -9.89 -59.21
CA VAL C 337 -20.55 -10.62 -57.96
C VAL C 337 -19.58 -9.88 -57.03
N LEU C 338 -18.49 -9.35 -57.59
CA LEU C 338 -17.51 -8.60 -56.81
C LEU C 338 -18.10 -7.31 -56.27
N LEU C 339 -18.91 -6.61 -57.07
CA LEU C 339 -19.56 -5.40 -56.57
C LEU C 339 -20.53 -5.73 -55.44
N LEU C 340 -21.29 -6.81 -55.58
CA LEU C 340 -22.21 -7.20 -54.50
C LEU C 340 -21.44 -7.53 -53.23
N PHE C 341 -20.35 -8.29 -53.35
CA PHE C 341 -19.54 -8.60 -52.19
C PHE C 341 -18.90 -7.35 -51.59
N SER C 342 -18.47 -6.41 -52.44
CA SER C 342 -17.90 -5.16 -51.96
C SER C 342 -18.93 -4.28 -51.28
N SER C 343 -20.21 -4.50 -51.54
CA SER C 343 -21.24 -3.71 -50.87
C SER C 343 -21.26 -3.98 -49.37
N PHE C 344 -20.54 -4.99 -48.91
CA PHE C 344 -20.45 -5.26 -47.47
C PHE C 344 -19.65 -4.18 -46.78
N ILE C 345 -18.50 -3.80 -47.36
CA ILE C 345 -17.67 -2.72 -46.81
C ILE C 345 -18.22 -1.43 -47.39
N GLY C 346 -19.24 -0.89 -46.72
CA GLY C 346 -19.93 0.24 -47.31
C GLY C 346 -19.37 1.60 -46.95
N GLY C 347 -20.26 2.52 -46.60
CA GLY C 347 -19.84 3.87 -46.31
C GLY C 347 -19.12 3.98 -44.98
N CYS C 348 -18.42 5.11 -44.80
CA CYS C 348 -17.73 5.36 -43.54
C CYS C 348 -18.72 5.36 -42.37
N ALA C 349 -18.18 5.31 -41.15
CA ALA C 349 -19.02 5.20 -39.98
C ALA C 349 -19.93 6.41 -39.80
N GLY C 350 -19.40 7.61 -39.96
CA GLY C 350 -20.21 8.81 -39.80
C GLY C 350 -20.86 9.30 -41.08
N SER C 351 -21.73 8.48 -41.67
CA SER C 351 -22.35 8.83 -42.94
C SER C 351 -23.54 7.91 -43.16
N THR C 352 -24.26 8.15 -44.25
CA THR C 352 -25.44 7.38 -44.54
C THR C 352 -25.08 5.99 -45.06
N GLY C 353 -26.04 5.08 -45.01
CA GLY C 353 -25.91 3.76 -45.57
C GLY C 353 -24.81 2.93 -44.94
N GLY C 354 -24.44 1.89 -45.68
CA GLY C 354 -23.41 0.94 -45.32
C GLY C 354 -23.96 -0.29 -44.61
N GLY C 355 -23.19 -1.37 -44.71
CA GLY C 355 -23.34 -2.51 -43.84
C GLY C 355 -22.25 -2.41 -42.80
N MET C 356 -21.31 -3.35 -42.78
CA MET C 356 -20.19 -3.21 -41.86
C MET C 356 -19.32 -2.07 -42.39
N LYS C 357 -19.25 -0.98 -41.64
CA LYS C 357 -18.57 0.21 -42.12
C LYS C 357 -17.07 -0.06 -42.34
N VAL C 358 -16.43 0.86 -43.08
CA VAL C 358 -15.05 0.67 -43.47
C VAL C 358 -14.13 0.63 -42.26
N ILE C 359 -14.52 1.30 -41.17
CA ILE C 359 -13.66 1.36 -40.00
C ILE C 359 -13.57 0.01 -39.33
N ARG C 360 -14.64 -0.79 -39.34
CA ARG C 360 -14.57 -2.15 -38.81
C ARG C 360 -13.63 -3.02 -39.62
N ILE C 361 -13.46 -2.71 -40.91
CA ILE C 361 -12.55 -3.50 -41.73
C ILE C 361 -11.12 -3.02 -41.53
N LEU C 362 -10.95 -1.72 -41.30
CA LEU C 362 -9.63 -1.21 -40.95
C LEU C 362 -9.19 -1.79 -39.61
N LEU C 363 -10.11 -1.90 -38.66
CA LEU C 363 -9.83 -2.57 -37.38
C LEU C 363 -9.48 -4.04 -37.59
N LEU C 364 -10.22 -4.75 -38.44
CA LEU C 364 -9.89 -6.14 -38.73
C LEU C 364 -8.46 -6.26 -39.27
N THR C 365 -8.12 -5.42 -40.25
CA THR C 365 -6.78 -5.42 -40.81
C THR C 365 -5.73 -5.11 -39.74
N LEU C 366 -5.96 -4.05 -38.96
CA LEU C 366 -5.02 -3.66 -37.92
C LEU C 366 -4.80 -4.77 -36.90
N GLN C 367 -5.87 -5.50 -36.55
CA GLN C 367 -5.70 -6.58 -35.57
C GLN C 367 -4.95 -7.76 -36.17
N GLY C 368 -5.20 -8.06 -37.45
CA GLY C 368 -4.38 -9.06 -38.11
C GLY C 368 -2.91 -8.65 -38.13
N ALA C 369 -2.66 -7.37 -38.42
CA ALA C 369 -1.29 -6.86 -38.40
C ALA C 369 -0.68 -6.97 -37.00
N ARG C 370 -1.45 -6.66 -35.96
CA ARG C 370 -0.95 -6.80 -34.59
C ARG C 370 -0.54 -8.23 -34.29
N GLU C 371 -1.41 -9.19 -34.63
CA GLU C 371 -1.07 -10.58 -34.41
C GLU C 371 0.14 -10.99 -35.23
N LEU C 372 0.33 -10.38 -36.40
CA LEU C 372 1.55 -10.61 -37.16
C LEU C 372 2.77 -10.04 -36.43
N LYS C 373 2.67 -8.77 -35.97
CA LYS C 373 3.77 -8.09 -35.29
C LYS C 373 4.20 -8.83 -34.04
N ARG C 374 3.33 -9.62 -33.47
CA ARG C 374 3.70 -10.47 -32.34
C ARG C 374 4.56 -11.70 -32.77
N LEU C 375 5.08 -11.66 -34.01
CA LEU C 375 5.84 -12.78 -34.57
C LEU C 375 7.11 -13.06 -33.77
N VAL C 376 7.88 -12.02 -33.46
CA VAL C 376 9.15 -12.15 -32.76
C VAL C 376 9.16 -11.42 -31.43
N HIS C 377 8.07 -10.73 -31.09
CA HIS C 377 8.01 -9.94 -29.86
C HIS C 377 6.81 -10.39 -29.04
N PRO C 378 6.89 -11.57 -28.44
CA PRO C 378 5.75 -12.06 -27.64
C PRO C 378 5.48 -11.19 -26.44
N ARG C 379 6.54 -10.70 -25.80
CA ARG C 379 6.46 -9.94 -24.57
C ARG C 379 6.22 -8.45 -24.82
N ALA C 380 6.14 -8.03 -26.08
CA ALA C 380 5.92 -6.62 -26.38
C ALA C 380 4.46 -6.27 -26.19
N VAL C 381 4.21 -5.01 -25.85
CA VAL C 381 2.87 -4.50 -25.65
C VAL C 381 2.47 -3.76 -26.93
N TYR C 382 1.62 -4.38 -27.73
CA TYR C 382 1.05 -3.77 -28.91
C TYR C 382 -0.41 -3.41 -28.64
N THR C 383 -0.83 -2.25 -29.11
CA THR C 383 -2.19 -1.77 -28.93
C THR C 383 -2.74 -1.23 -30.24
N ILE C 384 -4.04 -1.43 -30.45
CA ILE C 384 -4.69 -1.01 -31.69
C ILE C 384 -4.75 0.50 -31.73
N LYS C 385 -3.84 1.11 -32.48
CA LYS C 385 -3.73 2.56 -32.56
C LYS C 385 -4.42 3.03 -33.84
N VAL C 386 -5.40 3.91 -33.68
CA VAL C 386 -6.12 4.50 -34.82
C VAL C 386 -5.89 6.02 -34.79
N GLY C 387 -5.13 6.51 -35.75
CA GLY C 387 -4.85 7.93 -35.83
C GLY C 387 -4.10 8.48 -34.63
N GLY C 388 -3.31 7.65 -33.96
CA GLY C 388 -2.55 8.04 -32.81
C GLY C 388 -3.16 7.65 -31.48
N SER C 389 -4.49 7.49 -31.43
CA SER C 389 -5.19 7.15 -30.20
C SER C 389 -5.38 5.65 -30.11
N ALA C 390 -5.43 5.15 -28.87
CA ALA C 390 -5.66 3.74 -28.62
C ALA C 390 -7.14 3.47 -28.41
N LEU C 391 -7.55 2.24 -28.72
CA LEU C 391 -8.95 1.87 -28.63
C LEU C 391 -9.18 0.97 -27.43
N PRO C 392 -10.21 1.24 -26.62
CA PRO C 392 -10.52 0.36 -25.49
C PRO C 392 -10.99 -1.00 -25.99
N GLN C 393 -10.56 -2.04 -25.26
CA GLN C 393 -10.86 -3.41 -25.67
C GLN C 393 -12.37 -3.68 -25.75
N ARG C 394 -13.19 -2.84 -25.11
CA ARG C 394 -14.64 -3.03 -25.21
C ARG C 394 -15.15 -2.66 -26.60
N VAL C 395 -14.66 -1.57 -27.16
CA VAL C 395 -15.06 -1.17 -28.51
C VAL C 395 -14.60 -2.23 -29.52
N VAL C 396 -13.34 -2.64 -29.41
CA VAL C 396 -12.79 -3.60 -30.35
C VAL C 396 -13.48 -4.96 -30.20
N ASP C 397 -13.94 -5.30 -28.99
CA ASP C 397 -14.75 -6.50 -28.82
C ASP C 397 -16.14 -6.33 -29.43
N ALA C 398 -16.65 -5.10 -29.43
CA ALA C 398 -17.98 -4.87 -29.99
C ALA C 398 -17.96 -4.98 -31.50
N VAL C 399 -16.85 -4.56 -32.13
CA VAL C 399 -16.75 -4.63 -33.59
C VAL C 399 -16.85 -6.08 -34.06
N TRP C 400 -16.31 -7.02 -33.28
CA TRP C 400 -16.38 -8.41 -33.69
C TRP C 400 -17.64 -9.11 -33.21
N GLY C 401 -18.24 -8.65 -32.12
CA GLY C 401 -19.62 -9.05 -31.85
C GLY C 401 -20.53 -8.63 -32.98
N PHE C 402 -20.25 -7.48 -33.60
CA PHE C 402 -21.02 -7.04 -34.76
C PHE C 402 -20.78 -7.93 -35.96
N PHE C 403 -19.52 -8.27 -36.24
CA PHE C 403 -19.26 -9.22 -37.34
C PHE C 403 -20.01 -10.53 -37.13
N SER C 404 -20.04 -11.02 -35.89
CA SER C 404 -20.72 -12.28 -35.62
C SER C 404 -22.23 -12.14 -35.80
N ALA C 405 -22.80 -11.03 -35.33
CA ALA C 405 -24.23 -10.82 -35.49
C ALA C 405 -24.60 -10.66 -36.95
N TYR C 406 -23.79 -9.91 -37.71
CA TYR C 406 -24.01 -9.78 -39.15
C TYR C 406 -24.08 -11.15 -39.81
N ALA C 407 -23.07 -11.99 -39.58
CA ALA C 407 -23.03 -13.29 -40.25
C ALA C 407 -24.21 -14.16 -39.84
N LEU C 408 -24.46 -14.27 -38.53
CA LEU C 408 -25.54 -15.14 -38.05
C LEU C 408 -26.92 -14.56 -38.25
N VAL C 409 -27.04 -13.32 -38.74
CA VAL C 409 -28.32 -12.81 -39.21
C VAL C 409 -28.47 -13.02 -40.72
N PHE C 410 -27.38 -12.81 -41.45
CA PHE C 410 -27.35 -13.08 -42.89
C PHE C 410 -27.81 -14.50 -43.18
N VAL C 411 -27.22 -15.47 -42.47
CA VAL C 411 -27.55 -16.87 -42.75
C VAL C 411 -29.02 -17.16 -42.47
N VAL C 412 -29.56 -16.61 -41.39
CA VAL C 412 -30.96 -16.88 -41.05
C VAL C 412 -31.89 -16.22 -42.06
N CYS C 413 -31.55 -15.02 -42.53
CA CYS C 413 -32.38 -14.38 -43.54
C CYS C 413 -32.35 -15.16 -44.85
N MET C 414 -31.15 -15.58 -45.28
CA MET C 414 -31.04 -16.35 -46.51
C MET C 414 -31.84 -17.65 -46.43
N LEU C 415 -31.70 -18.39 -45.31
CA LEU C 415 -32.48 -19.60 -45.14
C LEU C 415 -33.97 -19.32 -45.03
N GLY C 416 -34.35 -18.11 -44.64
CA GLY C 416 -35.76 -17.79 -44.56
C GLY C 416 -36.32 -17.55 -45.94
N LEU C 417 -35.61 -16.76 -46.75
CA LEU C 417 -36.02 -16.57 -48.13
C LEU C 417 -36.09 -17.90 -48.88
N ILE C 418 -35.05 -18.73 -48.72
CA ILE C 418 -35.03 -20.02 -49.39
C ILE C 418 -36.20 -20.88 -48.93
N ALA C 419 -36.53 -20.83 -47.63
CA ALA C 419 -37.64 -21.62 -47.11
C ALA C 419 -38.97 -21.25 -47.78
N THR C 420 -39.17 -19.96 -48.08
CA THR C 420 -40.37 -19.52 -48.76
C THR C 420 -40.39 -19.86 -50.25
N GLY C 421 -39.45 -20.66 -50.75
CA GLY C 421 -39.45 -21.06 -52.14
C GLY C 421 -38.70 -20.12 -53.07
N MET C 422 -38.16 -19.02 -52.57
CA MET C 422 -37.36 -18.12 -53.39
C MET C 422 -36.16 -18.85 -53.94
N ASP C 423 -35.69 -18.41 -55.12
CA ASP C 423 -34.49 -18.98 -55.69
C ASP C 423 -33.33 -18.74 -54.75
N GLU C 424 -32.47 -19.76 -54.60
CA GLU C 424 -31.45 -19.74 -53.57
C GLU C 424 -30.37 -18.69 -53.84
N LEU C 425 -29.67 -18.82 -54.96
CA LEU C 425 -28.67 -17.83 -55.33
C LEU C 425 -29.27 -16.42 -55.36
N SER C 426 -30.50 -16.32 -55.86
CA SER C 426 -31.20 -15.04 -55.85
C SER C 426 -31.51 -14.60 -54.43
N ALA C 427 -31.82 -15.54 -53.55
CA ALA C 427 -32.05 -15.20 -52.15
C ALA C 427 -30.79 -14.62 -51.53
N PHE C 428 -29.65 -15.26 -51.76
CA PHE C 428 -28.38 -14.76 -51.23
C PHE C 428 -28.08 -13.37 -51.75
N SER C 429 -28.48 -13.08 -52.99
CA SER C 429 -28.23 -11.74 -53.51
C SER C 429 -29.20 -10.73 -52.92
N ALA C 430 -30.48 -11.08 -52.81
CA ALA C 430 -31.45 -10.17 -52.20
C ALA C 430 -31.10 -9.86 -50.76
N VAL C 431 -30.60 -10.87 -50.03
CA VAL C 431 -30.17 -10.66 -48.65
C VAL C 431 -28.99 -9.70 -48.60
N ALA C 432 -27.97 -9.95 -49.42
CA ALA C 432 -26.83 -9.05 -49.41
C ALA C 432 -27.20 -7.66 -49.92
N ALA C 433 -28.30 -7.53 -50.66
CA ALA C 433 -28.77 -6.23 -51.13
C ALA C 433 -29.56 -5.48 -50.08
N THR C 434 -30.30 -6.18 -49.23
CA THR C 434 -31.16 -5.52 -48.24
C THR C 434 -30.44 -5.29 -46.92
N LEU C 435 -29.76 -6.31 -46.39
CA LEU C 435 -29.01 -6.13 -45.15
C LEU C 435 -27.93 -5.06 -45.29
N ASN C 436 -27.36 -4.91 -46.49
CA ASN C 436 -26.41 -3.83 -46.75
C ASN C 436 -27.10 -2.50 -47.06
N ASN C 437 -28.43 -2.48 -47.19
CA ASN C 437 -29.16 -1.28 -47.60
C ASN C 437 -28.64 -0.76 -48.93
N LEU C 438 -28.48 -1.68 -49.89
CA LEU C 438 -27.84 -1.34 -51.15
C LEU C 438 -28.75 -0.47 -52.02
N GLY C 439 -29.85 -0.97 -52.60
CA GLY C 439 -30.39 -2.32 -52.51
C GLY C 439 -30.74 -3.10 -53.79
N PRO C 440 -30.06 -2.85 -54.92
CA PRO C 440 -30.26 -3.74 -56.07
C PRO C 440 -29.42 -5.01 -55.96
N GLY C 441 -30.10 -6.15 -55.93
CA GLY C 441 -29.42 -7.44 -55.87
C GLY C 441 -29.44 -8.14 -57.21
N LEU C 442 -28.31 -8.76 -57.56
CA LEU C 442 -28.20 -9.41 -58.85
C LEU C 442 -28.99 -10.72 -58.86
N GLY C 443 -29.23 -11.23 -60.07
CA GLY C 443 -29.95 -12.48 -60.17
C GLY C 443 -31.37 -12.30 -60.66
N GLU C 444 -32.29 -13.04 -60.04
CA GLU C 444 -33.70 -12.91 -60.37
C GLU C 444 -34.29 -11.58 -59.91
N VAL C 445 -33.52 -10.79 -59.17
CA VAL C 445 -34.05 -9.60 -58.53
C VAL C 445 -33.84 -8.33 -59.38
N ALA C 446 -32.74 -8.26 -60.13
CA ALA C 446 -32.27 -7.02 -60.73
C ALA C 446 -33.00 -6.74 -62.04
N LEU C 447 -33.79 -5.66 -62.08
CA LEU C 447 -34.05 -4.85 -60.90
C LEU C 447 -35.53 -4.51 -60.79
N HIS C 448 -36.28 -5.44 -60.21
CA HIS C 448 -37.56 -5.11 -59.56
C HIS C 448 -37.88 -6.25 -58.61
N PHE C 449 -38.37 -5.90 -57.42
CA PHE C 449 -38.77 -6.89 -56.43
C PHE C 449 -40.22 -7.33 -56.60
N GLY C 450 -40.80 -7.13 -57.77
CA GLY C 450 -42.19 -7.44 -58.01
C GLY C 450 -42.54 -8.91 -57.82
N ASP C 451 -41.93 -9.79 -58.60
CA ASP C 451 -42.30 -11.20 -58.59
C ASP C 451 -41.69 -11.96 -57.42
N VAL C 452 -41.15 -11.26 -56.42
CA VAL C 452 -40.66 -11.92 -55.22
C VAL C 452 -41.83 -12.52 -54.44
N ASN C 453 -41.61 -13.70 -53.86
CA ASN C 453 -42.59 -14.30 -52.96
C ASN C 453 -42.98 -13.30 -51.88
N ASP C 454 -44.26 -13.37 -51.46
CA ASP C 454 -44.80 -12.35 -50.57
C ASP C 454 -44.23 -12.52 -49.17
N LYS C 455 -44.20 -13.75 -48.66
CA LYS C 455 -43.57 -14.02 -47.37
C LYS C 455 -42.10 -13.64 -47.42
N ALA C 456 -41.43 -13.97 -48.53
CA ALA C 456 -40.05 -13.53 -48.70
C ALA C 456 -39.95 -12.02 -48.77
N LYS C 457 -41.02 -11.34 -49.21
CA LYS C 457 -41.00 -9.89 -49.22
C LYS C 457 -41.05 -9.35 -47.79
N TRP C 458 -41.79 -10.01 -46.91
CA TRP C 458 -41.80 -9.60 -45.51
C TRP C 458 -40.47 -9.90 -44.84
N VAL C 459 -39.90 -11.08 -45.11
CA VAL C 459 -38.59 -11.41 -44.56
C VAL C 459 -37.55 -10.41 -45.06
N LEU C 460 -37.70 -9.94 -46.29
CA LEU C 460 -36.84 -8.87 -46.79
C LEU C 460 -37.03 -7.59 -45.99
N ILE C 461 -38.28 -7.22 -45.70
CA ILE C 461 -38.51 -6.02 -44.88
C ILE C 461 -37.81 -6.16 -43.53
N VAL C 462 -37.90 -7.34 -42.93
CA VAL C 462 -37.21 -7.57 -41.66
C VAL C 462 -35.70 -7.42 -41.83
N SER C 463 -35.15 -7.93 -42.94
CA SER C 463 -33.71 -7.86 -43.16
C SER C 463 -33.26 -6.42 -43.35
N MET C 464 -33.94 -5.66 -44.21
CA MET C 464 -33.58 -4.26 -44.41
C MET C 464 -33.73 -3.46 -43.13
N LEU C 465 -34.67 -3.84 -42.26
CA LEU C 465 -34.71 -3.25 -40.92
C LEU C 465 -33.47 -3.61 -40.14
N PHE C 466 -33.00 -4.86 -40.28
CA PHE C 466 -31.78 -5.29 -39.60
C PHE C 466 -30.61 -4.46 -40.06
N GLY C 467 -30.60 -4.07 -41.34
CA GLY C 467 -29.47 -3.32 -41.85
C GLY C 467 -29.30 -2.00 -41.13
N ARG C 468 -30.38 -1.23 -41.00
CA ARG C 468 -30.28 -0.11 -40.09
C ARG C 468 -30.26 -0.61 -38.65
N LEU C 469 -29.79 0.26 -37.73
CA LEU C 469 -29.65 -0.02 -36.30
C LEU C 469 -28.46 -0.93 -36.03
N GLU C 470 -27.63 -1.19 -37.04
CA GLU C 470 -26.39 -1.98 -36.90
C GLU C 470 -26.63 -3.39 -36.31
N ILE C 471 -27.80 -3.97 -36.57
CA ILE C 471 -28.08 -5.39 -36.29
C ILE C 471 -28.16 -5.72 -34.81
N PHE C 472 -27.94 -4.76 -33.92
CA PHE C 472 -27.99 -5.05 -32.50
C PHE C 472 -29.25 -4.50 -31.84
N THR C 473 -29.61 -3.26 -32.14
CA THR C 473 -30.80 -2.66 -31.55
C THR C 473 -32.02 -3.55 -31.76
N LEU C 474 -32.16 -4.15 -32.96
CA LEU C 474 -33.30 -5.01 -33.22
C LEU C 474 -33.08 -6.42 -32.68
N LEU C 475 -31.88 -6.98 -32.83
CA LEU C 475 -31.62 -8.33 -32.35
C LEU C 475 -31.87 -8.46 -30.85
N ILE C 476 -31.60 -7.40 -30.10
CA ILE C 476 -31.81 -7.43 -28.66
C ILE C 476 -33.27 -7.72 -28.32
N LEU C 477 -34.19 -7.15 -29.09
CA LEU C 477 -35.62 -7.35 -28.81
C LEU C 477 -35.98 -8.83 -28.84
N LEU C 478 -35.37 -9.60 -29.74
CA LEU C 478 -35.63 -11.03 -29.81
C LEU C 478 -35.02 -11.78 -28.63
N THR C 479 -34.04 -11.20 -27.94
CA THR C 479 -33.36 -11.89 -26.85
C THR C 479 -34.30 -12.06 -25.66
N PRO C 480 -34.29 -13.22 -25.00
CA PRO C 480 -35.10 -13.39 -23.79
C PRO C 480 -34.60 -12.54 -22.63
N THR C 481 -33.29 -12.35 -22.50
CA THR C 481 -32.74 -11.59 -21.37
C THR C 481 -33.24 -10.16 -21.33
N PHE C 482 -33.69 -9.61 -22.46
CA PHE C 482 -34.21 -8.25 -22.48
C PHE C 482 -35.51 -8.15 -21.69
N TRP C 483 -36.48 -9.00 -22.02
CA TRP C 483 -37.80 -8.92 -21.41
C TRP C 483 -37.78 -9.43 -19.96
N GLN D 2 -19.68 8.81 37.75
CA GLN D 2 -20.84 8.05 38.22
C GLN D 2 -20.97 8.21 39.73
N PHE D 3 -21.26 9.43 40.15
CA PHE D 3 -21.41 9.74 41.56
C PHE D 3 -22.66 9.09 42.16
N ARG D 4 -22.60 8.82 43.46
CA ARG D 4 -23.62 8.27 44.34
C ARG D 4 -23.80 6.76 44.20
N SER D 5 -23.03 6.08 43.36
CA SER D 5 -23.03 4.63 43.32
C SER D 5 -21.89 4.03 44.13
N ILE D 6 -21.15 4.88 44.86
CA ILE D 6 -20.00 4.45 45.63
C ILE D 6 -20.36 4.15 47.07
N ILE D 7 -21.24 4.97 47.66
CA ILE D 7 -21.63 4.85 49.06
C ILE D 7 -21.99 3.43 49.47
N ARG D 8 -22.54 2.65 48.53
CA ARG D 8 -22.85 1.24 48.82
C ARG D 8 -21.60 0.46 49.18
N ILE D 9 -20.51 0.66 48.43
CA ILE D 9 -19.27 -0.06 48.71
C ILE D 9 -18.63 0.47 49.99
N VAL D 10 -18.62 1.79 50.17
CA VAL D 10 -18.06 2.37 51.39
C VAL D 10 -18.76 1.80 52.63
N GLY D 11 -20.09 1.70 52.57
CA GLY D 11 -20.82 1.11 53.68
C GLY D 11 -20.51 -0.35 53.90
N LEU D 12 -20.50 -1.15 52.83
CA LEU D 12 -20.18 -2.57 52.98
C LEU D 12 -18.75 -2.77 53.46
N LEU D 13 -17.88 -1.79 53.19
CA LEU D 13 -16.47 -1.90 53.52
C LEU D 13 -16.24 -1.57 54.99
N LEU D 14 -16.78 -0.44 55.46
CA LEU D 14 -16.63 -0.18 56.89
C LEU D 14 -17.51 -1.09 57.73
N ALA D 15 -18.47 -1.79 57.11
CA ALA D 15 -19.14 -2.89 57.81
C ALA D 15 -18.21 -4.08 57.99
N LEU D 16 -17.46 -4.43 56.94
CA LEU D 16 -16.41 -5.42 57.09
C LEU D 16 -15.43 -5.01 58.19
N PHE D 17 -15.08 -3.72 58.24
CA PHE D 17 -14.11 -3.27 59.25
C PHE D 17 -14.71 -3.31 60.66
N SER D 18 -16.02 -3.09 60.77
CA SER D 18 -16.67 -3.23 62.06
C SER D 18 -16.61 -4.68 62.50
N VAL D 19 -16.81 -5.61 61.56
CA VAL D 19 -16.67 -7.02 61.89
C VAL D 19 -15.24 -7.33 62.32
N THR D 20 -14.26 -6.65 61.71
CA THR D 20 -12.87 -6.86 62.09
C THR D 20 -12.58 -6.36 63.50
N MET D 21 -13.43 -5.47 64.02
CA MET D 21 -13.23 -4.97 65.38
C MET D 21 -13.35 -6.04 66.47
N LEU D 22 -14.04 -7.17 66.21
CA LEU D 22 -14.25 -8.17 67.27
C LEU D 22 -12.99 -8.89 67.72
N ALA D 23 -12.08 -9.23 66.81
CA ALA D 23 -10.93 -10.02 67.22
C ALA D 23 -10.11 -9.35 68.32
N PRO D 24 -9.78 -8.06 68.23
CA PRO D 24 -9.13 -7.43 69.39
C PRO D 24 -10.07 -7.32 70.58
N ALA D 25 -11.38 -7.14 70.36
CA ALA D 25 -12.33 -7.18 71.48
C ALA D 25 -12.33 -8.54 72.15
N LEU D 26 -12.22 -9.61 71.37
CA LEU D 26 -12.09 -10.94 71.93
C LEU D 26 -10.82 -11.04 72.76
N VAL D 27 -9.73 -10.43 72.28
CA VAL D 27 -8.50 -10.41 73.07
C VAL D 27 -8.68 -9.60 74.35
N ALA D 28 -9.49 -8.55 74.30
CA ALA D 28 -9.77 -7.76 75.51
C ALA D 28 -10.52 -8.59 76.54
N LEU D 29 -11.55 -9.31 76.11
CA LEU D 29 -12.26 -10.20 77.03
C LEU D 29 -11.41 -11.40 77.44
N LEU D 30 -10.38 -11.72 76.66
CA LEU D 30 -9.50 -12.85 77.00
C LEU D 30 -8.82 -12.56 78.34
N TYR D 31 -8.15 -11.41 78.43
CA TYR D 31 -7.53 -10.90 79.65
C TYR D 31 -7.96 -9.44 79.73
N ARG D 32 -8.63 -9.06 80.82
CA ARG D 32 -9.25 -7.74 80.92
C ARG D 32 -8.31 -6.65 81.41
N ASP D 33 -7.37 -6.27 80.53
CA ASP D 33 -6.56 -5.09 80.84
C ASP D 33 -7.42 -3.84 80.85
N GLY D 34 -8.33 -3.72 79.90
CA GLY D 34 -9.25 -2.61 79.81
C GLY D 34 -9.64 -2.37 78.36
N ALA D 35 -10.41 -1.30 78.16
CA ALA D 35 -10.82 -0.80 76.85
C ALA D 35 -11.85 -1.66 76.14
N GLY D 36 -12.51 -2.59 76.83
CA GLY D 36 -13.53 -3.40 76.17
C GLY D 36 -14.71 -2.59 75.68
N VAL D 37 -15.15 -1.59 76.47
CA VAL D 37 -16.34 -0.81 76.11
C VAL D 37 -16.15 -0.07 74.78
N PRO D 38 -15.03 0.64 74.55
CA PRO D 38 -14.86 1.35 73.27
C PRO D 38 -14.99 0.46 72.05
N PHE D 39 -14.42 -0.75 72.13
CA PHE D 39 -14.44 -1.67 71.00
C PHE D 39 -15.87 -2.00 70.58
N VAL D 40 -16.72 -2.34 71.56
CA VAL D 40 -18.10 -2.69 71.26
C VAL D 40 -18.85 -1.46 70.75
N THR D 41 -18.58 -0.31 71.36
CA THR D 41 -19.26 0.92 70.95
C THR D 41 -18.93 1.24 69.50
N THR D 42 -17.65 1.15 69.15
CA THR D 42 -17.22 1.43 67.78
C THR D 42 -17.84 0.41 66.81
N PHE D 43 -17.89 -0.86 67.21
CA PHE D 43 -18.50 -1.87 66.35
C PHE D 43 -19.93 -1.52 66.00
N PHE D 44 -20.72 -1.12 67.00
CA PHE D 44 -22.10 -0.79 66.70
C PHE D 44 -22.20 0.48 65.87
N VAL D 45 -21.47 1.53 66.25
CA VAL D 45 -21.56 2.78 65.50
C VAL D 45 -21.19 2.57 64.04
N LEU D 46 -20.20 1.71 63.78
CA LEU D 46 -19.75 1.50 62.40
C LEU D 46 -20.70 0.60 61.62
N LEU D 47 -21.23 -0.45 62.24
CA LEU D 47 -22.21 -1.26 61.51
C LEU D 47 -23.47 -0.44 61.20
N PHE D 48 -23.86 0.45 62.13
CA PHE D 48 -25.00 1.31 61.89
C PHE D 48 -24.73 2.31 60.77
N CYS D 49 -23.53 2.90 60.74
CA CYS D 49 -23.17 3.81 59.66
C CYS D 49 -23.11 3.06 58.33
N GLY D 50 -22.62 1.82 58.33
CA GLY D 50 -22.59 1.02 57.12
C GLY D 50 -23.97 0.68 56.62
N ALA D 51 -24.93 0.53 57.53
CA ALA D 51 -26.31 0.29 57.08
C ALA D 51 -26.93 1.58 56.56
N MET D 52 -26.63 2.71 57.21
CA MET D 52 -27.09 3.99 56.69
C MET D 52 -26.55 4.25 55.29
N CYS D 53 -25.31 3.82 55.03
CA CYS D 53 -24.70 3.96 53.72
C CYS D 53 -24.97 2.78 52.79
N TRP D 54 -25.73 1.79 53.25
CA TRP D 54 -26.10 0.64 52.43
C TRP D 54 -27.58 0.70 52.06
N PHE D 55 -28.15 1.90 52.06
CA PHE D 55 -29.53 2.14 51.67
C PHE D 55 -29.61 2.38 50.16
N PRO D 56 -28.69 3.15 49.54
CA PRO D 56 -28.74 3.24 48.07
C PRO D 56 -28.20 1.96 47.46
N ASN D 57 -29.08 0.98 47.30
CA ASN D 57 -28.76 -0.31 46.72
C ASN D 57 -29.39 -0.43 45.34
N ARG D 58 -29.04 -1.52 44.64
CA ARG D 58 -29.51 -1.77 43.28
C ARG D 58 -29.02 -0.67 42.32
N ARG D 59 -27.78 -0.24 42.55
CA ARG D 59 -27.16 0.80 41.72
C ARG D 59 -25.74 0.35 41.42
N HIS D 60 -25.46 0.04 40.15
CA HIS D 60 -24.13 -0.39 39.75
C HIS D 60 -23.91 0.00 38.30
N LYS D 61 -22.78 0.67 38.04
CA LYS D 61 -22.41 1.10 36.69
C LYS D 61 -20.91 1.43 36.64
N SER D 66 -13.67 4.39 35.07
CA SER D 66 -12.26 4.45 35.44
C SER D 66 -12.03 5.53 36.50
N ARG D 67 -12.60 6.70 36.29
CA ARG D 67 -12.49 7.79 37.25
C ARG D 67 -13.15 7.48 38.59
N ASP D 68 -13.97 6.43 38.67
CA ASP D 68 -14.57 6.03 39.94
C ASP D 68 -13.60 5.25 40.82
N GLY D 69 -12.75 4.40 40.23
CA GLY D 69 -11.85 3.58 41.03
C GLY D 69 -10.88 4.38 41.86
N PHE D 70 -10.47 5.55 41.36
CA PHE D 70 -9.58 6.42 42.14
C PHE D 70 -10.28 6.87 43.41
N LEU D 71 -11.54 7.27 43.29
CA LEU D 71 -12.34 7.68 44.44
C LEU D 71 -12.79 6.48 45.26
N ILE D 72 -12.63 5.27 44.75
CA ILE D 72 -12.85 4.08 45.56
C ILE D 72 -11.66 3.84 46.49
N VAL D 73 -10.44 3.81 45.93
CA VAL D 73 -9.30 3.52 46.78
C VAL D 73 -8.96 4.69 47.70
N VAL D 74 -9.25 5.93 47.29
CA VAL D 74 -9.03 7.04 48.20
C VAL D 74 -9.97 6.93 49.39
N LEU D 75 -11.18 6.43 49.19
CA LEU D 75 -12.06 6.26 50.34
C LEU D 75 -11.75 4.96 51.08
N PHE D 76 -11.15 3.98 50.41
CA PHE D 76 -10.72 2.77 51.08
C PHE D 76 -9.63 3.07 52.10
N TRP D 77 -8.88 4.14 51.88
CA TRP D 77 -7.92 4.52 52.92
C TRP D 77 -8.44 5.62 53.85
N THR D 78 -9.09 6.66 53.33
CA THR D 78 -9.55 7.76 54.18
C THR D 78 -10.69 7.32 55.09
N VAL D 79 -11.76 6.75 54.52
CA VAL D 79 -12.91 6.31 55.31
C VAL D 79 -12.47 5.30 56.35
N LEU D 80 -11.74 4.27 55.93
CA LEU D 80 -11.32 3.23 56.87
C LEU D 80 -10.38 3.78 57.95
N GLY D 81 -9.57 4.79 57.64
CA GLY D 81 -8.77 5.41 58.67
C GLY D 81 -9.61 6.18 59.68
N SER D 82 -10.60 6.94 59.19
CA SER D 82 -11.47 7.66 60.11
C SER D 82 -12.31 6.71 60.94
N ALA D 83 -12.71 5.57 60.36
CA ALA D 83 -13.39 4.54 61.12
C ALA D 83 -12.49 3.94 62.19
N GLY D 84 -11.22 3.68 61.84
CA GLY D 84 -10.29 3.15 62.81
C GLY D 84 -9.82 4.16 63.85
N SER D 85 -10.17 5.43 63.67
CA SER D 85 -9.79 6.46 64.61
C SER D 85 -10.73 6.56 65.81
N LEU D 86 -11.77 5.73 65.84
CA LEU D 86 -12.77 5.74 66.91
C LEU D 86 -12.31 5.04 68.19
N PRO D 87 -11.73 3.83 68.12
CA PRO D 87 -11.29 3.18 69.37
C PRO D 87 -10.38 4.05 70.24
N PHE D 88 -9.44 4.79 69.64
CA PHE D 88 -8.61 5.70 70.42
C PHE D 88 -9.40 6.87 70.95
N LEU D 89 -10.39 7.34 70.18
CA LEU D 89 -11.20 8.48 70.62
C LEU D 89 -12.05 8.13 71.82
N ILE D 90 -12.57 6.90 71.86
CA ILE D 90 -13.53 6.52 72.90
C ILE D 90 -12.81 6.11 74.18
N ALA D 91 -11.76 5.31 74.05
CA ALA D 91 -11.11 4.71 75.22
C ALA D 91 -10.57 5.77 76.17
N ASP D 92 -10.28 5.33 77.39
CA ASP D 92 -9.89 6.21 78.49
C ASP D 92 -8.42 6.09 78.87
N ASN D 93 -7.85 4.88 78.81
CA ASN D 93 -6.47 4.71 79.26
C ASN D 93 -5.49 5.53 78.44
N PRO D 94 -5.47 5.46 77.08
CA PRO D 94 -4.75 6.48 76.32
C PRO D 94 -5.68 7.61 75.88
N ASN D 95 -5.89 8.57 76.77
CA ASN D 95 -6.77 9.71 76.48
C ASN D 95 -5.99 10.70 75.62
N ILE D 96 -6.26 10.69 74.32
CA ILE D 96 -5.50 11.44 73.33
C ILE D 96 -6.46 12.25 72.48
N SER D 97 -5.99 13.41 72.02
CA SER D 97 -6.81 14.30 71.22
C SER D 97 -7.28 13.60 69.94
N VAL D 98 -8.35 14.15 69.36
CA VAL D 98 -8.90 13.62 68.11
C VAL D 98 -7.83 13.56 67.02
N THR D 99 -6.98 14.58 66.95
CA THR D 99 -5.92 14.61 65.94
C THR D 99 -4.93 13.47 66.16
N ASP D 100 -4.45 13.29 67.39
CA ASP D 100 -3.56 12.17 67.67
C ASP D 100 -4.23 10.83 67.40
N ALA D 101 -5.56 10.77 67.49
CA ALA D 101 -6.27 9.52 67.27
C ALA D 101 -6.33 9.20 65.78
N PHE D 102 -6.75 10.19 64.97
CA PHE D 102 -6.70 10.04 63.52
C PHE D 102 -5.28 9.70 63.06
N PHE D 103 -4.28 10.37 63.61
CA PHE D 103 -2.89 10.09 63.27
C PHE D 103 -2.54 8.63 63.55
N GLU D 104 -2.75 8.17 64.78
CA GLU D 104 -2.38 6.80 65.12
C GLU D 104 -3.14 5.79 64.28
N SER D 105 -4.42 6.07 63.98
CA SER D 105 -5.20 5.13 63.19
C SER D 105 -4.71 5.07 61.76
N PHE D 106 -4.51 6.24 61.13
CA PHE D 106 -4.03 6.27 59.76
C PHE D 106 -2.65 5.62 59.65
N SER D 107 -1.74 6.01 60.53
CA SER D 107 -0.38 5.46 60.48
C SER D 107 -0.39 3.95 60.69
N ALA D 108 -1.23 3.46 61.60
CA ALA D 108 -1.36 2.01 61.77
C ALA D 108 -1.88 1.37 60.49
N LEU D 109 -2.86 1.99 59.85
CA LEU D 109 -3.49 1.38 58.68
C LEU D 109 -2.70 1.67 57.42
N THR D 110 -2.16 2.89 57.29
CA THR D 110 -1.37 3.29 56.13
C THR D 110 0.06 2.73 56.18
N THR D 111 0.34 1.83 57.12
CA THR D 111 1.59 1.06 57.24
C THR D 111 2.77 1.93 57.66
N THR D 112 2.59 3.25 57.81
CA THR D 112 3.66 4.10 58.29
C THR D 112 3.80 3.94 59.80
N GLY D 113 5.00 3.56 60.24
CA GLY D 113 5.24 3.19 61.63
C GLY D 113 5.14 4.33 62.62
N ALA D 114 4.68 5.49 62.16
CA ALA D 114 4.63 6.67 63.02
C ALA D 114 3.62 6.46 64.15
N THR D 115 3.97 6.96 65.35
CA THR D 115 3.13 6.83 66.51
C THR D 115 3.15 8.13 67.31
N VAL D 116 2.05 8.39 68.02
CA VAL D 116 1.92 9.57 68.87
C VAL D 116 1.58 9.24 70.31
N ILE D 117 1.46 7.97 70.66
CA ILE D 117 1.20 7.55 72.03
C ILE D 117 2.50 7.06 72.66
N VAL D 118 2.81 7.60 73.84
CA VAL D 118 3.97 7.23 74.63
C VAL D 118 3.52 6.37 75.81
N GLY D 119 4.34 5.39 76.17
CA GLY D 119 3.96 4.45 77.22
C GLY D 119 3.22 3.24 76.71
N LEU D 120 3.67 2.73 75.56
CA LEU D 120 3.02 1.57 74.95
C LEU D 120 3.12 0.33 75.83
N ASP D 121 4.25 0.17 76.53
CA ASP D 121 4.42 -1.02 77.36
C ASP D 121 3.33 -1.15 78.41
N GLU D 122 3.08 -0.08 79.16
CA GLU D 122 2.05 -0.08 80.20
C GLU D 122 0.72 0.44 79.64
N LEU D 123 0.20 -0.28 78.66
CA LEU D 123 -1.04 0.10 78.00
C LEU D 123 -1.92 -1.15 77.88
N PRO D 124 -3.24 -0.98 77.77
CA PRO D 124 -4.12 -2.16 77.64
C PRO D 124 -3.76 -3.01 76.44
N LYS D 125 -3.52 -4.30 76.70
CA LYS D 125 -3.13 -5.24 75.66
C LYS D 125 -4.14 -5.34 74.52
N ALA D 126 -5.38 -4.92 74.74
CA ALA D 126 -6.36 -4.90 73.64
C ALA D 126 -6.02 -3.84 72.61
N ILE D 127 -5.73 -2.62 73.07
CA ILE D 127 -5.50 -1.51 72.15
C ILE D 127 -4.23 -1.74 71.32
N LEU D 128 -3.12 -2.03 71.99
CA LEU D 128 -1.87 -2.25 71.28
C LEU D 128 -1.85 -3.56 70.51
N PHE D 129 -2.91 -4.37 70.61
CA PHE D 129 -3.13 -5.46 69.68
C PHE D 129 -3.86 -4.95 68.43
N TYR D 130 -4.93 -4.18 68.65
CA TYR D 130 -5.65 -3.57 67.54
C TYR D 130 -4.75 -2.71 66.67
N ARG D 131 -3.68 -2.14 67.24
CA ARG D 131 -2.72 -1.38 66.43
C ARG D 131 -2.00 -2.30 65.45
N GLN D 132 -1.49 -3.44 65.94
CA GLN D 132 -0.81 -4.37 65.05
C GLN D 132 -1.79 -5.00 64.08
N PHE D 133 -3.05 -5.12 64.49
CA PHE D 133 -4.06 -5.70 63.60
C PHE D 133 -4.38 -4.73 62.48
N LEU D 134 -4.43 -3.43 62.79
CA LEU D 134 -4.55 -2.42 61.74
C LEU D 134 -3.39 -2.53 60.76
N GLN D 135 -2.17 -2.67 61.27
CA GLN D 135 -1.03 -2.85 60.36
C GLN D 135 -1.21 -4.09 59.48
N TRP D 136 -1.62 -5.21 60.06
CA TRP D 136 -1.85 -6.44 59.29
C TRP D 136 -2.96 -6.26 58.26
N PHE D 137 -4.02 -5.53 58.65
CA PHE D 137 -5.14 -5.26 57.77
C PHE D 137 -4.68 -4.45 56.57
N GLY D 138 -4.06 -3.29 56.83
CA GLY D 138 -3.50 -2.51 55.76
C GLY D 138 -2.43 -3.25 54.97
N GLY D 139 -1.82 -4.27 55.55
CA GLY D 139 -0.94 -5.14 54.77
C GLY D 139 -1.70 -5.90 53.70
N MET D 140 -2.81 -6.53 54.10
CA MET D 140 -3.67 -7.18 53.10
C MET D 140 -4.20 -6.16 52.10
N GLY D 141 -4.64 -5.00 52.58
CA GLY D 141 -5.18 -3.98 51.69
C GLY D 141 -4.15 -3.53 50.68
N ILE D 142 -2.91 -3.36 51.13
CA ILE D 142 -1.83 -2.93 50.27
C ILE D 142 -1.56 -3.98 49.21
N ILE D 143 -1.41 -5.22 49.65
CA ILE D 143 -1.05 -6.30 48.74
C ILE D 143 -2.16 -6.55 47.74
N VAL D 144 -3.41 -6.61 48.22
CA VAL D 144 -4.55 -6.88 47.37
C VAL D 144 -4.74 -5.76 46.36
N LEU D 145 -4.69 -4.51 46.82
CA LEU D 145 -4.91 -3.40 45.92
C LEU D 145 -3.78 -3.32 44.89
N ALA D 146 -2.53 -3.43 45.35
CA ALA D 146 -1.40 -3.26 44.45
C ALA D 146 -1.42 -4.27 43.31
N VAL D 147 -1.77 -5.52 43.61
CA VAL D 147 -1.73 -6.55 42.57
C VAL D 147 -3.08 -6.75 41.88
N ALA D 148 -4.17 -6.23 42.44
CA ALA D 148 -5.48 -6.42 41.83
C ALA D 148 -6.04 -5.17 41.16
N ILE D 149 -5.25 -4.10 41.02
CA ILE D 149 -5.70 -2.92 40.27
C ILE D 149 -4.47 -2.35 39.57
N LEU D 150 -4.44 -2.50 38.25
CA LEU D 150 -3.29 -2.06 37.48
C LEU D 150 -3.55 -0.91 36.51
N PRO D 151 -4.53 -0.01 36.73
CA PRO D 151 -4.63 1.13 35.80
C PRO D 151 -3.50 2.13 35.95
N VAL D 152 -3.05 2.40 37.17
CA VAL D 152 -2.00 3.38 37.43
C VAL D 152 -0.83 2.70 38.15
N LEU D 153 0.37 2.88 37.59
CA LEU D 153 1.64 2.40 38.15
C LEU D 153 1.54 0.89 38.40
N GLY D 154 1.94 0.40 39.57
CA GLY D 154 1.93 -1.03 39.84
C GLY D 154 3.28 -1.67 39.60
N MET D 174 1.26 -14.30 29.38
CA MET D 174 0.59 -15.19 30.32
C MET D 174 0.13 -14.36 31.52
N THR D 175 -1.18 -14.38 31.78
CA THR D 175 -1.78 -13.70 32.93
C THR D 175 -2.71 -14.70 33.61
N PRO D 176 -2.51 -15.00 34.89
CA PRO D 176 -3.35 -16.00 35.55
C PRO D 176 -4.70 -15.46 36.00
N ARG D 177 -5.42 -16.29 36.75
CA ARG D 177 -6.78 -15.99 37.18
C ARG D 177 -6.79 -14.82 38.17
N ILE D 178 -7.93 -14.13 38.22
CA ILE D 178 -8.05 -12.96 39.09
C ILE D 178 -8.21 -13.37 40.54
N ALA D 179 -9.14 -14.28 40.82
CA ALA D 179 -9.46 -14.64 42.20
C ALA D 179 -8.48 -15.66 42.76
N GLU D 180 -8.03 -16.61 41.94
CA GLU D 180 -7.10 -17.62 42.43
C GLU D 180 -5.80 -16.98 42.93
N THR D 181 -5.40 -15.86 42.34
CA THR D 181 -4.25 -15.14 42.88
C THR D 181 -4.67 -14.25 44.05
N ALA D 182 -5.90 -13.74 44.04
CA ALA D 182 -6.43 -13.01 45.18
C ALA D 182 -6.42 -13.87 46.44
N LYS D 183 -6.43 -15.20 46.30
CA LYS D 183 -6.31 -16.08 47.45
C LYS D 183 -4.93 -16.70 47.61
N ALA D 184 -4.16 -16.87 46.53
CA ALA D 184 -2.78 -17.31 46.67
C ALA D 184 -1.93 -16.28 47.41
N LEU D 185 -2.19 -14.99 47.16
CA LEU D 185 -1.54 -13.95 47.95
C LEU D 185 -1.90 -14.06 49.42
N TRP D 186 -3.20 -14.22 49.72
CA TRP D 186 -3.61 -14.39 51.11
C TRP D 186 -2.97 -15.62 51.76
N TYR D 187 -2.75 -16.68 50.96
CA TYR D 187 -2.12 -17.87 51.51
C TYR D 187 -0.65 -17.64 51.82
N ILE D 188 0.06 -16.93 50.95
CA ILE D 188 1.44 -16.58 51.25
C ILE D 188 1.50 -15.64 52.46
N TYR D 189 0.63 -14.62 52.46
CA TYR D 189 0.57 -13.65 53.54
C TYR D 189 0.22 -14.26 54.88
N LEU D 190 -0.42 -15.44 54.90
CA LEU D 190 -0.69 -16.08 56.17
C LEU D 190 0.34 -17.15 56.53
N SER D 191 0.83 -17.91 55.54
CA SER D 191 1.91 -18.85 55.79
C SER D 191 3.20 -18.16 56.18
N LEU D 192 3.29 -16.84 55.95
CA LEU D 192 4.47 -16.10 56.39
C LEU D 192 4.30 -15.59 57.81
N THR D 193 3.22 -14.87 58.09
CA THR D 193 2.99 -14.35 59.43
C THR D 193 2.88 -15.46 60.47
N ILE D 194 2.38 -16.64 60.09
CA ILE D 194 2.36 -17.76 61.03
C ILE D 194 3.78 -18.23 61.33
N ALA D 195 4.55 -18.54 60.29
CA ALA D 195 5.91 -19.04 60.50
C ALA D 195 6.79 -17.99 61.20
N CYS D 196 6.42 -16.73 61.11
CA CYS D 196 7.22 -15.68 61.73
C CYS D 196 6.87 -15.49 63.19
N ALA D 197 5.57 -15.47 63.52
CA ALA D 197 5.18 -15.50 64.92
C ALA D 197 5.75 -16.74 65.60
N VAL D 198 5.81 -17.86 64.88
CA VAL D 198 6.37 -19.09 65.42
C VAL D 198 7.86 -18.93 65.69
N ALA D 199 8.63 -18.45 64.70
CA ALA D 199 10.06 -18.26 64.93
C ALA D 199 10.35 -17.26 66.03
N PHE D 200 9.51 -16.22 66.15
CA PHE D 200 9.65 -15.26 67.24
C PHE D 200 9.44 -15.93 68.58
N TRP D 201 8.32 -16.62 68.76
CA TRP D 201 8.06 -17.28 70.03
C TRP D 201 9.09 -18.37 70.31
N LEU D 202 9.66 -18.97 69.26
CA LEU D 202 10.72 -19.95 69.42
C LEU D 202 12.02 -19.29 69.83
N ALA D 203 12.14 -17.98 69.62
CA ALA D 203 13.33 -17.23 69.99
C ALA D 203 13.17 -16.56 71.36
N GLY D 204 12.10 -16.88 72.08
CA GLY D 204 11.85 -16.34 73.40
C GLY D 204 11.05 -15.06 73.37
N MET D 205 9.90 -15.09 72.70
CA MET D 205 9.00 -13.96 72.58
C MET D 205 7.63 -14.37 73.10
N THR D 206 7.02 -13.52 73.93
CA THR D 206 5.66 -13.75 74.38
C THR D 206 4.78 -14.11 73.17
N PRO D 207 3.94 -15.14 73.27
CA PRO D 207 3.07 -15.45 72.12
C PRO D 207 2.17 -14.29 71.72
N PHE D 208 1.77 -13.46 72.68
CA PHE D 208 1.07 -12.23 72.35
C PHE D 208 1.98 -11.30 71.57
N ASP D 209 3.17 -11.00 72.11
CA ASP D 209 4.10 -10.14 71.40
C ASP D 209 4.55 -10.78 70.10
N ALA D 210 4.51 -12.12 70.00
CA ALA D 210 4.91 -12.78 68.76
C ALA D 210 3.88 -12.55 67.67
N ILE D 211 2.59 -12.67 68.01
CA ILE D 211 1.55 -12.36 67.04
C ILE D 211 1.56 -10.88 66.70
N SER D 212 1.63 -10.02 67.71
CA SER D 212 1.62 -8.58 67.51
C SER D 212 2.81 -8.10 66.68
N HIS D 213 3.93 -8.82 66.72
CA HIS D 213 5.10 -8.42 65.94
C HIS D 213 5.19 -9.13 64.61
N SER D 214 4.41 -10.19 64.40
CA SER D 214 4.32 -10.75 63.06
C SER D 214 3.28 -10.01 62.23
N PHE D 215 2.26 -9.47 62.89
CA PHE D 215 1.34 -8.55 62.21
C PHE D 215 2.09 -7.37 61.58
N SER D 216 3.21 -6.96 62.18
CA SER D 216 3.90 -5.75 61.75
C SER D 216 5.23 -5.98 61.06
N THR D 217 5.85 -7.16 61.19
CA THR D 217 7.10 -7.41 60.47
C THR D 217 6.88 -7.92 59.06
N ILE D 218 5.72 -8.50 58.76
CA ILE D 218 5.43 -8.93 57.40
C ILE D 218 4.77 -7.82 56.60
N ALA D 219 3.82 -7.10 57.21
CA ALA D 219 3.19 -5.95 56.56
C ALA D 219 4.16 -4.79 56.36
N ILE D 220 5.39 -4.89 56.86
CA ILE D 220 6.41 -3.85 56.73
C ILE D 220 5.85 -2.56 57.30
N GLY D 221 5.36 -2.62 58.54
CA GLY D 221 4.71 -1.48 59.16
C GLY D 221 5.64 -0.68 60.03
N GLY D 222 6.26 -1.33 61.01
CA GLY D 222 7.12 -0.65 61.95
C GLY D 222 6.54 -0.44 63.32
N PHE D 223 5.46 -1.12 63.66
CA PHE D 223 4.78 -0.93 64.93
C PHE D 223 5.20 -2.00 65.93
N SER D 224 5.18 -1.61 67.21
CA SER D 224 5.42 -2.55 68.29
C SER D 224 4.57 -2.14 69.48
N THR D 225 4.40 -3.07 70.40
CA THR D 225 3.68 -2.83 71.65
C THR D 225 4.56 -2.19 72.71
N HIS D 226 5.81 -1.91 72.38
CA HIS D 226 6.80 -1.38 73.32
C HIS D 226 7.36 -0.05 72.81
N ASP D 227 7.74 0.81 73.76
CA ASP D 227 8.33 2.09 73.38
C ASP D 227 9.62 1.88 72.60
N ALA D 228 10.34 0.81 72.92
CA ALA D 228 11.52 0.38 72.17
C ALA D 228 11.01 -0.66 71.17
N SER D 229 11.03 -0.32 69.88
CA SER D 229 10.42 -1.20 68.88
C SER D 229 11.03 -2.59 68.92
N MET D 230 12.36 -2.68 68.83
CA MET D 230 13.05 -3.95 68.90
C MET D 230 14.17 -3.90 69.94
N GLY D 231 14.07 -2.99 70.90
CA GLY D 231 15.01 -2.91 72.00
C GLY D 231 14.50 -3.50 73.29
N TYR D 232 13.21 -3.86 73.33
CA TYR D 232 12.66 -4.47 74.54
C TYR D 232 13.35 -5.79 74.85
N PHE D 233 13.67 -6.55 73.81
CA PHE D 233 14.50 -7.75 73.92
C PHE D 233 15.61 -7.59 72.90
N ASP D 234 16.86 -7.76 73.33
CA ASP D 234 18.00 -7.56 72.46
C ASP D 234 18.58 -8.87 71.92
N SER D 235 17.78 -9.93 71.91
CA SER D 235 18.22 -11.23 71.43
C SER D 235 18.73 -11.14 69.98
N TYR D 236 19.89 -11.76 69.72
CA TYR D 236 20.43 -11.75 68.36
C TYR D 236 19.44 -12.39 67.40
N ALA D 237 18.83 -13.49 67.83
CA ALA D 237 17.93 -14.25 66.98
C ALA D 237 16.75 -13.41 66.53
N ILE D 238 16.19 -12.60 67.44
CA ILE D 238 15.05 -11.74 67.09
C ILE D 238 15.43 -10.79 65.97
N ASN D 239 16.64 -10.23 66.03
CA ASN D 239 17.12 -9.33 64.98
C ASN D 239 17.29 -10.08 63.65
N LEU D 240 17.91 -11.26 63.69
CA LEU D 240 18.15 -11.99 62.45
C LEU D 240 16.84 -12.46 61.83
N ILE D 241 15.87 -12.85 62.66
CA ILE D 241 14.58 -13.29 62.13
C ILE D 241 13.82 -12.12 61.53
N THR D 242 13.81 -10.97 62.21
CA THR D 242 13.19 -9.79 61.63
C THR D 242 13.82 -9.42 60.31
N VAL D 243 15.15 -9.46 60.23
CA VAL D 243 15.84 -9.17 58.96
C VAL D 243 15.40 -10.16 57.87
N VAL D 244 15.32 -11.45 58.23
CA VAL D 244 15.00 -12.46 57.23
C VAL D 244 13.58 -12.25 56.70
N PHE D 245 12.60 -12.11 57.61
CA PHE D 245 11.24 -11.94 57.14
C PHE D 245 10.97 -10.55 56.58
N LEU D 246 11.88 -9.59 56.78
CA LEU D 246 11.77 -8.33 56.06
C LEU D 246 12.23 -8.50 54.63
N LEU D 247 13.34 -9.19 54.41
CA LEU D 247 13.76 -9.48 53.05
C LEU D 247 12.72 -10.31 52.31
N ILE D 248 12.17 -11.34 52.98
CA ILE D 248 11.11 -12.15 52.39
C ILE D 248 9.88 -11.31 52.07
N SER D 249 9.50 -10.38 52.94
CA SER D 249 8.26 -9.64 52.73
C SER D 249 8.41 -8.46 51.78
N ALA D 250 9.63 -7.94 51.62
CA ALA D 250 9.88 -6.88 50.65
C ALA D 250 9.95 -7.39 49.22
N CYS D 251 10.09 -8.69 49.02
CA CYS D 251 10.20 -9.23 47.67
C CYS D 251 8.84 -9.29 46.99
N ASN D 252 8.86 -9.19 45.66
CA ASN D 252 7.63 -9.17 44.89
C ASN D 252 6.83 -10.44 45.14
N PHE D 253 5.66 -10.28 45.76
CA PHE D 253 4.84 -11.43 46.13
C PHE D 253 4.39 -12.23 44.91
N THR D 254 4.23 -11.58 43.77
CA THR D 254 4.01 -12.31 42.53
C THR D 254 5.14 -13.31 42.29
N LEU D 255 6.35 -12.99 42.74
CA LEU D 255 7.47 -13.91 42.58
C LEU D 255 7.44 -15.04 43.61
N HIS D 256 6.92 -14.77 44.81
CA HIS D 256 6.67 -15.87 45.75
C HIS D 256 5.59 -16.80 45.23
N PHE D 257 4.64 -16.25 44.45
CA PHE D 257 3.63 -17.09 43.80
C PHE D 257 4.30 -18.17 42.94
N ALA D 258 5.44 -17.84 42.33
CA ALA D 258 6.16 -18.84 41.55
C ALA D 258 6.73 -19.94 42.45
N ALA D 259 7.09 -19.60 43.69
CA ALA D 259 7.51 -20.60 44.65
C ALA D 259 6.32 -21.34 45.27
N PHE D 260 5.11 -20.81 45.11
CA PHE D 260 3.90 -21.41 45.64
C PHE D 260 3.17 -22.29 44.62
N ALA D 261 3.00 -21.79 43.39
CA ALA D 261 2.22 -22.52 42.39
C ALA D 261 2.92 -23.84 42.05
N SER D 262 2.19 -24.93 42.25
CA SER D 262 2.71 -26.28 42.01
C SER D 262 3.98 -26.55 42.82
N GLY D 263 4.00 -26.02 44.05
CA GLY D 263 5.14 -26.22 44.92
C GLY D 263 6.36 -25.41 44.52
N GLY D 264 7.52 -25.86 45.00
CA GLY D 264 8.76 -25.14 44.83
C GLY D 264 9.41 -25.38 43.48
N VAL D 265 8.90 -24.68 42.46
CA VAL D 265 9.28 -24.98 41.08
C VAL D 265 10.76 -24.72 40.85
N HIS D 266 11.26 -23.62 41.41
CA HIS D 266 12.70 -23.35 41.40
C HIS D 266 13.09 -22.72 42.72
N PRO D 267 14.35 -22.87 43.13
CA PRO D 267 14.86 -22.06 44.24
C PRO D 267 15.60 -20.83 43.73
N LYS D 268 15.84 -20.79 42.42
CA LYS D 268 16.45 -19.65 41.76
C LYS D 268 15.50 -19.04 40.73
N TYR D 269 14.19 -19.25 40.91
CA TYR D 269 13.21 -18.45 40.20
C TYR D 269 13.33 -16.98 40.58
N TYR D 270 13.85 -16.70 41.77
CA TYR D 270 14.06 -15.33 42.22
C TYR D 270 15.14 -14.64 41.40
N TRP D 271 16.31 -15.28 41.28
CA TRP D 271 17.48 -14.66 40.65
C TRP D 271 17.27 -14.30 39.19
N LYS D 272 16.18 -14.76 38.56
CA LYS D 272 15.90 -14.33 37.20
C LYS D 272 15.34 -12.92 37.17
N ASP D 273 14.52 -12.56 38.15
CA ASP D 273 13.93 -11.23 38.25
C ASP D 273 15.04 -10.22 38.52
N PRO D 274 15.36 -9.32 37.58
CA PRO D 274 16.44 -8.35 37.83
C PRO D 274 16.11 -7.36 38.92
N GLU D 275 14.83 -7.24 39.28
CA GLU D 275 14.46 -6.42 40.43
C GLU D 275 15.01 -7.03 41.73
N PHE D 276 14.91 -8.36 41.86
CA PHE D 276 15.51 -9.03 43.01
C PHE D 276 17.02 -8.82 43.04
N ARG D 277 17.68 -8.94 41.89
CA ARG D 277 19.12 -8.75 41.84
C ARG D 277 19.50 -7.34 42.28
N ALA D 278 18.78 -6.33 41.79
CA ALA D 278 19.05 -4.96 42.21
C ALA D 278 18.73 -4.77 43.69
N PHE D 279 17.72 -5.47 44.21
CA PHE D 279 17.36 -5.35 45.62
C PHE D 279 18.45 -5.90 46.52
N ILE D 280 18.96 -7.08 46.18
CA ILE D 280 20.03 -7.68 46.97
C ILE D 280 21.32 -6.88 46.82
N PHE D 281 21.61 -6.38 45.62
CA PHE D 281 22.76 -5.50 45.43
C PHE D 281 22.68 -4.28 46.35
N ILE D 282 21.53 -3.60 46.36
CA ILE D 282 21.37 -2.40 47.18
C ILE D 282 21.51 -2.76 48.66
N GLN D 283 20.85 -3.84 49.08
CA GLN D 283 20.86 -4.18 50.50
C GLN D 283 22.26 -4.55 50.97
N VAL D 284 23.02 -5.29 50.14
CA VAL D 284 24.36 -5.69 50.52
C VAL D 284 25.30 -4.50 50.53
N LEU D 285 25.23 -3.65 49.51
CA LEU D 285 26.08 -2.47 49.46
C LEU D 285 25.82 -1.56 50.65
N LEU D 286 24.56 -1.17 50.85
CA LEU D 286 24.21 -0.31 51.98
C LEU D 286 24.60 -0.94 53.32
N PHE D 287 24.49 -2.27 53.42
CA PHE D 287 24.89 -2.94 54.64
C PHE D 287 26.38 -2.77 54.89
N LEU D 288 27.20 -3.16 53.93
CA LEU D 288 28.64 -3.17 54.19
C LEU D 288 29.21 -1.76 54.29
N VAL D 289 28.59 -0.77 53.63
CA VAL D 289 29.06 0.59 53.85
C VAL D 289 28.67 1.09 55.24
N CYS D 290 27.48 0.70 55.72
CA CYS D 290 27.10 1.12 57.07
C CYS D 290 27.95 0.41 58.11
N PHE D 291 28.39 -0.81 57.82
CA PHE D 291 29.18 -1.58 58.75
C PHE D 291 30.61 -1.06 58.82
N LEU D 292 31.24 -0.86 57.66
CA LEU D 292 32.57 -0.27 57.64
C LEU D 292 32.59 1.11 58.29
N LEU D 293 31.59 1.96 57.98
CA LEU D 293 31.54 3.25 58.65
C LEU D 293 31.30 3.12 60.15
N LEU D 294 30.48 2.14 60.56
CA LEU D 294 30.28 1.88 61.99
C LEU D 294 31.53 1.32 62.66
N LEU D 295 32.53 0.91 61.89
CA LEU D 295 33.78 0.45 62.47
C LEU D 295 34.89 1.51 62.40
N LYS D 296 34.88 2.39 61.40
CA LYS D 296 35.83 3.49 61.37
C LYS D 296 35.70 4.38 62.60
N HIS D 297 34.49 4.52 63.14
CA HIS D 297 34.25 5.36 64.29
C HIS D 297 34.27 4.60 65.61
N HIS D 298 34.48 3.28 65.57
CA HIS D 298 34.42 2.43 66.76
C HIS D 298 33.15 2.69 67.57
N SER D 299 32.02 2.81 66.85
CA SER D 299 30.76 3.13 67.50
C SER D 299 30.30 2.00 68.42
N TYR D 300 30.68 0.77 68.14
CA TYR D 300 30.36 -0.37 68.98
C TYR D 300 31.63 -1.07 69.40
N THR D 301 31.66 -1.54 70.65
CA THR D 301 32.88 -2.11 71.21
C THR D 301 33.24 -3.45 70.58
N SER D 302 32.23 -4.23 70.15
CA SER D 302 32.46 -5.55 69.61
C SER D 302 32.00 -5.60 68.16
N PRO D 303 32.87 -5.95 67.21
CA PRO D 303 32.42 -6.06 65.81
C PRO D 303 31.29 -7.06 65.61
N TYR D 304 31.21 -8.10 66.46
CA TYR D 304 30.07 -9.00 66.40
C TYR D 304 28.75 -8.29 66.69
N ASP D 305 28.82 -7.18 67.44
CA ASP D 305 27.65 -6.35 67.71
C ASP D 305 27.39 -5.34 66.59
N ALA D 306 28.46 -4.68 66.12
CA ALA D 306 28.32 -3.72 65.03
C ALA D 306 27.74 -4.38 63.79
N PHE D 307 28.18 -5.60 63.48
CA PHE D 307 27.63 -6.33 62.34
C PHE D 307 26.12 -6.52 62.50
N ASP D 308 25.70 -7.05 63.65
CA ASP D 308 24.29 -7.28 63.91
C ASP D 308 23.49 -5.98 63.76
N GLN D 309 23.88 -4.95 64.50
CA GLN D 309 23.09 -3.73 64.53
C GLN D 309 23.08 -3.01 63.18
N ALA D 310 24.19 -3.08 62.44
CA ALA D 310 24.22 -2.51 61.10
C ALA D 310 23.26 -3.25 60.19
N LEU D 311 23.38 -4.59 60.11
CA LEU D 311 22.52 -5.35 59.22
C LEU D 311 21.06 -5.13 59.57
N PHE D 312 20.74 -5.05 60.87
CA PHE D 312 19.33 -4.89 61.24
C PHE D 312 18.83 -3.50 60.93
N GLN D 313 19.65 -2.47 61.13
CA GLN D 313 19.15 -1.12 60.92
C GLN D 313 19.04 -0.80 59.44
N THR D 314 19.98 -1.30 58.63
CA THR D 314 19.86 -1.17 57.18
C THR D 314 18.63 -1.92 56.67
N VAL D 315 18.50 -3.21 57.01
CA VAL D 315 17.36 -3.97 56.52
C VAL D 315 16.04 -3.39 57.03
N SER D 316 16.04 -2.77 58.22
CA SER D 316 14.81 -2.21 58.75
C SER D 316 14.42 -0.91 58.04
N ILE D 317 15.37 0.00 57.83
CA ILE D 317 15.02 1.31 57.32
C ILE D 317 15.01 1.33 55.79
N SER D 318 15.94 0.62 55.17
CA SER D 318 15.98 0.52 53.71
C SER D 318 14.69 -0.10 53.18
N THR D 319 14.11 -1.03 53.93
CA THR D 319 12.90 -1.72 53.55
C THR D 319 11.65 -0.95 53.99
N THR D 320 11.85 0.32 54.39
CA THR D 320 10.79 1.24 54.85
C THR D 320 9.91 0.58 55.90
N ALA D 321 10.52 -0.25 56.75
CA ALA D 321 9.78 -0.92 57.81
C ALA D 321 9.56 0.03 58.99
N GLY D 322 10.65 0.50 59.60
CA GLY D 322 10.56 1.46 60.67
C GLY D 322 10.96 0.94 62.03
N PHE D 323 11.52 -0.27 62.12
CA PHE D 323 11.95 -0.80 63.40
C PHE D 323 13.29 -0.17 63.78
N THR D 324 13.48 -0.01 65.08
CA THR D 324 14.72 0.56 65.61
C THR D 324 15.21 -0.27 66.78
N THR D 325 16.51 -0.54 66.79
CA THR D 325 17.15 -1.26 67.88
C THR D 325 18.11 -0.41 68.69
N THR D 326 18.44 0.79 68.22
CA THR D 326 19.38 1.66 68.91
C THR D 326 18.89 3.10 68.82
N GLY D 327 19.46 3.94 69.68
CA GLY D 327 19.10 5.35 69.75
C GLY D 327 19.97 6.28 68.94
N PHE D 328 20.87 5.75 68.10
CA PHE D 328 21.83 6.55 67.34
C PHE D 328 22.72 7.40 68.25
N ALA D 329 22.93 6.95 69.49
CA ALA D 329 23.67 7.75 70.46
C ALA D 329 25.12 7.92 70.04
N ASP D 330 25.82 6.81 69.77
CA ASP D 330 27.19 6.85 69.30
C ASP D 330 27.29 6.81 67.79
N TRP D 331 26.17 6.71 67.09
CA TRP D 331 26.20 6.59 65.65
C TRP D 331 26.53 7.95 65.02
N PRO D 332 27.47 8.00 64.08
CA PRO D 332 27.69 9.27 63.36
C PRO D 332 26.47 9.61 62.53
N LEU D 333 26.11 10.90 62.55
CA LEU D 333 24.84 11.34 61.96
C LEU D 333 24.73 10.97 60.48
N PHE D 334 25.86 10.70 59.83
CA PHE D 334 25.83 10.30 58.43
C PHE D 334 25.04 9.02 58.24
N LEU D 335 25.21 8.05 59.14
CA LEU D 335 24.53 6.77 58.94
C LEU D 335 23.02 6.92 59.03
N PRO D 336 22.44 7.59 60.05
CA PRO D 336 20.99 7.84 60.00
C PRO D 336 20.55 8.63 58.78
N VAL D 337 21.35 9.60 58.33
CA VAL D 337 20.95 10.35 57.13
C VAL D 337 20.94 9.44 55.92
N LEU D 338 21.95 8.58 55.80
CA LEU D 338 22.03 7.63 54.71
C LEU D 338 20.86 6.66 54.76
N LEU D 339 20.46 6.22 55.95
CA LEU D 339 19.30 5.35 56.06
C LEU D 339 18.03 6.07 55.61
N LEU D 340 17.90 7.36 55.93
CA LEU D 340 16.71 8.07 55.46
C LEU D 340 16.67 8.15 53.94
N PHE D 341 17.80 8.46 53.29
CA PHE D 341 17.81 8.44 51.83
C PHE D 341 17.60 7.03 51.28
N SER D 342 18.12 6.02 51.97
CA SER D 342 17.90 4.64 51.55
C SER D 342 16.42 4.28 51.63
N SER D 343 15.69 4.90 52.55
CA SER D 343 14.25 4.66 52.66
C SER D 343 13.52 5.07 51.39
N PHE D 344 14.07 6.03 50.65
CA PHE D 344 13.47 6.42 49.38
C PHE D 344 13.43 5.24 48.41
N ILE D 345 14.52 4.49 48.30
CA ILE D 345 14.55 3.29 47.47
C ILE D 345 14.05 2.14 48.34
N GLY D 346 12.72 1.97 48.39
CA GLY D 346 12.14 1.06 49.35
C GLY D 346 12.02 -0.37 48.88
N GLY D 347 10.88 -1.01 49.18
CA GLY D 347 10.66 -2.39 48.81
C GLY D 347 10.29 -2.54 47.34
N CYS D 348 10.22 -3.79 46.90
CA CYS D 348 9.88 -4.06 45.51
C CYS D 348 8.41 -3.71 45.23
N ALA D 349 8.11 -3.54 43.95
CA ALA D 349 6.78 -3.09 43.54
C ALA D 349 5.68 -4.05 43.96
N GLY D 350 5.93 -5.35 43.86
CA GLY D 350 4.92 -6.34 44.20
C GLY D 350 4.92 -6.78 45.64
N SER D 351 4.99 -5.83 46.56
CA SER D 351 4.98 -6.12 47.99
C SER D 351 4.78 -4.81 48.73
N THR D 352 4.49 -4.92 50.03
CA THR D 352 4.36 -3.74 50.86
C THR D 352 5.67 -2.95 50.84
N GLY D 353 5.54 -1.63 50.77
CA GLY D 353 6.75 -0.81 50.75
C GLY D 353 6.43 0.66 50.59
N GLY D 354 7.50 1.45 50.61
CA GLY D 354 7.43 2.88 50.46
C GLY D 354 7.49 3.29 49.01
N GLY D 355 7.59 4.59 48.79
CA GLY D 355 7.62 5.11 47.43
C GLY D 355 8.93 4.80 46.74
N MET D 356 8.92 4.96 45.42
CA MET D 356 10.09 4.73 44.56
C MET D 356 10.63 3.30 44.73
N LYS D 357 9.80 2.34 44.34
CA LYS D 357 10.16 0.94 44.48
C LYS D 357 11.42 0.64 43.67
N VAL D 358 12.21 -0.32 44.17
CA VAL D 358 13.54 -0.66 43.63
C VAL D 358 13.51 -0.84 42.11
N ILE D 359 12.32 -1.10 41.55
CA ILE D 359 12.24 -1.31 40.11
C ILE D 359 12.32 0.01 39.36
N ARG D 360 11.74 1.08 39.92
CA ARG D 360 11.90 2.39 39.30
C ARG D 360 13.35 2.85 39.32
N ILE D 361 14.13 2.38 40.29
CA ILE D 361 15.54 2.77 40.37
C ILE D 361 16.38 1.92 39.42
N LEU D 362 16.01 0.65 39.28
CA LEU D 362 16.67 -0.18 38.28
C LEU D 362 16.39 0.34 36.88
N LEU D 363 15.15 0.78 36.63
CA LEU D 363 14.81 1.42 35.36
C LEU D 363 15.61 2.70 35.14
N LEU D 364 15.74 3.54 36.18
CA LEU D 364 16.55 4.74 36.04
C LEU D 364 17.99 4.41 35.65
N THR D 365 18.60 3.45 36.34
CA THR D 365 19.96 3.03 36.01
C THR D 365 20.04 2.50 34.58
N LEU D 366 19.13 1.60 34.22
CA LEU D 366 19.13 1.03 32.88
C LEU D 366 18.98 2.11 31.81
N GLN D 367 18.16 3.12 32.08
CA GLN D 367 17.98 4.19 31.10
C GLN D 367 19.22 5.06 31.00
N GLY D 368 19.91 5.29 32.12
CA GLY D 368 21.19 5.97 32.03
C GLY D 368 22.16 5.21 31.15
N ALA D 369 22.24 3.89 31.33
CA ALA D 369 23.08 3.06 30.47
C ALA D 369 22.64 3.14 29.01
N ARG D 370 21.33 3.11 28.76
CA ARG D 370 20.80 3.23 27.41
C ARG D 370 21.23 4.53 26.76
N GLU D 371 21.06 5.65 27.48
CA GLU D 371 21.47 6.94 26.94
C GLU D 371 22.97 7.01 26.73
N LEU D 372 23.75 6.31 27.56
CA LEU D 372 25.18 6.22 27.31
C LEU D 372 25.45 5.50 25.99
N LYS D 373 24.81 4.35 25.78
CA LYS D 373 25.00 3.59 24.55
C LYS D 373 24.51 4.35 23.32
N ARG D 374 23.52 5.24 23.48
CA ARG D 374 23.04 6.04 22.36
C ARG D 374 23.97 7.20 22.01
N LEU D 375 25.15 7.26 22.61
CA LEU D 375 26.18 8.25 22.29
C LEU D 375 27.35 7.64 21.54
N VAL D 376 27.75 6.42 21.91
CA VAL D 376 28.81 5.73 21.17
C VAL D 376 28.28 5.24 19.83
N HIS D 377 27.05 4.71 19.82
CA HIS D 377 26.41 4.13 18.65
C HIS D 377 25.08 4.86 18.44
N PRO D 378 25.10 6.05 17.86
CA PRO D 378 23.86 6.85 17.80
C PRO D 378 22.77 6.24 16.95
N ARG D 379 23.07 5.72 15.76
CA ARG D 379 22.04 5.19 14.88
C ARG D 379 21.78 3.71 15.19
N ALA D 380 21.35 3.47 16.43
CA ALA D 380 21.06 2.12 16.90
C ALA D 380 19.77 2.13 17.68
N VAL D 381 19.06 1.01 17.64
CA VAL D 381 17.78 0.87 18.31
C VAL D 381 18.00 0.13 19.62
N TYR D 382 17.96 0.86 20.72
CA TYR D 382 18.04 0.29 22.06
C TYR D 382 16.68 0.42 22.73
N THR D 383 16.29 -0.61 23.49
CA THR D 383 15.04 -0.62 24.21
C THR D 383 15.27 -1.11 25.63
N ILE D 384 14.53 -0.53 26.57
CA ILE D 384 14.72 -0.85 27.99
C ILE D 384 14.25 -2.27 28.23
N LYS D 385 15.19 -3.20 28.31
CA LYS D 385 14.87 -4.61 28.49
C LYS D 385 14.99 -4.97 29.96
N VAL D 386 13.91 -5.48 30.54
CA VAL D 386 13.87 -5.92 31.92
C VAL D 386 13.54 -7.42 31.91
N GLY D 387 14.52 -8.23 32.28
CA GLY D 387 14.32 -9.68 32.28
C GLY D 387 14.07 -10.26 30.92
N GLY D 388 14.59 -9.62 29.86
CA GLY D 388 14.46 -10.09 28.50
C GLY D 388 13.38 -9.40 27.69
N SER D 389 12.34 -8.88 28.35
CA SER D 389 11.24 -8.23 27.65
C SER D 389 11.46 -6.73 27.58
N ALA D 390 10.90 -6.11 26.55
CA ALA D 390 10.99 -4.67 26.36
C ALA D 390 9.80 -3.98 27.01
N LEU D 391 10.01 -2.71 27.38
CA LEU D 391 9.01 -1.94 28.10
C LEU D 391 8.37 -0.92 27.18
N PRO D 392 7.04 -0.81 27.19
CA PRO D 392 6.38 0.23 26.39
C PRO D 392 6.72 1.62 26.91
N GLN D 393 6.89 2.55 25.98
CA GLN D 393 7.30 3.90 26.35
C GLN D 393 6.31 4.56 27.31
N ARG D 394 5.08 4.05 27.39
CA ARG D 394 4.12 4.61 28.34
C ARG D 394 4.51 4.29 29.78
N VAL D 395 4.94 3.07 30.04
CA VAL D 395 5.38 2.68 31.37
C VAL D 395 6.63 3.46 31.77
N VAL D 396 7.61 3.50 30.87
CA VAL D 396 8.87 4.18 31.17
C VAL D 396 8.65 5.68 31.32
N ASP D 397 7.68 6.26 30.61
CA ASP D 397 7.31 7.65 30.83
C ASP D 397 6.60 7.84 32.17
N ALA D 398 5.85 6.82 32.60
CA ALA D 398 5.11 6.93 33.86
C ALA D 398 6.06 6.89 35.05
N VAL D 399 7.13 6.09 34.95
CA VAL D 399 8.07 6.01 36.05
C VAL D 399 8.70 7.38 36.35
N TRP D 400 8.93 8.17 35.31
CA TRP D 400 9.53 9.48 35.53
C TRP D 400 8.50 10.56 35.81
N GLY D 401 7.27 10.41 35.30
CA GLY D 401 6.20 11.24 35.83
C GLY D 401 6.00 11.02 37.32
N PHE D 402 6.21 9.79 37.78
CA PHE D 402 6.12 9.50 39.20
C PHE D 402 7.26 10.13 39.96
N PHE D 403 8.50 10.03 39.45
CA PHE D 403 9.60 10.73 40.11
C PHE D 403 9.31 12.23 40.23
N SER D 404 8.75 12.82 39.18
CA SER D 404 8.48 14.26 39.20
C SER D 404 7.39 14.60 40.21
N ALA D 405 6.32 13.81 40.23
CA ALA D 405 5.23 14.07 41.17
C ALA D 405 5.70 13.86 42.60
N TYR D 406 6.49 12.80 42.84
CA TYR D 406 7.07 12.57 44.16
C TYR D 406 7.85 13.78 44.64
N ALA D 407 8.77 14.29 43.81
CA ALA D 407 9.60 15.42 44.23
C ALA D 407 8.74 16.67 44.48
N LEU D 408 7.85 17.00 43.53
CA LEU D 408 7.04 18.20 43.65
C LEU D 408 5.92 18.06 44.68
N VAL D 409 5.73 16.89 45.26
CA VAL D 409 4.89 16.75 46.45
C VAL D 409 5.71 16.82 47.73
N PHE D 410 6.90 16.21 47.71
CA PHE D 410 7.82 16.31 48.84
C PHE D 410 8.07 17.76 49.21
N VAL D 411 8.40 18.59 48.22
CA VAL D 411 8.72 19.98 48.51
C VAL D 411 7.53 20.71 49.12
N VAL D 412 6.32 20.43 48.61
CA VAL D 412 5.14 21.12 49.12
C VAL D 412 4.82 20.67 50.54
N CYS D 413 5.01 19.37 50.83
CA CYS D 413 4.78 18.88 52.19
C CYS D 413 5.78 19.49 53.15
N MET D 414 7.07 19.53 52.77
CA MET D 414 8.07 20.11 53.64
C MET D 414 7.78 21.58 53.92
N LEU D 415 7.46 22.36 52.88
CA LEU D 415 7.10 23.75 53.08
C LEU D 415 5.81 23.92 53.87
N GLY D 416 4.94 22.92 53.86
CA GLY D 416 3.71 23.00 54.63
C GLY D 416 3.98 22.79 56.10
N LEU D 417 4.78 21.77 56.41
CA LEU D 417 5.19 21.56 57.80
C LEU D 417 5.94 22.78 58.33
N ILE D 418 6.88 23.30 57.53
CA ILE D 418 7.66 24.46 57.96
C ILE D 418 6.75 25.66 58.18
N ALA D 419 5.73 25.82 57.32
CA ALA D 419 4.82 26.96 57.47
C ALA D 419 4.09 26.92 58.81
N THR D 420 3.75 25.74 59.30
CA THR D 420 3.12 25.59 60.61
C THR D 420 4.09 25.74 61.77
N GLY D 421 5.33 26.19 61.53
CA GLY D 421 6.27 26.42 62.60
C GLY D 421 7.12 25.23 63.00
N MET D 422 6.91 24.08 62.37
CA MET D 422 7.72 22.91 62.65
C MET D 422 9.19 23.19 62.34
N ASP D 423 10.08 22.53 63.07
CA ASP D 423 11.51 22.67 62.81
C ASP D 423 11.82 22.21 61.39
N GLU D 424 12.70 22.95 60.72
CA GLU D 424 12.91 22.76 59.29
C GLU D 424 13.58 21.43 58.98
N LEU D 425 14.79 21.21 59.50
CA LEU D 425 15.46 19.93 59.28
C LEU D 425 14.59 18.78 59.77
N SER D 426 13.88 18.99 60.89
CA SER D 426 12.95 17.99 61.38
C SER D 426 11.78 17.83 60.42
N ALA D 427 11.34 18.92 59.79
CA ALA D 427 10.26 18.81 58.81
C ALA D 427 10.69 17.95 57.63
N PHE D 428 11.89 18.21 57.09
CA PHE D 428 12.39 17.41 55.98
C PHE D 428 12.52 15.94 56.37
N SER D 429 12.85 15.67 57.63
CA SER D 429 12.96 14.27 58.03
C SER D 429 11.59 13.63 58.20
N ALA D 430 10.65 14.34 58.83
CA ALA D 430 9.30 13.81 58.99
C ALA D 430 8.64 13.56 57.65
N VAL D 431 8.85 14.46 56.68
CA VAL D 431 8.31 14.27 55.35
C VAL D 431 8.93 13.04 54.68
N ALA D 432 10.27 12.94 54.70
CA ALA D 432 10.88 11.79 54.07
C ALA D 432 10.54 10.50 54.79
N ALA D 433 10.14 10.57 56.06
CA ALA D 433 9.73 9.37 56.77
C ALA D 433 8.27 9.00 56.47
N THR D 434 7.40 9.97 56.25
CA THR D 434 6.00 9.61 56.08
C THR D 434 5.68 9.38 54.61
N LEU D 435 6.13 10.26 53.72
CA LEU D 435 5.92 10.03 52.31
C LEU D 435 6.53 8.70 51.87
N ASN D 436 7.62 8.29 52.51
CA ASN D 436 8.22 6.97 52.31
C ASN D 436 7.53 5.86 53.08
N ASN D 437 6.47 6.16 53.83
CA ASN D 437 5.78 5.13 54.62
C ASN D 437 6.78 4.46 55.57
N LEU D 438 7.62 5.31 56.19
CA LEU D 438 8.61 4.98 57.20
C LEU D 438 8.29 5.73 58.49
N GLY D 439 8.03 5.01 59.55
CA GLY D 439 7.44 5.65 60.70
C GLY D 439 8.39 6.63 61.36
N PRO D 440 9.68 6.28 61.58
CA PRO D 440 10.54 7.22 62.31
C PRO D 440 11.58 7.98 61.49
N GLY D 441 11.51 9.31 61.58
CA GLY D 441 12.44 10.21 60.90
C GLY D 441 13.39 10.77 61.93
N LEU D 442 14.67 10.91 61.58
CA LEU D 442 15.63 11.37 62.58
C LEU D 442 15.40 12.86 62.88
N GLY D 443 16.00 13.32 63.99
CA GLY D 443 15.88 14.71 64.38
C GLY D 443 15.03 14.88 65.61
N GLU D 444 14.08 15.83 65.56
CA GLU D 444 13.16 16.03 66.67
C GLU D 444 12.08 14.96 66.70
N VAL D 445 11.97 14.17 65.64
CA VAL D 445 10.92 13.16 65.48
C VAL D 445 11.61 11.80 65.62
N ALA D 446 12.63 11.73 66.47
CA ALA D 446 13.45 10.52 66.55
C ALA D 446 12.64 9.30 66.99
N LEU D 447 11.83 9.43 68.04
CA LEU D 447 11.09 8.26 68.51
C LEU D 447 9.61 8.51 68.78
N HIS D 448 9.14 9.76 68.71
CA HIS D 448 7.72 10.03 68.92
C HIS D 448 7.27 11.23 68.10
N PHE D 449 6.05 11.14 67.57
CA PHE D 449 5.39 12.24 66.88
C PHE D 449 4.50 13.05 67.80
N GLY D 450 4.70 12.94 69.11
CA GLY D 450 3.85 13.59 70.09
C GLY D 450 3.83 15.11 70.04
N ASP D 451 4.98 15.73 70.28
CA ASP D 451 5.05 17.18 70.42
C ASP D 451 5.05 17.89 69.07
N VAL D 452 4.72 17.20 67.98
CA VAL D 452 4.61 17.84 66.68
C VAL D 452 3.44 18.81 66.69
N ASN D 453 3.62 19.95 66.01
CA ASN D 453 2.52 20.89 65.80
C ASN D 453 1.32 20.16 65.22
N ASP D 454 0.12 20.63 65.60
CA ASP D 454 -1.10 19.90 65.26
C ASP D 454 -1.42 20.03 63.77
N LYS D 455 -1.30 21.23 63.23
CA LYS D 455 -1.49 21.43 61.80
C LYS D 455 -0.47 20.62 61.02
N ALA D 456 0.78 20.61 61.49
CA ALA D 456 1.79 19.76 60.87
C ALA D 456 1.44 18.30 61.02
N LYS D 457 0.67 17.94 62.06
CA LYS D 457 0.24 16.56 62.21
C LYS D 457 -0.78 16.19 61.14
N TRP D 458 -1.67 17.14 60.80
CA TRP D 458 -2.62 16.88 59.72
C TRP D 458 -1.91 16.81 58.37
N VAL D 459 -1.00 17.74 58.11
CA VAL D 459 -0.23 17.69 56.86
C VAL D 459 0.57 16.40 56.79
N LEU D 460 1.04 15.91 57.93
CA LEU D 460 1.74 14.63 57.98
C LEU D 460 0.81 13.49 57.59
N ILE D 461 -0.43 13.50 58.10
CA ILE D 461 -1.40 12.48 57.69
C ILE D 461 -1.61 12.52 56.18
N VAL D 462 -1.70 13.72 55.62
CA VAL D 462 -1.82 13.87 54.17
C VAL D 462 -0.60 13.25 53.49
N SER D 463 0.58 13.45 54.07
CA SER D 463 1.81 12.92 53.48
C SER D 463 1.81 11.40 53.46
N MET D 464 1.44 10.76 54.58
CA MET D 464 1.39 9.30 54.59
C MET D 464 0.36 8.77 53.61
N LEU D 465 -0.76 9.48 53.46
CA LEU D 465 -1.75 9.10 52.45
C LEU D 465 -1.13 9.19 51.05
N PHE D 466 -0.40 10.27 50.77
CA PHE D 466 0.31 10.40 49.50
C PHE D 466 1.25 9.22 49.28
N GLY D 467 2.03 8.88 50.30
CA GLY D 467 3.01 7.82 50.16
C GLY D 467 2.39 6.47 49.89
N ARG D 468 1.24 6.19 50.50
CA ARG D 468 0.55 4.94 50.19
C ARG D 468 -0.09 4.99 48.81
N LEU D 469 -0.65 6.12 48.42
CA LEU D 469 -1.40 6.21 47.17
C LEU D 469 -0.51 6.40 45.94
N GLU D 470 0.82 6.39 46.11
CA GLU D 470 1.78 6.48 45.00
C GLU D 470 1.71 7.83 44.28
N ILE D 471 1.39 8.89 45.03
CA ILE D 471 1.45 10.29 44.60
C ILE D 471 0.57 10.61 43.39
N PHE D 472 -0.02 9.61 42.75
CA PHE D 472 -0.83 9.91 41.57
C PHE D 472 -2.31 9.72 41.82
N THR D 473 -2.67 8.62 42.48
CA THR D 473 -4.07 8.32 42.76
C THR D 473 -4.73 9.45 43.54
N LEU D 474 -4.02 10.04 44.50
CA LEU D 474 -4.64 11.11 45.27
C LEU D 474 -4.49 12.46 44.56
N LEU D 475 -3.33 12.73 43.95
CA LEU D 475 -3.15 14.03 43.29
C LEU D 475 -4.19 14.24 42.20
N ILE D 476 -4.60 13.18 41.52
CA ILE D 476 -5.57 13.32 40.44
C ILE D 476 -6.84 13.96 40.97
N LEU D 477 -7.27 13.56 42.18
CA LEU D 477 -8.45 14.14 42.78
C LEU D 477 -8.35 15.65 42.89
N LEU D 478 -7.16 16.14 43.23
CA LEU D 478 -6.94 17.59 43.34
C LEU D 478 -6.98 18.28 41.99
N THR D 479 -6.58 17.60 40.92
CA THR D 479 -6.49 18.21 39.61
C THR D 479 -7.85 18.74 39.16
N PRO D 480 -7.90 19.94 38.56
CA PRO D 480 -9.17 20.42 38.01
C PRO D 480 -9.65 19.60 36.82
N THR D 481 -8.73 19.09 35.99
CA THR D 481 -9.11 18.33 34.82
C THR D 481 -9.89 17.08 35.18
N PHE D 482 -9.74 16.57 36.41
CA PHE D 482 -10.48 15.37 36.81
C PHE D 482 -11.98 15.67 36.92
N TRP D 483 -12.34 16.68 37.71
CA TRP D 483 -13.74 16.99 37.97
C TRP D 483 -14.39 17.64 36.76
N LYS E 2 -14.07 -27.41 33.06
CA LYS E 2 -13.02 -26.49 32.66
C LYS E 2 -12.85 -26.49 31.14
N ILE E 3 -12.90 -25.30 30.53
CA ILE E 3 -12.92 -25.14 29.09
C ILE E 3 -11.63 -24.49 28.62
N ILE E 4 -11.06 -24.99 27.53
CA ILE E 4 -10.00 -24.27 26.84
C ILE E 4 -10.51 -23.95 25.45
N ILE E 5 -10.21 -22.74 24.98
CA ILE E 5 -10.50 -22.33 23.62
C ILE E 5 -9.22 -21.79 23.00
N LEU E 6 -9.31 -21.41 21.74
CA LEU E 6 -8.18 -20.96 20.93
C LEU E 6 -8.58 -19.61 20.34
N GLY E 7 -8.70 -18.57 21.17
CA GLY E 7 -9.26 -17.36 20.60
C GLY E 7 -8.34 -16.62 19.66
N ALA E 8 -7.85 -17.39 18.67
CA ALA E 8 -7.11 -16.85 17.54
C ALA E 8 -8.05 -16.12 16.60
N GLY E 9 -9.24 -16.68 16.39
CA GLY E 9 -10.23 -16.06 15.56
C GLY E 9 -10.94 -14.90 16.23
N GLN E 10 -11.56 -14.06 15.40
CA GLN E 10 -12.27 -12.88 15.89
C GLN E 10 -13.44 -13.27 16.78
N VAL E 11 -14.17 -14.32 16.39
CA VAL E 11 -15.41 -14.71 17.05
C VAL E 11 -15.17 -15.15 18.50
N GLY E 12 -14.04 -15.81 18.76
CA GLY E 12 -13.83 -16.49 20.03
C GLY E 12 -14.17 -15.66 21.26
N GLY E 13 -13.77 -14.38 21.28
CA GLY E 13 -14.05 -13.54 22.42
C GLY E 13 -15.50 -13.53 22.90
N THR E 14 -16.44 -13.43 21.97
CA THR E 14 -17.85 -13.40 22.35
C THR E 14 -18.25 -14.75 22.98
N LEU E 15 -17.73 -15.84 22.41
CA LEU E 15 -18.00 -17.18 22.95
C LEU E 15 -17.46 -17.24 24.37
N ALA E 16 -16.28 -16.66 24.60
CA ALA E 16 -15.70 -16.66 25.92
C ALA E 16 -16.63 -15.92 26.88
N GLU E 17 -17.20 -14.80 26.40
CA GLU E 17 -18.11 -14.03 27.24
C GLU E 17 -19.29 -14.86 27.68
N ASN E 18 -19.88 -15.63 26.78
CA ASN E 18 -21.04 -16.45 27.14
C ASN E 18 -20.70 -17.58 28.12
N LEU E 19 -19.58 -18.26 27.90
CA LEU E 19 -19.26 -19.48 28.66
C LEU E 19 -19.08 -19.26 30.16
N VAL E 20 -18.48 -18.12 30.56
CA VAL E 20 -18.14 -17.91 31.96
C VAL E 20 -19.36 -18.12 32.86
N GLY E 21 -19.16 -18.87 33.96
CA GLY E 21 -20.26 -19.20 34.84
C GLY E 21 -19.89 -20.25 35.88
N GLU E 22 -20.89 -21.07 36.22
CA GLU E 22 -20.73 -22.11 37.23
C GLU E 22 -19.92 -23.29 36.72
N ASN E 23 -18.85 -23.64 37.45
CA ASN E 23 -17.99 -24.78 37.14
C ASN E 23 -17.36 -24.67 35.75
N ASN E 24 -17.08 -23.44 35.32
CA ASN E 24 -16.50 -23.18 34.00
C ASN E 24 -15.20 -22.41 34.17
N ASP E 25 -14.11 -22.93 33.63
CA ASP E 25 -12.81 -22.26 33.66
C ASP E 25 -12.32 -22.18 32.23
N ILE E 26 -12.10 -20.96 31.75
CA ILE E 26 -11.72 -20.68 30.36
C ILE E 26 -10.27 -20.20 30.24
N THR E 27 -9.57 -20.74 29.24
CA THR E 27 -8.20 -20.36 28.89
C THR E 27 -8.15 -19.89 27.43
N ILE E 28 -7.56 -18.72 27.17
CA ILE E 28 -7.42 -18.19 25.82
C ILE E 28 -5.97 -18.38 25.36
N VAL E 29 -5.78 -18.90 24.14
CA VAL E 29 -4.43 -19.15 23.61
C VAL E 29 -4.19 -18.32 22.35
N ASP E 30 -4.65 -17.08 22.38
CA ASP E 30 -4.58 -16.14 21.26
C ASP E 30 -3.16 -15.92 20.75
N ASN E 31 -3.03 -15.80 19.42
CA ASN E 31 -1.73 -15.50 18.80
C ASN E 31 -1.16 -14.14 19.20
N ASN E 32 -1.99 -13.10 19.37
CA ASN E 32 -1.38 -11.81 19.74
C ASN E 32 -2.27 -10.99 20.67
N ALA E 33 -1.63 -10.03 21.35
CA ALA E 33 -2.16 -9.29 22.49
C ALA E 33 -3.11 -8.10 22.27
N ASP E 34 -3.41 -7.62 21.05
CA ASP E 34 -4.42 -6.55 21.00
C ASP E 34 -5.78 -7.10 21.39
N ARG E 35 -6.16 -8.21 20.76
CA ARG E 35 -7.43 -8.83 21.02
C ARG E 35 -7.42 -9.27 22.47
N LEU E 36 -6.24 -9.65 22.95
CA LEU E 36 -6.08 -10.05 24.33
C LEU E 36 -6.46 -8.96 25.29
N ARG E 37 -6.01 -7.74 25.04
CA ARG E 37 -6.34 -6.68 25.97
C ARG E 37 -7.85 -6.54 25.98
N GLU E 38 -8.48 -6.56 24.79
CA GLU E 38 -9.94 -6.39 24.78
C GLU E 38 -10.66 -7.53 25.51
N LEU E 39 -10.26 -8.78 25.26
CA LEU E 39 -10.89 -9.95 25.85
C LEU E 39 -10.67 -10.02 27.37
N GLN E 40 -9.48 -9.59 27.82
CA GLN E 40 -9.13 -9.62 29.24
C GLN E 40 -10.11 -8.85 30.10
N ASP E 41 -10.72 -7.78 29.56
CA ASP E 41 -11.64 -6.99 30.36
C ASP E 41 -12.82 -7.82 30.84
N LYS E 42 -13.20 -8.86 30.08
CA LYS E 42 -14.28 -9.72 30.55
C LYS E 42 -13.83 -10.37 31.85
N TYR E 43 -14.72 -10.41 32.83
CA TYR E 43 -14.34 -10.86 34.17
C TYR E 43 -14.10 -12.37 34.23
N ASP E 44 -13.33 -12.76 35.26
CA ASP E 44 -13.03 -14.15 35.61
C ASP E 44 -12.37 -14.93 34.46
N LEU E 45 -11.30 -14.37 33.91
CA LEU E 45 -10.54 -14.99 32.83
C LEU E 45 -9.05 -15.13 33.15
N ARG E 46 -8.40 -16.11 32.50
CA ARG E 46 -6.95 -16.29 32.57
C ARG E 46 -6.42 -16.48 31.15
N VAL E 47 -5.47 -15.64 30.73
CA VAL E 47 -4.93 -15.71 29.38
C VAL E 47 -3.45 -16.10 29.36
N VAL E 48 -3.09 -16.90 28.34
CA VAL E 48 -1.71 -17.22 28.01
C VAL E 48 -1.43 -16.79 26.57
N ASN E 49 -0.26 -16.17 26.35
CA ASN E 49 0.14 -15.67 25.03
C ASN E 49 1.00 -16.73 24.35
N GLY E 50 0.47 -17.35 23.30
CA GLY E 50 1.25 -18.33 22.56
C GLY E 50 0.58 -18.68 21.25
N HIS E 51 1.38 -19.29 20.37
CA HIS E 51 0.84 -19.77 19.11
C HIS E 51 -0.20 -20.83 19.42
N ALA E 52 -1.18 -20.98 18.53
CA ALA E 52 -2.31 -21.86 18.83
C ALA E 52 -1.87 -23.30 19.06
N SER E 53 -1.00 -23.82 18.21
CA SER E 53 -0.85 -25.27 18.14
C SER E 53 0.41 -25.80 18.78
N HIS E 54 1.23 -24.94 19.35
CA HIS E 54 2.48 -25.41 19.90
C HIS E 54 2.34 -26.18 21.21
N PRO E 55 3.00 -27.32 21.35
CA PRO E 55 2.92 -28.12 22.58
C PRO E 55 3.14 -27.38 23.90
N ASP E 56 3.85 -26.25 23.97
CA ASP E 56 4.03 -25.64 25.30
C ASP E 56 2.67 -25.26 25.91
N VAL E 57 1.83 -24.54 25.15
CA VAL E 57 0.50 -24.19 25.65
C VAL E 57 -0.35 -25.44 25.75
N LEU E 58 -0.18 -26.35 24.79
CA LEU E 58 -0.95 -27.58 24.70
C LEU E 58 -0.70 -28.46 25.93
N HIS E 59 0.54 -28.52 26.40
CA HIS E 59 0.90 -29.33 27.55
C HIS E 59 0.17 -28.85 28.79
N GLU E 60 0.05 -27.52 28.94
CA GLU E 60 -0.72 -27.01 30.06
C GLU E 60 -2.14 -27.53 29.95
N ALA E 61 -2.71 -27.42 28.75
CA ALA E 61 -4.03 -27.97 28.50
C ALA E 61 -3.98 -29.47 28.62
N GLY E 62 -3.05 -30.09 27.89
CA GLY E 62 -3.01 -31.54 27.78
C GLY E 62 -2.79 -32.32 29.06
N ALA E 63 -1.85 -31.87 29.91
CA ALA E 63 -1.47 -32.66 31.09
C ALA E 63 -2.67 -33.01 31.97
N GLN E 64 -3.57 -32.07 32.16
CA GLN E 64 -4.86 -32.29 32.78
C GLN E 64 -5.84 -32.15 31.64
N ASP E 65 -6.72 -33.11 31.44
CA ASP E 65 -7.54 -33.04 30.22
C ASP E 65 -8.41 -31.79 30.13
N ALA E 66 -8.77 -31.18 31.25
CA ALA E 66 -9.48 -29.91 31.25
C ALA E 66 -10.74 -29.95 30.39
N ASP E 67 -11.41 -31.11 30.37
CA ASP E 67 -12.69 -31.27 29.63
C ASP E 67 -12.53 -30.88 28.16
N MET E 68 -13.39 -29.99 27.65
CA MET E 68 -13.47 -29.61 26.24
C MET E 68 -12.44 -28.59 25.78
N LEU E 69 -11.86 -28.86 24.61
CA LEU E 69 -10.93 -27.99 23.91
C LEU E 69 -11.64 -27.46 22.67
N VAL E 70 -11.83 -26.15 22.60
CA VAL E 70 -12.54 -25.52 21.49
C VAL E 70 -11.50 -24.80 20.63
N ALA E 71 -11.17 -25.38 19.48
CA ALA E 71 -10.15 -24.82 18.62
C ALA E 71 -10.83 -23.98 17.54
N VAL E 72 -10.93 -22.68 17.79
CA VAL E 72 -11.52 -21.72 16.86
C VAL E 72 -10.39 -20.84 16.36
N THR E 73 -10.08 -20.90 15.06
CA THR E 73 -8.96 -20.13 14.56
C THR E 73 -9.34 -19.52 13.21
N ASN E 74 -8.63 -18.43 12.85
CA ASN E 74 -8.83 -17.82 11.55
C ASN E 74 -8.39 -18.75 10.43
N THR E 75 -7.27 -19.44 10.60
CA THR E 75 -6.73 -20.31 9.57
C THR E 75 -7.13 -21.75 9.89
N ASP E 76 -7.60 -22.46 8.86
CA ASP E 76 -8.13 -23.80 9.08
C ASP E 76 -7.02 -24.82 9.22
N GLU E 77 -6.07 -24.83 8.28
CA GLU E 77 -4.99 -25.81 8.32
C GLU E 77 -4.27 -25.78 9.67
N THR E 78 -4.07 -24.57 10.21
CA THR E 78 -3.42 -24.44 11.51
C THR E 78 -4.33 -24.95 12.61
N ASN E 79 -5.63 -24.70 12.52
CA ASN E 79 -6.56 -25.15 13.55
C ASN E 79 -6.60 -26.68 13.59
N MET E 80 -6.61 -27.32 12.42
CA MET E 80 -6.60 -28.78 12.35
C MET E 80 -5.30 -29.34 12.92
N ALA E 81 -4.17 -28.80 12.47
CA ALA E 81 -2.89 -29.22 13.01
C ALA E 81 -2.84 -29.04 14.53
N ALA E 82 -3.42 -27.95 15.04
CA ALA E 82 -3.45 -27.73 16.48
C ALA E 82 -4.28 -28.77 17.19
N CYS E 83 -5.44 -29.09 16.64
CA CYS E 83 -6.33 -30.06 17.26
C CYS E 83 -5.72 -31.45 17.26
N GLN E 84 -4.97 -31.76 16.22
CA GLN E 84 -4.32 -33.07 16.15
C GLN E 84 -3.10 -33.14 17.03
N VAL E 85 -2.19 -32.16 16.96
CA VAL E 85 -1.03 -32.17 17.86
C VAL E 85 -1.53 -32.28 19.29
N ALA E 86 -2.65 -31.63 19.58
CA ALA E 86 -3.27 -31.71 20.90
C ALA E 86 -3.61 -33.16 21.22
N PHE E 87 -4.50 -33.77 20.44
CA PHE E 87 -4.97 -35.09 20.80
C PHE E 87 -3.83 -36.11 20.83
N THR E 88 -3.01 -36.17 19.79
CA THR E 88 -2.01 -37.24 19.80
C THR E 88 -0.82 -36.90 20.66
N LEU E 89 -0.87 -35.78 21.39
CA LEU E 89 0.10 -35.52 22.43
C LEU E 89 -0.54 -35.75 23.78
N PHE E 90 -1.74 -35.18 23.95
CA PHE E 90 -2.59 -35.32 25.11
C PHE E 90 -3.95 -35.72 24.55
N ASN E 91 -4.67 -36.67 25.17
CA ASN E 91 -5.83 -37.20 24.45
C ASN E 91 -6.91 -36.13 24.19
N THR E 92 -7.35 -35.39 25.21
CA THR E 92 -8.32 -34.32 25.04
C THR E 92 -9.58 -34.72 24.25
N PRO E 93 -10.36 -35.68 24.73
CA PRO E 93 -11.44 -36.26 23.90
C PRO E 93 -12.59 -35.32 23.55
N ASN E 94 -12.71 -34.15 24.17
CA ASN E 94 -13.81 -33.24 23.86
C ASN E 94 -13.44 -32.18 22.84
N ARG E 95 -12.34 -32.39 22.11
CA ARG E 95 -11.82 -31.42 21.16
C ARG E 95 -12.84 -31.01 20.09
N VAL E 96 -12.81 -29.73 19.72
CA VAL E 96 -13.66 -29.16 18.68
C VAL E 96 -12.79 -28.29 17.78
N ALA E 97 -13.24 -28.09 16.53
CA ALA E 97 -12.47 -27.35 15.54
C ALA E 97 -13.38 -26.43 14.73
N ARG E 98 -12.80 -25.34 14.22
CA ARG E 98 -13.50 -24.36 13.39
C ARG E 98 -12.77 -24.29 12.05
N ILE E 99 -13.41 -24.76 10.99
CA ILE E 99 -12.84 -24.71 9.66
C ILE E 99 -13.78 -23.95 8.73
N ARG E 100 -13.24 -22.92 8.06
CA ARG E 100 -13.93 -22.13 7.05
C ARG E 100 -13.34 -22.56 5.71
N SER E 101 -13.12 -23.86 5.65
CA SER E 101 -12.37 -24.51 4.57
C SER E 101 -12.93 -24.32 3.17
N PRO E 102 -14.24 -24.20 2.93
CA PRO E 102 -15.16 -25.30 3.23
C PRO E 102 -14.90 -26.59 2.48
N GLU E 103 -14.17 -26.58 1.36
CA GLU E 103 -13.92 -27.79 0.58
C GLU E 103 -13.69 -29.02 1.46
N TYR E 104 -12.99 -28.85 2.58
CA TYR E 104 -12.81 -29.96 3.53
C TYR E 104 -14.16 -30.44 4.07
N LEU E 105 -15.13 -29.55 4.27
CA LEU E 105 -16.45 -29.97 4.72
C LEU E 105 -17.06 -31.04 3.82
N ALA E 106 -16.67 -31.06 2.55
CA ALA E 106 -17.16 -32.09 1.65
C ALA E 106 -16.66 -33.47 2.05
N GLU E 107 -15.37 -33.57 2.40
CA GLU E 107 -14.76 -34.85 2.77
C GLU E 107 -14.63 -34.98 4.28
N LYS E 108 -15.56 -34.39 5.04
CA LYS E 108 -15.48 -34.43 6.50
C LYS E 108 -15.74 -35.83 7.04
N GLU E 109 -16.52 -36.65 6.33
CA GLU E 109 -16.76 -38.02 6.74
C GLU E 109 -15.59 -38.94 6.45
N ALA E 110 -14.58 -38.49 5.70
CA ALA E 110 -13.48 -39.34 5.32
C ALA E 110 -12.23 -39.09 6.15
N LEU E 111 -11.81 -37.83 6.27
CA LEU E 111 -10.62 -37.51 7.05
C LEU E 111 -10.89 -37.46 8.55
N PHE E 112 -12.03 -36.90 8.96
CA PHE E 112 -12.23 -36.54 10.36
C PHE E 112 -12.62 -37.71 11.27
N LYS E 113 -13.26 -38.75 10.73
CA LYS E 113 -13.90 -39.76 11.58
C LYS E 113 -12.96 -40.43 12.57
N SER E 114 -13.55 -40.80 13.72
CA SER E 114 -12.83 -41.30 14.89
C SER E 114 -11.85 -42.41 14.53
N GLY E 115 -10.64 -42.30 15.09
CA GLY E 115 -9.54 -43.20 14.82
C GLY E 115 -8.57 -42.68 13.79
N ALA E 116 -8.90 -41.59 13.10
CA ALA E 116 -8.04 -40.97 12.12
C ALA E 116 -7.05 -40.04 12.82
N ILE E 117 -6.00 -39.68 12.09
CA ILE E 117 -4.98 -38.78 12.62
C ILE E 117 -5.46 -37.36 12.85
N PRO E 118 -6.29 -36.74 11.99
CA PRO E 118 -6.68 -35.35 12.28
C PRO E 118 -7.39 -35.20 13.61
N VAL E 119 -8.30 -36.12 13.92
CA VAL E 119 -9.04 -36.24 15.19
C VAL E 119 -9.90 -35.01 15.48
N ASP E 120 -10.83 -34.72 14.57
CA ASP E 120 -11.77 -33.63 14.75
C ASP E 120 -13.11 -34.25 15.09
N HIS E 121 -13.71 -33.82 16.20
CA HIS E 121 -14.99 -34.37 16.63
C HIS E 121 -16.17 -33.57 16.09
N LEU E 122 -16.14 -32.25 16.25
CA LEU E 122 -17.23 -31.39 15.82
C LEU E 122 -16.62 -30.23 15.03
N ILE E 123 -17.30 -29.82 13.98
CA ILE E 123 -16.81 -28.74 13.12
C ILE E 123 -17.79 -27.59 13.21
N ALA E 124 -17.27 -26.41 13.53
CA ALA E 124 -18.11 -25.21 13.54
C ALA E 124 -17.61 -24.29 12.44
N PRO E 125 -18.40 -24.04 11.43
CA PRO E 125 -17.98 -23.13 10.37
C PRO E 125 -18.67 -21.77 10.44
N GLU E 126 -18.21 -20.82 9.65
CA GLU E 126 -18.88 -19.55 9.57
C GLU E 126 -19.91 -19.57 8.45
N GLU E 127 -20.08 -20.74 7.84
CA GLU E 127 -21.07 -20.95 6.78
C GLU E 127 -22.50 -20.76 7.29
N LEU E 128 -22.77 -21.00 8.58
CA LEU E 128 -24.14 -20.87 9.08
C LEU E 128 -24.76 -19.52 8.78
N VAL E 129 -24.03 -18.42 9.01
CA VAL E 129 -24.60 -17.12 8.63
C VAL E 129 -25.12 -17.18 7.19
N THR E 130 -24.38 -17.83 6.29
CA THR E 130 -24.87 -17.94 4.92
C THR E 130 -26.16 -18.76 4.88
N SER E 131 -26.15 -19.91 5.57
CA SER E 131 -27.36 -20.72 5.62
C SER E 131 -28.45 -19.96 6.34
N TYR E 132 -28.08 -19.24 7.40
CA TYR E 132 -29.04 -18.42 8.11
C TYR E 132 -29.62 -17.37 7.19
N ILE E 133 -28.78 -16.74 6.37
CA ILE E 133 -29.31 -15.74 5.45
C ILE E 133 -30.25 -16.42 4.46
N GLU E 134 -29.90 -17.63 4.04
CA GLU E 134 -30.79 -18.36 3.15
C GLU E 134 -32.11 -18.63 3.84
N ARG E 135 -32.07 -19.04 5.11
CA ARG E 135 -33.33 -19.26 5.80
C ARG E 135 -34.11 -17.96 5.87
N LEU E 136 -33.40 -16.85 6.08
CA LEU E 136 -34.07 -15.56 6.13
C LEU E 136 -34.73 -15.26 4.79
N ILE E 137 -34.07 -15.62 3.68
CA ILE E 137 -34.64 -15.39 2.37
C ILE E 137 -35.72 -16.42 2.05
N GLN E 138 -35.69 -17.58 2.71
CA GLN E 138 -36.71 -18.59 2.47
C GLN E 138 -38.07 -18.18 3.04
N TYR E 139 -38.08 -17.66 4.27
CA TYR E 139 -39.32 -17.18 4.88
C TYR E 139 -39.46 -15.69 4.59
N PRO E 140 -40.47 -15.27 3.81
CA PRO E 140 -40.51 -13.87 3.37
C PRO E 140 -40.55 -12.83 4.49
N GLY E 141 -41.19 -13.12 5.62
CA GLY E 141 -41.27 -12.11 6.65
C GLY E 141 -40.49 -12.41 7.92
N ALA E 142 -39.50 -13.29 7.84
CA ALA E 142 -38.74 -13.68 9.03
C ALA E 142 -37.64 -12.67 9.32
N LEU E 143 -37.97 -11.64 10.11
CA LEU E 143 -36.97 -10.64 10.47
C LEU E 143 -35.91 -11.23 11.41
N GLN E 144 -36.32 -12.11 12.33
CA GLN E 144 -35.37 -12.62 13.31
C GLN E 144 -35.92 -13.87 13.98
N VAL E 145 -35.01 -14.71 14.47
CA VAL E 145 -35.36 -15.84 15.35
C VAL E 145 -34.27 -15.96 16.42
N VAL E 146 -34.69 -16.10 17.67
CA VAL E 146 -33.79 -16.43 18.78
C VAL E 146 -34.35 -17.65 19.49
N SER E 147 -33.48 -18.39 20.16
CA SER E 147 -33.83 -19.66 20.77
C SER E 147 -33.49 -19.68 22.25
N PHE E 148 -34.44 -20.14 23.08
CA PHE E 148 -34.27 -20.22 24.51
C PHE E 148 -34.51 -21.65 24.99
N ALA E 149 -33.91 -21.95 26.14
CA ALA E 149 -34.01 -23.24 26.83
C ALA E 149 -33.67 -24.42 25.92
N GLU E 150 -32.45 -24.41 25.38
CA GLU E 150 -31.94 -25.51 24.57
C GLU E 150 -32.83 -25.77 23.35
N GLN E 151 -33.30 -24.70 22.73
CA GLN E 151 -34.14 -24.71 21.53
C GLN E 151 -35.54 -25.22 21.81
N LYS E 152 -35.93 -25.37 23.08
CA LYS E 152 -37.30 -25.78 23.37
C LYS E 152 -38.29 -24.69 22.98
N VAL E 153 -37.99 -23.45 23.36
CA VAL E 153 -38.87 -22.33 23.04
C VAL E 153 -38.11 -21.39 22.12
N SER E 154 -38.81 -20.83 21.14
CA SER E 154 -38.17 -19.95 20.17
C SER E 154 -39.00 -18.69 19.98
N LEU E 155 -38.35 -17.54 20.09
CA LEU E 155 -38.97 -16.26 19.79
C LEU E 155 -38.68 -15.92 18.34
N VAL E 156 -39.70 -15.37 17.66
CA VAL E 156 -39.56 -15.01 16.25
C VAL E 156 -40.13 -13.62 16.04
N ALA E 157 -39.46 -12.83 15.21
CA ALA E 157 -39.85 -11.47 14.88
C ALA E 157 -40.17 -11.45 13.38
N VAL E 158 -41.45 -11.29 13.05
CA VAL E 158 -41.91 -11.27 11.67
C VAL E 158 -42.38 -9.86 11.31
N LYS E 159 -42.35 -9.57 10.01
CA LYS E 159 -42.74 -8.28 9.46
C LYS E 159 -43.96 -8.43 8.58
N ALA E 160 -44.90 -7.49 8.72
CA ALA E 160 -46.14 -7.49 7.94
C ALA E 160 -45.97 -6.53 6.76
N TYR E 161 -45.92 -7.09 5.56
CA TYR E 161 -45.75 -6.32 4.33
C TYR E 161 -47.10 -6.04 3.69
N TYR E 162 -47.20 -4.86 3.05
CA TYR E 162 -48.39 -4.53 2.29
C TYR E 162 -48.68 -5.60 1.25
N GLY E 163 -49.93 -6.05 1.20
CA GLY E 163 -50.33 -7.17 0.37
C GLY E 163 -50.10 -8.55 0.96
N GLY E 164 -49.42 -8.65 2.11
CA GLY E 164 -49.21 -9.92 2.75
C GLY E 164 -50.48 -10.47 3.39
N PRO E 165 -50.33 -11.63 4.04
CA PRO E 165 -51.50 -12.23 4.72
C PRO E 165 -51.72 -11.69 6.13
N LEU E 166 -50.70 -11.07 6.73
CA LEU E 166 -50.83 -10.50 8.06
C LEU E 166 -51.62 -9.22 8.00
N VAL E 167 -51.45 -8.46 6.91
CA VAL E 167 -52.04 -7.14 6.74
C VAL E 167 -53.55 -7.18 6.87
N GLY E 168 -54.09 -6.22 7.62
CA GLY E 168 -55.52 -6.05 7.71
C GLY E 168 -56.23 -7.06 8.58
N ASN E 169 -55.53 -8.05 9.10
CA ASN E 169 -56.11 -9.11 9.90
C ASN E 169 -55.89 -8.86 11.38
N ALA E 170 -56.96 -8.98 12.17
CA ALA E 170 -56.87 -8.77 13.60
C ALA E 170 -56.18 -9.95 14.26
N LEU E 171 -55.44 -9.67 15.33
CA LEU E 171 -54.65 -10.69 16.00
C LEU E 171 -55.50 -11.89 16.42
N SER E 172 -56.80 -11.68 16.66
CA SER E 172 -57.67 -12.79 17.01
C SER E 172 -57.90 -13.72 15.82
N ALA E 173 -57.89 -13.17 14.61
CA ALA E 173 -58.03 -14.02 13.43
C ALA E 173 -56.78 -14.86 13.22
N LEU E 174 -55.61 -14.27 13.49
CA LEU E 174 -54.38 -15.05 13.46
C LEU E 174 -54.40 -16.14 14.52
N ARG E 175 -54.98 -15.85 15.69
CA ARG E 175 -55.08 -16.87 16.73
C ARG E 175 -56.03 -17.98 16.31
N GLU E 176 -57.09 -17.66 15.57
CA GLU E 176 -58.08 -18.65 15.18
C GLU E 176 -57.69 -19.40 13.91
N HIS E 177 -56.70 -18.89 13.16
CA HIS E 177 -56.28 -19.59 11.95
C HIS E 177 -55.53 -20.88 12.26
N MET E 178 -55.03 -21.02 13.48
CA MET E 178 -54.39 -22.25 13.94
C MET E 178 -54.81 -22.52 15.37
N PRO E 179 -56.03 -23.05 15.56
CA PRO E 179 -56.53 -23.25 16.93
C PRO E 179 -55.76 -24.28 17.73
N HIS E 180 -54.86 -25.05 17.12
CA HIS E 180 -54.05 -26.03 17.81
C HIS E 180 -52.65 -25.52 18.12
N ILE E 181 -52.37 -24.25 17.84
CA ILE E 181 -51.07 -23.65 18.09
C ILE E 181 -51.16 -22.77 19.33
N ASP E 182 -50.29 -23.03 20.31
CA ASP E 182 -50.24 -22.24 21.53
C ASP E 182 -49.02 -21.30 21.43
N THR E 183 -49.27 -20.09 20.92
CA THR E 183 -48.27 -19.06 20.82
C THR E 183 -48.67 -17.86 21.67
N ARG E 184 -47.69 -17.00 21.95
CA ARG E 184 -47.92 -15.82 22.78
C ARG E 184 -47.21 -14.64 22.14
N VAL E 185 -47.97 -13.64 21.72
CA VAL E 185 -47.39 -12.45 21.12
C VAL E 185 -46.71 -11.63 22.21
N ALA E 186 -45.39 -11.46 22.09
CA ALA E 186 -44.64 -10.76 23.12
C ALA E 186 -44.88 -9.26 23.05
N ALA E 187 -44.51 -8.64 21.93
CA ALA E 187 -44.73 -7.21 21.74
C ALA E 187 -44.87 -6.95 20.24
N ILE E 188 -45.37 -5.75 19.93
CA ILE E 188 -45.59 -5.33 18.55
C ILE E 188 -45.09 -3.90 18.40
N PHE E 189 -44.06 -3.73 17.57
CA PHE E 189 -43.50 -2.42 17.29
C PHE E 189 -44.13 -1.86 16.03
N ARG E 190 -44.67 -0.64 16.12
CA ARG E 190 -45.36 0.00 15.00
C ARG E 190 -44.85 1.43 14.88
N GLN E 191 -44.32 1.77 13.70
CA GLN E 191 -43.73 3.08 13.44
C GLN E 191 -42.65 3.43 14.45
N GLY E 192 -41.95 2.41 14.97
CA GLY E 192 -40.93 2.60 15.97
C GLY E 192 -41.41 2.60 17.40
N ARG E 193 -42.70 2.84 17.63
CA ARG E 193 -43.11 2.82 19.03
C ARG E 193 -43.79 1.49 19.36
N PRO E 194 -43.57 0.95 20.56
CA PRO E 194 -44.20 -0.32 20.92
C PRO E 194 -45.69 -0.13 21.21
N ILE E 195 -46.40 -1.25 21.24
CA ILE E 195 -47.84 -1.27 21.44
C ILE E 195 -48.18 -2.50 22.27
N ARG E 196 -49.18 -2.37 23.15
CA ARG E 196 -49.66 -3.51 23.92
C ARG E 196 -50.57 -4.37 23.04
N PRO E 197 -50.21 -5.61 22.74
CA PRO E 197 -50.98 -6.37 21.73
C PRO E 197 -52.02 -7.33 22.29
N GLN E 198 -53.29 -7.09 21.96
CA GLN E 198 -54.36 -8.03 22.29
C GLN E 198 -55.56 -7.70 21.40
N GLY E 199 -56.03 -8.69 20.64
CA GLY E 199 -57.21 -8.49 19.81
C GLY E 199 -57.21 -7.21 19.02
N THR E 200 -56.07 -6.89 18.39
CA THR E 200 -55.89 -5.62 17.69
C THR E 200 -55.60 -5.87 16.21
N THR E 201 -56.03 -4.92 15.39
CA THR E 201 -55.85 -5.01 13.95
C THR E 201 -54.39 -4.73 13.60
N ILE E 202 -53.78 -5.60 12.81
CA ILE E 202 -52.37 -5.47 12.46
C ILE E 202 -52.26 -4.42 11.36
N ILE E 203 -51.92 -3.19 11.76
CA ILE E 203 -51.77 -2.10 10.80
C ILE E 203 -50.68 -2.42 9.80
N GLU E 204 -50.97 -2.16 8.52
CA GLU E 204 -50.09 -2.58 7.43
C GLU E 204 -48.73 -1.90 7.43
N ALA E 205 -48.56 -0.79 8.16
CA ALA E 205 -47.28 -0.10 8.02
C ALA E 205 -46.16 -0.84 8.74
N ASP E 206 -45.72 -1.95 8.15
CA ASP E 206 -44.54 -2.68 8.60
C ASP E 206 -44.58 -3.03 10.09
N ASP E 207 -45.75 -3.43 10.59
CA ASP E 207 -45.81 -3.86 11.98
C ASP E 207 -44.93 -5.09 12.17
N GLU E 208 -44.17 -5.09 13.25
CA GLU E 208 -43.29 -6.21 13.60
C GLU E 208 -43.89 -6.96 14.78
N VAL E 209 -44.19 -8.24 14.56
CA VAL E 209 -44.88 -9.07 15.54
C VAL E 209 -43.91 -10.11 16.07
N PHE E 210 -43.88 -10.26 17.39
CA PHE E 210 -42.95 -11.16 18.06
C PHE E 210 -43.74 -12.32 18.67
N PHE E 211 -43.59 -13.50 18.09
CA PHE E 211 -44.15 -14.71 18.66
C PHE E 211 -43.18 -15.29 19.68
N VAL E 212 -43.76 -15.98 20.67
CA VAL E 212 -43.01 -16.80 21.62
C VAL E 212 -43.81 -18.07 21.85
N ALA E 213 -43.23 -19.21 21.49
CA ALA E 213 -43.90 -20.50 21.65
C ALA E 213 -42.85 -21.60 21.59
N ALA E 214 -43.31 -22.83 21.82
CA ALA E 214 -42.45 -23.98 21.71
C ALA E 214 -42.00 -24.14 20.25
N SER E 215 -40.81 -24.71 20.07
CA SER E 215 -40.22 -24.79 18.74
C SER E 215 -41.11 -25.56 17.77
N ASN E 216 -41.87 -26.55 18.24
CA ASN E 216 -42.77 -27.27 17.35
C ASN E 216 -43.83 -26.34 16.78
N HIS E 217 -44.38 -25.47 17.62
CA HIS E 217 -45.40 -24.55 17.17
C HIS E 217 -44.78 -23.48 16.28
N ILE E 218 -43.59 -23.02 16.62
CA ILE E 218 -42.94 -22.00 15.81
C ILE E 218 -42.64 -22.56 14.42
N ARG E 219 -42.11 -23.79 14.35
CA ARG E 219 -41.89 -24.45 13.07
C ARG E 219 -43.17 -24.65 12.30
N SER E 220 -44.32 -24.60 12.98
CA SER E 220 -45.56 -24.78 12.23
C SER E 220 -46.12 -23.44 11.74
N VAL E 221 -46.10 -22.42 12.59
CA VAL E 221 -46.59 -21.11 12.17
C VAL E 221 -45.69 -20.48 11.11
N MET E 222 -44.38 -20.71 11.18
CA MET E 222 -43.51 -20.13 10.16
C MET E 222 -43.67 -20.84 8.84
N SER E 223 -43.90 -22.14 8.85
CA SER E 223 -44.16 -22.86 7.61
C SER E 223 -45.51 -22.43 7.02
N GLU E 224 -46.50 -22.17 7.87
CA GLU E 224 -47.78 -21.68 7.37
C GLU E 224 -47.65 -20.29 6.76
N LEU E 225 -46.87 -19.42 7.40
CA LEU E 225 -46.62 -18.10 6.82
C LEU E 225 -45.80 -18.19 5.54
N GLN E 226 -44.90 -19.18 5.46
CA GLN E 226 -44.20 -19.46 4.21
C GLN E 226 -45.19 -19.84 3.11
N ARG E 227 -46.19 -20.65 3.45
CA ARG E 227 -47.13 -21.10 2.44
C ARG E 227 -48.01 -19.94 1.98
N LEU E 228 -48.37 -19.04 2.90
CA LEU E 228 -49.31 -17.98 2.54
C LEU E 228 -48.63 -16.84 1.80
N GLU E 229 -47.46 -16.42 2.26
CA GLU E 229 -46.79 -15.24 1.71
C GLU E 229 -46.15 -15.55 0.36
N LYS E 230 -46.29 -14.61 -0.57
CA LYS E 230 -45.73 -14.80 -1.91
C LYS E 230 -44.21 -14.80 -1.84
N PRO E 231 -43.55 -15.83 -2.39
CA PRO E 231 -42.09 -15.91 -2.26
C PRO E 231 -41.36 -14.91 -3.14
N TYR E 232 -40.15 -14.56 -2.71
CA TYR E 232 -39.33 -13.61 -3.43
C TYR E 232 -38.75 -14.24 -4.69
N ARG E 233 -38.72 -13.47 -5.78
CA ARG E 233 -38.20 -14.00 -7.05
C ARG E 233 -36.82 -13.47 -7.38
N ARG E 234 -36.60 -12.15 -7.32
CA ARG E 234 -35.31 -11.57 -7.62
C ARG E 234 -34.57 -11.18 -6.34
N ILE E 235 -33.25 -11.33 -6.38
CA ILE E 235 -32.40 -11.12 -5.21
C ILE E 235 -31.11 -10.43 -5.66
N MET E 236 -30.61 -9.50 -4.85
CA MET E 236 -29.41 -8.75 -5.20
C MET E 236 -28.43 -8.79 -4.05
N ILE E 237 -27.14 -8.95 -4.38
CA ILE E 237 -26.08 -9.08 -3.39
C ILE E 237 -24.96 -8.09 -3.74
N VAL E 238 -24.41 -7.42 -2.73
CA VAL E 238 -23.32 -6.48 -2.93
C VAL E 238 -22.12 -6.80 -2.03
N GLY E 239 -21.53 -7.98 -2.19
CA GLY E 239 -20.10 -8.12 -1.93
C GLY E 239 -19.55 -9.37 -2.55
N GLY E 240 -18.26 -9.32 -2.88
CA GLY E 240 -17.57 -10.39 -3.57
C GLY E 240 -16.91 -11.44 -2.71
N GLY E 241 -17.15 -11.43 -1.39
CA GLY E 241 -16.36 -12.23 -0.48
C GLY E 241 -16.75 -13.70 -0.51
N ASN E 242 -16.10 -14.48 0.34
CA ASN E 242 -16.43 -15.90 0.44
C ASN E 242 -17.87 -16.12 0.88
N ILE E 243 -18.46 -15.14 1.57
CA ILE E 243 -19.86 -15.26 1.98
C ILE E 243 -20.75 -14.88 0.82
N GLY E 244 -20.44 -13.77 0.14
CA GLY E 244 -21.23 -13.38 -1.01
C GLY E 244 -21.20 -14.45 -2.10
N ALA E 245 -19.99 -14.93 -2.41
CA ALA E 245 -19.83 -16.01 -3.38
C ALA E 245 -20.60 -17.27 -2.98
N SER E 246 -20.34 -17.80 -1.78
CA SER E 246 -20.99 -19.04 -1.40
C SER E 246 -22.50 -18.89 -1.24
N LEU E 247 -22.98 -17.68 -0.95
CA LEU E 247 -24.42 -17.47 -0.86
C LEU E 247 -25.03 -17.40 -2.25
N ALA E 248 -24.36 -16.72 -3.19
CA ALA E 248 -24.85 -16.68 -4.56
C ALA E 248 -24.89 -18.08 -5.14
N LYS E 249 -23.83 -18.86 -4.93
CA LYS E 249 -23.81 -20.26 -5.36
C LYS E 249 -24.99 -21.03 -4.79
N ARG E 250 -25.23 -20.90 -3.49
CA ARG E 250 -26.29 -21.71 -2.88
C ARG E 250 -27.69 -21.23 -3.26
N LEU E 251 -27.85 -19.96 -3.63
CA LEU E 251 -29.16 -19.39 -3.94
C LEU E 251 -29.49 -19.38 -5.43
N GLU E 252 -28.49 -19.28 -6.30
CA GLU E 252 -28.72 -19.02 -7.72
C GLU E 252 -29.67 -20.02 -8.36
N GLN E 253 -29.74 -21.24 -7.84
CA GLN E 253 -30.55 -22.27 -8.48
C GLN E 253 -32.04 -21.97 -8.33
N THR E 254 -32.44 -21.34 -7.23
CA THR E 254 -33.86 -21.11 -6.94
C THR E 254 -34.29 -19.67 -7.20
N TYR E 255 -33.36 -18.73 -7.27
CA TYR E 255 -33.69 -17.33 -7.50
C TYR E 255 -32.75 -16.75 -8.55
N SER E 256 -33.14 -15.60 -9.11
CA SER E 256 -32.35 -14.90 -10.12
C SER E 256 -31.46 -13.90 -9.40
N VAL E 257 -30.15 -14.14 -9.42
CA VAL E 257 -29.20 -13.42 -8.58
C VAL E 257 -28.35 -12.49 -9.44
N LYS E 258 -28.27 -11.23 -9.01
CA LYS E 258 -27.32 -10.26 -9.53
C LYS E 258 -26.40 -9.85 -8.40
N LEU E 259 -25.10 -9.99 -8.64
CA LEU E 259 -24.08 -9.74 -7.63
C LEU E 259 -23.24 -8.54 -8.07
N ILE E 260 -22.77 -7.78 -7.10
CA ILE E 260 -22.05 -6.53 -7.34
C ILE E 260 -20.69 -6.63 -6.68
N GLU E 261 -19.67 -6.08 -7.34
CA GLU E 261 -18.30 -6.17 -6.87
C GLU E 261 -17.60 -4.85 -7.13
N ARG E 262 -16.66 -4.50 -6.25
CA ARG E 262 -15.86 -3.30 -6.44
C ARG E 262 -14.50 -3.57 -7.08
N ASP E 263 -13.99 -4.79 -6.91
CA ASP E 263 -12.69 -5.17 -7.45
C ASP E 263 -12.89 -5.83 -8.80
N TYR E 264 -12.42 -5.17 -9.86
CA TYR E 264 -12.62 -5.68 -11.22
C TYR E 264 -12.08 -7.09 -11.36
N GLN E 265 -10.86 -7.34 -10.85
CA GLN E 265 -10.26 -8.65 -10.96
C GLN E 265 -11.09 -9.69 -10.21
N ARG E 266 -11.66 -9.30 -9.06
CA ARG E 266 -12.53 -10.21 -8.33
C ARG E 266 -13.80 -10.52 -9.13
N ALA E 267 -14.37 -9.52 -9.78
CA ALA E 267 -15.55 -9.74 -10.60
C ALA E 267 -15.24 -10.70 -11.75
N GLU E 268 -14.11 -10.49 -12.42
CA GLU E 268 -13.69 -11.40 -13.49
C GLU E 268 -13.51 -12.82 -12.96
N LYS E 269 -12.88 -12.98 -11.79
CA LYS E 269 -12.68 -14.31 -11.23
C LYS E 269 -14.01 -14.94 -10.82
N LEU E 270 -14.98 -14.13 -10.41
CA LEU E 270 -16.28 -14.64 -10.00
C LEU E 270 -17.10 -15.13 -11.19
N SER E 271 -17.20 -14.30 -12.24
CA SER E 271 -18.04 -14.63 -13.39
C SER E 271 -17.70 -15.99 -13.99
N GLU E 272 -16.44 -16.42 -13.87
CA GLU E 272 -16.09 -17.79 -14.25
C GLU E 272 -16.76 -18.80 -13.34
N GLN E 273 -16.59 -18.65 -12.02
CA GLN E 273 -17.13 -19.60 -11.07
C GLN E 273 -18.66 -19.60 -11.09
N LEU E 274 -19.27 -18.42 -11.08
CA LEU E 274 -20.72 -18.29 -10.90
C LEU E 274 -21.42 -18.42 -12.25
N GLU E 275 -22.19 -19.48 -12.41
CA GLU E 275 -23.12 -19.63 -13.52
C GLU E 275 -24.53 -19.31 -13.05
N ASN E 276 -25.33 -18.75 -13.97
CA ASN E 276 -26.71 -18.31 -13.72
C ASN E 276 -26.79 -17.07 -12.84
N THR E 277 -25.64 -16.46 -12.51
CA THR E 277 -25.59 -15.30 -11.63
C THR E 277 -24.96 -14.15 -12.40
N ILE E 278 -25.72 -13.10 -12.61
CA ILE E 278 -25.20 -11.93 -13.34
C ILE E 278 -24.30 -11.15 -12.38
N VAL E 279 -23.00 -11.14 -12.67
CA VAL E 279 -22.01 -10.55 -11.77
C VAL E 279 -21.58 -9.21 -12.33
N PHE E 280 -21.68 -8.17 -11.50
CA PHE E 280 -21.41 -6.80 -11.90
C PHE E 280 -20.08 -6.34 -11.32
N CYS E 281 -19.69 -5.11 -11.67
CA CYS E 281 -18.46 -4.51 -11.16
C CYS E 281 -18.74 -3.04 -10.86
N GLY E 282 -18.99 -2.72 -9.59
CA GLY E 282 -19.25 -1.35 -9.20
C GLY E 282 -19.42 -1.22 -7.71
N ASP E 283 -19.44 0.02 -7.25
CA ASP E 283 -19.66 0.29 -5.83
C ASP E 283 -21.12 0.06 -5.48
N ALA E 284 -21.35 -0.50 -4.28
CA ALA E 284 -22.70 -0.68 -3.79
C ALA E 284 -23.41 0.63 -3.48
N ALA E 285 -22.74 1.78 -3.65
CA ALA E 285 -23.28 3.06 -3.25
C ALA E 285 -24.00 3.79 -4.39
N ASP E 286 -23.47 3.72 -5.62
CA ASP E 286 -23.97 4.56 -6.69
C ASP E 286 -25.37 4.13 -7.12
N GLN E 287 -26.28 5.11 -7.21
CA GLN E 287 -27.63 4.84 -7.69
C GLN E 287 -27.63 4.52 -9.18
N GLU E 288 -26.73 5.16 -9.93
CA GLU E 288 -26.65 4.98 -11.37
C GLU E 288 -26.51 3.53 -11.81
N LEU E 289 -26.08 2.64 -10.92
CA LEU E 289 -26.08 1.21 -11.20
C LEU E 289 -27.35 0.51 -10.71
N LEU E 290 -27.84 0.90 -9.53
CA LEU E 290 -28.99 0.21 -8.95
C LEU E 290 -30.26 0.49 -9.75
N THR E 291 -30.56 1.77 -10.00
CA THR E 291 -31.69 2.12 -10.84
C THR E 291 -31.56 1.48 -12.23
N GLU E 292 -30.37 1.59 -12.84
CA GLU E 292 -30.12 0.93 -14.12
C GLU E 292 -30.29 -0.58 -14.03
N GLU E 293 -30.33 -1.15 -12.83
CA GLU E 293 -30.42 -2.60 -12.66
C GLU E 293 -31.71 -3.03 -11.98
N ASN E 294 -32.79 -2.28 -12.20
CA ASN E 294 -34.12 -2.64 -11.71
C ASN E 294 -34.14 -2.75 -10.18
N ILE E 295 -33.63 -1.70 -9.52
CA ILE E 295 -33.66 -1.67 -8.06
C ILE E 295 -35.10 -1.58 -7.58
N ASP E 296 -36.00 -0.99 -8.37
CA ASP E 296 -37.40 -0.88 -7.98
C ASP E 296 -38.10 -2.23 -8.00
N GLN E 297 -37.53 -3.23 -8.66
CA GLN E 297 -38.18 -4.53 -8.81
C GLN E 297 -37.47 -5.64 -8.04
N VAL E 298 -36.37 -5.34 -7.36
CA VAL E 298 -35.66 -6.38 -6.61
C VAL E 298 -36.41 -6.63 -5.32
N ASP E 299 -36.39 -7.87 -4.85
CA ASP E 299 -37.12 -8.18 -3.63
C ASP E 299 -36.27 -7.99 -2.39
N VAL E 300 -35.08 -8.60 -2.34
CA VAL E 300 -34.22 -8.54 -1.17
C VAL E 300 -32.82 -8.09 -1.57
N PHE E 301 -32.29 -7.12 -0.83
CA PHE E 301 -30.98 -6.54 -1.05
C PHE E 301 -30.07 -6.94 0.11
N ILE E 302 -29.13 -7.84 -0.15
CA ILE E 302 -28.22 -8.37 0.86
C ILE E 302 -26.87 -7.71 0.70
N ALA E 303 -26.32 -7.18 1.79
CA ALA E 303 -25.05 -6.48 1.78
C ALA E 303 -24.02 -7.26 2.59
N LEU E 304 -23.01 -7.79 1.92
CA LEU E 304 -21.99 -8.63 2.54
C LEU E 304 -20.60 -8.04 2.34
N THR E 305 -20.49 -6.71 2.32
CA THR E 305 -19.21 -6.04 2.16
C THR E 305 -18.34 -6.22 3.40
N ASN E 306 -17.04 -5.96 3.23
CA ASN E 306 -16.12 -5.98 4.35
C ASN E 306 -16.46 -4.89 5.36
N GLU E 307 -16.78 -3.70 4.87
CA GLU E 307 -17.05 -2.54 5.72
C GLU E 307 -18.50 -2.55 6.15
N ASP E 308 -18.73 -2.37 7.46
CA ASP E 308 -20.09 -2.34 7.98
C ASP E 308 -20.82 -1.08 7.55
N GLU E 309 -20.16 0.08 7.61
CA GLU E 309 -20.83 1.33 7.27
C GLU E 309 -21.25 1.35 5.80
N THR E 310 -20.50 0.67 4.94
CA THR E 310 -20.86 0.61 3.53
C THR E 310 -22.11 -0.25 3.33
N ASN E 311 -22.18 -1.38 4.04
CA ASN E 311 -23.40 -2.18 4.07
C ASN E 311 -24.59 -1.33 4.50
N ILE E 312 -24.48 -0.71 5.67
CA ILE E 312 -25.59 0.08 6.21
C ILE E 312 -26.05 1.14 5.22
N MET E 313 -25.11 1.88 4.63
CA MET E 313 -25.52 2.98 3.76
C MET E 313 -26.09 2.49 2.43
N SER E 314 -25.47 1.48 1.82
CA SER E 314 -25.98 0.96 0.57
C SER E 314 -27.36 0.35 0.76
N ALA E 315 -27.57 -0.35 1.87
CA ALA E 315 -28.85 -0.98 2.13
C ALA E 315 -29.92 0.04 2.53
N MET E 316 -29.53 1.11 3.24
CA MET E 316 -30.46 2.20 3.51
C MET E 316 -30.84 2.94 2.24
N LEU E 317 -30.00 2.88 1.21
CA LEU E 317 -30.36 3.52 -0.05
C LEU E 317 -31.25 2.60 -0.89
N ALA E 318 -30.95 1.30 -0.89
CA ALA E 318 -31.78 0.33 -1.60
C ALA E 318 -33.15 0.19 -0.97
N LYS E 319 -33.27 0.40 0.34
CA LYS E 319 -34.58 0.40 0.98
C LYS E 319 -35.42 1.57 0.50
N ARG E 320 -34.82 2.76 0.39
CA ARG E 320 -35.55 3.91 -0.12
C ARG E 320 -35.93 3.73 -1.58
N MET E 321 -35.08 3.05 -2.35
CA MET E 321 -35.31 2.96 -3.79
C MET E 321 -36.33 1.90 -4.18
N GLY E 322 -36.68 0.97 -3.30
CA GLY E 322 -37.76 0.05 -3.62
C GLY E 322 -37.59 -1.39 -3.22
N ALA E 323 -36.46 -1.74 -2.60
CA ALA E 323 -36.29 -3.10 -2.12
C ALA E 323 -37.28 -3.41 -1.01
N LYS E 324 -37.84 -4.61 -1.03
CA LYS E 324 -38.83 -4.98 -0.02
C LYS E 324 -38.15 -5.36 1.30
N LYS E 325 -37.16 -6.23 1.24
CA LYS E 325 -36.41 -6.65 2.42
C LYS E 325 -34.94 -6.34 2.23
N VAL E 326 -34.32 -5.80 3.28
CA VAL E 326 -32.95 -5.36 3.26
C VAL E 326 -32.19 -6.07 4.38
N MET E 327 -31.04 -6.67 4.04
CA MET E 327 -30.22 -7.37 5.00
C MET E 327 -28.78 -6.90 4.89
N VAL E 328 -28.09 -6.84 6.03
CA VAL E 328 -26.71 -6.38 6.09
C VAL E 328 -25.88 -7.34 6.92
N LEU E 329 -24.56 -7.19 6.80
CA LEU E 329 -23.59 -7.96 7.58
C LEU E 329 -22.84 -6.98 8.47
N ILE E 330 -23.18 -6.96 9.75
CA ILE E 330 -22.63 -6.01 10.71
C ILE E 330 -21.63 -6.74 11.60
N GLN E 331 -20.39 -6.25 11.62
CA GLN E 331 -19.33 -6.80 12.45
C GLN E 331 -19.06 -5.96 13.69
N ARG E 332 -19.98 -5.06 14.05
CA ARG E 332 -19.81 -4.17 15.19
C ARG E 332 -21.13 -4.15 15.95
N GLY E 333 -21.18 -4.76 17.13
CA GLY E 333 -22.43 -4.85 17.87
C GLY E 333 -23.07 -3.50 18.15
N ALA E 334 -22.26 -2.45 18.25
CA ALA E 334 -22.81 -1.11 18.45
C ALA E 334 -23.65 -0.69 17.25
N TYR E 335 -23.31 -1.17 16.06
CA TYR E 335 -24.09 -0.83 14.88
C TYR E 335 -25.35 -1.68 14.82
N VAL E 336 -25.23 -2.99 15.07
CA VAL E 336 -26.37 -3.89 14.94
C VAL E 336 -27.46 -3.51 15.94
N ASP E 337 -27.08 -3.03 17.12
CA ASP E 337 -28.10 -2.57 18.06
C ASP E 337 -28.78 -1.28 17.61
N LEU E 338 -28.21 -0.60 16.61
CA LEU E 338 -28.62 0.75 16.22
C LEU E 338 -29.41 0.80 14.92
N VAL E 339 -28.99 0.06 13.90
CA VAL E 339 -29.55 0.21 12.55
C VAL E 339 -30.68 -0.77 12.24
N GLN E 340 -30.75 -1.91 12.92
CA GLN E 340 -31.66 -3.01 12.57
C GLN E 340 -33.13 -2.60 12.75
N GLY E 341 -33.39 -1.34 13.10
CA GLY E 341 -34.74 -0.91 13.35
C GLY E 341 -35.46 -0.27 12.17
N GLY E 342 -36.38 -1.01 11.56
CA GLY E 342 -37.30 -0.47 10.57
C GLY E 342 -36.72 -0.12 9.22
N VAL E 343 -35.67 0.71 9.18
CA VAL E 343 -35.11 1.10 7.89
C VAL E 343 -34.23 -0.02 7.33
N ILE E 344 -33.62 -0.82 8.20
CA ILE E 344 -32.86 -2.00 7.82
C ILE E 344 -33.53 -3.19 8.48
N ASP E 345 -34.08 -4.09 7.67
CA ASP E 345 -34.96 -5.13 8.21
C ASP E 345 -34.21 -6.09 9.12
N VAL E 346 -32.96 -6.41 8.80
CA VAL E 346 -32.20 -7.34 9.63
C VAL E 346 -30.70 -7.14 9.46
N ALA E 347 -29.99 -7.09 10.59
CA ALA E 347 -28.53 -7.04 10.60
C ALA E 347 -28.04 -8.35 11.19
N ILE E 348 -27.07 -8.97 10.53
CA ILE E 348 -26.65 -10.33 10.86
C ILE E 348 -25.21 -10.29 11.33
N SER E 349 -25.02 -10.20 12.64
CA SER E 349 -23.70 -10.32 13.25
C SER E 349 -23.21 -11.75 13.13
N PRO E 350 -22.15 -12.04 12.35
CA PRO E 350 -21.70 -13.43 12.21
C PRO E 350 -21.20 -14.05 13.52
N GLN E 351 -20.79 -13.23 14.48
CA GLN E 351 -20.37 -13.76 15.77
C GLN E 351 -21.57 -14.34 16.51
N GLN E 352 -22.64 -13.56 16.62
CA GLN E 352 -23.85 -14.07 17.23
C GLN E 352 -24.50 -15.11 16.34
N ALA E 353 -24.22 -15.08 15.03
CA ALA E 353 -24.77 -16.10 14.13
C ALA E 353 -24.17 -17.47 14.43
N THR E 354 -22.86 -17.54 14.73
CA THR E 354 -22.29 -18.82 15.14
C THR E 354 -22.70 -19.15 16.58
N ILE E 355 -22.65 -18.17 17.47
CA ILE E 355 -22.94 -18.42 18.88
C ILE E 355 -24.36 -18.93 19.06
N SER E 356 -25.35 -18.32 18.41
CA SER E 356 -26.72 -18.78 18.65
C SER E 356 -26.80 -20.28 18.41
N ALA E 357 -26.19 -20.76 17.32
CA ALA E 357 -26.25 -22.18 17.01
C ALA E 357 -25.47 -23.02 18.01
N LEU E 358 -24.26 -22.59 18.40
CA LEU E 358 -23.47 -23.41 19.31
C LEU E 358 -23.99 -23.30 20.75
N LEU E 359 -24.35 -22.10 21.17
CA LEU E 359 -24.90 -21.81 22.48
C LEU E 359 -26.21 -22.53 22.70
N THR E 360 -27.03 -22.71 21.66
CA THR E 360 -28.30 -23.38 21.87
C THR E 360 -28.06 -24.75 22.47
N HIS E 361 -27.04 -25.46 21.98
CA HIS E 361 -26.68 -26.76 22.53
C HIS E 361 -26.24 -26.70 23.99
N VAL E 362 -25.79 -25.53 24.49
CA VAL E 362 -25.27 -25.46 25.86
C VAL E 362 -26.31 -26.01 26.82
N ARG E 363 -25.85 -26.79 27.80
CA ARG E 363 -26.77 -27.48 28.70
C ARG E 363 -27.73 -26.50 29.34
N ARG E 364 -27.21 -25.39 29.85
CA ARG E 364 -28.06 -24.33 30.37
C ARG E 364 -27.20 -23.10 30.65
N ALA E 365 -27.76 -21.92 30.35
CA ALA E 365 -27.06 -20.70 30.75
C ALA E 365 -27.10 -20.60 32.27
N ASP E 366 -28.28 -20.82 32.85
CA ASP E 366 -28.54 -20.93 34.29
C ASP E 366 -27.90 -19.83 35.14
N ILE E 367 -28.09 -18.58 34.72
CA ILE E 367 -27.66 -17.43 35.50
C ILE E 367 -28.93 -16.65 35.81
N VAL E 368 -28.95 -16.02 37.00
CA VAL E 368 -30.10 -15.26 37.50
C VAL E 368 -30.84 -14.51 36.40
N ASN E 369 -30.09 -13.87 35.50
CA ASN E 369 -30.65 -13.33 34.26
C ASN E 369 -29.64 -13.62 33.15
N VAL E 370 -30.08 -14.30 32.10
CA VAL E 370 -29.23 -14.52 30.93
C VAL E 370 -29.99 -14.08 29.68
N SER E 371 -29.42 -13.10 28.98
CA SER E 371 -30.10 -12.42 27.89
C SER E 371 -29.53 -12.89 26.57
N SER E 372 -30.36 -12.79 25.53
CA SER E 372 -29.95 -13.03 24.15
C SER E 372 -29.95 -11.68 23.45
N LEU E 373 -28.82 -11.31 22.85
CA LEU E 373 -28.68 -9.98 22.30
C LEU E 373 -29.50 -9.85 21.03
N ARG E 374 -30.17 -8.69 20.89
CA ARG E 374 -31.14 -8.53 19.81
C ARG E 374 -31.02 -7.23 19.04
N ARG E 375 -32.01 -6.97 18.18
CA ARG E 375 -31.98 -5.84 17.26
C ARG E 375 -31.90 -4.51 17.99
N GLY E 376 -32.66 -4.35 19.07
CA GLY E 376 -32.69 -3.10 19.80
C GLY E 376 -33.86 -2.23 19.39
N ALA E 377 -34.18 -1.25 20.23
CA ALA E 377 -33.71 -1.23 21.61
C ALA E 377 -34.63 -2.06 22.50
N ALA E 378 -34.58 -3.38 22.32
CA ALA E 378 -35.37 -4.33 23.07
C ALA E 378 -34.49 -5.50 23.45
N GLU E 379 -34.94 -6.28 24.43
CA GLU E 379 -34.18 -7.44 24.86
C GLU E 379 -35.10 -8.58 25.23
N ALA E 380 -34.62 -9.80 24.99
CA ALA E 380 -35.33 -11.03 25.34
C ALA E 380 -34.40 -11.85 26.20
N ILE E 381 -34.80 -12.09 27.45
CA ILE E 381 -33.96 -12.76 28.43
C ILE E 381 -34.63 -14.06 28.86
N GLU E 382 -33.83 -14.92 29.50
CA GLU E 382 -34.27 -16.25 29.96
C GLU E 382 -33.90 -16.37 31.43
N ALA E 383 -34.71 -15.75 32.28
CA ALA E 383 -34.45 -15.75 33.71
C ALA E 383 -34.67 -17.14 34.30
N VAL E 384 -33.96 -17.44 35.37
CA VAL E 384 -34.11 -18.69 36.10
C VAL E 384 -34.66 -18.35 37.48
N ALA E 385 -35.70 -19.06 37.90
CA ALA E 385 -36.36 -18.75 39.17
C ALA E 385 -35.63 -19.52 40.27
N HIS E 386 -34.80 -18.80 41.03
CA HIS E 386 -34.04 -19.38 42.11
C HIS E 386 -34.56 -18.87 43.45
N GLY E 387 -34.55 -19.73 44.46
CA GLY E 387 -34.94 -19.37 45.80
C GLY E 387 -36.15 -20.14 46.28
N ASP E 388 -36.37 -20.05 47.59
CA ASP E 388 -37.47 -20.74 48.23
C ASP E 388 -38.79 -20.03 47.95
N GLU E 389 -39.86 -20.53 48.57
CA GLU E 389 -41.20 -20.04 48.27
C GLU E 389 -41.35 -18.55 48.56
N THR E 390 -40.59 -18.03 49.53
CA THR E 390 -40.72 -16.64 49.91
C THR E 390 -39.40 -15.90 50.02
N THR E 391 -38.26 -16.60 50.02
CA THR E 391 -36.99 -15.89 50.08
C THR E 391 -36.71 -15.13 48.79
N SER E 392 -37.27 -15.60 47.67
CA SER E 392 -37.17 -14.91 46.40
C SER E 392 -38.43 -14.09 46.14
N LYS E 393 -38.26 -12.98 45.43
CA LYS E 393 -39.41 -12.14 45.08
C LYS E 393 -40.42 -12.87 44.19
N VAL E 394 -39.98 -13.86 43.41
CA VAL E 394 -40.79 -14.34 42.29
C VAL E 394 -41.16 -15.81 42.39
N VAL E 395 -40.51 -16.62 43.22
CA VAL E 395 -40.82 -18.05 43.29
C VAL E 395 -42.08 -18.24 44.11
N GLY E 396 -42.93 -19.19 43.70
CA GLY E 396 -44.15 -19.50 44.40
C GLY E 396 -45.33 -18.60 44.10
N ARG E 397 -45.09 -17.42 43.54
CA ARG E 397 -46.15 -16.48 43.25
C ARG E 397 -46.65 -16.66 41.82
N ALA E 398 -47.73 -15.96 41.49
CA ALA E 398 -48.40 -16.09 40.20
C ALA E 398 -48.02 -14.96 39.27
N ILE E 399 -48.06 -15.24 37.97
CA ILE E 399 -47.55 -14.29 36.97
C ILE E 399 -48.32 -12.98 37.05
N GLY E 400 -49.64 -13.06 37.26
CA GLY E 400 -50.44 -11.85 37.43
C GLY E 400 -50.08 -11.05 38.66
N ASP E 401 -49.38 -11.65 39.62
CA ASP E 401 -49.02 -10.99 40.86
C ASP E 401 -47.59 -10.45 40.88
N ILE E 402 -46.79 -10.73 39.86
CA ILE E 402 -45.42 -10.24 39.84
C ILE E 402 -45.41 -8.77 39.44
N LYS E 403 -44.54 -8.00 40.09
CA LYS E 403 -44.38 -6.57 39.79
C LYS E 403 -43.22 -6.39 38.81
N LEU E 404 -43.49 -6.80 37.57
CA LEU E 404 -42.47 -6.74 36.53
C LEU E 404 -42.18 -5.30 36.13
N PRO E 405 -40.96 -5.02 35.68
CA PRO E 405 -40.62 -3.66 35.22
C PRO E 405 -41.48 -3.25 34.05
N PRO E 406 -41.54 -1.96 33.72
CA PRO E 406 -42.40 -1.51 32.61
C PRO E 406 -41.93 -2.10 31.29
N GLY E 407 -42.90 -2.39 30.42
CA GLY E 407 -42.62 -3.02 29.15
C GLY E 407 -42.23 -4.47 29.22
N THR E 408 -41.91 -4.99 30.40
CA THR E 408 -41.47 -6.37 30.55
C THR E 408 -42.66 -7.31 30.46
N THR E 409 -42.56 -8.28 29.55
CA THR E 409 -43.64 -9.23 29.29
C THR E 409 -43.07 -10.64 29.40
N ILE E 410 -43.65 -11.45 30.27
CA ILE E 410 -43.27 -12.86 30.36
C ILE E 410 -43.90 -13.59 29.19
N GLY E 411 -43.09 -14.31 28.44
CA GLY E 411 -43.57 -14.98 27.24
C GLY E 411 -43.95 -16.44 27.46
N ALA E 412 -43.03 -17.21 28.04
CA ALA E 412 -43.31 -18.62 28.27
C ALA E 412 -42.56 -19.09 29.50
N VAL E 413 -42.95 -20.25 30.01
CA VAL E 413 -42.29 -20.87 31.16
C VAL E 413 -41.97 -22.32 30.81
N VAL E 414 -40.69 -22.66 30.88
CA VAL E 414 -40.21 -24.01 30.63
C VAL E 414 -39.99 -24.66 31.99
N ARG E 415 -40.79 -25.70 32.25
CA ARG E 415 -40.73 -26.47 33.47
C ARG E 415 -40.21 -27.85 33.10
N GLY E 416 -39.07 -28.24 33.64
CA GLY E 416 -38.54 -29.55 33.29
C GLY E 416 -38.36 -29.62 31.78
N GLU E 417 -38.96 -30.64 31.17
CA GLU E 417 -38.90 -30.83 29.74
C GLU E 417 -40.20 -30.44 29.03
N GLU E 418 -41.15 -29.87 29.77
CA GLU E 418 -42.42 -29.45 29.22
C GLU E 418 -42.53 -27.93 29.22
N VAL E 419 -43.15 -27.39 28.18
CA VAL E 419 -43.26 -25.95 27.96
C VAL E 419 -44.72 -25.53 28.08
N LEU E 420 -44.98 -24.48 28.87
CA LEU E 420 -46.31 -23.91 28.95
C LEU E 420 -46.20 -22.40 28.73
N ILE E 421 -47.15 -21.84 28.00
CA ILE E 421 -47.07 -20.43 27.64
C ILE E 421 -47.82 -19.63 28.70
N ALA E 422 -47.30 -18.44 28.99
CA ALA E 422 -47.69 -17.74 30.22
C ALA E 422 -49.10 -17.18 30.10
N HIS E 423 -50.02 -17.78 30.83
CA HIS E 423 -51.26 -17.16 31.26
C HIS E 423 -51.02 -16.46 32.59
N ASP E 424 -51.88 -15.48 32.89
CA ASP E 424 -51.69 -14.76 34.15
C ASP E 424 -52.03 -15.62 35.37
N ARG E 425 -52.68 -16.78 35.16
CA ARG E 425 -52.97 -17.67 36.27
C ARG E 425 -51.70 -18.32 36.82
N THR E 426 -50.72 -18.58 35.95
CA THR E 426 -49.69 -19.56 36.24
C THR E 426 -48.81 -19.10 37.40
N VAL E 427 -48.27 -20.08 38.14
CA VAL E 427 -47.44 -19.86 39.32
C VAL E 427 -46.03 -20.35 39.02
N ILE E 428 -45.02 -19.60 39.47
CA ILE E 428 -43.64 -19.97 39.21
C ILE E 428 -43.11 -20.79 40.37
N GLU E 429 -42.39 -21.86 40.05
CA GLU E 429 -41.75 -22.77 41.00
C GLU E 429 -40.23 -22.57 41.02
N GLN E 430 -39.59 -23.35 41.87
CA GLN E 430 -38.14 -23.33 42.02
C GLN E 430 -37.48 -23.95 40.78
N ASP E 431 -36.35 -23.37 40.38
CA ASP E 431 -35.56 -23.87 39.26
C ASP E 431 -36.38 -23.97 37.97
N ASP E 432 -37.22 -22.97 37.71
CA ASP E 432 -38.06 -22.93 36.53
C ASP E 432 -37.50 -21.88 35.58
N HIS E 433 -37.39 -22.20 34.29
CA HIS E 433 -36.88 -21.23 33.33
C HIS E 433 -38.04 -20.37 32.81
N VAL E 434 -37.90 -19.06 32.94
CA VAL E 434 -38.93 -18.12 32.50
C VAL E 434 -38.36 -17.37 31.31
N VAL E 435 -39.04 -17.43 30.19
CA VAL E 435 -38.64 -16.74 28.97
C VAL E 435 -39.46 -15.47 28.89
N MET E 436 -38.77 -14.34 28.82
CA MET E 436 -39.33 -13.00 28.99
C MET E 436 -39.05 -12.17 27.75
N PHE E 437 -39.51 -10.92 27.78
CA PHE E 437 -39.31 -10.01 26.67
C PHE E 437 -39.39 -8.58 27.21
N LEU E 438 -38.29 -7.85 27.11
CA LEU E 438 -38.29 -6.45 27.48
C LEU E 438 -38.52 -5.58 26.25
N VAL E 439 -39.16 -4.44 26.47
CA VAL E 439 -39.32 -3.43 25.45
C VAL E 439 -38.25 -2.36 25.55
N ASP E 440 -37.85 -2.01 26.77
CA ASP E 440 -36.72 -1.14 27.04
C ASP E 440 -35.70 -1.96 27.81
N LYS E 441 -34.52 -2.15 27.24
CA LYS E 441 -33.57 -3.09 27.82
C LYS E 441 -32.80 -2.52 28.99
N LYS E 442 -32.94 -1.22 29.29
CA LYS E 442 -32.26 -0.68 30.46
C LYS E 442 -32.88 -1.16 31.75
N TYR E 443 -33.96 -1.94 31.67
CA TYR E 443 -34.57 -2.58 32.81
C TYR E 443 -34.13 -4.04 32.97
N VAL E 444 -33.10 -4.48 32.23
CA VAL E 444 -32.53 -5.80 32.48
C VAL E 444 -32.09 -5.97 33.93
N PRO E 445 -31.35 -5.04 34.55
CA PRO E 445 -30.95 -5.25 35.95
C PRO E 445 -32.14 -5.37 36.89
N ASP E 446 -33.18 -4.55 36.69
CA ASP E 446 -34.36 -4.63 37.55
C ASP E 446 -34.97 -6.03 37.54
N VAL E 447 -34.87 -6.74 36.42
CA VAL E 447 -35.39 -8.11 36.40
C VAL E 447 -34.46 -9.03 37.18
N GLU E 448 -33.14 -8.82 37.08
CA GLU E 448 -32.22 -9.61 37.88
C GLU E 448 -32.48 -9.40 39.36
N ALA E 449 -32.67 -8.15 39.77
CA ALA E 449 -33.00 -7.88 41.16
C ALA E 449 -34.32 -8.55 41.53
N LEU E 450 -35.25 -8.62 40.58
CA LEU E 450 -36.51 -9.31 40.85
C LEU E 450 -36.27 -10.80 41.05
N PHE E 451 -35.35 -11.38 40.28
CA PHE E 451 -35.08 -12.81 40.40
C PHE E 451 -33.95 -13.14 41.37
N GLN E 452 -33.20 -12.15 41.83
CA GLN E 452 -32.18 -12.40 42.83
C GLN E 452 -32.83 -12.60 44.19
N PRO E 453 -32.69 -13.78 44.81
CA PRO E 453 -33.30 -13.99 46.12
C PRO E 453 -32.63 -13.16 47.20
N SER E 454 -33.13 -13.24 48.43
CA SER E 454 -32.48 -12.59 49.55
C SER E 454 -31.10 -13.21 49.72
N PRO E 455 -30.03 -12.42 49.66
CA PRO E 455 -28.68 -13.00 49.66
C PRO E 455 -28.43 -13.86 50.88
N PHE E 456 -27.82 -15.02 50.63
CA PHE E 456 -27.54 -16.01 51.68
C PHE E 456 -26.48 -15.50 52.65
N LYS F 2 25.80 36.68 -0.36
CA LYS F 2 24.64 36.10 0.31
C LYS F 2 23.67 35.46 -0.71
N ILE F 3 23.79 34.13 -0.82
CA ILE F 3 23.01 33.33 -1.76
C ILE F 3 22.03 32.47 -0.97
N ILE F 4 20.77 32.46 -1.42
CA ILE F 4 19.72 31.65 -0.81
C ILE F 4 19.29 30.56 -1.78
N ILE F 5 19.20 29.33 -1.28
CA ILE F 5 18.76 28.18 -2.05
C ILE F 5 17.51 27.63 -1.36
N LEU F 6 16.44 27.45 -2.13
CA LEU F 6 15.16 26.97 -1.60
C LEU F 6 14.88 25.62 -2.24
N GLY F 7 15.41 24.57 -1.63
CA GLY F 7 15.14 23.27 -2.20
C GLY F 7 14.81 22.12 -1.28
N ALA F 8 13.64 21.52 -1.49
CA ALA F 8 13.26 20.27 -0.85
C ALA F 8 13.66 19.12 -1.74
N GLY F 9 14.04 19.43 -2.98
CA GLY F 9 14.48 18.46 -3.96
C GLY F 9 15.78 17.77 -3.61
N GLN F 10 16.04 16.71 -4.37
CA GLN F 10 17.19 15.83 -4.15
C GLN F 10 18.50 16.52 -4.49
N VAL F 11 18.51 17.45 -5.45
CA VAL F 11 19.77 17.98 -5.97
C VAL F 11 20.34 19.05 -5.05
N GLY F 12 19.48 19.86 -4.43
CA GLY F 12 19.94 21.04 -3.70
C GLY F 12 21.05 20.74 -2.71
N GLY F 13 20.99 19.58 -2.06
CA GLY F 13 22.01 19.22 -1.08
C GLY F 13 23.42 19.24 -1.65
N THR F 14 23.59 18.63 -2.83
CA THR F 14 24.91 18.68 -3.48
C THR F 14 25.28 20.10 -3.89
N LEU F 15 24.29 20.89 -4.29
CA LEU F 15 24.50 22.31 -4.57
C LEU F 15 24.89 23.09 -3.33
N ALA F 16 24.76 22.52 -2.14
CA ALA F 16 25.12 23.22 -0.91
C ALA F 16 26.58 23.04 -0.50
N GLU F 17 27.31 22.16 -1.18
CA GLU F 17 28.72 21.93 -0.85
C GLU F 17 29.69 22.55 -1.85
N ASN F 18 29.46 22.33 -3.15
CA ASN F 18 30.41 22.78 -4.17
C ASN F 18 30.43 24.30 -4.36
N LEU F 19 29.27 24.96 -4.33
CA LEU F 19 29.26 26.37 -4.72
C LEU F 19 29.15 27.37 -3.57
N VAL F 20 28.87 26.91 -2.35
CA VAL F 20 28.71 27.83 -1.23
C VAL F 20 29.72 27.47 -0.14
N GLY F 21 30.00 28.45 0.71
CA GLY F 21 31.01 28.33 1.75
C GLY F 21 32.37 28.91 1.41
N GLU F 22 32.60 29.37 0.17
CA GLU F 22 33.89 29.95 -0.19
C GLU F 22 33.73 31.47 -0.24
N ASN F 23 34.20 32.14 0.80
CA ASN F 23 34.20 33.59 0.89
C ASN F 23 32.80 34.19 0.73
N ASN F 24 31.78 33.51 1.23
CA ASN F 24 30.43 34.05 1.15
C ASN F 24 29.53 33.42 2.22
N ASP F 25 28.47 34.16 2.56
CA ASP F 25 27.49 33.70 3.53
C ASP F 25 26.48 32.80 2.84
N ILE F 26 26.01 31.78 3.56
CA ILE F 26 25.07 30.82 3.02
C ILE F 26 23.76 30.88 3.79
N THR F 27 22.65 30.83 3.06
CA THR F 27 21.33 30.57 3.65
C THR F 27 20.60 29.58 2.76
N ILE F 28 19.97 28.58 3.38
CA ILE F 28 19.17 27.60 2.64
C ILE F 28 17.76 27.57 3.20
N VAL F 29 16.86 26.98 2.43
CA VAL F 29 15.48 26.75 2.83
C VAL F 29 15.31 25.24 2.94
N ASP F 30 15.08 24.75 4.16
CA ASP F 30 14.93 23.33 4.41
C ASP F 30 13.57 22.78 3.99
N ASN F 31 12.52 23.60 4.05
CA ASN F 31 11.18 23.19 3.65
C ASN F 31 10.68 22.03 4.52
N ASN F 32 11.12 22.01 5.78
CA ASN F 32 10.69 21.02 6.76
C ASN F 32 10.99 19.59 6.30
N ALA F 33 12.24 19.35 5.91
CA ALA F 33 12.63 18.09 5.30
C ALA F 33 13.84 17.49 6.03
N ASP F 34 14.31 16.32 5.59
CA ASP F 34 15.52 15.62 6.11
C ASP F 34 16.95 16.24 5.91
N ARG F 35 17.16 16.79 4.72
CA ARG F 35 18.47 17.34 4.31
C ARG F 35 18.96 18.44 5.23
N LEU F 36 18.03 19.19 5.81
CA LEU F 36 18.38 20.26 6.72
C LEU F 36 19.14 19.69 7.91
N ARG F 37 18.77 18.49 8.36
CA ARG F 37 19.47 17.88 9.49
C ARG F 37 20.95 17.54 9.25
N GLU F 38 21.30 17.01 8.08
CA GLU F 38 22.70 16.68 7.86
C GLU F 38 23.62 17.90 7.82
N LEU F 39 23.18 18.94 7.13
CA LEU F 39 23.97 20.16 7.01
C LEU F 39 24.12 20.86 8.34
N GLN F 40 23.03 20.83 9.11
CA GLN F 40 23.03 21.40 10.45
C GLN F 40 24.00 20.62 11.33
N ASP F 41 24.05 19.29 11.17
CA ASP F 41 25.01 18.45 11.89
C ASP F 41 26.45 18.85 11.52
N LYS F 42 26.68 19.16 10.24
CA LYS F 42 28.00 19.63 9.81
C LYS F 42 28.34 21.00 10.49
N TYR F 43 27.35 21.88 10.60
CA TYR F 43 27.43 23.20 11.28
C TYR F 43 28.04 24.49 10.60
N ASP F 44 28.27 24.41 9.30
CA ASP F 44 28.74 25.52 8.46
C ASP F 44 27.56 25.90 7.55
N LEU F 45 26.48 26.43 8.14
CA LEU F 45 25.26 26.72 7.38
C LEU F 45 24.23 27.45 8.24
N ARG F 46 23.42 28.27 7.56
CA ARG F 46 22.25 28.95 8.12
C ARG F 46 21.04 28.50 7.31
N VAL F 47 19.98 28.08 8.01
CA VAL F 47 18.81 27.48 7.36
C VAL F 47 17.53 28.01 7.98
N VAL F 48 16.50 28.22 7.15
CA VAL F 48 15.15 28.50 7.58
C VAL F 48 14.21 27.46 6.98
N ASN F 49 13.29 26.93 7.79
CA ASN F 49 12.33 25.93 7.36
C ASN F 49 10.97 26.57 7.10
N GLY F 50 10.39 26.30 5.93
CA GLY F 50 9.11 26.87 5.59
C GLY F 50 8.65 26.61 4.16
N HIS F 51 7.35 26.71 3.91
CA HIS F 51 6.81 26.40 2.59
C HIS F 51 7.28 27.41 1.55
N ALA F 52 7.44 26.93 0.33
CA ALA F 52 7.98 27.70 -0.80
C ALA F 52 6.86 28.10 -1.74
N SER F 53 6.47 29.38 -1.72
CA SER F 53 7.12 30.38 -0.88
C SER F 53 6.10 31.23 -0.14
N HIS F 54 5.69 30.78 1.04
CA HIS F 54 4.88 31.64 1.89
C HIS F 54 5.70 32.84 2.31
N PRO F 55 5.13 34.05 2.29
CA PRO F 55 5.93 35.25 2.57
C PRO F 55 6.64 35.24 3.90
N ASP F 56 6.11 34.52 4.91
CA ASP F 56 6.75 34.48 6.22
C ASP F 56 8.16 33.93 6.13
N VAL F 57 8.34 32.83 5.38
CA VAL F 57 9.67 32.24 5.20
C VAL F 57 10.54 33.16 4.37
N LEU F 58 9.97 33.76 3.32
CA LEU F 58 10.77 34.57 2.41
C LEU F 58 11.32 35.81 3.11
N HIS F 59 10.50 36.47 3.95
CA HIS F 59 10.92 37.72 4.57
C HIS F 59 12.18 37.51 5.42
N GLU F 60 12.24 36.42 6.18
CA GLU F 60 13.46 36.10 6.90
C GLU F 60 14.54 35.71 5.91
N ALA F 61 14.18 34.93 4.89
CA ALA F 61 15.15 34.48 3.90
C ALA F 61 15.71 35.66 3.12
N GLY F 62 14.83 36.55 2.64
CA GLY F 62 15.25 37.72 1.90
C GLY F 62 14.24 38.84 2.02
N ALA F 63 14.69 40.04 2.39
CA ALA F 63 13.82 41.21 2.56
C ALA F 63 14.44 42.38 1.79
N GLN F 64 14.36 42.31 0.46
CA GLN F 64 14.96 43.30 -0.43
C GLN F 64 16.47 43.34 -0.27
N ASP F 65 17.04 42.28 0.32
CA ASP F 65 18.48 42.18 0.52
C ASP F 65 18.98 40.76 0.25
N ALA F 66 18.14 39.88 -0.29
CA ALA F 66 18.53 38.47 -0.50
C ALA F 66 19.75 38.33 -1.41
N ASP F 67 19.88 39.18 -2.43
CA ASP F 67 20.73 38.96 -3.61
C ASP F 67 20.33 37.64 -4.27
N MET F 68 21.26 36.74 -4.60
CA MET F 68 20.93 35.65 -5.52
C MET F 68 19.90 34.70 -4.92
N LEU F 69 18.95 34.28 -5.76
CA LEU F 69 17.84 33.42 -5.38
C LEU F 69 17.93 32.10 -6.15
N VAL F 70 17.67 30.98 -5.46
CA VAL F 70 17.71 29.67 -6.08
C VAL F 70 16.50 28.83 -5.64
N ALA F 71 15.50 28.71 -6.51
CA ALA F 71 14.27 27.98 -6.22
C ALA F 71 14.32 26.58 -6.84
N VAL F 72 14.59 25.58 -6.01
CA VAL F 72 14.62 24.17 -6.43
C VAL F 72 13.40 23.48 -5.86
N THR F 73 12.52 22.99 -6.73
CA THR F 73 11.30 22.32 -6.27
C THR F 73 11.02 21.08 -7.12
N ASN F 74 10.32 20.13 -6.52
CA ASN F 74 9.84 18.95 -7.25
C ASN F 74 8.67 19.31 -8.17
N THR F 75 7.74 20.10 -7.68
CA THR F 75 6.52 20.46 -8.42
C THR F 75 6.68 21.83 -9.07
N ASP F 76 6.22 21.93 -10.31
CA ASP F 76 6.46 23.13 -11.10
C ASP F 76 5.54 24.29 -10.71
N GLU F 77 4.22 24.06 -10.69
CA GLU F 77 3.28 25.15 -10.44
C GLU F 77 3.60 25.87 -9.13
N THR F 78 3.96 25.10 -8.10
CA THR F 78 4.32 25.68 -6.82
C THR F 78 5.63 26.45 -6.94
N ASN F 79 6.59 25.92 -7.69
CA ASN F 79 7.87 26.60 -7.84
C ASN F 79 7.69 27.94 -8.54
N MET F 80 6.83 27.99 -9.57
CA MET F 80 6.56 29.23 -10.27
C MET F 80 5.88 30.24 -9.37
N ALA F 81 4.81 29.82 -8.67
CA ALA F 81 4.16 30.72 -7.73
C ALA F 81 5.14 31.23 -6.68
N ALA F 82 6.03 30.37 -6.20
CA ALA F 82 7.03 30.77 -5.22
C ALA F 82 8.01 31.79 -5.79
N CYS F 83 8.47 31.54 -7.02
CA CYS F 83 9.46 32.43 -7.64
C CYS F 83 8.87 33.81 -7.90
N GLN F 84 7.57 33.87 -8.20
CA GLN F 84 6.97 35.18 -8.40
C GLN F 84 6.67 35.86 -7.06
N VAL F 85 6.16 35.10 -6.08
CA VAL F 85 5.93 35.63 -4.73
C VAL F 85 7.21 36.27 -4.22
N ALA F 86 8.36 35.68 -4.56
CA ALA F 86 9.65 36.27 -4.18
C ALA F 86 9.81 37.66 -4.78
N PHE F 87 9.43 37.83 -6.04
CA PHE F 87 9.61 39.11 -6.71
C PHE F 87 8.63 40.17 -6.18
N THR F 88 7.32 39.88 -6.23
CA THR F 88 6.37 40.92 -5.86
C THR F 88 6.48 41.29 -4.38
N LEU F 89 6.61 40.29 -3.51
CA LEU F 89 6.80 40.52 -2.08
C LEU F 89 8.27 40.28 -1.78
N PHE F 90 8.89 41.19 -1.02
CA PHE F 90 10.30 41.05 -0.67
C PHE F 90 11.12 40.77 -1.92
N ASN F 91 11.01 41.69 -2.88
CA ASN F 91 11.62 41.55 -4.20
C ASN F 91 13.06 41.10 -4.11
N THR F 92 13.37 40.09 -4.92
CA THR F 92 14.66 39.43 -4.99
C THR F 92 15.22 39.47 -6.40
N PRO F 93 16.55 39.35 -6.55
CA PRO F 93 17.17 39.42 -7.87
C PRO F 93 17.90 38.13 -8.29
N ASN F 94 18.03 37.92 -9.60
CA ASN F 94 18.66 36.74 -10.17
C ASN F 94 18.01 35.46 -9.66
N ARG F 95 16.68 35.46 -9.72
CA ARG F 95 15.84 34.32 -9.34
C ARG F 95 15.91 33.26 -10.42
N VAL F 96 15.72 31.99 -10.02
CA VAL F 96 15.75 30.89 -10.98
C VAL F 96 14.67 29.89 -10.61
N ALA F 97 14.24 29.15 -11.62
CA ALA F 97 13.16 28.19 -11.49
C ALA F 97 13.55 26.89 -12.16
N ARG F 98 12.90 25.82 -11.71
CA ARG F 98 13.13 24.48 -12.24
C ARG F 98 11.78 23.91 -12.65
N ILE F 99 11.57 23.78 -13.95
CA ILE F 99 10.33 23.25 -14.51
C ILE F 99 10.69 21.91 -15.15
N ARG F 100 10.31 20.82 -14.48
CA ARG F 100 10.47 19.49 -15.02
C ARG F 100 9.37 19.11 -16.02
N SER F 101 8.29 19.89 -16.08
CA SER F 101 7.18 19.54 -16.96
C SER F 101 7.57 19.85 -18.40
N PRO F 102 7.32 18.94 -19.34
CA PRO F 102 7.67 19.24 -20.75
C PRO F 102 6.82 20.30 -21.41
N GLU F 103 5.50 20.30 -21.19
CA GLU F 103 4.64 21.23 -21.92
C GLU F 103 4.99 22.69 -21.62
N TYR F 104 5.19 23.03 -20.34
CA TYR F 104 5.55 24.41 -20.00
C TYR F 104 6.89 24.77 -20.62
N LEU F 105 7.85 23.85 -20.56
CA LEU F 105 9.18 24.08 -21.11
C LEU F 105 9.12 24.37 -22.60
N ALA F 106 8.32 23.59 -23.34
CA ALA F 106 8.21 23.76 -24.79
C ALA F 106 7.61 25.11 -25.14
N GLU F 107 6.59 25.54 -24.38
CA GLU F 107 5.85 26.76 -24.66
C GLU F 107 6.35 27.92 -23.81
N LYS F 108 7.61 27.87 -23.38
CA LYS F 108 8.12 28.93 -22.52
C LYS F 108 8.01 30.30 -23.19
N GLU F 109 8.32 30.37 -24.49
CA GLU F 109 8.13 31.63 -25.21
C GLU F 109 6.70 32.11 -25.07
N ALA F 110 6.54 33.41 -24.84
CA ALA F 110 7.57 34.21 -24.19
C ALA F 110 6.94 35.07 -23.11
N LEU F 111 5.69 34.75 -22.75
CA LEU F 111 4.97 35.50 -21.75
C LEU F 111 5.38 35.14 -20.32
N PHE F 112 6.11 34.04 -20.12
CA PHE F 112 6.46 33.65 -18.76
C PHE F 112 7.71 34.34 -18.26
N LYS F 113 8.58 34.82 -19.15
CA LYS F 113 9.80 35.50 -18.76
C LYS F 113 9.82 36.98 -19.11
N SER F 114 8.94 37.40 -20.02
CA SER F 114 8.80 38.80 -20.42
C SER F 114 8.21 39.69 -19.34
N GLY F 115 7.75 39.11 -18.23
CA GLY F 115 6.43 38.54 -18.14
C GLY F 115 5.89 38.72 -16.73
N ALA F 116 4.58 38.50 -16.59
CA ALA F 116 3.95 38.69 -15.28
C ALA F 116 4.58 37.79 -14.24
N ILE F 117 4.82 36.52 -14.57
CA ILE F 117 5.56 35.67 -13.63
C ILE F 117 7.04 35.97 -13.87
N PRO F 118 7.74 36.57 -12.92
CA PRO F 118 9.16 36.93 -13.11
C PRO F 118 10.13 35.76 -12.95
N VAL F 119 10.08 34.77 -13.83
CA VAL F 119 11.12 33.74 -13.75
C VAL F 119 12.33 34.25 -14.52
N ASP F 120 13.00 35.23 -13.92
CA ASP F 120 14.15 35.90 -14.54
C ASP F 120 15.32 34.96 -14.81
N HIS F 121 15.96 35.19 -15.95
CA HIS F 121 17.22 34.57 -16.37
C HIS F 121 17.11 33.05 -16.40
N LEU F 122 18.03 32.30 -15.78
CA LEU F 122 18.08 30.86 -15.93
C LEU F 122 16.78 30.14 -15.55
N ILE F 123 16.45 29.14 -16.35
CA ILE F 123 15.32 28.23 -16.17
C ILE F 123 15.94 26.84 -16.33
N ALA F 124 16.62 26.37 -15.29
CA ALA F 124 17.34 25.10 -15.38
C ALA F 124 16.39 23.91 -15.29
N PRO F 125 16.28 23.07 -16.33
CA PRO F 125 15.45 21.87 -16.21
C PRO F 125 16.31 20.65 -15.95
N GLU F 126 15.95 19.85 -14.94
CA GLU F 126 16.73 18.67 -14.61
C GLU F 126 16.67 17.58 -15.66
N GLU F 127 15.85 17.73 -16.70
CA GLU F 127 15.65 16.69 -17.69
C GLU F 127 16.44 16.91 -18.97
N LEU F 128 16.32 18.11 -19.58
CA LEU F 128 17.04 18.38 -20.82
C LEU F 128 18.55 18.30 -20.63
N VAL F 129 19.06 18.68 -19.45
CA VAL F 129 20.46 18.48 -19.16
C VAL F 129 20.78 17.00 -18.95
N THR F 130 19.81 16.21 -18.51
CA THR F 130 20.02 14.77 -18.36
C THR F 130 19.87 14.03 -19.67
N SER F 131 19.23 14.64 -20.66
CA SER F 131 19.20 14.02 -21.97
C SER F 131 20.50 14.19 -22.71
N TYR F 132 21.52 14.71 -22.01
CA TYR F 132 22.87 14.64 -22.54
C TYR F 132 23.30 13.18 -22.65
N ILE F 133 22.58 12.28 -21.98
CA ILE F 133 22.82 10.86 -22.21
C ILE F 133 22.70 10.51 -23.68
N GLU F 134 21.85 11.22 -24.42
CA GLU F 134 21.76 11.01 -25.87
C GLU F 134 23.09 11.35 -26.54
N ARG F 135 23.71 12.44 -26.11
CA ARG F 135 25.01 12.81 -26.64
C ARG F 135 26.04 11.71 -26.40
N LEU F 136 25.92 10.97 -25.29
CA LEU F 136 26.86 9.88 -25.07
C LEU F 136 26.69 8.79 -26.13
N ILE F 137 25.47 8.55 -26.58
CA ILE F 137 25.26 7.63 -27.70
C ILE F 137 25.68 8.30 -29.00
N GLN F 138 25.55 9.63 -29.09
CA GLN F 138 25.93 10.35 -30.28
C GLN F 138 27.43 10.26 -30.53
N TYR F 139 28.23 10.38 -29.47
CA TYR F 139 29.68 10.24 -29.58
C TYR F 139 30.08 8.86 -29.08
N PRO F 140 30.26 7.87 -29.94
CA PRO F 140 30.64 6.53 -29.46
C PRO F 140 32.00 6.58 -28.79
N GLY F 141 32.10 5.93 -27.63
CA GLY F 141 33.35 5.95 -26.90
C GLY F 141 33.52 7.27 -26.16
N ALA F 142 32.49 7.66 -25.42
CA ALA F 142 32.49 8.89 -24.63
C ALA F 142 32.07 8.53 -23.21
N LEU F 143 32.98 7.83 -22.50
CA LEU F 143 32.64 7.39 -21.15
C LEU F 143 32.36 8.56 -20.22
N GLN F 144 33.03 9.69 -20.42
CA GLN F 144 32.80 10.86 -19.56
C GLN F 144 33.44 12.10 -20.14
N VAL F 145 32.91 13.24 -19.72
CA VAL F 145 33.51 14.54 -19.96
C VAL F 145 33.26 15.40 -18.72
N VAL F 146 34.30 16.03 -18.21
CA VAL F 146 34.19 16.99 -17.13
C VAL F 146 34.82 18.31 -17.58
N SER F 147 34.35 19.40 -16.99
CA SER F 147 34.75 20.74 -17.38
C SER F 147 35.42 21.46 -16.21
N PHE F 148 36.55 22.09 -16.48
CA PHE F 148 37.36 22.79 -15.50
C PHE F 148 37.33 24.28 -15.82
N ALA F 149 37.80 25.09 -14.88
CA ALA F 149 37.81 26.55 -15.01
C ALA F 149 36.38 26.98 -15.29
N GLU F 150 36.08 27.64 -16.39
CA GLU F 150 34.71 28.03 -16.73
C GLU F 150 34.45 27.55 -18.15
N GLN F 151 34.37 26.23 -18.31
CA GLN F 151 34.19 25.59 -19.61
C GLN F 151 35.31 25.98 -20.57
N LYS F 152 36.55 26.02 -20.05
CA LYS F 152 37.71 26.36 -20.87
C LYS F 152 38.51 25.12 -21.23
N VAL F 153 38.89 24.33 -20.22
CA VAL F 153 39.66 23.10 -20.41
C VAL F 153 38.76 21.95 -19.98
N SER F 154 38.68 20.92 -20.82
CA SER F 154 37.77 19.81 -20.57
C SER F 154 38.52 18.49 -20.61
N LEU F 155 38.32 17.68 -19.57
CA LEU F 155 38.87 16.34 -19.55
C LEU F 155 37.83 15.39 -20.13
N VAL F 156 38.29 14.41 -20.90
CA VAL F 156 37.39 13.45 -21.54
C VAL F 156 37.94 12.05 -21.34
N ALA F 157 37.05 11.10 -21.05
CA ALA F 157 37.40 9.70 -20.84
C ALA F 157 36.70 8.89 -21.93
N VAL F 158 37.50 8.37 -22.87
CA VAL F 158 37.02 7.59 -24.00
C VAL F 158 37.45 6.14 -23.82
N LYS F 159 36.71 5.23 -24.45
CA LYS F 159 36.97 3.81 -24.36
C LYS F 159 37.36 3.27 -25.74
N ALA F 160 38.36 2.40 -25.77
CA ALA F 160 38.82 1.78 -27.01
C ALA F 160 38.17 0.41 -27.12
N TYR F 161 37.25 0.27 -28.07
CA TYR F 161 36.51 -0.97 -28.26
C TYR F 161 37.18 -1.85 -29.32
N TYR F 162 37.10 -3.16 -29.11
CA TYR F 162 37.58 -4.10 -30.11
C TYR F 162 36.88 -3.81 -31.44
N GLY F 163 37.67 -3.72 -32.51
CA GLY F 163 37.16 -3.28 -33.79
C GLY F 163 37.10 -1.78 -33.98
N GLY F 164 37.35 -0.99 -32.93
CA GLY F 164 37.35 0.44 -33.04
C GLY F 164 38.56 0.94 -33.81
N PRO F 165 38.66 2.26 -33.95
CA PRO F 165 39.79 2.87 -34.65
C PRO F 165 41.03 3.12 -33.80
N LEU F 166 40.92 3.03 -32.48
CA LEU F 166 42.03 3.33 -31.58
C LEU F 166 42.89 2.11 -31.27
N VAL F 167 42.31 0.90 -31.32
CA VAL F 167 43.05 -0.31 -31.03
C VAL F 167 44.31 -0.42 -31.89
N GLY F 168 45.39 -0.92 -31.29
CA GLY F 168 46.61 -1.21 -32.01
C GLY F 168 47.45 0.00 -32.35
N ASN F 169 46.79 1.14 -32.53
CA ASN F 169 47.50 2.37 -32.87
C ASN F 169 48.26 2.88 -31.64
N ALA F 170 49.53 3.20 -31.83
CA ALA F 170 50.35 3.71 -30.73
C ALA F 170 49.97 5.15 -30.41
N LEU F 171 50.08 5.49 -29.12
CA LEU F 171 49.68 6.82 -28.66
C LEU F 171 50.37 7.93 -29.43
N SER F 172 51.59 7.66 -29.95
CA SER F 172 52.28 8.68 -30.72
C SER F 172 51.61 8.92 -32.07
N ALA F 173 50.98 7.89 -32.64
CA ALA F 173 50.27 8.06 -33.89
C ALA F 173 48.98 8.87 -33.67
N LEU F 174 48.30 8.62 -32.55
CA LEU F 174 47.15 9.45 -32.19
C LEU F 174 47.56 10.89 -31.98
N ARG F 175 48.72 11.12 -31.35
CA ARG F 175 49.20 12.48 -31.15
C ARG F 175 49.60 13.13 -32.47
N GLU F 176 50.09 12.34 -33.43
CA GLU F 176 50.49 12.85 -34.73
C GLU F 176 49.33 12.94 -35.72
N HIS F 177 48.20 12.29 -35.42
CA HIS F 177 47.05 12.34 -36.31
C HIS F 177 46.40 13.71 -36.35
N MET F 178 46.67 14.56 -35.36
CA MET F 178 46.18 15.93 -35.33
C MET F 178 47.28 16.84 -34.84
N PRO F 179 48.24 17.18 -35.70
CA PRO F 179 49.37 18.02 -35.27
C PRO F 179 48.95 19.44 -34.89
N HIS F 180 47.71 19.84 -35.18
CA HIS F 180 47.21 21.15 -34.81
C HIS F 180 46.37 21.12 -33.55
N ILE F 181 46.26 19.96 -32.90
CA ILE F 181 45.51 19.80 -31.66
C ILE F 181 46.51 19.66 -30.53
N ASP F 182 46.39 20.52 -29.51
CA ASP F 182 47.26 20.46 -28.34
C ASP F 182 46.47 19.83 -27.20
N THR F 183 46.57 18.49 -27.10
CA THR F 183 45.96 17.74 -26.02
C THR F 183 47.03 17.00 -25.24
N ARG F 184 46.68 16.58 -24.02
CA ARG F 184 47.63 15.87 -23.17
C ARG F 184 46.90 14.72 -22.49
N VAL F 185 47.33 13.50 -22.77
CA VAL F 185 46.72 12.32 -22.17
C VAL F 185 47.13 12.25 -20.70
N ALA F 186 46.14 12.32 -19.81
CA ALA F 186 46.42 12.38 -18.38
C ALA F 186 46.86 11.02 -17.85
N ALA F 187 46.00 10.02 -17.96
CA ALA F 187 46.32 8.67 -17.50
C ALA F 187 45.55 7.67 -18.33
N ILE F 188 45.96 6.40 -18.23
CA ILE F 188 45.37 5.31 -18.99
C ILE F 188 45.12 4.14 -18.05
N PHE F 189 43.87 3.77 -17.89
CA PHE F 189 43.47 2.62 -17.08
C PHE F 189 43.33 1.41 -18.00
N ARG F 190 43.99 0.31 -17.63
CA ARG F 190 43.98 -0.91 -18.43
C ARG F 190 43.71 -2.08 -17.49
N GLN F 191 42.59 -2.77 -17.71
CA GLN F 191 42.16 -3.87 -16.86
C GLN F 191 42.12 -3.46 -15.38
N GLY F 192 41.83 -2.19 -15.12
CA GLY F 192 41.79 -1.67 -13.78
C GLY F 192 43.09 -1.08 -13.26
N ARG F 193 44.23 -1.43 -13.87
CA ARG F 193 45.45 -0.85 -13.33
C ARG F 193 45.94 0.33 -14.19
N PRO F 194 46.45 1.38 -13.57
CA PRO F 194 46.91 2.53 -14.35
C PRO F 194 48.24 2.25 -15.03
N ILE F 195 48.56 3.12 -16.00
CA ILE F 195 49.77 2.99 -16.82
C ILE F 195 50.27 4.40 -17.13
N ARG F 196 51.59 4.54 -17.24
CA ARG F 196 52.16 5.82 -17.63
C ARG F 196 51.99 5.98 -19.13
N PRO F 197 51.30 7.00 -19.62
CA PRO F 197 51.01 7.08 -21.05
C PRO F 197 51.89 7.98 -21.91
N GLN F 198 52.87 7.36 -22.57
CA GLN F 198 53.67 8.05 -23.57
C GLN F 198 54.16 7.00 -24.57
N GLY F 199 53.79 7.18 -25.83
CA GLY F 199 54.29 6.28 -26.87
C GLY F 199 54.04 4.82 -26.58
N THR F 200 52.86 4.49 -26.06
CA THR F 200 52.48 3.14 -25.71
C THR F 200 51.25 2.74 -26.50
N THR F 201 51.30 1.56 -27.12
CA THR F 201 50.16 1.09 -27.89
C THR F 201 49.02 0.73 -26.96
N ILE F 202 47.84 1.28 -27.20
CA ILE F 202 46.68 1.02 -26.37
C ILE F 202 46.14 -0.37 -26.69
N ILE F 203 46.18 -1.25 -25.68
CA ILE F 203 45.75 -2.64 -25.85
C ILE F 203 44.26 -2.71 -26.15
N GLU F 204 43.90 -3.64 -27.04
CA GLU F 204 42.52 -3.74 -27.52
C GLU F 204 41.56 -3.97 -26.37
N ALA F 205 41.95 -4.77 -25.39
CA ALA F 205 41.06 -5.04 -24.27
C ALA F 205 40.86 -3.73 -23.53
N ASP F 206 39.61 -3.37 -23.26
CA ASP F 206 39.13 -2.03 -23.62
C ASP F 206 39.69 -1.02 -22.64
N ASP F 207 40.65 -0.24 -23.12
CA ASP F 207 41.34 0.80 -22.37
C ASP F 207 40.46 2.04 -22.21
N GLU F 208 40.74 2.81 -21.17
CA GLU F 208 40.09 4.09 -20.94
C GLU F 208 41.17 5.16 -20.99
N VAL F 209 41.03 6.09 -21.92
CA VAL F 209 42.03 7.12 -22.19
C VAL F 209 41.44 8.47 -21.79
N PHE F 210 42.23 9.26 -21.05
CA PHE F 210 41.79 10.54 -20.52
C PHE F 210 42.56 11.66 -21.23
N PHE F 211 41.86 12.42 -22.05
CA PHE F 211 42.40 13.62 -22.65
C PHE F 211 42.21 14.79 -21.69
N VAL F 212 43.13 15.75 -21.76
CA VAL F 212 43.00 17.04 -21.09
C VAL F 212 43.50 18.09 -22.07
N ALA F 213 42.62 19.00 -22.48
CA ALA F 213 42.98 20.04 -23.42
C ALA F 213 41.94 21.15 -23.36
N ALA F 214 42.22 22.23 -24.09
CA ALA F 214 41.28 23.32 -24.21
C ALA F 214 40.02 22.84 -24.93
N SER F 215 38.90 23.48 -24.60
CA SER F 215 37.61 23.00 -25.11
C SER F 215 37.55 22.95 -26.62
N ASN F 216 38.26 23.85 -27.31
CA ASN F 216 38.29 23.80 -28.77
C ASN F 216 38.93 22.49 -29.27
N HIS F 217 40.03 22.09 -28.62
CA HIS F 217 40.70 20.86 -29.04
C HIS F 217 39.85 19.65 -28.72
N ILE F 218 39.15 19.68 -27.58
CA ILE F 218 38.28 18.56 -27.22
C ILE F 218 37.13 18.45 -28.22
N ARG F 219 36.51 19.60 -28.56
CA ARG F 219 35.45 19.62 -29.56
C ARG F 219 35.93 19.18 -30.93
N SER F 220 37.24 19.24 -31.18
CA SER F 220 37.70 18.80 -32.49
C SER F 220 38.07 17.32 -32.50
N VAL F 221 38.75 16.84 -31.45
CA VAL F 221 39.10 15.42 -31.39
C VAL F 221 37.86 14.56 -31.21
N MET F 222 36.84 15.05 -30.49
CA MET F 222 35.66 14.24 -30.32
C MET F 222 34.84 14.17 -31.61
N SER F 223 34.83 15.24 -32.40
CA SER F 223 34.18 15.18 -33.71
C SER F 223 34.95 14.26 -34.66
N GLU F 224 36.28 14.25 -34.57
CA GLU F 224 37.05 13.35 -35.42
C GLU F 224 36.82 11.89 -35.04
N LEU F 225 36.75 11.61 -33.73
CA LEU F 225 36.42 10.25 -33.28
C LEU F 225 34.98 9.89 -33.61
N GLN F 226 34.08 10.88 -33.62
CA GLN F 226 32.72 10.66 -34.12
C GLN F 226 32.75 10.22 -35.57
N ARG F 227 33.62 10.83 -36.37
CA ARG F 227 33.68 10.47 -37.78
C ARG F 227 34.26 9.07 -37.94
N LEU F 228 35.21 8.70 -37.10
CA LEU F 228 35.90 7.42 -37.31
C LEU F 228 35.07 6.23 -36.83
N GLU F 229 34.51 6.31 -35.63
CA GLU F 229 33.78 5.19 -35.06
C GLU F 229 32.42 5.01 -35.70
N LYS F 230 32.08 3.77 -36.06
CA LYS F 230 30.80 3.47 -36.68
C LYS F 230 29.66 3.73 -35.69
N PRO F 231 28.63 4.49 -36.09
CA PRO F 231 27.58 4.84 -35.13
C PRO F 231 26.75 3.63 -34.69
N TYR F 232 26.21 3.74 -33.48
CA TYR F 232 25.40 2.69 -32.86
C TYR F 232 23.97 2.74 -33.43
N ARG F 233 23.59 1.70 -34.16
CA ARG F 233 22.27 1.67 -34.80
C ARG F 233 21.14 1.35 -33.82
N ARG F 234 21.35 0.41 -32.89
CA ARG F 234 20.28 -0.10 -32.03
C ARG F 234 20.49 0.31 -30.58
N ILE F 235 19.40 0.70 -29.92
CA ILE F 235 19.43 1.18 -28.54
C ILE F 235 18.33 0.50 -27.74
N MET F 236 18.63 0.17 -26.47
CA MET F 236 17.70 -0.52 -25.61
C MET F 236 17.64 0.18 -24.25
N ILE F 237 16.44 0.33 -23.72
CA ILE F 237 16.18 1.05 -22.47
C ILE F 237 15.37 0.14 -21.56
N VAL F 238 15.69 0.14 -20.27
CA VAL F 238 14.94 -0.69 -19.31
C VAL F 238 14.30 0.15 -18.22
N GLY F 239 13.90 1.38 -18.55
CA GLY F 239 13.09 2.13 -17.61
C GLY F 239 11.94 2.84 -18.27
N GLY F 240 10.73 2.62 -17.75
CA GLY F 240 9.54 3.25 -18.28
C GLY F 240 9.22 4.57 -17.63
N GLY F 241 10.24 5.21 -17.06
CA GLY F 241 10.03 6.38 -16.25
C GLY F 241 9.87 7.65 -17.06
N ASN F 242 9.69 8.76 -16.35
CA ASN F 242 9.57 10.06 -16.99
C ASN F 242 10.82 10.44 -17.77
N ILE F 243 11.97 9.87 -17.42
CA ILE F 243 13.19 10.08 -18.19
C ILE F 243 13.27 9.11 -19.35
N GLY F 244 12.96 7.83 -19.10
CA GLY F 244 13.02 6.83 -20.16
C GLY F 244 12.09 7.14 -21.32
N ALA F 245 10.83 7.48 -21.00
CA ALA F 245 9.86 7.83 -22.03
C ALA F 245 10.37 8.97 -22.93
N SER F 246 10.71 10.11 -22.33
CA SER F 246 11.18 11.25 -23.12
C SER F 246 12.49 10.98 -23.82
N LEU F 247 13.32 10.06 -23.32
CA LEU F 247 14.53 9.70 -24.03
C LEU F 247 14.20 8.84 -25.25
N ALA F 248 13.27 7.91 -25.09
CA ALA F 248 12.82 7.11 -26.22
C ALA F 248 12.24 8.02 -27.31
N LYS F 249 11.39 8.96 -26.91
CA LYS F 249 10.86 9.95 -27.85
C LYS F 249 11.99 10.68 -28.58
N ARG F 250 12.99 11.14 -27.83
CA ARG F 250 14.05 11.93 -28.46
C ARG F 250 14.94 11.09 -29.36
N LEU F 251 15.05 9.77 -29.09
CA LEU F 251 15.94 8.89 -29.83
C LEU F 251 15.27 8.10 -30.95
N GLU F 252 13.98 7.78 -30.80
CA GLU F 252 13.32 6.81 -31.67
C GLU F 252 13.45 7.13 -33.15
N GLN F 253 13.55 8.42 -33.50
CA GLN F 253 13.56 8.79 -34.91
C GLN F 253 14.86 8.38 -35.60
N THR F 254 15.98 8.40 -34.89
CA THR F 254 17.28 8.16 -35.50
C THR F 254 17.82 6.77 -35.21
N TYR F 255 17.32 6.09 -34.17
CA TYR F 255 17.79 4.78 -33.80
C TYR F 255 16.61 3.85 -33.55
N SER F 256 16.89 2.55 -33.55
CA SER F 256 15.87 1.54 -33.28
C SER F 256 15.88 1.26 -31.79
N VAL F 257 14.82 1.67 -31.10
CA VAL F 257 14.77 1.69 -29.64
C VAL F 257 13.84 0.58 -29.17
N LYS F 258 14.31 -0.24 -28.24
CA LYS F 258 13.48 -1.23 -27.57
C LYS F 258 13.43 -0.90 -26.08
N LEU F 259 12.22 -0.72 -25.56
CA LEU F 259 12.02 -0.26 -24.19
C LEU F 259 11.34 -1.34 -23.36
N ILE F 260 11.69 -1.39 -22.07
CA ILE F 260 11.22 -2.43 -21.15
C ILE F 260 10.57 -1.77 -19.95
N GLU F 261 9.48 -2.37 -19.46
CA GLU F 261 8.74 -1.86 -18.32
C GLU F 261 8.24 -3.05 -17.51
N ARG F 262 7.99 -2.84 -16.22
CA ARG F 262 7.52 -3.93 -15.38
C ARG F 262 6.09 -3.77 -14.97
N ASP F 263 5.59 -2.56 -15.03
CA ASP F 263 4.19 -2.30 -14.68
C ASP F 263 3.36 -2.31 -15.96
N TYR F 264 2.46 -3.29 -16.09
CA TYR F 264 1.72 -3.50 -17.33
C TYR F 264 0.97 -2.24 -17.75
N GLN F 265 0.27 -1.59 -16.81
CA GLN F 265 -0.52 -0.41 -17.17
C GLN F 265 0.37 0.71 -17.70
N ARG F 266 1.55 0.87 -17.11
CA ARG F 266 2.51 1.85 -17.61
C ARG F 266 3.00 1.48 -19.00
N ALA F 267 3.27 0.18 -19.21
CA ALA F 267 3.69 -0.29 -20.53
C ALA F 267 2.63 0.02 -21.58
N GLU F 268 1.36 -0.25 -21.27
CA GLU F 268 0.27 0.07 -22.19
C GLU F 268 0.23 1.56 -22.50
N LYS F 269 0.35 2.40 -21.47
CA LYS F 269 0.31 3.85 -21.71
C LYS F 269 1.49 4.29 -22.56
N LEU F 270 2.62 3.61 -22.43
CA LEU F 270 3.78 3.93 -23.24
C LEU F 270 3.54 3.52 -24.69
N SER F 271 3.11 2.28 -24.90
CA SER F 271 2.85 1.79 -26.26
C SER F 271 1.83 2.67 -26.97
N GLU F 272 0.89 3.26 -26.23
CA GLU F 272 0.03 4.27 -26.84
C GLU F 272 0.84 5.52 -27.20
N GLN F 273 1.57 6.08 -26.21
CA GLN F 273 2.29 7.32 -26.46
C GLN F 273 3.43 7.14 -27.47
N LEU F 274 4.22 6.08 -27.31
CA LEU F 274 5.44 5.90 -28.09
C LEU F 274 5.15 5.23 -29.43
N GLU F 275 5.41 5.96 -30.52
CA GLU F 275 5.40 5.42 -31.86
C GLU F 275 6.81 5.11 -32.32
N ASN F 276 6.95 4.07 -33.14
CA ASN F 276 8.20 3.55 -33.68
C ASN F 276 9.07 2.87 -32.62
N THR F 277 8.56 2.70 -31.40
CA THR F 277 9.31 2.12 -30.30
C THR F 277 8.57 0.90 -29.78
N ILE F 278 9.21 -0.26 -29.89
CA ILE F 278 8.62 -1.51 -29.39
C ILE F 278 8.78 -1.52 -27.88
N VAL F 279 7.67 -1.42 -27.15
CA VAL F 279 7.66 -1.31 -25.70
C VAL F 279 7.24 -2.65 -25.11
N PHE F 280 8.05 -3.17 -24.20
CA PHE F 280 7.86 -4.51 -23.66
C PHE F 280 7.30 -4.42 -22.25
N CYS F 281 7.03 -5.59 -21.66
CA CYS F 281 6.53 -5.68 -20.29
C CYS F 281 7.24 -6.86 -19.62
N GLY F 282 8.28 -6.55 -18.85
CA GLY F 282 9.02 -7.60 -18.16
C GLY F 282 10.09 -6.98 -17.29
N ASP F 283 10.68 -7.83 -16.45
CA ASP F 283 11.77 -7.39 -15.58
C ASP F 283 13.05 -7.20 -16.39
N ALA F 284 13.81 -6.16 -16.05
CA ALA F 284 15.11 -5.95 -16.67
C ALA F 284 16.13 -7.01 -16.28
N ALA F 285 15.77 -7.94 -15.40
CA ALA F 285 16.71 -8.93 -14.87
C ALA F 285 16.70 -10.23 -15.65
N ASP F 286 15.53 -10.72 -16.07
CA ASP F 286 15.44 -12.06 -16.62
C ASP F 286 16.11 -12.13 -17.99
N GLN F 287 16.96 -13.13 -18.18
CA GLN F 287 17.63 -13.33 -19.46
C GLN F 287 16.65 -13.76 -20.55
N GLU F 288 15.65 -14.57 -20.19
CA GLU F 288 14.70 -15.09 -21.16
C GLU F 288 14.03 -14.00 -22.00
N LEU F 289 14.04 -12.74 -21.55
CA LEU F 289 13.56 -11.65 -22.40
C LEU F 289 14.70 -10.98 -23.18
N LEU F 290 15.87 -10.80 -22.56
CA LEU F 290 16.95 -10.08 -23.22
C LEU F 290 17.52 -10.91 -24.37
N THR F 291 17.86 -12.16 -24.09
CA THR F 291 18.31 -13.06 -25.16
C THR F 291 17.26 -13.16 -26.26
N GLU F 292 15.98 -13.33 -25.87
CA GLU F 292 14.90 -13.34 -26.85
C GLU F 292 14.80 -12.03 -27.62
N GLU F 293 15.44 -10.95 -27.15
CA GLU F 293 15.34 -9.65 -27.80
C GLU F 293 16.68 -9.18 -28.35
N ASN F 294 17.54 -10.12 -28.76
CA ASN F 294 18.81 -9.82 -29.42
C ASN F 294 19.71 -8.95 -28.53
N ILE F 295 19.88 -9.39 -27.28
CA ILE F 295 20.76 -8.68 -26.36
C ILE F 295 22.21 -8.78 -26.82
N ASP F 296 22.56 -9.84 -27.54
CA ASP F 296 23.93 -10.01 -28.01
C ASP F 296 24.30 -9.03 -29.12
N GLN F 297 23.32 -8.37 -29.73
CA GLN F 297 23.57 -7.47 -30.85
C GLN F 297 23.34 -6.00 -30.53
N VAL F 298 22.89 -5.67 -29.33
CA VAL F 298 22.58 -4.29 -28.99
C VAL F 298 23.87 -3.53 -28.69
N ASP F 299 23.88 -2.24 -29.04
CA ASP F 299 25.03 -1.38 -28.83
C ASP F 299 25.00 -0.67 -27.48
N VAL F 300 23.88 -0.04 -27.13
CA VAL F 300 23.77 0.75 -25.92
C VAL F 300 22.62 0.24 -25.07
N PHE F 301 22.91 -0.05 -23.81
CA PHE F 301 21.95 -0.55 -22.84
C PHE F 301 21.79 0.52 -21.76
N ILE F 302 20.65 1.21 -21.76
CA ILE F 302 20.41 2.31 -20.83
C ILE F 302 19.47 1.83 -19.73
N ALA F 303 19.86 2.07 -18.48
CA ALA F 303 19.08 1.66 -17.32
C ALA F 303 18.63 2.91 -16.57
N LEU F 304 17.32 3.17 -16.59
CA LEU F 304 16.74 4.35 -15.98
C LEU F 304 15.68 3.99 -14.94
N THR F 305 15.90 2.88 -14.24
CA THR F 305 14.98 2.45 -13.19
C THR F 305 15.04 3.41 -12.01
N ASN F 306 14.00 3.35 -11.17
CA ASN F 306 14.00 4.11 -9.94
C ASN F 306 15.09 3.62 -9.00
N GLU F 307 15.27 2.30 -8.92
CA GLU F 307 16.23 1.70 -8.01
C GLU F 307 17.59 1.63 -8.68
N ASP F 308 18.63 2.06 -7.96
CA ASP F 308 19.98 2.06 -8.51
C ASP F 308 20.52 0.64 -8.66
N GLU F 309 20.29 -0.22 -7.66
CA GLU F 309 20.84 -1.57 -7.70
C GLU F 309 20.27 -2.37 -8.86
N THR F 310 19.02 -2.08 -9.24
CA THR F 310 18.44 -2.78 -10.38
C THR F 310 19.10 -2.35 -11.68
N ASN F 311 19.36 -1.04 -11.82
CA ASN F 311 20.15 -0.55 -12.94
C ASN F 311 21.50 -1.26 -13.00
N ILE F 312 22.27 -1.19 -11.92
CA ILE F 312 23.60 -1.78 -11.90
C ILE F 312 23.57 -3.25 -12.28
N MET F 313 22.64 -4.02 -11.71
CA MET F 313 22.66 -5.46 -11.98
C MET F 313 22.20 -5.78 -13.40
N SER F 314 21.13 -5.12 -13.86
CA SER F 314 20.66 -5.37 -15.22
C SER F 314 21.72 -4.97 -16.23
N ALA F 315 22.42 -3.87 -15.97
CA ALA F 315 23.43 -3.41 -16.91
C ALA F 315 24.70 -4.26 -16.86
N MET F 316 25.06 -4.78 -15.69
CA MET F 316 26.17 -5.75 -15.65
C MET F 316 25.80 -7.04 -16.36
N LEU F 317 24.51 -7.33 -16.46
CA LEU F 317 24.10 -8.54 -17.17
C LEU F 317 24.06 -8.29 -18.67
N ALA F 318 23.56 -7.12 -19.09
CA ALA F 318 23.57 -6.82 -20.51
C ALA F 318 24.99 -6.59 -21.03
N LYS F 319 25.88 -6.11 -20.16
CA LYS F 319 27.29 -6.02 -20.55
C LYS F 319 27.89 -7.41 -20.73
N ARG F 320 27.55 -8.34 -19.83
CA ARG F 320 28.07 -9.70 -20.03
C ARG F 320 27.49 -10.32 -21.30
N MET F 321 26.24 -10.02 -21.62
CA MET F 321 25.57 -10.69 -22.73
C MET F 321 25.94 -10.14 -24.11
N GLY F 322 26.54 -8.96 -24.20
CA GLY F 322 27.01 -8.51 -25.50
C GLY F 322 26.79 -7.06 -25.84
N ALA F 323 26.21 -6.28 -24.92
CA ALA F 323 26.05 -4.86 -25.16
C ALA F 323 27.41 -4.19 -25.24
N LYS F 324 27.56 -3.25 -26.18
CA LYS F 324 28.84 -2.59 -26.36
C LYS F 324 29.04 -1.48 -25.33
N LYS F 325 28.04 -0.62 -25.15
CA LYS F 325 28.11 0.45 -24.16
C LYS F 325 26.96 0.31 -23.18
N VAL F 326 27.27 0.49 -21.91
CA VAL F 326 26.31 0.29 -20.81
C VAL F 326 26.23 1.56 -19.98
N MET F 327 25.01 2.02 -19.73
CA MET F 327 24.77 3.23 -18.94
C MET F 327 23.70 2.94 -17.88
N VAL F 328 23.85 3.58 -16.72
CA VAL F 328 22.91 3.41 -15.62
C VAL F 328 22.58 4.78 -15.05
N LEU F 329 21.52 4.82 -14.25
CA LEU F 329 21.08 6.03 -13.56
C LEU F 329 21.26 5.79 -12.05
N ILE F 330 22.29 6.39 -11.49
CA ILE F 330 22.65 6.19 -10.08
C ILE F 330 22.24 7.43 -9.30
N GLN F 331 21.40 7.24 -8.29
CA GLN F 331 20.97 8.31 -7.40
C GLN F 331 21.68 8.27 -6.06
N ARG F 332 22.77 7.54 -5.95
CA ARG F 332 23.51 7.39 -4.70
C ARG F 332 25.00 7.52 -5.01
N GLY F 333 25.61 8.63 -4.60
CA GLY F 333 27.00 8.90 -4.92
C GLY F 333 27.97 7.80 -4.47
N ALA F 334 27.60 7.05 -3.44
CA ALA F 334 28.47 5.95 -3.00
C ALA F 334 28.56 4.85 -4.05
N TYR F 335 27.46 4.55 -4.74
CA TYR F 335 27.47 3.46 -5.71
C TYR F 335 28.24 3.81 -6.97
N VAL F 336 28.05 5.02 -7.50
CA VAL F 336 28.55 5.38 -8.82
C VAL F 336 30.08 5.26 -8.90
N ASP F 337 30.78 5.62 -7.82
CA ASP F 337 32.24 5.53 -7.85
C ASP F 337 32.67 4.08 -7.99
N LEU F 338 32.10 3.19 -7.19
CA LEU F 338 32.52 1.80 -7.18
C LEU F 338 32.17 1.10 -8.49
N VAL F 339 30.93 1.31 -8.98
CA VAL F 339 30.48 0.50 -10.11
C VAL F 339 30.93 1.07 -11.45
N GLN F 340 31.13 2.39 -11.52
CA GLN F 340 31.36 3.04 -12.80
C GLN F 340 32.66 2.59 -13.46
N GLY F 341 33.66 2.24 -12.64
CA GLY F 341 34.98 1.94 -13.19
C GLY F 341 35.03 0.79 -14.17
N GLY F 342 34.51 -0.38 -13.77
CA GLY F 342 34.81 -1.59 -14.51
C GLY F 342 33.80 -2.26 -15.43
N VAL F 343 32.56 -2.44 -15.01
CA VAL F 343 31.57 -3.16 -15.82
C VAL F 343 30.38 -2.30 -16.21
N ILE F 344 30.34 -1.04 -15.77
CA ILE F 344 29.33 -0.08 -16.16
C ILE F 344 30.07 1.05 -16.85
N ASP F 345 29.86 1.21 -18.15
CA ASP F 345 30.71 2.11 -18.92
C ASP F 345 30.57 3.55 -18.46
N VAL F 346 29.36 3.98 -18.11
CA VAL F 346 29.12 5.33 -17.63
C VAL F 346 27.89 5.33 -16.74
N ALA F 347 27.99 5.97 -15.58
CA ALA F 347 26.86 6.15 -14.68
C ALA F 347 26.53 7.63 -14.59
N ILE F 348 25.24 7.95 -14.73
CA ILE F 348 24.82 9.34 -14.83
C ILE F 348 23.97 9.71 -13.62
N SER F 349 24.61 10.23 -12.57
CA SER F 349 23.89 10.78 -11.45
C SER F 349 23.25 12.10 -11.88
N PRO F 350 21.91 12.21 -11.92
CA PRO F 350 21.30 13.47 -12.36
C PRO F 350 21.64 14.65 -11.47
N GLN F 351 22.08 14.40 -10.24
CA GLN F 351 22.51 15.50 -9.38
C GLN F 351 23.78 16.11 -9.92
N GLN F 352 24.80 15.27 -10.18
CA GLN F 352 26.01 15.79 -10.78
C GLN F 352 25.78 16.23 -12.23
N ALA F 353 24.76 15.69 -12.88
CA ALA F 353 24.44 16.12 -14.25
C ALA F 353 23.99 17.58 -14.27
N THR F 354 23.16 17.98 -13.30
CA THR F 354 22.79 19.39 -13.20
C THR F 354 23.95 20.22 -12.64
N ILE F 355 24.61 19.68 -11.60
CA ILE F 355 25.66 20.41 -10.91
C ILE F 355 26.79 20.79 -11.86
N SER F 356 27.23 19.85 -12.69
CA SER F 356 28.36 20.14 -13.57
C SER F 356 28.06 21.33 -14.46
N ALA F 357 26.87 21.36 -15.07
CA ALA F 357 26.54 22.44 -15.98
C ALA F 357 26.45 23.76 -15.24
N LEU F 358 25.72 23.79 -14.11
CA LEU F 358 25.50 25.07 -13.44
C LEU F 358 26.79 25.57 -12.80
N LEU F 359 27.52 24.69 -12.12
CA LEU F 359 28.75 25.08 -11.45
C LEU F 359 29.80 25.55 -12.44
N THR F 360 30.07 24.76 -13.47
CA THR F 360 31.10 25.16 -14.43
C THR F 360 30.72 26.44 -15.16
N HIS F 361 29.47 26.56 -15.59
CA HIS F 361 29.06 27.76 -16.29
C HIS F 361 29.13 29.01 -15.42
N VAL F 362 28.30 29.09 -14.38
CA VAL F 362 28.20 30.34 -13.62
C VAL F 362 29.36 30.55 -12.65
N ARG F 363 29.77 29.51 -11.92
CA ARG F 363 30.72 29.68 -10.82
C ARG F 363 32.16 29.36 -11.22
N ARG F 364 33.06 30.29 -10.88
CA ARG F 364 34.50 30.12 -11.04
C ARG F 364 35.04 29.52 -9.75
N ALA F 365 35.27 28.20 -9.76
CA ALA F 365 35.71 27.52 -8.55
C ALA F 365 37.08 28.04 -8.10
N ASP F 366 37.12 28.70 -6.96
CA ASP F 366 38.36 29.25 -6.40
C ASP F 366 38.40 28.88 -4.91
N ILE F 367 38.65 27.61 -4.62
CA ILE F 367 38.69 27.12 -3.26
C ILE F 367 39.98 26.32 -3.11
N VAL F 368 41.13 26.98 -3.27
CA VAL F 368 42.40 26.28 -3.20
C VAL F 368 42.30 25.15 -4.20
N ASN F 369 42.39 23.91 -3.75
CA ASN F 369 42.23 22.75 -4.62
C ASN F 369 40.77 22.36 -4.70
N VAL F 370 40.15 22.59 -5.84
CA VAL F 370 38.75 22.27 -6.05
C VAL F 370 38.73 21.01 -6.91
N SER F 371 37.74 20.15 -6.68
CA SER F 371 37.76 18.84 -7.34
C SER F 371 36.44 18.54 -8.01
N SER F 372 36.52 17.64 -8.99
CA SER F 372 35.38 17.12 -9.74
C SER F 372 35.22 15.64 -9.44
N LEU F 373 34.02 15.24 -9.02
CA LEU F 373 33.81 13.83 -8.69
C LEU F 373 33.74 13.03 -9.99
N ARG F 374 34.19 11.77 -9.93
CA ARG F 374 34.31 11.01 -11.18
C ARG F 374 34.20 9.50 -10.94
N ARG F 375 34.73 8.74 -11.91
CA ARG F 375 34.64 7.29 -12.03
C ARG F 375 35.90 6.59 -11.53
N GLY F 376 35.73 5.62 -10.65
CA GLY F 376 36.88 4.92 -10.12
C GLY F 376 37.41 5.52 -8.84
N ALA F 377 38.65 5.11 -8.53
CA ALA F 377 39.35 5.64 -7.38
C ALA F 377 40.16 6.87 -7.75
N ALA F 378 40.14 7.25 -9.02
CA ALA F 378 40.86 8.41 -9.53
C ALA F 378 40.09 9.70 -9.20
N GLU F 379 40.81 10.82 -9.26
CA GLU F 379 40.18 12.11 -9.05
C GLU F 379 40.85 13.13 -9.95
N ALA F 380 40.08 14.15 -10.35
CA ALA F 380 40.58 15.23 -11.18
C ALA F 380 40.22 16.54 -10.49
N ILE F 381 41.25 17.26 -10.04
CA ILE F 381 41.04 18.49 -9.26
C ILE F 381 41.60 19.67 -10.04
N GLU F 382 41.19 20.87 -9.60
CA GLU F 382 41.57 22.13 -10.23
C GLU F 382 42.11 23.06 -9.14
N ALA F 383 43.36 22.81 -8.75
CA ALA F 383 43.98 23.57 -7.68
C ALA F 383 44.26 25.01 -8.10
N VAL F 384 44.25 25.91 -7.13
CA VAL F 384 44.60 27.31 -7.36
C VAL F 384 45.90 27.58 -6.62
N ALA F 385 46.87 28.14 -7.32
CA ALA F 385 48.20 28.36 -6.76
C ALA F 385 48.25 29.72 -6.07
N HIS F 386 48.24 29.71 -4.74
CA HIS F 386 48.25 30.93 -3.97
C HIS F 386 49.61 31.09 -3.28
N GLY F 387 50.08 32.33 -3.23
CA GLY F 387 51.29 32.71 -2.53
C GLY F 387 52.35 33.25 -3.48
N ASP F 388 53.35 33.93 -2.93
CA ASP F 388 54.42 34.54 -3.70
C ASP F 388 55.42 33.48 -4.13
N GLU F 389 56.55 33.92 -4.69
CA GLU F 389 57.50 33.02 -5.32
C GLU F 389 58.01 31.96 -4.35
N THR F 390 58.06 32.25 -3.05
CA THR F 390 58.64 31.30 -2.10
C THR F 390 57.78 31.01 -0.87
N THR F 391 56.74 31.78 -0.58
CA THR F 391 55.91 31.42 0.57
C THR F 391 55.11 30.16 0.30
N SER F 392 54.79 29.88 -0.96
CA SER F 392 54.10 28.66 -1.34
C SER F 392 55.09 27.63 -1.85
N LYS F 393 54.75 26.35 -1.62
CA LYS F 393 55.59 25.26 -2.10
C LYS F 393 55.70 25.22 -3.63
N VAL F 394 54.70 25.72 -4.34
CA VAL F 394 54.57 25.39 -5.76
C VAL F 394 54.60 26.61 -6.68
N VAL F 395 54.42 27.83 -6.19
CA VAL F 395 54.40 28.99 -7.09
C VAL F 395 55.83 29.36 -7.45
N GLY F 396 56.04 29.77 -8.70
CA GLY F 396 57.33 30.17 -9.20
C GLY F 396 58.24 29.04 -9.60
N ARG F 397 57.99 27.82 -9.15
CA ARG F 397 58.82 26.67 -9.48
C ARG F 397 58.29 25.94 -10.70
N ALA F 398 59.05 24.95 -11.16
CA ALA F 398 58.73 24.22 -12.38
C ALA F 398 58.13 22.86 -12.04
N ILE F 399 57.28 22.37 -12.95
CA ILE F 399 56.50 21.17 -12.69
C ILE F 399 57.42 19.96 -12.48
N GLY F 400 58.50 19.88 -13.26
CA GLY F 400 59.44 18.78 -13.10
C GLY F 400 60.13 18.74 -11.74
N ASP F 401 60.09 19.85 -11.00
CA ASP F 401 60.76 19.95 -9.71
C ASP F 401 59.82 19.75 -8.52
N ILE F 402 58.51 19.63 -8.76
CA ILE F 402 57.54 19.47 -7.68
C ILE F 402 57.54 18.02 -7.20
N LYS F 403 57.40 17.86 -5.88
CA LYS F 403 57.32 16.53 -5.27
C LYS F 403 55.85 16.12 -5.13
N LEU F 404 55.26 15.82 -6.28
CA LEU F 404 53.84 15.48 -6.32
C LEU F 404 53.60 14.12 -5.67
N PRO F 405 52.41 13.91 -5.10
CA PRO F 405 52.07 12.59 -4.55
C PRO F 405 52.06 11.54 -5.65
N PRO F 406 52.09 10.25 -5.29
CA PRO F 406 52.13 9.22 -6.32
C PRO F 406 50.86 9.22 -7.17
N GLY F 407 51.03 8.90 -8.45
CA GLY F 407 49.93 8.90 -9.39
C GLY F 407 49.43 10.27 -9.81
N THR F 408 49.82 11.34 -9.13
CA THR F 408 49.33 12.67 -9.45
C THR F 408 50.01 13.19 -10.71
N THR F 409 49.19 13.59 -11.68
CA THR F 409 49.67 14.07 -12.98
C THR F 409 49.03 15.42 -13.25
N ILE F 410 49.86 16.44 -13.47
CA ILE F 410 49.35 17.75 -13.85
C ILE F 410 48.99 17.72 -15.32
N GLY F 411 47.76 18.14 -15.63
CA GLY F 411 47.26 18.09 -16.98
C GLY F 411 47.41 19.38 -17.77
N ALA F 412 46.94 20.49 -17.20
CA ALA F 412 47.04 21.76 -17.90
C ALA F 412 47.15 22.89 -16.90
N VAL F 413 47.55 24.07 -17.39
CA VAL F 413 47.65 25.27 -16.57
C VAL F 413 46.89 26.39 -17.26
N VAL F 414 45.87 26.92 -16.60
CA VAL F 414 45.08 28.03 -17.09
C VAL F 414 45.65 29.29 -16.47
N ARG F 415 46.10 30.19 -17.33
CA ARG F 415 46.67 31.50 -16.98
C ARG F 415 45.64 32.54 -17.41
N GLY F 416 44.80 32.96 -16.47
CA GLY F 416 43.85 34.02 -16.78
C GLY F 416 42.89 33.59 -17.86
N GLU F 417 43.16 34.03 -19.09
CA GLU F 417 42.32 33.75 -20.24
C GLU F 417 42.96 32.81 -21.24
N GLU F 418 44.22 32.43 -21.05
CA GLU F 418 44.92 31.51 -21.94
C GLU F 418 45.14 30.15 -21.27
N VAL F 419 45.16 29.10 -22.08
CA VAL F 419 45.29 27.72 -21.62
C VAL F 419 46.62 27.17 -22.14
N LEU F 420 47.41 26.56 -21.25
CA LEU F 420 48.68 25.98 -21.60
C LEU F 420 48.68 24.48 -21.29
N ILE F 421 49.18 23.68 -22.22
CA ILE F 421 49.35 22.26 -21.99
C ILE F 421 50.61 22.06 -21.17
N ALA F 422 50.47 21.48 -19.98
CA ALA F 422 51.55 21.53 -19.01
C ALA F 422 52.72 20.65 -19.44
N HIS F 423 53.92 21.20 -19.27
CA HIS F 423 55.19 20.51 -19.48
C HIS F 423 56.02 20.64 -18.22
N ASP F 424 56.99 19.73 -18.06
CA ASP F 424 57.86 19.80 -16.89
C ASP F 424 58.69 21.07 -16.90
N ARG F 425 58.92 21.66 -18.07
CA ARG F 425 59.72 22.88 -18.18
C ARG F 425 58.92 24.15 -17.92
N THR F 426 57.60 24.05 -17.74
CA THR F 426 56.78 25.22 -17.53
C THR F 426 57.02 25.83 -16.14
N VAL F 427 56.70 27.12 -16.02
CA VAL F 427 56.82 27.86 -14.76
C VAL F 427 55.41 28.18 -14.28
N ILE F 428 55.20 28.08 -12.96
CA ILE F 428 53.90 28.37 -12.37
C ILE F 428 53.91 29.77 -11.76
N GLU F 429 52.87 30.54 -12.05
CA GLU F 429 52.65 31.89 -11.55
C GLU F 429 51.51 31.94 -10.54
N GLN F 430 51.58 32.95 -9.65
CA GLN F 430 50.58 33.12 -8.61
C GLN F 430 49.18 33.33 -9.19
N ASP F 431 48.19 32.74 -8.50
CA ASP F 431 46.79 32.85 -8.88
C ASP F 431 46.49 32.28 -10.26
N ASP F 432 47.16 31.17 -10.60
CA ASP F 432 46.94 30.49 -11.87
C ASP F 432 46.26 29.16 -11.58
N HIS F 433 45.21 28.85 -12.34
CA HIS F 433 44.47 27.61 -12.13
C HIS F 433 45.22 26.42 -12.72
N VAL F 434 45.46 25.39 -11.92
CA VAL F 434 46.17 24.21 -12.38
C VAL F 434 45.17 23.07 -12.42
N VAL F 435 45.01 22.47 -13.60
CA VAL F 435 44.10 21.35 -13.79
C VAL F 435 44.94 20.09 -13.71
N MET F 436 44.58 19.21 -12.79
CA MET F 436 45.37 18.07 -12.38
C MET F 436 44.58 16.78 -12.59
N PHE F 437 45.21 15.67 -12.26
CA PHE F 437 44.57 14.35 -12.39
C PHE F 437 45.25 13.40 -11.43
N LEU F 438 44.49 12.90 -10.45
CA LEU F 438 44.99 11.88 -9.56
C LEU F 438 44.58 10.51 -10.08
N VAL F 439 45.40 9.51 -9.79
CA VAL F 439 45.06 8.12 -10.07
C VAL F 439 44.49 7.44 -8.83
N ASP F 440 45.00 7.78 -7.66
CA ASP F 440 44.42 7.35 -6.38
C ASP F 440 43.99 8.61 -5.64
N LYS F 441 42.70 8.72 -5.36
CA LYS F 441 42.17 9.96 -4.80
C LYS F 441 42.42 10.09 -3.30
N LYS F 442 42.94 9.05 -2.65
CA LYS F 442 43.23 9.19 -1.23
C LYS F 442 44.44 10.09 -0.97
N TYR F 443 45.09 10.56 -2.03
CA TYR F 443 46.16 11.54 -1.93
C TYR F 443 45.69 12.96 -2.25
N VAL F 444 44.37 13.17 -2.34
CA VAL F 444 43.85 14.54 -2.49
C VAL F 444 44.34 15.47 -1.38
N PRO F 445 44.30 15.11 -0.09
CA PRO F 445 44.74 16.05 0.94
C PRO F 445 46.19 16.50 0.82
N ASP F 446 47.11 15.58 0.49
CA ASP F 446 48.51 15.96 0.35
C ASP F 446 48.70 17.05 -0.70
N VAL F 447 47.87 17.05 -1.75
CA VAL F 447 47.99 18.08 -2.77
C VAL F 447 47.59 19.42 -2.18
N GLU F 448 46.62 19.42 -1.27
CA GLU F 448 46.28 20.64 -0.57
C GLU F 448 47.49 21.17 0.17
N ALA F 449 48.24 20.28 0.83
CA ALA F 449 49.44 20.73 1.52
C ALA F 449 50.43 21.32 0.55
N LEU F 450 50.49 20.78 -0.67
CA LEU F 450 51.40 21.33 -1.67
C LEU F 450 50.98 22.74 -2.08
N PHE F 451 49.68 22.99 -2.19
CA PHE F 451 49.21 24.30 -2.63
C PHE F 451 48.91 25.27 -1.50
N GLN F 452 48.89 24.81 -0.26
CA GLN F 452 48.68 25.69 0.87
C GLN F 452 49.92 26.54 1.10
N PRO F 453 49.84 27.88 1.01
CA PRO F 453 51.02 28.71 1.24
C PRO F 453 51.48 28.65 2.70
N SER F 454 52.60 29.30 3.00
CA SER F 454 53.07 29.37 4.39
C SER F 454 52.05 30.12 5.24
N PRO F 455 51.48 29.48 6.26
CA PRO F 455 50.44 30.15 7.06
C PRO F 455 50.97 31.42 7.72
N PHE F 456 50.15 32.47 7.67
CA PHE F 456 50.52 33.75 8.26
C PHE F 456 50.56 33.66 9.79
N LYS G 2 -20.18 33.97 -22.83
CA LYS G 2 -19.86 32.57 -22.61
C LYS G 2 -19.22 32.38 -21.24
N ILE G 3 -19.72 31.42 -20.45
CA ILE G 3 -19.24 31.20 -19.10
C ILE G 3 -18.44 29.91 -19.13
N ILE G 4 -17.25 29.92 -18.54
CA ILE G 4 -16.50 28.69 -18.40
C ILE G 4 -16.18 28.45 -16.92
N ILE G 5 -16.17 27.18 -16.53
CA ILE G 5 -15.71 26.75 -15.22
C ILE G 5 -14.63 25.69 -15.41
N LEU G 6 -13.87 25.44 -14.34
CA LEU G 6 -12.70 24.58 -14.39
C LEU G 6 -12.70 23.60 -13.22
N GLY G 7 -11.73 22.69 -13.26
CA GLY G 7 -11.40 21.81 -12.17
C GLY G 7 -12.27 20.56 -12.06
N ALA G 8 -11.73 19.61 -11.29
CA ALA G 8 -12.39 18.38 -10.87
C ALA G 8 -13.03 18.51 -9.49
N GLY G 9 -13.01 19.71 -8.92
CA GLY G 9 -13.51 19.91 -7.57
C GLY G 9 -14.97 19.51 -7.43
N GLN G 10 -15.28 18.87 -6.30
CA GLN G 10 -16.63 18.39 -6.00
C GLN G 10 -17.71 19.44 -6.25
N VAL G 11 -17.38 20.72 -6.10
CA VAL G 11 -18.42 21.75 -6.15
C VAL G 11 -18.80 22.07 -7.59
N GLY G 12 -17.82 22.03 -8.50
CA GLY G 12 -18.04 22.51 -9.86
C GLY G 12 -19.30 21.94 -10.50
N GLY G 13 -19.58 20.66 -10.23
CA GLY G 13 -20.77 20.04 -10.79
C GLY G 13 -22.05 20.78 -10.42
N THR G 14 -22.19 21.14 -9.15
CA THR G 14 -23.36 21.93 -8.73
C THR G 14 -23.35 23.31 -9.37
N LEU G 15 -22.17 23.90 -9.53
CA LEU G 15 -22.05 25.16 -10.28
C LEU G 15 -22.41 24.98 -11.75
N ALA G 16 -22.46 23.75 -12.23
CA ALA G 16 -22.78 23.45 -13.63
C ALA G 16 -24.23 23.04 -13.82
N GLU G 17 -25.03 22.99 -12.76
CA GLU G 17 -26.43 22.58 -12.85
C GLU G 17 -27.41 23.73 -12.68
N ASN G 18 -27.20 24.59 -11.69
CA ASN G 18 -28.10 25.72 -11.46
C ASN G 18 -27.89 26.84 -12.47
N LEU G 19 -26.64 27.06 -12.89
CA LEU G 19 -26.28 28.19 -13.75
C LEU G 19 -26.81 28.05 -15.18
N VAL G 20 -27.23 26.85 -15.59
CA VAL G 20 -27.55 26.60 -16.98
C VAL G 20 -28.72 27.45 -17.46
N GLY G 21 -28.68 27.81 -18.74
CA GLY G 21 -29.70 28.65 -19.36
C GLY G 21 -29.46 30.14 -19.19
N GLU G 22 -30.55 30.88 -19.38
CA GLU G 22 -30.60 32.33 -19.24
C GLU G 22 -29.62 33.05 -20.18
N ASN G 23 -29.58 32.60 -21.43
CA ASN G 23 -28.83 33.23 -22.52
C ASN G 23 -27.32 33.14 -22.37
N ASN G 24 -26.82 32.31 -21.47
CA ASN G 24 -25.38 32.14 -21.27
C ASN G 24 -25.01 30.70 -21.56
N ASP G 25 -24.05 30.50 -22.45
CA ASP G 25 -23.60 29.16 -22.79
C ASP G 25 -22.52 28.75 -21.79
N ILE G 26 -22.73 27.61 -21.14
CA ILE G 26 -21.87 27.12 -20.06
C ILE G 26 -20.89 26.11 -20.64
N THR G 27 -19.64 26.19 -20.17
CA THR G 27 -18.62 25.20 -20.52
C THR G 27 -17.94 24.78 -19.24
N ILE G 28 -17.61 23.49 -19.12
CA ILE G 28 -16.83 22.99 -18.00
C ILE G 28 -15.58 22.35 -18.59
N VAL G 29 -14.43 22.64 -17.99
CA VAL G 29 -13.16 22.05 -18.43
C VAL G 29 -12.61 21.24 -17.26
N ASP G 30 -13.08 20.03 -17.05
CA ASP G 30 -12.51 19.35 -15.91
C ASP G 30 -11.06 19.00 -16.22
N ASN G 31 -10.37 18.38 -15.26
CA ASN G 31 -9.07 17.80 -15.55
C ASN G 31 -9.22 16.38 -16.05
N ASN G 32 -8.16 15.62 -16.14
CA ASN G 32 -8.36 14.35 -16.84
C ASN G 32 -9.30 13.16 -16.48
N ALA G 33 -9.32 12.57 -15.29
CA ALA G 33 -10.14 11.30 -15.15
C ALA G 33 -11.61 11.37 -14.77
N ASP G 34 -11.82 11.88 -13.56
CA ASP G 34 -13.14 12.10 -13.01
C ASP G 34 -13.75 13.22 -13.85
N ARG G 35 -12.94 14.21 -14.22
CA ARG G 35 -13.38 15.29 -15.05
C ARG G 35 -13.87 14.69 -16.36
N LEU G 36 -13.18 13.73 -16.99
CA LEU G 36 -13.76 13.20 -18.24
C LEU G 36 -15.12 12.53 -18.01
N ARG G 37 -15.23 11.72 -16.98
CA ARG G 37 -16.55 11.08 -16.78
C ARG G 37 -17.66 12.12 -16.50
N GLU G 38 -17.36 12.92 -15.50
CA GLU G 38 -18.32 13.87 -15.00
C GLU G 38 -18.66 14.74 -16.17
N LEU G 39 -17.64 15.11 -16.96
CA LEU G 39 -17.87 15.96 -18.11
C LEU G 39 -18.81 15.25 -19.06
N GLN G 40 -18.53 13.98 -19.32
CA GLN G 40 -19.38 13.21 -20.20
C GLN G 40 -20.77 13.08 -19.60
N ASP G 41 -20.83 12.86 -18.31
CA ASP G 41 -22.09 12.68 -17.64
C ASP G 41 -23.04 13.88 -17.72
N LYS G 42 -22.50 15.08 -17.66
CA LYS G 42 -23.37 16.25 -17.56
C LYS G 42 -24.25 16.87 -18.65
N TYR G 43 -25.44 17.27 -18.20
CA TYR G 43 -26.43 18.00 -18.95
C TYR G 43 -25.82 19.24 -19.55
N ASP G 44 -26.28 19.57 -20.74
CA ASP G 44 -25.85 20.76 -21.48
C ASP G 44 -24.39 20.92 -21.93
N LEU G 45 -23.75 22.01 -21.53
CA LEU G 45 -22.43 22.32 -22.06
C LEU G 45 -21.26 21.32 -22.00
N ARG G 46 -20.50 21.39 -23.09
CA ARG G 46 -19.35 20.57 -23.48
C ARG G 46 -18.10 20.65 -22.65
N VAL G 47 -17.33 19.57 -22.66
CA VAL G 47 -16.07 19.55 -21.93
C VAL G 47 -14.84 19.06 -22.67
N VAL G 48 -13.80 19.87 -22.68
CA VAL G 48 -12.48 19.48 -23.19
C VAL G 48 -11.63 18.98 -22.02
N ASN G 49 -11.04 17.81 -22.18
CA ASN G 49 -10.24 17.21 -21.11
C ASN G 49 -8.78 17.63 -21.27
N GLY G 50 -8.28 18.36 -20.28
CA GLY G 50 -6.91 18.83 -20.31
C GLY G 50 -6.62 19.65 -19.07
N HIS G 51 -5.33 19.71 -18.72
CA HIS G 51 -4.91 20.46 -17.54
C HIS G 51 -5.45 21.89 -17.60
N ALA G 52 -5.99 22.36 -16.48
CA ALA G 52 -6.64 23.66 -16.41
C ALA G 52 -5.67 24.82 -16.30
N SER G 53 -4.38 24.64 -16.58
CA SER G 53 -3.42 25.73 -16.55
C SER G 53 -2.62 25.91 -17.83
N HIS G 54 -2.54 24.90 -18.69
CA HIS G 54 -1.90 25.06 -19.98
C HIS G 54 -2.74 25.96 -20.89
N PRO G 55 -2.10 26.88 -21.64
CA PRO G 55 -2.88 27.81 -22.47
C PRO G 55 -3.64 27.17 -23.62
N ASP G 56 -3.18 26.03 -24.14
CA ASP G 56 -3.83 25.43 -25.31
C ASP G 56 -5.27 25.03 -25.03
N VAL G 57 -5.55 24.50 -23.83
CA VAL G 57 -6.93 24.13 -23.51
C VAL G 57 -7.75 25.39 -23.27
N LEU G 58 -7.09 26.46 -22.83
CA LEU G 58 -7.77 27.70 -22.47
C LEU G 58 -8.19 28.47 -23.71
N HIS G 59 -7.42 28.37 -24.79
CA HIS G 59 -7.66 29.17 -26.00
C HIS G 59 -9.07 29.02 -26.53
N GLU G 60 -9.75 27.90 -26.26
CA GLU G 60 -11.15 27.80 -26.65
C GLU G 60 -12.01 28.83 -25.92
N ALA G 61 -11.77 29.02 -24.62
CA ALA G 61 -12.50 30.01 -23.84
C ALA G 61 -11.99 31.43 -24.07
N GLY G 62 -10.67 31.59 -24.20
CA GLY G 62 -10.03 32.80 -23.72
C GLY G 62 -10.43 34.05 -24.48
N ALA G 63 -10.40 33.98 -25.81
CA ALA G 63 -10.66 35.15 -26.64
C ALA G 63 -12.02 35.16 -27.31
N GLN G 64 -12.71 34.02 -27.37
CA GLN G 64 -14.01 33.95 -28.08
C GLN G 64 -15.15 34.41 -27.17
N ASP G 65 -15.15 35.72 -26.89
CA ASP G 65 -16.23 36.41 -26.19
C ASP G 65 -16.68 35.69 -24.92
N ALA G 66 -15.72 35.26 -24.12
CA ALA G 66 -16.05 34.60 -22.86
C ALA G 66 -16.63 35.59 -21.86
N ASP G 67 -17.70 35.18 -21.18
CA ASP G 67 -18.42 36.08 -20.28
C ASP G 67 -17.71 36.16 -18.93
N MET G 68 -17.64 35.04 -18.22
CA MET G 68 -17.04 35.01 -16.88
C MET G 68 -16.23 33.73 -16.74
N LEU G 69 -15.01 33.87 -16.21
CA LEU G 69 -14.09 32.76 -15.97
C LEU G 69 -14.16 32.31 -14.52
N VAL G 70 -14.76 31.16 -14.27
CA VAL G 70 -14.82 30.59 -12.92
C VAL G 70 -13.76 29.50 -12.87
N ALA G 71 -12.61 29.80 -12.27
CA ALA G 71 -11.51 28.85 -12.18
C ALA G 71 -11.55 28.25 -10.78
N VAL G 72 -12.27 27.14 -10.64
CA VAL G 72 -12.41 26.44 -9.37
C VAL G 72 -11.69 25.10 -9.52
N THR G 73 -10.65 24.89 -8.72
CA THR G 73 -9.86 23.67 -8.83
C THR G 73 -9.61 23.09 -7.46
N ASN G 74 -9.29 21.79 -7.45
CA ASN G 74 -8.94 21.11 -6.22
C ASN G 74 -7.64 21.65 -5.63
N THR G 75 -6.65 21.90 -6.48
CA THR G 75 -5.34 22.38 -6.04
C THR G 75 -5.26 23.89 -6.27
N ASP G 76 -4.81 24.61 -5.24
CA ASP G 76 -4.80 26.07 -5.29
C ASP G 76 -3.59 26.62 -6.04
N GLU G 77 -2.39 26.17 -5.68
CA GLU G 77 -1.16 26.69 -6.26
C GLU G 77 -1.18 26.61 -7.78
N THR G 78 -1.74 25.52 -8.32
CA THR G 78 -1.90 25.39 -9.75
C THR G 78 -2.96 26.35 -10.29
N ASN G 79 -4.05 26.52 -9.53
CA ASN G 79 -5.15 27.37 -9.98
C ASN G 79 -4.70 28.82 -10.14
N MET G 80 -3.85 29.30 -9.24
CA MET G 80 -3.35 30.66 -9.35
C MET G 80 -2.54 30.85 -10.63
N ALA G 81 -1.59 29.95 -10.88
CA ALA G 81 -0.83 29.98 -12.12
C ALA G 81 -1.76 29.90 -13.34
N ALA G 82 -2.83 29.12 -13.24
CA ALA G 82 -3.79 29.03 -14.33
C ALA G 82 -4.48 30.37 -14.57
N CYS G 83 -4.88 31.05 -13.49
CA CYS G 83 -5.59 32.31 -13.64
C CYS G 83 -4.68 33.38 -14.22
N GLN G 84 -3.39 33.35 -13.87
CA GLN G 84 -2.50 34.35 -14.43
C GLN G 84 -2.16 34.03 -15.88
N VAL G 85 -1.91 32.75 -16.20
CA VAL G 85 -1.69 32.37 -17.60
C VAL G 85 -2.88 32.80 -18.46
N ALA G 86 -4.10 32.64 -17.93
CA ALA G 86 -5.29 33.07 -18.66
C ALA G 86 -5.30 34.57 -18.88
N PHE G 87 -4.98 35.34 -17.83
CA PHE G 87 -5.06 36.80 -17.95
C PHE G 87 -3.97 37.35 -18.86
N THR G 88 -2.72 36.92 -18.67
CA THR G 88 -1.63 37.50 -19.44
C THR G 88 -1.63 36.99 -20.88
N LEU G 89 -2.09 35.77 -21.12
CA LEU G 89 -2.16 35.27 -22.50
C LEU G 89 -3.41 35.75 -23.21
N PHE G 90 -4.56 35.68 -22.55
CA PHE G 90 -5.87 36.02 -23.13
C PHE G 90 -6.52 37.11 -22.29
N ASN G 91 -7.56 37.74 -22.83
CA ASN G 91 -8.16 38.88 -22.12
C ASN G 91 -8.73 38.44 -20.78
N THR G 92 -9.67 37.49 -20.78
CA THR G 92 -10.30 36.94 -19.58
C THR G 92 -10.64 38.06 -18.58
N PRO G 93 -11.52 39.00 -18.97
CA PRO G 93 -11.68 40.22 -18.16
C PRO G 93 -12.15 40.00 -16.72
N ASN G 94 -13.14 39.14 -16.49
CA ASN G 94 -13.62 38.86 -15.13
C ASN G 94 -13.53 37.37 -14.84
N ARG G 95 -12.67 37.02 -13.89
CA ARG G 95 -12.40 35.64 -13.53
C ARG G 95 -12.59 35.40 -12.03
N VAL G 96 -12.77 34.12 -11.68
CA VAL G 96 -12.98 33.68 -10.32
C VAL G 96 -12.02 32.53 -10.03
N ALA G 97 -11.52 32.47 -8.79
CA ALA G 97 -10.57 31.46 -8.37
C ALA G 97 -10.95 30.92 -6.99
N ARG G 98 -10.85 29.60 -6.81
CA ARG G 98 -11.13 28.98 -5.52
C ARG G 98 -9.83 28.37 -5.00
N ILE G 99 -9.35 28.89 -3.87
CA ILE G 99 -8.15 28.37 -3.24
C ILE G 99 -8.40 28.12 -1.75
N ARG G 100 -8.28 26.86 -1.32
CA ARG G 100 -8.32 26.54 0.11
C ARG G 100 -6.89 26.49 0.65
N SER G 101 -6.25 27.66 0.60
CA SER G 101 -4.83 27.74 0.90
C SER G 101 -4.46 27.32 2.32
N PRO G 102 -5.23 27.64 3.38
CA PRO G 102 -5.95 28.90 3.59
C PRO G 102 -4.99 30.07 3.82
N GLU G 103 -3.71 29.76 4.09
CA GLU G 103 -2.73 30.78 4.47
C GLU G 103 -2.81 32.00 3.55
N TYR G 104 -2.97 31.78 2.24
CA TYR G 104 -3.06 32.90 1.30
C TYR G 104 -4.25 33.80 1.62
N LEU G 105 -5.39 33.20 2.00
CA LEU G 105 -6.57 33.99 2.35
C LEU G 105 -6.27 34.98 3.47
N ALA G 106 -5.28 34.67 4.31
CA ALA G 106 -4.91 35.59 5.38
C ALA G 106 -4.37 36.89 4.81
N GLU G 107 -3.57 36.82 3.75
CA GLU G 107 -2.98 38.00 3.13
C GLU G 107 -3.36 38.11 1.66
N LYS G 108 -4.33 38.99 1.35
CA LYS G 108 -4.65 39.23 -0.05
C LYS G 108 -3.50 39.95 -0.74
N GLU G 109 -2.94 40.95 -0.05
CA GLU G 109 -1.74 41.73 -0.46
C GLU G 109 -1.94 42.46 -1.77
N ALA G 110 -1.00 42.35 -2.71
CA ALA G 110 -0.95 42.92 -4.04
C ALA G 110 -1.37 41.91 -5.07
N LEU G 111 -1.07 40.63 -4.79
CA LEU G 111 -1.43 39.58 -5.71
C LEU G 111 -2.95 39.53 -5.87
N PHE G 112 -3.69 39.70 -4.77
CA PHE G 112 -5.14 39.70 -4.88
C PHE G 112 -5.66 41.10 -5.19
N LYS G 113 -4.74 42.05 -5.28
CA LYS G 113 -4.95 43.42 -5.72
C LYS G 113 -4.87 43.50 -7.24
N SER G 114 -4.47 42.40 -7.88
CA SER G 114 -4.47 42.10 -9.32
C SER G 114 -3.24 42.58 -10.07
N GLY G 115 -2.26 43.19 -9.41
CA GLY G 115 -1.03 43.54 -10.11
C GLY G 115 -0.30 42.34 -10.67
N ALA G 116 -0.18 41.27 -9.88
CA ALA G 116 0.54 40.07 -10.29
C ALA G 116 -0.04 38.85 -9.57
N ILE G 117 0.39 37.67 -10.01
CA ILE G 117 -0.02 36.35 -9.52
C ILE G 117 -1.55 36.44 -9.70
N PRO G 118 -2.47 36.20 -8.73
CA PRO G 118 -3.89 36.32 -9.10
C PRO G 118 -4.24 37.68 -9.66
N VAL G 119 -5.08 37.63 -10.67
CA VAL G 119 -5.66 38.79 -11.34
C VAL G 119 -7.13 38.42 -11.38
N ASP G 120 -7.73 38.35 -10.20
CA ASP G 120 -9.07 37.86 -10.00
C ASP G 120 -9.97 38.88 -9.29
N HIS G 121 -11.22 38.97 -9.77
CA HIS G 121 -12.25 39.78 -9.14
C HIS G 121 -12.67 39.23 -7.76
N LEU G 122 -13.05 37.95 -7.70
CA LEU G 122 -13.55 37.36 -6.46
C LEU G 122 -12.98 35.96 -6.28
N ILE G 123 -12.63 35.64 -5.04
CA ILE G 123 -12.05 34.35 -4.67
C ILE G 123 -13.01 33.64 -3.73
N ALA G 124 -13.26 32.36 -4.02
CA ALA G 124 -14.14 31.56 -3.19
C ALA G 124 -13.33 30.55 -2.40
N PRO G 125 -13.48 30.50 -1.09
CA PRO G 125 -12.73 29.52 -0.29
C PRO G 125 -13.61 28.44 0.33
N GLU G 126 -13.19 27.17 0.23
CA GLU G 126 -13.99 26.10 0.81
C GLU G 126 -14.07 26.22 2.33
N GLU G 127 -12.99 26.67 2.96
CA GLU G 127 -12.88 26.54 4.40
C GLU G 127 -13.71 27.58 5.14
N LEU G 128 -13.52 28.86 4.83
CA LEU G 128 -14.32 29.86 5.53
C LEU G 128 -15.80 29.77 5.20
N VAL G 129 -16.17 29.39 3.97
CA VAL G 129 -17.59 29.21 3.69
C VAL G 129 -18.14 27.96 4.37
N THR G 130 -17.30 26.95 4.63
CA THR G 130 -17.76 25.80 5.38
C THR G 130 -17.74 26.08 6.88
N SER G 131 -17.08 27.16 7.29
CA SER G 131 -17.09 27.63 8.66
C SER G 131 -18.41 28.28 9.05
N TYR G 132 -19.42 28.18 8.18
CA TYR G 132 -20.79 28.46 8.59
C TYR G 132 -21.25 27.43 9.62
N ILE G 133 -20.55 26.30 9.70
CA ILE G 133 -20.76 25.36 10.79
C ILE G 133 -20.60 26.08 12.13
N GLU G 134 -19.73 27.09 12.20
CA GLU G 134 -19.65 27.90 13.41
C GLU G 134 -20.95 28.64 13.66
N ARG G 135 -21.55 29.20 12.60
CA ARG G 135 -22.84 29.86 12.75
C ARG G 135 -23.89 28.88 13.25
N LEU G 136 -23.80 27.62 12.79
CA LEU G 136 -24.74 26.61 13.26
C LEU G 136 -24.53 26.29 14.74
N ILE G 137 -23.28 26.12 15.17
CA ILE G 137 -23.03 25.86 16.60
C ILE G 137 -23.30 27.13 17.41
N GLN G 138 -23.05 28.30 16.82
CA GLN G 138 -23.27 29.55 17.54
C GLN G 138 -24.74 29.77 17.83
N TYR G 139 -25.62 29.50 16.87
CA TYR G 139 -27.06 29.65 17.05
C TYR G 139 -27.65 28.32 17.52
N PRO G 140 -27.94 28.17 18.81
CA PRO G 140 -28.40 26.87 19.30
C PRO G 140 -29.73 26.46 18.67
N GLY G 141 -29.86 25.16 18.41
CA GLY G 141 -31.07 24.63 17.81
C GLY G 141 -31.42 25.18 16.45
N ALA G 142 -30.40 25.37 15.58
CA ALA G 142 -30.63 25.82 14.22
C ALA G 142 -30.20 24.72 13.26
N LEU G 143 -31.17 24.14 12.54
CA LEU G 143 -30.85 23.07 11.60
C LEU G 143 -30.46 23.58 10.23
N GLN G 144 -31.10 24.64 9.75
CA GLN G 144 -30.86 25.04 8.37
C GLN G 144 -31.39 26.46 8.12
N VAL G 145 -30.80 27.12 7.13
CA VAL G 145 -31.32 28.37 6.60
C VAL G 145 -31.10 28.40 5.10
N VAL G 146 -32.15 28.74 4.36
CA VAL G 146 -32.08 28.98 2.92
C VAL G 146 -32.64 30.37 2.66
N SER G 147 -32.31 30.92 1.51
CA SER G 147 -32.76 32.25 1.13
C SER G 147 -33.39 32.22 -0.25
N PHE G 148 -34.32 33.14 -0.47
CA PHE G 148 -35.06 33.21 -1.72
C PHE G 148 -35.03 34.65 -2.21
N ALA G 149 -35.42 34.83 -3.48
CA ALA G 149 -35.42 36.13 -4.15
C ALA G 149 -34.00 36.70 -4.06
N GLU G 150 -33.80 37.88 -3.50
CA GLU G 150 -32.45 38.44 -3.36
C GLU G 150 -31.81 38.08 -2.03
N GLN G 151 -32.26 38.76 -0.99
CA GLN G 151 -31.80 38.57 0.37
C GLN G 151 -32.94 38.89 1.32
N LYS G 152 -34.11 39.24 0.78
CA LYS G 152 -35.22 39.71 1.59
C LYS G 152 -35.83 38.60 2.43
N VAL G 153 -36.10 37.43 1.85
CA VAL G 153 -36.77 36.37 2.59
C VAL G 153 -35.85 35.18 2.80
N SER G 154 -35.90 34.63 4.01
CA SER G 154 -35.09 33.49 4.40
C SER G 154 -35.96 32.50 5.16
N LEU G 155 -35.91 31.24 4.75
CA LEU G 155 -36.55 30.16 5.48
C LEU G 155 -35.54 29.57 6.45
N VAL G 156 -35.99 29.23 7.65
CA VAL G 156 -35.11 28.69 8.68
C VAL G 156 -35.77 27.48 9.33
N ALA G 157 -34.99 26.45 9.59
CA ALA G 157 -35.44 25.22 10.23
C ALA G 157 -34.71 25.10 11.55
N VAL G 158 -35.46 25.28 12.65
CA VAL G 158 -34.94 25.22 14.01
C VAL G 158 -35.50 24.00 14.73
N LYS G 159 -34.76 23.57 15.76
CA LYS G 159 -35.15 22.42 16.58
C LYS G 159 -35.42 22.86 18.01
N ALA G 160 -36.47 22.33 18.60
CA ALA G 160 -36.86 22.62 19.96
C ALA G 160 -36.33 21.50 20.85
N TYR G 161 -35.38 21.83 21.71
CA TYR G 161 -34.77 20.85 22.60
C TYR G 161 -35.46 20.84 23.96
N TYR G 162 -35.55 19.66 24.56
CA TYR G 162 -36.07 19.53 25.91
C TYR G 162 -35.24 20.41 26.85
N GLY G 163 -35.94 21.19 27.69
CA GLY G 163 -35.30 22.19 28.51
C GLY G 163 -35.09 23.52 27.82
N GLY G 164 -35.32 23.61 26.51
CA GLY G 164 -35.23 24.85 25.79
C GLY G 164 -36.39 25.76 26.12
N PRO G 165 -36.42 26.93 25.47
CA PRO G 165 -37.52 27.87 25.69
C PRO G 165 -38.74 27.60 24.82
N LEU G 166 -38.63 26.74 23.81
CA LEU G 166 -39.73 26.48 22.89
C LEU G 166 -40.65 25.36 23.36
N VAL G 167 -40.12 24.39 24.11
CA VAL G 167 -40.95 23.30 24.62
C VAL G 167 -42.10 23.83 25.45
N GLY G 168 -43.27 23.20 25.29
CA GLY G 168 -44.41 23.51 26.13
C GLY G 168 -45.14 24.79 25.76
N ASN G 169 -44.40 25.77 25.25
CA ASN G 169 -45.00 27.02 24.85
C ASN G 169 -45.81 26.84 23.58
N ALA G 170 -47.06 27.32 23.61
CA ALA G 170 -47.94 27.22 22.45
C ALA G 170 -47.52 28.21 21.38
N LEU G 171 -47.75 27.82 20.12
CA LEU G 171 -47.33 28.65 18.99
C LEU G 171 -47.90 30.06 19.10
N SER G 172 -49.04 30.22 19.78
CA SER G 172 -49.60 31.56 19.96
C SER G 172 -48.72 32.38 20.88
N ALA G 173 -48.05 31.74 21.84
CA ALA G 173 -47.14 32.47 22.71
C ALA G 173 -45.89 32.91 21.95
N LEU G 174 -45.40 32.06 21.05
CA LEU G 174 -44.30 32.47 20.18
C LEU G 174 -44.69 33.64 19.29
N ARG G 175 -45.92 33.62 18.76
CA ARG G 175 -46.37 34.73 17.92
C ARG G 175 -46.58 36.00 18.73
N GLU G 176 -46.99 35.88 19.99
CA GLU G 176 -47.23 37.06 20.83
C GLU G 176 -45.98 37.57 21.53
N HIS G 177 -44.92 36.77 21.60
CA HIS G 177 -43.69 37.21 22.24
C HIS G 177 -42.95 38.25 21.42
N MET G 178 -43.25 38.37 20.14
CA MET G 178 -42.68 39.39 19.27
C MET G 178 -43.79 39.94 18.39
N PRO G 179 -44.65 40.80 18.94
CA PRO G 179 -45.79 41.31 18.17
C PRO G 179 -45.39 42.20 16.99
N HIS G 180 -44.12 42.59 16.91
CA HIS G 180 -43.63 43.41 15.80
C HIS G 180 -42.93 42.58 14.73
N ILE G 181 -42.92 41.26 14.87
CA ILE G 181 -42.28 40.37 13.91
C ILE G 181 -43.36 39.70 13.07
N ASP G 182 -43.27 39.86 11.75
CA ASP G 182 -44.21 39.25 10.81
C ASP G 182 -43.55 38.02 10.19
N THR G 183 -43.77 36.87 10.80
CA THR G 183 -43.26 35.60 10.31
C THR G 183 -44.41 34.66 9.98
N ARG G 184 -44.11 33.62 9.21
CA ARG G 184 -45.11 32.64 8.78
C ARG G 184 -44.53 31.25 8.95
N VAL G 185 -45.11 30.45 9.85
CA VAL G 185 -44.66 29.09 10.06
C VAL G 185 -45.09 28.24 8.87
N ALA G 186 -44.12 27.69 8.15
CA ALA G 186 -44.43 26.92 6.94
C ALA G 186 -44.98 25.55 7.29
N ALA G 187 -44.17 24.73 7.96
CA ALA G 187 -44.58 23.39 8.37
C ALA G 187 -43.81 23.00 9.61
N ILE G 188 -44.28 21.93 10.26
CA ILE G 188 -43.68 21.42 11.49
C ILE G 188 -43.57 19.92 11.35
N PHE G 189 -42.34 19.40 11.31
CA PHE G 189 -42.11 17.97 11.25
C PHE G 189 -41.87 17.43 12.65
N ARG G 190 -42.61 16.39 13.03
CA ARG G 190 -42.54 15.81 14.36
C ARG G 190 -42.44 14.29 14.20
N GLN G 191 -41.36 13.72 14.75
CA GLN G 191 -41.08 12.29 14.62
C GLN G 191 -41.05 11.83 13.16
N GLY G 192 -40.66 12.74 12.27
CA GLY G 192 -40.62 12.43 10.85
C GLY G 192 -41.91 12.71 10.10
N ARG G 193 -43.04 12.76 10.80
CA ARG G 193 -44.26 13.04 10.05
C ARG G 193 -44.67 14.50 10.19
N PRO G 194 -45.19 15.09 9.12
CA PRO G 194 -45.55 16.51 9.15
C PRO G 194 -46.80 16.76 9.98
N ILE G 195 -47.01 18.03 10.32
CA ILE G 195 -48.13 18.46 11.16
C ILE G 195 -48.60 19.82 10.67
N ARG G 196 -49.91 20.01 10.72
CA ARG G 196 -50.63 21.25 10.44
C ARG G 196 -50.59 22.20 11.63
N PRO G 197 -49.93 23.36 11.49
CA PRO G 197 -49.78 24.24 12.65
C PRO G 197 -50.83 25.36 12.70
N GLN G 198 -51.61 25.39 13.79
CA GLN G 198 -52.68 26.38 13.93
C GLN G 198 -52.64 27.11 15.27
N GLY G 199 -51.64 26.86 16.11
CA GLY G 199 -51.57 27.43 17.44
C GLY G 199 -51.41 26.29 18.42
N THR G 200 -50.58 25.33 18.00
CA THR G 200 -50.31 24.08 18.70
C THR G 200 -49.22 24.25 19.76
N THR G 201 -49.00 23.16 20.51
CA THR G 201 -48.00 23.11 21.57
C THR G 201 -46.80 22.35 21.02
N ILE G 202 -45.61 22.94 21.16
CA ILE G 202 -44.38 22.40 20.59
C ILE G 202 -43.87 21.24 21.45
N ILE G 203 -44.03 20.00 20.97
CA ILE G 203 -43.52 18.84 21.68
C ILE G 203 -42.00 18.89 21.72
N GLU G 204 -41.45 18.63 22.89
CA GLU G 204 -40.03 18.82 23.16
C GLU G 204 -39.11 17.95 22.30
N ALA G 205 -39.42 16.66 22.17
CA ALA G 205 -38.42 15.70 21.68
C ALA G 205 -37.92 15.99 20.26
N ASP G 206 -38.82 16.16 19.29
CA ASP G 206 -38.31 16.25 17.92
C ASP G 206 -38.93 17.34 17.06
N ASP G 207 -39.65 18.31 17.63
CA ASP G 207 -40.30 19.30 16.78
C ASP G 207 -39.28 20.10 15.98
N GLU G 208 -39.52 20.20 14.68
CA GLU G 208 -38.72 21.03 13.78
C GLU G 208 -39.64 22.11 13.23
N VAL G 209 -39.33 23.35 13.55
CA VAL G 209 -40.18 24.49 13.18
C VAL G 209 -39.52 25.24 12.04
N PHE G 210 -40.30 25.55 11.01
CA PHE G 210 -39.82 26.26 9.84
C PHE G 210 -40.42 27.66 9.82
N PHE G 211 -39.55 28.66 9.73
CA PHE G 211 -39.92 30.06 9.65
C PHE G 211 -39.75 30.54 8.22
N VAL G 212 -40.69 31.36 7.76
CA VAL G 212 -40.57 32.06 6.48
C VAL G 212 -40.90 33.51 6.77
N ALA G 213 -39.91 34.38 6.59
CA ALA G 213 -40.08 35.81 6.85
C ALA G 213 -38.96 36.57 6.18
N ALA G 214 -39.05 37.89 6.26
CA ALA G 214 -38.00 38.75 5.76
C ALA G 214 -36.72 38.54 6.58
N SER G 215 -35.57 38.71 5.91
CA SER G 215 -34.30 38.40 6.55
C SER G 215 -34.05 39.24 7.80
N ASN G 216 -34.54 40.49 7.83
CA ASN G 216 -34.38 41.29 9.03
C ASN G 216 -35.12 40.68 10.20
N HIS G 217 -36.36 40.24 9.94
CA HIS G 217 -37.15 39.63 11.00
C HIS G 217 -36.61 38.27 11.35
N ILE G 218 -36.14 37.52 10.36
CA ILE G 218 -35.59 36.19 10.63
C ILE G 218 -34.34 36.31 11.49
N ARG G 219 -33.44 37.22 11.14
CA ARG G 219 -32.26 37.46 11.98
C ARG G 219 -32.63 37.99 13.35
N SER G 220 -33.83 38.56 13.49
CA SER G 220 -34.18 39.07 14.81
C SER G 220 -34.76 37.97 15.68
N VAL G 221 -35.60 37.11 15.11
CA VAL G 221 -36.10 35.98 15.89
C VAL G 221 -34.95 35.02 16.22
N MET G 222 -33.97 34.90 15.32
CA MET G 222 -32.83 34.05 15.62
C MET G 222 -31.93 34.66 16.67
N SER G 223 -31.79 35.99 16.69
CA SER G 223 -31.02 36.61 17.76
C SER G 223 -31.75 36.49 19.10
N GLU G 224 -33.07 36.57 19.10
CA GLU G 224 -33.82 36.41 20.34
C GLU G 224 -33.73 34.97 20.86
N LEU G 225 -33.79 33.99 19.96
CA LEU G 225 -33.61 32.61 20.38
C LEU G 225 -32.17 32.35 20.82
N GLN G 226 -31.21 33.06 20.20
CA GLN G 226 -29.82 33.03 20.67
C GLN G 226 -29.74 33.52 22.11
N ARG G 227 -30.47 34.58 22.44
CA ARG G 227 -30.40 35.13 23.79
C ARG G 227 -31.06 34.19 24.79
N LEU G 228 -32.17 33.56 24.40
CA LEU G 228 -32.94 32.80 25.37
C LEU G 228 -32.32 31.43 25.64
N GLU G 229 -31.90 30.72 24.60
CA GLU G 229 -31.41 29.35 24.76
C GLU G 229 -29.99 29.36 25.35
N LYS G 230 -29.79 28.54 26.38
CA LYS G 230 -28.49 28.47 27.03
C LYS G 230 -27.44 27.96 26.05
N PRO G 231 -26.32 28.68 25.87
CA PRO G 231 -25.36 28.31 24.83
C PRO G 231 -24.63 27.02 25.12
N TYR G 232 -24.10 26.43 24.05
CA TYR G 232 -23.39 25.15 24.12
C TYR G 232 -22.05 25.32 24.81
N ARG G 233 -21.66 24.34 25.61
CA ARG G 233 -20.40 24.37 26.35
C ARG G 233 -19.34 23.44 25.81
N ARG G 234 -19.68 22.19 25.50
CA ARG G 234 -18.71 21.21 25.02
C ARG G 234 -18.98 20.83 23.57
N ILE G 235 -17.92 20.42 22.87
CA ILE G 235 -17.98 20.09 21.46
C ILE G 235 -16.99 18.95 21.18
N MET G 236 -17.39 18.01 20.31
CA MET G 236 -16.56 16.86 19.97
C MET G 236 -16.46 16.72 18.46
N ILE G 237 -15.25 16.40 17.98
CA ILE G 237 -14.96 16.28 16.56
C ILE G 237 -14.20 14.98 16.33
N VAL G 238 -14.51 14.28 15.23
CA VAL G 238 -13.86 13.02 14.92
C VAL G 238 -13.07 13.09 13.62
N GLY G 239 -12.79 14.27 13.10
CA GLY G 239 -11.98 14.34 11.89
C GLY G 239 -10.75 15.22 11.99
N GLY G 240 -9.61 14.69 11.56
CA GLY G 240 -8.33 15.36 11.62
C GLY G 240 -7.99 16.20 10.41
N GLY G 241 -8.93 16.42 9.50
CA GLY G 241 -8.63 16.98 8.20
C GLY G 241 -8.39 18.47 8.22
N ASN G 242 -8.16 19.01 7.02
CA ASN G 242 -7.95 20.45 6.87
C ASN G 242 -9.16 21.26 7.31
N ILE G 243 -10.35 20.66 7.32
CA ILE G 243 -11.54 21.33 7.83
C ILE G 243 -11.67 21.15 9.34
N GLY G 244 -11.45 19.92 9.80
CA GLY G 244 -11.54 19.64 11.24
C GLY G 244 -10.53 20.43 12.03
N ALA G 245 -9.28 20.44 11.56
CA ALA G 245 -8.22 21.21 12.23
C ALA G 245 -8.60 22.68 12.37
N SER G 246 -8.92 23.34 11.26
CA SER G 246 -9.25 24.76 11.31
C SER G 246 -10.53 25.02 12.10
N LEU G 247 -11.44 24.05 12.19
CA LEU G 247 -12.61 24.24 13.03
C LEU G 247 -12.25 24.15 14.50
N ALA G 248 -11.38 23.21 14.86
CA ALA G 248 -10.88 23.12 16.22
C ALA G 248 -10.16 24.41 16.60
N LYS G 249 -9.31 24.92 15.70
CA LYS G 249 -8.65 26.20 15.92
C LYS G 249 -9.66 27.30 16.18
N ARG G 250 -10.70 27.38 15.36
CA ARG G 250 -11.66 28.48 15.47
C ARG G 250 -12.53 28.35 16.73
N LEU G 251 -12.72 27.14 17.23
CA LEU G 251 -13.61 26.91 18.37
C LEU G 251 -12.90 26.86 19.71
N GLU G 252 -11.64 26.43 19.75
CA GLU G 252 -10.96 26.10 21.00
C GLU G 252 -10.98 27.27 21.99
N GLN G 253 -10.98 28.51 21.49
CA GLN G 253 -10.93 29.66 22.41
C GLN G 253 -12.24 29.83 23.16
N THR G 254 -13.37 29.49 22.54
CA THR G 254 -14.67 29.73 23.12
C THR G 254 -15.32 28.48 23.70
N TYR G 255 -14.90 27.29 23.29
CA TYR G 255 -15.47 26.06 23.78
C TYR G 255 -14.36 25.06 24.09
N SER G 256 -14.71 24.03 24.88
CA SER G 256 -13.79 22.96 25.24
C SER G 256 -13.93 21.84 24.21
N VAL G 257 -12.90 21.65 23.40
CA VAL G 257 -12.97 20.79 22.23
C VAL G 257 -12.13 19.53 22.45
N LYS G 258 -12.73 18.38 22.17
CA LYS G 258 -12.03 17.11 22.10
C LYS G 258 -12.12 16.59 20.67
N LEU G 259 -10.97 16.32 20.07
CA LEU G 259 -10.87 15.90 18.69
C LEU G 259 -10.32 14.48 18.63
N ILE G 260 -10.78 13.72 17.64
CA ILE G 260 -10.46 12.30 17.51
C ILE G 260 -9.83 12.07 16.15
N GLU G 261 -8.82 11.21 16.10
CA GLU G 261 -8.10 10.91 14.87
C GLU G 261 -7.72 9.44 14.86
N ARG G 262 -7.63 8.87 13.65
CA ARG G 262 -7.17 7.49 13.52
C ARG G 262 -5.69 7.40 13.18
N ASP G 263 -5.12 8.45 12.60
CA ASP G 263 -3.72 8.45 12.16
C ASP G 263 -2.84 9.00 13.29
N TYR G 264 -1.98 8.14 13.83
CA TYR G 264 -1.15 8.51 14.98
C TYR G 264 -0.33 9.75 14.68
N GLN G 265 0.33 9.79 13.52
CA GLN G 265 1.18 10.93 13.19
C GLN G 265 0.37 12.20 13.03
N ARG G 266 -0.82 12.10 12.45
CA ARG G 266 -1.69 13.27 12.32
C ARG G 266 -2.14 13.75 13.69
N ALA G 267 -2.47 12.82 14.58
CA ALA G 267 -2.85 13.18 15.95
C ALA G 267 -1.71 13.92 16.65
N GLU G 268 -0.48 13.42 16.52
CA GLU G 268 0.67 14.10 17.09
C GLU G 268 0.83 15.50 16.52
N LYS G 269 0.71 15.64 15.19
CA LYS G 269 0.88 16.95 14.58
C LYS G 269 -0.22 17.91 15.03
N LEU G 270 -1.40 17.38 15.31
CA LEU G 270 -2.49 18.22 15.80
C LEU G 270 -2.20 18.66 17.23
N SER G 271 -1.87 17.71 18.10
CA SER G 271 -1.58 18.03 19.49
C SER G 271 -0.46 19.05 19.61
N GLU G 272 0.50 19.03 18.67
CA GLU G 272 1.47 20.12 18.61
C GLU G 272 0.81 21.42 18.19
N GLN G 273 0.11 21.41 17.04
CA GLN G 273 -0.51 22.65 16.56
C GLN G 273 -1.63 23.11 17.47
N LEU G 274 -2.51 22.20 17.88
CA LEU G 274 -3.72 22.55 18.62
C LEU G 274 -3.40 22.62 20.10
N GLU G 275 -3.44 23.83 20.66
CA GLU G 275 -3.41 24.03 22.09
C GLU G 275 -4.82 24.34 22.59
N ASN G 276 -5.11 23.93 23.82
CA ASN G 276 -6.42 24.01 24.46
C ASN G 276 -7.43 23.02 23.89
N THR G 277 -7.00 22.13 23.00
CA THR G 277 -7.87 21.16 22.35
C THR G 277 -7.32 19.77 22.67
N ILE G 278 -8.11 18.96 23.37
CA ILE G 278 -7.68 17.62 23.73
C ILE G 278 -7.81 16.72 22.49
N VAL G 279 -6.68 16.29 21.93
CA VAL G 279 -6.66 15.54 20.69
C VAL G 279 -6.38 14.07 21.00
N PHE G 280 -7.25 13.18 20.51
CA PHE G 280 -7.18 11.76 20.79
C PHE G 280 -6.67 11.01 19.57
N CYS G 281 -6.51 9.69 19.73
CA CYS G 281 -6.08 8.80 18.64
C CYS G 281 -6.92 7.53 18.73
N GLY G 282 -7.96 7.45 17.92
CA GLY G 282 -8.81 6.26 17.90
C GLY G 282 -9.87 6.38 16.83
N ASP G 283 -10.54 5.26 16.59
CA ASP G 283 -11.62 5.24 15.63
C ASP G 283 -12.87 5.90 16.22
N ALA G 284 -13.59 6.65 15.37
CA ALA G 284 -14.85 7.27 15.77
C ALA G 284 -15.96 6.26 16.02
N ALA G 285 -15.70 4.96 15.84
CA ALA G 285 -16.74 3.94 15.93
C ALA G 285 -16.85 3.33 17.33
N ASP G 286 -15.74 3.06 17.99
CA ASP G 286 -15.78 2.28 19.22
C ASP G 286 -16.43 3.09 20.35
N GLN G 287 -17.37 2.46 21.05
CA GLN G 287 -18.01 3.10 22.19
C GLN G 287 -17.06 3.25 23.36
N GLU G 288 -16.17 2.26 23.55
CA GLU G 288 -15.24 2.28 24.68
C GLU G 288 -14.41 3.56 24.76
N LEU G 289 -14.32 4.33 23.68
CA LEU G 289 -13.70 5.65 23.75
C LEU G 289 -14.72 6.76 24.01
N LEU G 290 -15.90 6.67 23.39
CA LEU G 290 -16.87 7.75 23.52
C LEU G 290 -17.44 7.81 24.93
N THR G 291 -17.94 6.68 25.43
CA THR G 291 -18.42 6.62 26.81
C THR G 291 -17.32 7.01 27.78
N GLU G 292 -16.12 6.47 27.60
CA GLU G 292 -14.98 6.84 28.43
C GLU G 292 -14.65 8.33 28.32
N GLU G 293 -15.17 9.02 27.31
CA GLU G 293 -14.85 10.42 27.11
C GLU G 293 -16.09 11.30 27.24
N ASN G 294 -17.02 10.90 28.10
CA ASN G 294 -18.21 11.69 28.43
C ASN G 294 -19.06 11.96 27.20
N ILE G 295 -19.37 10.89 26.46
CA ILE G 295 -20.26 11.03 25.31
C ILE G 295 -21.67 11.41 25.77
N ASP G 296 -22.04 11.02 26.99
CA ASP G 296 -23.35 11.37 27.51
C ASP G 296 -23.48 12.85 27.82
N GLN G 297 -22.35 13.57 27.92
CA GLN G 297 -22.35 14.97 28.29
C GLN G 297 -21.95 15.90 27.15
N VAL G 298 -21.62 15.37 25.98
CA VAL G 298 -21.20 16.22 24.88
C VAL G 298 -22.43 16.89 24.29
N ASP G 299 -22.26 18.14 23.85
CA ASP G 299 -23.38 18.89 23.30
C ASP G 299 -23.51 18.72 21.79
N VAL G 300 -22.43 18.95 21.05
CA VAL G 300 -22.45 18.89 19.60
C VAL G 300 -21.35 17.96 19.13
N PHE G 301 -21.73 16.99 18.30
CA PHE G 301 -20.83 15.97 17.76
C PHE G 301 -20.73 16.16 16.26
N ILE G 302 -19.58 16.64 15.81
CA ILE G 302 -19.33 16.95 14.40
C ILE G 302 -18.47 15.84 13.81
N ALA G 303 -18.89 15.32 12.66
CA ALA G 303 -18.19 14.24 11.98
C ALA G 303 -17.67 14.76 10.65
N LEU G 304 -16.34 14.86 10.52
CA LEU G 304 -15.70 15.41 9.34
C LEU G 304 -14.71 14.42 8.72
N THR G 305 -15.04 13.14 8.78
CA THR G 305 -14.18 12.12 8.19
C THR G 305 -14.17 12.22 6.66
N ASN G 306 -13.17 11.59 6.06
CA ASN G 306 -13.11 11.52 4.60
C ASN G 306 -14.29 10.72 4.06
N GLU G 307 -14.62 9.61 4.71
CA GLU G 307 -15.71 8.73 4.26
C GLU G 307 -17.02 9.23 4.83
N ASP G 308 -18.04 9.31 3.98
CA ASP G 308 -19.36 9.78 4.43
C ASP G 308 -20.00 8.76 5.35
N GLU G 309 -19.90 7.47 5.02
CA GLU G 309 -20.58 6.45 5.83
C GLU G 309 -20.03 6.39 7.24
N THR G 310 -18.74 6.72 7.41
CA THR G 310 -18.16 6.74 8.75
C THR G 310 -18.71 7.91 9.55
N ASN G 311 -18.83 9.08 8.91
CA ASN G 311 -19.50 10.22 9.53
C ASN G 311 -20.90 9.83 9.99
N ILE G 312 -21.73 9.36 9.05
CA ILE G 312 -23.12 9.06 9.36
C ILE G 312 -23.21 8.07 10.52
N MET G 313 -22.43 7.00 10.48
CA MET G 313 -22.58 5.97 11.51
C MET G 313 -22.04 6.43 12.87
N SER G 314 -20.88 7.08 12.88
CA SER G 314 -20.34 7.56 14.14
C SER G 314 -21.25 8.60 14.78
N ALA G 315 -21.81 9.50 13.96
CA ALA G 315 -22.65 10.54 14.50
C ALA G 315 -24.02 10.02 14.90
N MET G 316 -24.56 9.02 14.20
CA MET G 316 -25.78 8.37 14.68
C MET G 316 -25.52 7.63 15.99
N LEU G 317 -24.28 7.21 16.22
CA LEU G 317 -24.00 6.51 17.47
C LEU G 317 -23.82 7.50 18.61
N ALA G 318 -23.19 8.64 18.34
CA ALA G 318 -23.10 9.69 19.35
C ALA G 318 -24.47 10.29 19.64
N LYS G 319 -25.37 10.32 18.64
CA LYS G 319 -26.74 10.74 18.90
C LYS G 319 -27.46 9.75 19.80
N ARG G 320 -27.27 8.46 19.56
CA ARG G 320 -27.90 7.48 20.43
C ARG G 320 -27.36 7.57 21.85
N MET G 321 -26.06 7.89 21.99
CA MET G 321 -25.43 7.84 23.30
C MET G 321 -25.68 9.07 24.17
N GLY G 322 -26.15 10.17 23.59
CA GLY G 322 -26.52 11.30 24.43
C GLY G 322 -26.13 12.68 23.93
N ALA G 323 -25.50 12.76 22.76
CA ALA G 323 -25.18 14.06 22.18
C ALA G 323 -26.45 14.82 21.84
N LYS G 324 -26.44 16.13 22.08
CA LYS G 324 -27.64 16.93 21.83
C LYS G 324 -27.81 17.24 20.35
N LYS G 325 -26.76 17.72 19.70
CA LYS G 325 -26.80 18.03 18.28
C LYS G 325 -25.73 17.24 17.55
N VAL G 326 -26.09 16.70 16.39
CA VAL G 326 -25.24 15.83 15.60
C VAL G 326 -25.12 16.43 14.20
N MET G 327 -23.88 16.56 13.72
CA MET G 327 -23.61 17.10 12.40
C MET G 327 -22.63 16.19 11.67
N VAL G 328 -22.81 16.05 10.35
CA VAL G 328 -21.96 15.22 9.52
C VAL G 328 -21.55 16.00 8.28
N LEU G 329 -20.54 15.49 7.60
CA LEU G 329 -20.04 16.07 6.35
C LEU G 329 -20.32 15.06 5.24
N ILE G 330 -21.34 15.35 4.43
CA ILE G 330 -21.79 14.45 3.38
C ILE G 330 -21.31 14.98 2.03
N GLN G 331 -20.55 14.15 1.31
CA GLN G 331 -20.07 14.48 -0.03
C GLN G 331 -20.87 13.78 -1.12
N ARG G 332 -22.04 13.24 -0.78
CA ARG G 332 -22.87 12.49 -1.74
C ARG G 332 -24.32 12.92 -1.52
N GLY G 333 -24.87 13.68 -2.47
CA GLY G 333 -26.21 14.21 -2.30
C GLY G 333 -27.26 13.15 -2.02
N ALA G 334 -27.03 11.92 -2.51
CA ALA G 334 -27.96 10.83 -2.21
C ALA G 334 -27.99 10.53 -0.73
N TYR G 335 -26.86 10.72 -0.04
CA TYR G 335 -26.82 10.49 1.40
C TYR G 335 -27.44 11.64 2.16
N VAL G 336 -27.12 12.88 1.78
CA VAL G 336 -27.66 14.03 2.52
C VAL G 336 -29.17 14.08 2.38
N ASP G 337 -29.70 13.68 1.22
CA ASP G 337 -31.15 13.61 1.05
C ASP G 337 -31.75 12.45 1.85
N LEU G 338 -30.92 11.61 2.46
CA LEU G 338 -31.38 10.39 3.11
C LEU G 338 -31.27 10.40 4.63
N VAL G 339 -30.15 10.86 5.21
CA VAL G 339 -29.96 10.72 6.66
C VAL G 339 -30.19 11.99 7.48
N GLN G 340 -30.44 13.15 6.89
CA GLN G 340 -30.56 14.37 7.70
C GLN G 340 -31.96 14.48 8.30
N GLY G 341 -32.28 13.52 9.18
CA GLY G 341 -33.60 13.49 9.78
C GLY G 341 -33.54 13.60 11.29
N GLY G 342 -34.36 12.82 11.98
CA GLY G 342 -34.36 12.88 13.43
C GLY G 342 -33.03 12.44 14.01
N VAL G 343 -32.47 11.36 13.46
CA VAL G 343 -31.23 10.80 13.98
C VAL G 343 -30.07 11.78 13.78
N ILE G 344 -29.94 12.36 12.59
CA ILE G 344 -28.86 13.29 12.28
C ILE G 344 -29.46 14.67 12.07
N ASP G 345 -29.12 15.61 12.96
CA ASP G 345 -29.79 16.90 12.97
C ASP G 345 -29.47 17.71 11.73
N VAL G 346 -28.23 17.66 11.25
CA VAL G 346 -27.86 18.46 10.08
C VAL G 346 -26.66 17.84 9.38
N ALA G 347 -26.75 17.72 8.06
CA ALA G 347 -25.65 17.26 7.22
C ALA G 347 -25.20 18.43 6.35
N ILE G 348 -23.89 18.65 6.28
CA ILE G 348 -23.38 19.84 5.60
C ILE G 348 -22.65 19.41 4.33
N SER G 349 -23.36 19.42 3.22
CA SER G 349 -22.75 19.18 1.92
C SER G 349 -21.82 20.33 1.59
N PRO G 350 -20.50 20.12 1.51
CA PRO G 350 -19.59 21.24 1.24
C PRO G 350 -19.84 21.91 -0.10
N GLN G 351 -20.52 21.24 -1.04
CA GLN G 351 -20.86 21.87 -2.30
C GLN G 351 -22.00 22.88 -2.11
N GLN G 352 -23.09 22.47 -1.47
CA GLN G 352 -24.21 23.38 -1.24
C GLN G 352 -23.87 24.49 -0.26
N ALA G 353 -22.89 24.30 0.63
CA ALA G 353 -22.52 25.37 1.55
C ALA G 353 -21.98 26.57 0.80
N THR G 354 -21.17 26.33 -0.23
CA THR G 354 -20.71 27.42 -1.09
C THR G 354 -21.80 27.86 -2.05
N ILE G 355 -22.48 26.88 -2.67
CA ILE G 355 -23.43 27.18 -3.74
C ILE G 355 -24.56 28.08 -3.26
N SER G 356 -25.21 27.71 -2.15
CA SER G 356 -26.38 28.47 -1.72
C SER G 356 -26.01 29.92 -1.48
N ALA G 357 -24.92 30.15 -0.74
CA ALA G 357 -24.57 31.51 -0.35
C ALA G 357 -24.12 32.34 -1.55
N LEU G 358 -23.25 31.80 -2.40
CA LEU G 358 -22.76 32.63 -3.49
C LEU G 358 -23.78 32.75 -4.62
N LEU G 359 -24.42 31.64 -5.00
CA LEU G 359 -25.40 31.63 -6.08
C LEU G 359 -26.64 32.47 -5.76
N THR G 360 -27.11 32.47 -4.51
CA THR G 360 -28.37 33.14 -4.22
C THR G 360 -28.31 34.63 -4.54
N HIS G 361 -27.25 35.31 -4.07
CA HIS G 361 -27.09 36.72 -4.38
C HIS G 361 -27.00 36.97 -5.89
N VAL G 362 -26.19 36.18 -6.58
CA VAL G 362 -25.90 36.41 -8.00
C VAL G 362 -27.07 36.01 -8.90
N ARG G 363 -27.58 36.98 -9.64
CA ARG G 363 -28.49 36.80 -10.77
C ARG G 363 -29.94 36.39 -10.47
N ARG G 364 -30.25 36.06 -9.22
CA ARG G 364 -31.62 35.75 -8.78
C ARG G 364 -32.36 34.88 -9.82
N ALA G 365 -31.73 33.76 -10.17
CA ALA G 365 -32.20 32.92 -11.27
C ALA G 365 -33.70 32.65 -11.19
N ASP G 366 -34.39 32.92 -12.30
CA ASP G 366 -35.84 32.77 -12.37
C ASP G 366 -36.22 31.62 -13.31
N ILE G 367 -37.08 30.74 -12.82
CA ILE G 367 -37.60 29.58 -13.53
C ILE G 367 -38.91 29.23 -12.84
N VAL G 368 -39.91 28.81 -13.63
CA VAL G 368 -41.24 28.51 -13.13
C VAL G 368 -41.15 27.73 -11.82
N ASN G 369 -40.20 26.81 -11.73
CA ASN G 369 -39.86 26.15 -10.47
C ASN G 369 -38.35 26.19 -10.30
N VAL G 370 -37.87 26.87 -9.27
CA VAL G 370 -36.46 26.87 -8.90
C VAL G 370 -36.37 26.42 -7.45
N SER G 371 -35.77 25.27 -7.22
CA SER G 371 -35.78 24.62 -5.92
C SER G 371 -34.49 24.89 -5.16
N SER G 372 -34.58 24.85 -3.84
CA SER G 372 -33.43 24.84 -2.95
C SER G 372 -33.39 23.44 -2.36
N LEU G 373 -32.26 22.76 -2.49
CA LEU G 373 -32.21 21.34 -2.18
C LEU G 373 -31.81 21.10 -0.72
N ARG G 374 -32.55 20.22 -0.07
CA ARG G 374 -32.33 19.91 1.35
C ARG G 374 -32.75 18.46 1.57
N ARG G 375 -33.02 18.13 2.83
CA ARG G 375 -33.41 16.81 3.30
C ARG G 375 -34.90 16.74 3.61
N GLY G 376 -35.39 15.52 3.73
CA GLY G 376 -36.79 15.24 3.98
C GLY G 376 -37.56 15.01 2.71
N ALA G 377 -38.82 14.64 2.88
CA ALA G 377 -39.66 14.58 1.70
C ALA G 377 -40.11 15.97 1.31
N ALA G 378 -39.76 16.97 2.11
CA ALA G 378 -40.09 18.35 1.84
C ALA G 378 -39.10 18.96 0.85
N GLU G 379 -39.50 20.10 0.30
CA GLU G 379 -38.66 20.86 -0.61
C GLU G 379 -39.14 22.30 -0.56
N ALA G 380 -38.22 23.22 -0.84
CA ALA G 380 -38.54 24.64 -0.81
C ALA G 380 -38.18 25.24 -2.16
N ILE G 381 -39.19 25.70 -2.89
CA ILE G 381 -39.03 26.23 -4.23
C ILE G 381 -39.44 27.70 -4.22
N GLU G 382 -39.06 28.40 -5.28
CA GLU G 382 -39.29 29.84 -5.43
C GLU G 382 -39.95 30.07 -6.78
N ALA G 383 -41.27 29.85 -6.83
CA ALA G 383 -41.98 29.96 -8.09
C ALA G 383 -42.03 31.41 -8.57
N VAL G 384 -42.03 31.57 -9.89
CA VAL G 384 -42.17 32.87 -10.53
C VAL G 384 -43.48 32.86 -11.30
N ALA G 385 -44.27 33.92 -11.14
CA ALA G 385 -45.59 33.98 -11.78
C ALA G 385 -45.39 34.50 -13.20
N HIS G 386 -45.46 33.59 -14.16
CA HIS G 386 -45.27 33.91 -15.57
C HIS G 386 -46.61 33.77 -16.29
N GLY G 387 -46.82 34.64 -17.27
CA GLY G 387 -48.02 34.67 -18.07
C GLY G 387 -48.75 36.00 -17.91
N ASP G 388 -49.74 36.19 -18.77
CA ASP G 388 -50.50 37.45 -18.76
C ASP G 388 -51.38 37.53 -17.51
N GLU G 389 -52.11 38.64 -17.40
CA GLU G 389 -52.85 38.94 -16.18
C GLU G 389 -53.81 37.81 -15.79
N THR G 390 -54.53 37.25 -16.75
CA THR G 390 -55.46 36.17 -16.46
C THR G 390 -55.17 34.97 -17.35
N THR G 391 -54.21 35.08 -18.27
CA THR G 391 -53.87 33.99 -19.17
C THR G 391 -53.30 32.81 -18.38
N SER G 392 -52.49 33.09 -17.38
CA SER G 392 -51.83 32.07 -16.59
C SER G 392 -52.77 31.51 -15.52
N LYS G 393 -52.54 30.23 -15.17
CA LYS G 393 -53.37 29.56 -14.18
C LYS G 393 -53.34 30.28 -12.83
N VAL G 394 -52.27 31.00 -12.53
CA VAL G 394 -52.03 31.49 -11.18
C VAL G 394 -51.95 33.00 -11.10
N VAL G 395 -51.75 33.71 -12.20
CA VAL G 395 -51.60 35.16 -12.19
C VAL G 395 -52.97 35.80 -12.08
N GLY G 396 -53.07 36.89 -11.32
CA GLY G 396 -54.32 37.61 -11.15
C GLY G 396 -55.26 37.03 -10.11
N ARG G 397 -55.08 35.78 -9.73
CA ARG G 397 -55.96 35.14 -8.76
C ARG G 397 -55.39 35.28 -7.35
N ALA G 398 -56.18 34.86 -6.37
CA ALA G 398 -55.84 35.00 -4.96
C ALA G 398 -55.32 33.68 -4.41
N ILE G 399 -54.48 33.78 -3.38
CA ILE G 399 -53.78 32.60 -2.87
C ILE G 399 -54.78 31.56 -2.37
N GLY G 400 -55.86 32.02 -1.73
CA GLY G 400 -56.90 31.11 -1.26
C GLY G 400 -57.62 30.39 -2.39
N ASP G 401 -57.52 30.88 -3.62
CA ASP G 401 -58.22 30.31 -4.76
C ASP G 401 -57.36 29.40 -5.61
N ILE G 402 -56.06 29.30 -5.32
CA ILE G 402 -55.18 28.45 -6.11
C ILE G 402 -55.37 26.99 -5.70
N LYS G 403 -55.30 26.09 -6.68
CA LYS G 403 -55.41 24.66 -6.44
C LYS G 403 -54.01 24.07 -6.26
N LEU G 404 -53.42 24.39 -5.11
CA LEU G 404 -52.07 23.97 -4.82
C LEU G 404 -52.01 22.46 -4.54
N PRO G 405 -50.89 21.82 -4.85
CA PRO G 405 -50.74 20.39 -4.53
C PRO G 405 -50.81 20.15 -3.04
N PRO G 406 -51.02 18.90 -2.61
CA PRO G 406 -51.15 18.64 -1.17
C PRO G 406 -49.87 18.97 -0.42
N GLY G 407 -50.02 19.44 0.81
CA GLY G 407 -48.91 19.85 1.63
C GLY G 407 -48.24 21.15 1.22
N THR G 408 -48.53 21.65 0.01
CA THR G 408 -47.89 22.87 -0.48
C THR G 408 -48.49 24.09 0.19
N THR G 409 -47.63 24.91 0.80
CA THR G 409 -48.05 26.10 1.53
C THR G 409 -47.24 27.29 1.03
N ILE G 410 -47.93 28.32 0.57
CA ILE G 410 -47.26 29.55 0.17
C ILE G 410 -46.89 30.33 1.44
N GLY G 411 -45.62 30.69 1.56
CA GLY G 411 -45.12 31.35 2.75
C GLY G 411 -45.07 32.85 2.67
N ALA G 412 -44.48 33.38 1.61
CA ALA G 412 -44.36 34.82 1.44
C ALA G 412 -44.37 35.15 -0.04
N VAL G 413 -44.60 36.43 -0.33
CA VAL G 413 -44.61 36.95 -1.69
C VAL G 413 -43.65 38.13 -1.75
N VAL G 414 -42.64 38.03 -2.62
CA VAL G 414 -41.68 39.09 -2.85
C VAL G 414 -42.19 39.86 -4.05
N ARG G 415 -42.49 41.14 -3.84
CA ARG G 415 -42.97 42.07 -4.84
C ARG G 415 -41.85 43.09 -5.04
N GLY G 416 -41.02 42.88 -6.06
CA GLY G 416 -39.99 43.85 -6.36
C GLY G 416 -39.01 43.96 -5.21
N GLU G 417 -39.15 45.01 -4.41
CA GLU G 417 -38.29 45.28 -3.28
C GLU G 417 -38.97 45.13 -1.93
N GLU G 418 -40.29 44.89 -1.90
CA GLU G 418 -41.01 44.71 -0.64
C GLU G 418 -41.46 43.27 -0.47
N VAL G 419 -41.56 42.85 0.80
CA VAL G 419 -41.89 41.49 1.17
C VAL G 419 -43.23 41.50 1.91
N LEU G 420 -44.14 40.61 1.49
CA LEU G 420 -45.42 40.48 2.15
C LEU G 420 -45.59 39.05 2.64
N ILE G 421 -46.07 38.90 3.87
CA ILE G 421 -46.31 37.58 4.43
C ILE G 421 -47.62 37.04 3.85
N ALA G 422 -47.58 35.82 3.33
CA ALA G 422 -48.69 35.32 2.53
C ALA G 422 -49.96 35.21 3.35
N HIS G 423 -51.09 35.47 2.70
CA HIS G 423 -52.41 35.38 3.28
C HIS G 423 -53.40 35.15 2.15
N ASP G 424 -54.54 34.55 2.49
CA ASP G 424 -55.55 34.29 1.47
C ASP G 424 -56.21 35.57 0.97
N ARG G 425 -55.92 36.71 1.60
CA ARG G 425 -56.49 37.98 1.16
C ARG G 425 -55.76 38.56 -0.05
N THR G 426 -54.49 38.21 -0.22
CA THR G 426 -53.68 38.79 -1.28
C THR G 426 -53.96 38.11 -2.62
N VAL G 427 -53.61 38.82 -3.70
CA VAL G 427 -53.79 38.34 -5.06
C VAL G 427 -52.43 38.32 -5.76
N ILE G 428 -52.16 37.22 -6.47
CA ILE G 428 -50.88 37.09 -7.16
C ILE G 428 -50.85 38.01 -8.38
N GLU G 429 -49.72 38.68 -8.59
CA GLU G 429 -49.47 39.57 -9.71
C GLU G 429 -48.44 39.00 -10.68
N GLN G 430 -48.42 39.59 -11.87
CA GLN G 430 -47.50 39.20 -12.91
C GLN G 430 -46.07 39.49 -12.46
N ASP G 431 -45.16 38.57 -12.78
CA ASP G 431 -43.74 38.71 -12.43
C ASP G 431 -43.54 38.93 -10.94
N ASP G 432 -44.24 38.15 -10.13
CA ASP G 432 -44.15 38.22 -8.67
C ASP G 432 -43.43 36.97 -8.19
N HIS G 433 -42.46 37.14 -7.29
CA HIS G 433 -41.80 35.97 -6.73
C HIS G 433 -42.64 35.39 -5.60
N VAL G 434 -42.98 34.11 -5.70
CA VAL G 434 -43.80 33.44 -4.70
C VAL G 434 -42.92 32.41 -4.01
N VAL G 435 -42.81 32.49 -2.69
CA VAL G 435 -42.00 31.55 -1.92
C VAL G 435 -42.94 30.49 -1.37
N MET G 436 -42.64 29.24 -1.66
CA MET G 436 -43.55 28.14 -1.38
C MET G 436 -42.84 27.12 -0.50
N PHE G 437 -43.56 26.07 -0.14
CA PHE G 437 -42.98 25.03 0.70
C PHE G 437 -43.76 23.74 0.48
N LEU G 438 -43.07 22.72 -0.02
CA LEU G 438 -43.67 21.40 -0.18
C LEU G 438 -43.37 20.55 1.04
N VAL G 439 -44.29 19.64 1.35
CA VAL G 439 -44.08 18.65 2.39
C VAL G 439 -43.62 17.32 1.78
N ASP G 440 -44.15 16.98 0.61
CA ASP G 440 -43.68 15.83 -0.18
C ASP G 440 -43.15 16.37 -1.49
N LYS G 441 -41.86 16.14 -1.76
CA LYS G 441 -41.21 16.76 -2.90
C LYS G 441 -41.53 16.07 -4.22
N LYS G 442 -42.22 14.94 -4.19
CA LYS G 442 -42.59 14.29 -5.44
C LYS G 442 -43.67 15.08 -6.16
N TYR G 443 -44.15 16.16 -5.55
CA TYR G 443 -45.09 17.08 -6.18
C TYR G 443 -44.40 18.32 -6.74
N VAL G 444 -43.06 18.32 -6.84
CA VAL G 444 -42.38 19.41 -7.53
C VAL G 444 -42.90 19.61 -8.95
N PRO G 445 -43.05 18.57 -9.79
CA PRO G 445 -43.57 18.82 -11.15
C PRO G 445 -44.99 19.39 -11.15
N ASP G 446 -45.85 18.90 -10.26
CA ASP G 446 -47.22 19.40 -10.20
C ASP G 446 -47.29 20.90 -9.97
N VAL G 447 -46.33 21.46 -9.24
CA VAL G 447 -46.33 22.91 -9.07
C VAL G 447 -45.88 23.59 -10.35
N GLU G 448 -44.91 22.99 -11.06
CA GLU G 448 -44.49 23.52 -12.34
C GLU G 448 -45.65 23.56 -13.32
N ALA G 449 -46.42 22.47 -13.37
CA ALA G 449 -47.60 22.45 -14.24
C ALA G 449 -48.60 23.51 -13.80
N LEU G 450 -48.67 23.77 -12.49
CA LEU G 450 -49.57 24.83 -12.03
C LEU G 450 -49.11 26.18 -12.53
N PHE G 451 -47.80 26.42 -12.59
CA PHE G 451 -47.29 27.70 -13.04
C PHE G 451 -46.96 27.73 -14.53
N GLN G 452 -46.92 26.58 -15.20
CA GLN G 452 -46.70 26.56 -16.64
C GLN G 452 -47.97 26.98 -17.37
N PRO G 453 -47.95 28.12 -18.08
CA PRO G 453 -49.15 28.55 -18.81
C PRO G 453 -49.46 27.67 -20.01
N SER G 454 -50.57 27.95 -20.67
CA SER G 454 -50.88 27.31 -21.94
C SER G 454 -49.81 27.70 -22.96
N PRO G 455 -49.09 26.74 -23.55
CA PRO G 455 -47.96 27.11 -24.42
C PRO G 455 -48.40 27.99 -25.59
N PHE G 456 -47.59 29.01 -25.87
CA PHE G 456 -47.87 29.96 -26.92
C PHE G 456 -47.80 29.31 -28.31
N LYS H 2 7.71 -42.42 -9.11
CA LYS H 2 6.96 -41.26 -9.57
C LYS H 2 7.11 -40.11 -8.58
N ILE H 3 7.47 -38.93 -9.09
CA ILE H 3 7.83 -37.78 -8.27
C ILE H 3 6.73 -36.74 -8.36
N ILE H 4 6.30 -36.22 -7.21
CA ILE H 4 5.50 -35.01 -7.12
C ILE H 4 6.17 -34.04 -6.14
N ILE H 5 6.07 -32.75 -6.44
CA ILE H 5 6.40 -31.69 -5.50
C ILE H 5 5.18 -30.77 -5.44
N LEU H 6 5.16 -29.84 -4.48
CA LEU H 6 3.97 -29.02 -4.30
C LEU H 6 4.26 -27.53 -4.36
N GLY H 7 3.19 -26.78 -4.63
CA GLY H 7 3.22 -25.34 -4.78
C GLY H 7 3.37 -24.56 -3.47
N ALA H 8 3.53 -23.24 -3.63
CA ALA H 8 4.10 -22.67 -4.86
C ALA H 8 5.58 -22.99 -4.90
N GLY H 9 6.22 -22.91 -3.75
CA GLY H 9 7.62 -23.25 -3.63
C GLY H 9 8.65 -22.17 -3.91
N GLN H 10 9.20 -21.56 -2.86
CA GLN H 10 10.28 -20.60 -3.09
C GLN H 10 11.48 -21.31 -3.69
N VAL H 11 11.77 -22.49 -3.15
CA VAL H 11 12.91 -23.30 -3.58
C VAL H 11 12.45 -24.44 -4.47
N GLY H 12 11.28 -25.02 -4.17
CA GLY H 12 10.79 -26.23 -4.80
C GLY H 12 10.99 -26.31 -6.30
N GLY H 13 10.82 -25.18 -6.98
CA GLY H 13 11.05 -25.17 -8.41
C GLY H 13 12.45 -25.64 -8.76
N THR H 14 13.45 -25.16 -8.02
CA THR H 14 14.80 -25.67 -8.20
C THR H 14 14.91 -27.13 -7.78
N LEU H 15 14.17 -27.53 -6.73
CA LEU H 15 14.12 -28.95 -6.39
C LEU H 15 13.50 -29.76 -7.52
N ALA H 16 12.88 -29.09 -8.48
CA ALA H 16 12.25 -29.73 -9.62
C ALA H 16 13.16 -29.78 -10.83
N GLU H 17 14.37 -29.21 -10.77
CA GLU H 17 15.25 -29.27 -11.95
C GLU H 17 16.35 -30.31 -11.82
N ASN H 18 16.99 -30.42 -10.66
CA ASN H 18 18.03 -31.44 -10.47
C ASN H 18 17.45 -32.83 -10.31
N LEU H 19 16.28 -32.97 -9.70
CA LEU H 19 15.71 -34.26 -9.34
C LEU H 19 15.09 -35.01 -10.52
N VAL H 20 15.09 -34.44 -11.72
CA VAL H 20 14.36 -35.03 -12.83
C VAL H 20 15.21 -36.07 -13.54
N GLY H 21 16.36 -36.40 -12.96
CA GLY H 21 17.27 -37.26 -13.69
C GLY H 21 16.94 -38.72 -13.61
N GLU H 22 15.91 -39.07 -12.84
CA GLU H 22 15.52 -40.47 -12.72
C GLU H 22 14.82 -40.93 -14.00
N ASN H 23 15.08 -42.18 -14.38
CA ASN H 23 14.45 -42.74 -15.57
C ASN H 23 12.93 -42.85 -15.42
N ASN H 24 12.46 -43.12 -14.20
CA ASN H 24 11.04 -43.22 -13.92
C ASN H 24 10.37 -41.84 -14.03
N ASP H 25 9.05 -41.88 -14.23
CA ASP H 25 8.24 -40.70 -14.51
C ASP H 25 8.32 -39.62 -13.43
N ILE H 26 8.49 -38.37 -13.87
CA ILE H 26 8.58 -37.18 -13.01
C ILE H 26 7.33 -36.34 -13.20
N THR H 27 6.77 -35.84 -12.09
CA THR H 27 5.70 -34.84 -12.12
C THR H 27 5.95 -33.73 -11.11
N ILE H 28 5.72 -32.48 -11.52
CA ILE H 28 5.79 -31.33 -10.62
C ILE H 28 4.50 -30.53 -10.74
N VAL H 29 3.82 -30.33 -9.62
CA VAL H 29 2.61 -29.51 -9.56
C VAL H 29 2.81 -28.35 -8.58
N ASP H 30 2.87 -27.15 -9.08
CA ASP H 30 3.00 -26.03 -8.18
C ASP H 30 1.65 -25.49 -7.75
N ASN H 31 1.64 -24.38 -7.01
CA ASN H 31 0.39 -23.88 -6.49
C ASN H 31 -0.70 -23.46 -7.43
N ASN H 32 -0.37 -22.53 -8.31
CA ASN H 32 -1.30 -22.10 -9.33
C ASN H 32 -0.60 -21.74 -10.63
N ALA H 33 -0.78 -20.50 -11.08
CA ALA H 33 -0.18 -20.03 -12.33
C ALA H 33 1.33 -20.07 -12.32
N ASP H 34 1.94 -19.75 -11.17
CA ASP H 34 3.41 -19.75 -11.09
C ASP H 34 3.91 -21.13 -11.41
N ARG H 35 3.29 -22.16 -10.83
CA ARG H 35 3.68 -23.53 -11.10
C ARG H 35 3.36 -23.90 -12.54
N LEU H 36 2.14 -23.66 -12.98
CA LEU H 36 1.84 -24.01 -14.34
C LEU H 36 2.56 -23.17 -15.43
N ARG H 37 2.33 -21.87 -15.46
CA ARG H 37 2.89 -21.09 -16.57
C ARG H 37 4.39 -21.09 -16.59
N GLU H 38 4.94 -20.79 -15.41
CA GLU H 38 6.38 -20.77 -15.26
C GLU H 38 6.84 -22.19 -15.42
N LEU H 39 6.12 -23.08 -14.74
CA LEU H 39 6.44 -24.46 -14.77
C LEU H 39 6.40 -24.99 -16.16
N GLN H 40 5.35 -24.75 -16.94
CA GLN H 40 5.35 -25.33 -18.28
C GLN H 40 6.47 -24.76 -19.13
N ASP H 41 6.65 -23.45 -19.06
CA ASP H 41 7.70 -22.84 -19.87
C ASP H 41 9.13 -23.27 -19.52
N LYS H 42 9.44 -23.46 -18.24
CA LYS H 42 10.81 -23.81 -17.92
C LYS H 42 10.94 -25.27 -17.54
N TYR H 43 9.87 -26.04 -17.72
CA TYR H 43 9.94 -27.44 -17.29
C TYR H 43 9.43 -28.46 -18.27
N ASP H 44 9.75 -29.69 -17.94
CA ASP H 44 9.65 -30.83 -18.85
C ASP H 44 8.47 -31.83 -19.00
N LEU H 45 7.91 -32.41 -17.93
CA LEU H 45 6.88 -33.44 -18.14
C LEU H 45 5.52 -33.55 -17.42
N ARG H 46 5.13 -32.63 -16.55
CA ARG H 46 3.85 -32.82 -15.84
C ARG H 46 3.32 -31.65 -14.99
N VAL H 47 2.22 -31.91 -14.28
CA VAL H 47 1.64 -30.94 -13.32
C VAL H 47 0.11 -30.77 -13.40
N VAL H 48 -0.40 -29.60 -13.02
CA VAL H 48 -1.09 -29.47 -11.74
C VAL H 48 -1.43 -28.02 -11.37
N ASN H 49 -2.24 -27.83 -10.33
CA ASN H 49 -3.04 -26.62 -10.18
C ASN H 49 -3.73 -26.57 -8.82
N GLY H 50 -4.44 -25.47 -8.55
CA GLY H 50 -5.25 -25.31 -7.35
C GLY H 50 -4.48 -25.04 -6.08
N HIS H 51 -5.15 -24.38 -5.13
CA HIS H 51 -4.58 -24.05 -3.84
C HIS H 51 -4.35 -25.29 -2.98
N ALA H 52 -3.41 -25.18 -2.06
CA ALA H 52 -3.07 -26.25 -1.14
C ALA H 52 -3.56 -25.87 0.25
N SER H 53 -4.09 -26.85 0.98
CA SER H 53 -3.94 -28.26 0.63
C SER H 53 -5.25 -29.03 0.55
N HIS H 54 -6.09 -28.65 -0.39
CA HIS H 54 -7.31 -29.39 -0.62
C HIS H 54 -6.98 -30.73 -1.26
N PRO H 55 -7.74 -31.79 -0.94
CA PRO H 55 -7.40 -33.12 -1.47
C PRO H 55 -7.58 -33.24 -2.98
N ASP H 56 -8.39 -32.40 -3.59
CA ASP H 56 -8.72 -32.56 -5.00
C ASP H 56 -7.49 -32.44 -5.88
N VAL H 57 -6.55 -31.57 -5.53
CA VAL H 57 -5.34 -31.42 -6.32
C VAL H 57 -4.36 -32.58 -6.12
N LEU H 58 -4.44 -33.29 -4.99
CA LEU H 58 -3.38 -34.24 -4.64
C LEU H 58 -3.46 -35.54 -5.45
N HIS H 59 -4.67 -36.05 -5.75
CA HIS H 59 -4.80 -37.34 -6.42
C HIS H 59 -4.12 -37.38 -7.78
N GLU H 60 -3.88 -36.22 -8.39
CA GLU H 60 -3.15 -36.16 -9.65
C GLU H 60 -1.77 -36.76 -9.52
N ALA H 61 -1.17 -36.69 -8.33
CA ALA H 61 0.11 -37.34 -8.07
C ALA H 61 0.06 -38.83 -8.34
N GLY H 62 -1.13 -39.42 -8.40
CA GLY H 62 -1.24 -40.86 -8.53
C GLY H 62 -1.56 -41.47 -7.19
N ALA H 63 -0.50 -41.82 -6.45
CA ALA H 63 -0.59 -42.45 -5.14
C ALA H 63 -1.16 -43.85 -5.26
N GLN H 64 -0.51 -44.67 -6.09
CA GLN H 64 -0.77 -46.08 -6.26
C GLN H 64 0.64 -46.68 -6.27
N ASP H 65 1.26 -46.68 -5.09
CA ASP H 65 2.66 -47.02 -4.91
C ASP H 65 3.54 -46.04 -5.69
N ALA H 66 3.14 -44.76 -5.67
CA ALA H 66 3.91 -43.69 -6.31
C ALA H 66 4.98 -43.25 -5.33
N ASP H 67 6.24 -43.26 -5.78
CA ASP H 67 7.33 -43.29 -4.81
C ASP H 67 7.68 -41.92 -4.22
N MET H 68 7.67 -40.83 -4.98
CA MET H 68 8.20 -39.58 -4.44
C MET H 68 7.11 -38.54 -4.18
N LEU H 69 7.13 -37.98 -2.97
CA LEU H 69 6.27 -36.89 -2.55
C LEU H 69 7.15 -35.82 -1.93
N VAL H 70 7.08 -34.59 -2.45
CA VAL H 70 7.85 -33.47 -1.91
C VAL H 70 6.87 -32.37 -1.51
N ALA H 71 6.77 -32.10 -0.21
CA ALA H 71 5.83 -31.10 0.31
C ALA H 71 6.53 -29.76 0.54
N VAL H 72 6.92 -29.11 -0.56
CA VAL H 72 7.52 -27.78 -0.43
C VAL H 72 6.45 -26.80 0.03
N THR H 73 6.66 -26.18 1.19
CA THR H 73 5.65 -25.27 1.73
C THR H 73 6.32 -24.13 2.49
N ASN H 74 5.78 -22.92 2.35
CA ASN H 74 6.25 -21.79 3.15
C ASN H 74 5.86 -21.92 4.61
N THR H 75 4.65 -22.41 4.89
CA THR H 75 4.12 -22.51 6.24
C THR H 75 3.96 -23.97 6.65
N ASP H 76 4.39 -24.28 7.86
CA ASP H 76 4.43 -25.67 8.31
C ASP H 76 3.04 -26.19 8.64
N GLU H 77 2.27 -25.43 9.42
CA GLU H 77 0.96 -25.89 9.89
C GLU H 77 0.11 -26.40 8.74
N THR H 78 0.18 -25.73 7.58
CA THR H 78 -0.51 -26.21 6.40
C THR H 78 0.15 -27.46 5.82
N ASN H 79 1.49 -27.51 5.86
CA ASN H 79 2.23 -28.61 5.25
C ASN H 79 1.94 -29.96 5.90
N MET H 80 1.82 -29.99 7.23
CA MET H 80 1.55 -31.25 7.92
C MET H 80 0.21 -31.83 7.48
N ALA H 81 -0.84 -31.02 7.56
CA ALA H 81 -2.15 -31.41 7.05
C ALA H 81 -2.11 -31.79 5.58
N ALA H 82 -1.28 -31.09 4.80
CA ALA H 82 -1.19 -31.39 3.37
C ALA H 82 -0.69 -32.80 3.13
N CYS H 83 0.37 -33.18 3.82
CA CYS H 83 0.89 -34.53 3.62
C CYS H 83 -0.06 -35.57 4.20
N GLN H 84 -0.84 -35.20 5.22
CA GLN H 84 -1.72 -36.18 5.86
C GLN H 84 -2.90 -36.51 4.98
N VAL H 85 -3.52 -35.49 4.38
CA VAL H 85 -4.65 -35.77 3.51
C VAL H 85 -4.26 -36.77 2.43
N ALA H 86 -3.03 -36.66 1.90
CA ALA H 86 -2.56 -37.60 0.88
C ALA H 86 -2.48 -39.03 1.39
N PHE H 87 -1.88 -39.24 2.56
CA PHE H 87 -1.72 -40.60 3.06
C PHE H 87 -3.07 -41.24 3.38
N THR H 88 -3.95 -40.48 4.03
CA THR H 88 -5.19 -41.08 4.46
C THR H 88 -6.09 -41.32 3.26
N LEU H 89 -6.40 -40.27 2.51
CA LEU H 89 -7.23 -40.44 1.33
C LEU H 89 -6.52 -41.22 0.22
N PHE H 90 -5.28 -40.85 -0.12
CA PHE H 90 -4.58 -41.39 -1.29
C PHE H 90 -3.43 -42.36 -1.00
N ASN H 91 -2.93 -42.43 0.24
CA ASN H 91 -1.88 -43.36 0.67
C ASN H 91 -0.60 -43.33 -0.19
N THR H 92 0.11 -42.15 -0.16
CA THR H 92 1.41 -42.08 -0.86
C THR H 92 2.52 -42.61 0.04
N PRO H 93 3.32 -43.61 -0.40
CA PRO H 93 4.28 -44.26 0.52
C PRO H 93 5.52 -43.49 0.99
N ASN H 94 6.36 -42.93 0.12
CA ASN H 94 7.52 -42.14 0.54
C ASN H 94 7.16 -40.67 0.65
N ARG H 95 7.13 -40.20 1.88
CA ARG H 95 6.69 -38.88 2.32
C ARG H 95 7.80 -38.03 2.92
N VAL H 96 7.85 -36.74 2.55
CA VAL H 96 8.83 -35.80 3.05
C VAL H 96 8.17 -34.45 3.31
N ALA H 97 8.74 -33.70 4.27
CA ALA H 97 8.08 -32.54 4.86
C ALA H 97 9.11 -31.47 5.17
N ARG H 98 8.61 -30.24 5.34
CA ARG H 98 9.41 -29.06 5.66
C ARG H 98 8.80 -28.35 6.85
N ILE H 99 9.54 -28.22 7.95
CA ILE H 99 9.03 -27.53 9.13
C ILE H 99 10.04 -26.51 9.62
N ARG H 100 9.61 -25.25 9.68
CA ARG H 100 10.36 -24.09 10.16
C ARG H 100 9.70 -23.50 11.39
N SER H 101 9.03 -24.35 12.16
CA SER H 101 8.18 -23.90 13.25
C SER H 101 8.79 -22.96 14.27
N PRO H 102 10.04 -23.15 14.74
CA PRO H 102 10.72 -24.43 14.82
C PRO H 102 10.51 -25.10 16.16
N GLU H 103 9.52 -24.64 16.94
CA GLU H 103 9.24 -25.36 18.17
C GLU H 103 8.93 -26.81 17.82
N TYR H 104 8.18 -27.01 16.72
CA TYR H 104 7.95 -28.38 16.25
C TYR H 104 9.27 -28.94 15.76
N LEU H 105 10.06 -28.13 15.05
CA LEU H 105 11.40 -28.57 14.69
C LEU H 105 12.22 -28.87 15.94
N ALA H 106 11.88 -28.21 17.06
CA ALA H 106 12.55 -28.48 18.33
C ALA H 106 12.17 -29.84 18.91
N GLU H 107 10.88 -30.18 18.88
CA GLU H 107 10.37 -31.38 19.55
C GLU H 107 10.12 -32.56 18.60
N LYS H 108 10.32 -32.37 17.29
CA LYS H 108 10.02 -33.42 16.32
C LYS H 108 10.96 -34.61 16.42
N GLU H 109 12.13 -34.46 17.04
CA GLU H 109 12.98 -35.64 17.13
C GLU H 109 12.41 -36.66 18.11
N ALA H 110 11.75 -36.21 19.18
CA ALA H 110 10.98 -37.12 20.03
C ALA H 110 9.55 -37.36 19.54
N LEU H 111 8.94 -36.40 18.84
CA LEU H 111 7.56 -36.57 18.40
C LEU H 111 7.47 -37.36 17.10
N PHE H 112 8.28 -36.96 16.12
CA PHE H 112 8.25 -37.52 14.77
C PHE H 112 9.02 -38.82 14.66
N LYS H 113 9.89 -39.14 15.62
CA LYS H 113 10.60 -40.41 15.57
C LYS H 113 9.92 -41.42 16.50
N SER H 114 8.58 -41.38 16.53
CA SER H 114 7.78 -42.34 17.28
C SER H 114 6.78 -43.12 16.45
N GLY H 115 6.43 -42.64 15.25
CA GLY H 115 5.48 -43.30 14.38
C GLY H 115 4.06 -42.81 14.55
N ALA H 116 3.75 -42.19 15.70
CA ALA H 116 2.42 -41.63 15.95
C ALA H 116 2.15 -40.43 15.06
N ILE H 117 3.19 -39.65 14.78
CA ILE H 117 3.15 -38.41 14.02
C ILE H 117 2.54 -38.58 12.65
N PRO H 118 1.84 -37.59 12.16
CA PRO H 118 1.11 -37.83 10.94
C PRO H 118 1.96 -37.69 9.68
N VAL H 119 2.38 -38.85 9.19
CA VAL H 119 2.75 -39.07 7.79
C VAL H 119 4.06 -38.53 7.25
N ASP H 120 4.86 -37.80 8.01
CA ASP H 120 6.04 -37.17 7.42
C ASP H 120 7.30 -37.43 8.24
N HIS H 121 7.71 -38.69 8.27
CA HIS H 121 8.90 -39.00 9.02
C HIS H 121 10.11 -38.32 8.40
N LEU H 122 10.21 -38.36 7.08
CA LEU H 122 11.33 -37.70 6.41
C LEU H 122 11.14 -36.19 6.50
N ILE H 123 12.21 -35.47 6.84
CA ILE H 123 12.08 -34.02 6.98
C ILE H 123 13.20 -33.32 6.20
N ALA H 124 12.94 -32.06 5.87
CA ALA H 124 13.88 -31.21 5.16
C ALA H 124 13.62 -29.77 5.58
N PRO H 125 14.52 -29.12 6.32
CA PRO H 125 14.31 -27.71 6.66
C PRO H 125 15.10 -26.74 5.80
N GLU H 126 14.43 -25.74 5.24
CA GLU H 126 15.15 -24.76 4.43
C GLU H 126 16.03 -23.85 5.28
N GLU H 127 15.90 -23.88 6.60
CA GLU H 127 16.64 -22.96 7.47
C GLU H 127 17.87 -23.60 8.09
N LEU H 128 18.25 -24.79 7.65
CA LEU H 128 19.49 -25.38 8.15
C LEU H 128 20.62 -25.15 7.16
N VAL H 129 20.41 -24.23 6.21
CA VAL H 129 21.49 -23.72 5.38
C VAL H 129 22.38 -22.83 6.22
N THR H 130 21.81 -22.21 7.26
CA THR H 130 22.54 -21.31 8.14
C THR H 130 23.79 -21.98 8.70
N SER H 131 23.66 -23.20 9.21
CA SER H 131 24.81 -23.98 9.66
C SER H 131 25.97 -23.95 8.66
N TYR H 132 25.66 -23.97 7.36
CA TYR H 132 26.71 -23.81 6.36
C TYR H 132 27.33 -22.42 6.40
N ILE H 133 26.54 -21.38 6.63
CA ILE H 133 27.11 -20.04 6.84
C ILE H 133 28.01 -20.03 8.06
N GLU H 134 27.61 -20.74 9.12
CA GLU H 134 28.44 -20.82 10.31
C GLU H 134 29.76 -21.53 10.03
N ARG H 135 29.72 -22.61 9.24
CA ARG H 135 30.95 -23.27 8.84
C ARG H 135 31.83 -22.34 8.03
N LEU H 136 31.20 -21.51 7.19
CA LEU H 136 31.94 -20.52 6.42
C LEU H 136 32.58 -19.47 7.32
N ILE H 137 31.89 -19.09 8.40
CA ILE H 137 32.46 -18.13 9.34
C ILE H 137 33.64 -18.76 10.07
N GLN H 138 33.58 -20.06 10.32
CA GLN H 138 34.75 -20.78 10.83
C GLN H 138 35.56 -21.12 9.59
N TYR H 139 36.63 -21.92 9.73
CA TYR H 139 37.48 -22.33 8.63
C TYR H 139 37.76 -21.11 7.74
N PRO H 140 38.38 -20.05 8.29
CA PRO H 140 38.45 -18.78 7.55
C PRO H 140 39.15 -18.94 6.21
N GLY H 141 38.54 -18.34 5.19
CA GLY H 141 39.02 -18.46 3.83
C GLY H 141 38.60 -19.75 3.15
N ALA H 142 37.39 -20.23 3.43
CA ALA H 142 36.83 -21.44 2.80
C ALA H 142 35.63 -20.98 1.96
N LEU H 143 35.87 -20.69 0.68
CA LEU H 143 34.79 -20.18 -0.16
C LEU H 143 33.75 -21.24 -0.50
N GLN H 144 34.16 -22.48 -0.75
CA GLN H 144 33.18 -23.47 -1.18
C GLN H 144 33.72 -24.89 -1.06
N VAL H 145 32.80 -25.86 -0.92
CA VAL H 145 33.14 -27.27 -1.02
C VAL H 145 31.96 -28.04 -1.62
N VAL H 146 32.23 -28.88 -2.62
CA VAL H 146 31.22 -29.84 -3.06
C VAL H 146 31.84 -31.24 -3.06
N SER H 147 30.97 -32.24 -3.02
CA SER H 147 31.36 -33.64 -2.92
C SER H 147 30.79 -34.44 -4.08
N PHE H 148 31.62 -35.29 -4.67
CA PHE H 148 31.29 -36.16 -5.79
C PHE H 148 31.52 -37.61 -5.38
N ALA H 149 30.96 -38.49 -6.21
CA ALA H 149 31.02 -39.94 -6.04
C ALA H 149 30.53 -40.34 -4.65
N GLU H 150 29.31 -39.90 -4.34
CA GLU H 150 28.67 -40.20 -3.06
C GLU H 150 29.52 -39.70 -1.90
N GLN H 151 29.97 -38.44 -2.03
CA GLN H 151 30.76 -37.74 -1.03
C GLN H 151 32.17 -38.36 -0.88
N LYS H 152 32.58 -39.18 -1.85
CA LYS H 152 33.90 -39.79 -1.78
C LYS H 152 35.00 -38.76 -1.98
N VAL H 153 34.88 -37.91 -3.00
CA VAL H 153 35.88 -36.91 -3.30
C VAL H 153 35.26 -35.53 -3.12
N SER H 154 36.05 -34.58 -2.64
CA SER H 154 35.56 -33.24 -2.39
C SER H 154 36.50 -32.22 -3.00
N LEU H 155 35.92 -31.30 -3.77
CA LEU H 155 36.62 -30.14 -4.28
C LEU H 155 36.34 -29.00 -3.32
N VAL H 156 37.36 -28.20 -3.05
CA VAL H 156 37.25 -27.07 -2.13
C VAL H 156 37.91 -25.85 -2.75
N ALA H 157 37.28 -24.70 -2.58
CA ALA H 157 37.77 -23.42 -3.08
C ALA H 157 38.05 -22.55 -1.86
N VAL H 158 39.33 -22.29 -1.60
CA VAL H 158 39.77 -21.52 -0.45
C VAL H 158 40.34 -20.18 -0.92
N LYS H 159 40.30 -19.20 -0.02
CA LYS H 159 40.80 -17.86 -0.30
C LYS H 159 41.97 -17.55 0.62
N ALA H 160 43.02 -16.96 0.07
CA ALA H 160 44.23 -16.62 0.82
C ALA H 160 44.19 -15.15 1.21
N TYR H 161 44.06 -14.89 2.50
CA TYR H 161 43.99 -13.52 3.03
C TYR H 161 45.35 -13.04 3.51
N TYR H 162 45.60 -11.75 3.32
CA TYR H 162 46.80 -11.10 3.83
C TYR H 162 46.91 -11.33 5.34
N GLY H 163 48.09 -11.72 5.79
CA GLY H 163 48.31 -12.12 7.17
C GLY H 163 47.98 -13.56 7.48
N GLY H 164 47.37 -14.28 6.54
CA GLY H 164 47.08 -15.68 6.72
C GLY H 164 48.34 -16.53 6.67
N PRO H 165 48.15 -17.85 6.76
CA PRO H 165 49.31 -18.76 6.66
C PRO H 165 49.71 -19.08 5.23
N LEU H 166 48.88 -18.72 4.25
CA LEU H 166 49.14 -19.04 2.85
C LEU H 166 49.99 -18.00 2.14
N VAL H 167 49.95 -16.73 2.59
CA VAL H 167 50.75 -15.68 1.98
C VAL H 167 52.22 -16.04 2.00
N GLY H 168 52.91 -15.72 0.90
CA GLY H 168 54.36 -15.83 0.83
C GLY H 168 54.88 -17.24 0.70
N ASN H 169 54.17 -18.21 1.28
CA ASN H 169 54.61 -19.60 1.21
C ASN H 169 54.39 -20.15 -0.18
N ALA H 170 55.44 -20.76 -0.74
CA ALA H 170 55.35 -21.36 -2.06
C ALA H 170 54.57 -22.66 -1.99
N LEU H 171 53.87 -22.99 -3.08
CA LEU H 171 53.01 -24.17 -3.11
C LEU H 171 53.76 -25.43 -2.67
N SER H 172 55.08 -25.45 -2.86
CA SER H 172 55.86 -26.60 -2.41
C SER H 172 55.90 -26.68 -0.89
N ALA H 173 55.87 -25.53 -0.21
CA ALA H 173 55.85 -25.53 1.24
C ALA H 173 54.51 -26.02 1.76
N LEU H 174 53.42 -25.62 1.09
CA LEU H 174 52.10 -26.17 1.43
C LEU H 174 52.06 -27.67 1.18
N ARG H 175 52.73 -28.14 0.12
CA ARG H 175 52.79 -29.58 -0.14
C ARG H 175 53.61 -30.31 0.93
N GLU H 176 54.63 -29.66 1.47
CA GLU H 176 55.48 -30.29 2.48
C GLU H 176 54.94 -30.16 3.90
N HIS H 177 54.00 -29.25 4.13
CA HIS H 177 53.46 -29.07 5.48
C HIS H 177 52.58 -30.23 5.91
N MET H 178 52.07 -31.02 4.97
CA MET H 178 51.26 -32.20 5.28
C MET H 178 51.67 -33.33 4.35
N PRO H 179 52.80 -33.97 4.63
CA PRO H 179 53.29 -35.05 3.75
C PRO H 179 52.41 -36.29 3.74
N HIS H 180 51.42 -36.38 4.62
CA HIS H 180 50.51 -37.53 4.66
C HIS H 180 49.19 -37.27 3.96
N ILE H 181 49.03 -36.11 3.33
CA ILE H 181 47.80 -35.75 2.63
C ILE H 181 48.06 -35.81 1.13
N ASP H 182 47.23 -36.58 0.42
CA ASP H 182 47.31 -36.68 -1.04
C ASP H 182 46.17 -35.83 -1.61
N THR H 183 46.50 -34.57 -1.91
CA THR H 183 45.57 -33.61 -2.48
C THR H 183 46.07 -33.20 -3.86
N ARG H 184 45.19 -32.56 -4.63
CA ARG H 184 45.51 -32.14 -5.99
C ARG H 184 45.04 -30.71 -6.19
N VAL H 185 45.97 -29.79 -6.39
CA VAL H 185 45.60 -28.40 -6.65
C VAL H 185 45.05 -28.33 -8.07
N ALA H 186 43.77 -27.97 -8.18
CA ALA H 186 43.13 -27.98 -9.50
C ALA H 186 43.54 -26.76 -10.32
N ALA H 187 43.20 -25.57 -9.83
CA ALA H 187 43.54 -24.34 -10.53
C ALA H 187 43.64 -23.21 -9.52
N ILE H 188 44.19 -22.09 -9.97
CA ILE H 188 44.39 -20.92 -9.12
C ILE H 188 43.92 -19.70 -9.93
N PHE H 189 42.87 -19.05 -9.43
CA PHE H 189 42.35 -17.83 -10.04
C PHE H 189 42.97 -16.63 -9.35
N ARG H 190 43.53 -15.73 -10.15
CA ARG H 190 44.23 -14.56 -9.63
C ARG H 190 43.77 -13.34 -10.42
N GLN H 191 43.16 -12.39 -9.72
CA GLN H 191 42.57 -11.21 -10.34
C GLN H 191 41.59 -11.59 -11.45
N GLY H 192 40.94 -12.74 -11.31
CA GLY H 192 40.01 -13.25 -12.30
C GLY H 192 40.62 -14.13 -13.37
N ARG H 193 41.94 -14.07 -13.57
CA ARG H 193 42.44 -14.93 -14.64
C ARG H 193 43.05 -16.21 -14.07
N PRO H 194 42.85 -17.34 -14.72
CA PRO H 194 43.41 -18.60 -14.20
C PRO H 194 44.91 -18.66 -14.43
N ILE H 195 45.57 -19.56 -13.69
CA ILE H 195 47.03 -19.66 -13.73
C ILE H 195 47.44 -21.12 -13.56
N ARG H 196 48.56 -21.48 -14.21
CA ARG H 196 49.16 -22.79 -14.04
C ARG H 196 49.82 -22.84 -12.66
N PRO H 197 49.44 -23.79 -11.79
CA PRO H 197 49.74 -23.66 -10.37
C PRO H 197 50.99 -24.36 -9.85
N GLN H 198 51.47 -25.42 -10.51
CA GLN H 198 52.60 -26.17 -9.97
C GLN H 198 53.81 -25.28 -9.72
N GLY H 199 54.31 -25.33 -8.48
CA GLY H 199 55.55 -24.66 -8.09
C GLY H 199 55.55 -23.14 -8.19
N THR H 200 54.48 -22.48 -7.78
CA THR H 200 54.40 -21.03 -7.86
C THR H 200 54.13 -20.44 -6.48
N THR H 201 54.62 -19.21 -6.29
CA THR H 201 54.42 -18.52 -5.01
C THR H 201 53.02 -17.94 -4.97
N ILE H 202 52.25 -18.29 -3.94
CA ILE H 202 50.87 -17.83 -3.85
C ILE H 202 50.87 -16.34 -3.56
N ILE H 203 50.30 -15.55 -4.47
CA ILE H 203 50.21 -14.11 -4.23
C ILE H 203 49.12 -13.83 -3.21
N GLU H 204 49.47 -13.04 -2.18
CA GLU H 204 48.62 -12.85 -1.02
C GLU H 204 47.28 -12.23 -1.38
N ALA H 205 47.23 -11.33 -2.36
CA ALA H 205 45.99 -10.58 -2.58
C ALA H 205 44.91 -11.47 -3.17
N ASP H 206 44.02 -11.93 -2.29
CA ASP H 206 42.79 -12.64 -2.64
C ASP H 206 42.99 -13.75 -3.67
N ASP H 207 44.01 -14.58 -3.46
CA ASP H 207 44.17 -15.75 -4.32
C ASP H 207 43.11 -16.80 -3.98
N GLU H 208 42.56 -17.42 -5.02
CA GLU H 208 41.60 -18.51 -4.85
C GLU H 208 42.25 -19.81 -5.31
N VAL H 209 42.38 -20.75 -4.38
CA VAL H 209 43.07 -22.01 -4.61
C VAL H 209 42.05 -23.14 -4.54
N PHE H 210 42.09 -24.04 -5.51
CA PHE H 210 41.11 -25.13 -5.60
C PHE H 210 41.80 -26.46 -5.32
N PHE H 211 41.48 -27.06 -4.19
CA PHE H 211 41.89 -28.41 -3.85
C PHE H 211 40.88 -29.41 -4.39
N VAL H 212 41.36 -30.62 -4.67
CA VAL H 212 40.53 -31.78 -4.98
C VAL H 212 41.16 -32.97 -4.28
N ALA H 213 40.43 -33.59 -3.36
CA ALA H 213 41.02 -34.73 -2.65
C ALA H 213 39.93 -35.58 -2.04
N ALA H 214 40.35 -36.72 -1.47
CA ALA H 214 39.43 -37.58 -0.76
C ALA H 214 38.89 -36.86 0.48
N SER H 215 37.68 -37.24 0.89
CA SER H 215 37.01 -36.51 1.96
C SER H 215 37.84 -36.49 3.24
N ASN H 216 38.60 -37.55 3.52
CA ASN H 216 39.47 -37.56 4.69
C ASN H 216 40.55 -36.48 4.58
N HIS H 217 41.14 -36.34 3.39
CA HIS H 217 42.20 -35.36 3.22
C HIS H 217 41.66 -33.94 3.31
N ILE H 218 40.48 -33.71 2.73
CA ILE H 218 39.88 -32.39 2.79
C ILE H 218 39.52 -32.03 4.23
N ARG H 219 38.88 -32.97 4.94
CA ARG H 219 38.55 -32.76 6.34
C ARG H 219 39.79 -32.57 7.21
N SER H 220 40.96 -33.01 6.75
CA SER H 220 42.15 -32.79 7.56
C SER H 220 42.84 -31.47 7.23
N VAL H 221 42.96 -31.13 5.95
CA VAL H 221 43.60 -29.88 5.58
C VAL H 221 42.74 -28.68 5.98
N MET H 222 41.42 -28.81 5.95
CA MET H 222 40.59 -27.67 6.34
C MET H 222 40.68 -27.44 7.85
N SER H 223 40.78 -28.51 8.63
CA SER H 223 40.99 -28.35 10.07
C SER H 223 42.37 -27.77 10.37
N GLU H 224 43.39 -28.14 9.58
CA GLU H 224 44.71 -27.57 9.77
C GLU H 224 44.71 -26.07 9.46
N LEU H 225 44.01 -25.68 8.39
CA LEU H 225 43.90 -24.26 8.07
C LEU H 225 43.06 -23.52 9.12
N GLN H 226 42.08 -24.21 9.71
CA GLN H 226 41.35 -23.66 10.85
C GLN H 226 42.30 -23.40 12.01
N ARG H 227 43.24 -24.32 12.24
CA ARG H 227 44.15 -24.17 13.38
C ARG H 227 45.11 -23.00 13.16
N LEU H 228 45.58 -22.80 11.92
CA LEU H 228 46.60 -21.77 11.72
C LEU H 228 46.00 -20.36 11.67
N GLU H 229 44.92 -20.18 10.91
CA GLU H 229 44.39 -18.85 10.68
C GLU H 229 43.59 -18.38 11.90
N LYS H 230 43.86 -17.15 12.35
CA LYS H 230 43.17 -16.60 13.52
C LYS H 230 41.68 -16.43 13.23
N PRO H 231 40.80 -16.95 14.07
CA PRO H 231 39.37 -16.97 13.74
C PRO H 231 38.75 -15.59 13.73
N TYR H 232 37.58 -15.51 13.12
CA TYR H 232 36.86 -14.26 12.91
C TYR H 232 36.18 -13.83 14.20
N ARG H 233 36.13 -12.51 14.42
CA ARG H 233 35.54 -11.98 15.65
C ARG H 233 34.46 -10.93 15.42
N ARG H 234 34.40 -10.29 14.24
CA ARG H 234 33.39 -9.27 13.99
C ARG H 234 32.55 -9.67 12.78
N ILE H 235 31.23 -9.63 12.97
CA ILE H 235 30.28 -10.01 11.93
C ILE H 235 29.19 -8.94 11.85
N MET H 236 28.85 -8.54 10.64
CA MET H 236 27.82 -7.54 10.39
C MET H 236 26.80 -8.11 9.42
N ILE H 237 25.52 -7.94 9.74
CA ILE H 237 24.42 -8.48 8.94
C ILE H 237 23.52 -7.32 8.56
N VAL H 238 23.03 -7.33 7.33
CA VAL H 238 22.17 -6.26 6.83
C VAL H 238 20.74 -6.74 6.57
N GLY H 239 20.36 -7.90 7.11
CA GLY H 239 19.00 -8.35 6.88
C GLY H 239 18.27 -8.77 8.14
N GLY H 240 17.04 -8.31 8.26
CA GLY H 240 16.17 -8.62 9.38
C GLY H 240 15.30 -9.83 9.13
N GLY H 241 15.57 -10.56 8.06
CA GLY H 241 14.71 -11.63 7.64
C GLY H 241 14.77 -12.83 8.57
N ASN H 242 13.75 -13.68 8.40
CA ASN H 242 13.65 -14.92 9.15
C ASN H 242 14.92 -15.75 9.11
N ILE H 243 15.76 -15.56 8.09
CA ILE H 243 17.07 -16.19 8.05
C ILE H 243 18.09 -15.36 8.81
N GLY H 244 18.06 -14.05 8.58
CA GLY H 244 18.99 -13.16 9.26
C GLY H 244 18.83 -13.20 10.78
N ALA H 245 17.58 -13.13 11.25
CA ALA H 245 17.30 -13.21 12.68
C ALA H 245 17.86 -14.50 13.29
N SER H 246 17.48 -15.65 12.73
CA SER H 246 17.95 -16.91 13.29
C SER H 246 19.46 -17.09 13.16
N LEU H 247 20.09 -16.42 12.18
CA LEU H 247 21.54 -16.48 12.10
C LEU H 247 22.16 -15.61 13.19
N ALA H 248 21.58 -14.44 13.43
CA ALA H 248 22.04 -13.60 14.53
C ALA H 248 21.92 -14.33 15.85
N LYS H 249 20.79 -15.01 16.06
CA LYS H 249 20.62 -15.86 17.24
C LYS H 249 21.74 -16.89 17.35
N ARG H 250 22.05 -17.56 16.24
CA ARG H 250 23.05 -18.63 16.31
C ARG H 250 24.46 -18.09 16.50
N LEU H 251 24.73 -16.84 16.08
CA LEU H 251 26.07 -16.28 16.12
C LEU H 251 26.36 -15.43 17.35
N GLU H 252 25.34 -14.76 17.90
CA GLU H 252 25.55 -13.72 18.90
C GLU H 252 26.34 -14.21 20.11
N GLN H 253 26.22 -15.48 20.46
CA GLN H 253 26.89 -15.98 21.66
C GLN H 253 28.40 -16.06 21.47
N THR H 254 28.86 -16.35 20.25
CA THR H 254 30.27 -16.57 19.99
C THR H 254 30.95 -15.39 19.31
N TYR H 255 30.20 -14.50 18.68
CA TYR H 255 30.77 -13.36 17.99
C TYR H 255 29.97 -12.10 18.32
N SER H 256 30.59 -10.95 18.05
CA SER H 256 29.98 -9.65 18.29
C SER H 256 29.25 -9.23 17.02
N VAL H 257 27.92 -9.21 17.06
CA VAL H 257 27.10 -9.07 15.86
C VAL H 257 26.45 -7.68 15.86
N LYS H 258 26.57 -7.00 14.72
CA LYS H 258 25.85 -5.76 14.44
C LYS H 258 24.94 -6.02 13.25
N LEU H 259 23.64 -5.79 13.45
CA LEU H 259 22.62 -6.10 12.47
C LEU H 259 21.92 -4.82 12.00
N ILE H 260 21.52 -4.80 10.74
CA ILE H 260 20.94 -3.62 10.10
C ILE H 260 19.58 -3.96 9.53
N GLU H 261 18.62 -3.04 9.67
CA GLU H 261 17.27 -3.20 9.16
C GLU H 261 16.78 -1.82 8.72
N ARG H 262 15.89 -1.79 7.72
CA ARG H 262 15.32 -0.53 7.28
C ARG H 262 13.97 -0.22 7.89
N ASP H 263 13.22 -1.24 8.34
CA ASP H 263 11.88 -1.04 8.89
C ASP H 263 12.00 -0.91 10.40
N TYR H 264 11.66 0.28 10.92
CA TYR H 264 11.86 0.58 12.33
C TYR H 264 11.17 -0.43 13.23
N GLN H 265 9.92 -0.78 12.93
CA GLN H 265 9.17 -1.69 13.79
C GLN H 265 9.85 -3.07 13.85
N ARG H 266 10.39 -3.52 12.71
CA ARG H 266 11.13 -4.77 12.71
C ARG H 266 12.40 -4.65 13.55
N ALA H 267 13.10 -3.51 13.45
CA ALA H 267 14.29 -3.29 14.26
C ALA H 267 13.96 -3.35 15.74
N GLU H 268 12.86 -2.70 16.15
CA GLU H 268 12.43 -2.78 17.54
C GLU H 268 12.15 -4.22 17.95
N LYS H 269 11.44 -4.97 17.11
CA LYS H 269 11.13 -6.35 17.46
C LYS H 269 12.41 -7.19 17.57
N LEU H 270 13.42 -6.86 16.78
CA LEU H 270 14.69 -7.57 16.87
C LEU H 270 15.41 -7.23 18.15
N SER H 271 15.54 -5.93 18.44
CA SER H 271 16.22 -5.51 19.67
C SER H 271 15.55 -6.09 20.90
N GLU H 272 14.23 -6.30 20.86
CA GLU H 272 13.59 -7.05 21.93
C GLU H 272 14.03 -8.50 21.91
N GLN H 273 13.88 -9.18 20.78
CA GLN H 273 14.21 -10.60 20.71
C GLN H 273 15.71 -10.83 20.87
N LEU H 274 16.53 -10.08 20.14
CA LEU H 274 17.97 -10.33 20.06
C LEU H 274 18.69 -9.64 21.21
N GLU H 275 19.27 -10.44 22.10
CA GLU H 275 20.21 -9.96 23.11
C GLU H 275 21.63 -10.25 22.66
N ASN H 276 22.55 -9.36 23.06
CA ASN H 276 23.97 -9.40 22.71
C ASN H 276 24.24 -9.00 21.26
N THR H 277 23.21 -8.55 20.53
CA THR H 277 23.34 -8.19 19.13
C THR H 277 22.91 -6.73 18.98
N ILE H 278 23.83 -5.87 18.56
CA ILE H 278 23.50 -4.46 18.37
C ILE H 278 22.71 -4.33 17.07
N VAL H 279 21.43 -3.99 17.18
CA VAL H 279 20.53 -3.95 16.04
C VAL H 279 20.29 -2.50 15.65
N PHE H 280 20.53 -2.18 14.38
CA PHE H 280 20.48 -0.81 13.89
C PHE H 280 19.21 -0.60 13.07
N CYS H 281 19.00 0.64 12.62
CA CYS H 281 17.87 0.98 11.77
C CYS H 281 18.36 1.95 10.70
N GLY H 282 18.64 1.42 9.51
CA GLY H 282 19.10 2.24 8.41
C GLY H 282 19.28 1.39 7.17
N ASP H 283 19.50 2.08 6.05
CA ASP H 283 19.73 1.39 4.80
C ASP H 283 21.13 0.76 4.78
N ALA H 284 21.22 -0.45 4.23
CA ALA H 284 22.51 -1.11 4.04
C ALA H 284 23.38 -0.42 2.99
N ALA H 285 22.88 0.63 2.35
CA ALA H 285 23.59 1.26 1.24
C ALA H 285 24.45 2.44 1.68
N ASP H 286 23.96 3.26 2.61
CA ASP H 286 24.64 4.52 2.92
C ASP H 286 25.96 4.26 3.64
N GLN H 287 27.02 4.89 3.14
CA GLN H 287 28.33 4.79 3.79
C GLN H 287 28.32 5.50 5.15
N GLU H 288 27.59 6.60 5.25
CA GLU H 288 27.54 7.40 6.47
C GLU H 288 27.20 6.60 7.71
N LEU H 289 26.57 5.42 7.55
CA LEU H 289 26.38 4.51 8.67
C LEU H 289 27.48 3.47 8.79
N LEU H 290 27.97 2.95 7.66
CA LEU H 290 28.95 1.87 7.70
C LEU H 290 30.29 2.37 8.24
N THR H 291 30.81 3.46 7.66
CA THR H 291 32.04 4.06 8.17
C THR H 291 31.87 4.45 9.64
N GLU H 292 30.75 5.10 9.97
CA GLU H 292 30.45 5.44 11.36
C GLU H 292 30.37 4.21 12.26
N GLU H 293 30.24 3.02 11.68
CA GLU H 293 30.09 1.79 12.47
C GLU H 293 31.25 0.81 12.25
N ASN H 294 32.43 1.35 11.95
CA ASN H 294 33.66 0.55 11.83
C ASN H 294 33.53 -0.51 10.74
N ILE H 295 33.10 -0.08 9.54
CA ILE H 295 33.03 -0.99 8.42
C ILE H 295 34.42 -1.45 8.01
N ASP H 296 35.45 -0.62 8.25
CA ASP H 296 36.81 -0.99 7.90
C ASP H 296 37.35 -2.11 8.79
N GLN H 297 36.71 -2.39 9.93
CA GLN H 297 37.21 -3.35 10.89
C GLN H 297 36.38 -4.62 10.98
N VAL H 298 35.30 -4.74 10.21
CA VAL H 298 34.44 -5.91 10.29
C VAL H 298 35.12 -7.06 9.55
N ASP H 299 34.94 -8.27 10.07
CA ASP H 299 35.54 -9.46 9.46
C ASP H 299 34.62 -10.10 8.42
N VAL H 300 33.37 -10.35 8.77
CA VAL H 300 32.44 -11.02 7.86
C VAL H 300 31.20 -10.15 7.68
N PHE H 301 30.87 -9.85 6.43
CA PHE H 301 29.71 -9.01 6.09
C PHE H 301 28.70 -9.87 5.34
N ILE H 302 27.59 -10.21 6.00
CA ILE H 302 26.58 -11.09 5.44
C ILE H 302 25.37 -10.25 5.03
N ALA H 303 24.90 -10.47 3.80
CA ALA H 303 23.76 -9.76 3.23
C ALA H 303 22.63 -10.73 2.99
N LEU H 304 21.54 -10.60 3.77
CA LEU H 304 20.41 -11.51 3.70
C LEU H 304 19.10 -10.78 3.37
N THR H 305 19.20 -9.72 2.58
CA THR H 305 18.01 -8.99 2.15
C THR H 305 17.16 -9.81 1.19
N ASN H 306 15.91 -9.39 1.03
CA ASN H 306 15.01 -10.03 0.07
C ASN H 306 15.53 -9.84 -1.36
N GLU H 307 15.97 -8.63 -1.69
CA GLU H 307 16.38 -8.32 -3.05
C GLU H 307 17.85 -8.70 -3.25
N ASP H 308 18.12 -9.38 -4.37
CA ASP H 308 19.49 -9.80 -4.67
C ASP H 308 20.37 -8.60 -5.00
N GLU H 309 19.86 -7.65 -5.78
CA GLU H 309 20.68 -6.53 -6.21
C GLU H 309 21.12 -5.67 -5.04
N THR H 310 20.30 -5.60 -3.99
CA THR H 310 20.68 -4.84 -2.81
C THR H 310 21.80 -5.54 -2.06
N ASN H 311 21.70 -6.86 -1.93
CA ASN H 311 22.79 -7.65 -1.37
C ASN H 311 24.09 -7.41 -2.14
N ILE H 312 24.05 -7.65 -3.45
CA ILE H 312 25.26 -7.53 -4.27
C ILE H 312 25.89 -6.14 -4.11
N MET H 313 25.07 -5.09 -4.22
CA MET H 313 25.65 -3.74 -4.19
C MET H 313 26.15 -3.35 -2.81
N SER H 314 25.37 -3.64 -1.76
CA SER H 314 25.81 -3.31 -0.41
C SER H 314 27.07 -4.09 -0.05
N ALA H 315 27.13 -5.36 -0.45
CA ALA H 315 28.28 -6.18 -0.11
C ALA H 315 29.51 -5.82 -0.93
N MET H 316 29.33 -5.40 -2.19
CA MET H 316 30.47 -4.86 -2.93
C MET H 316 30.96 -3.57 -2.32
N LEU H 317 30.08 -2.85 -1.62
CA LEU H 317 30.51 -1.60 -1.00
C LEU H 317 31.23 -1.88 0.31
N ALA H 318 30.74 -2.85 1.08
CA ALA H 318 31.44 -3.26 2.29
C ALA H 318 32.76 -3.93 1.98
N LYS H 319 32.85 -4.61 0.82
CA LYS H 319 34.12 -5.15 0.36
C LYS H 319 35.09 -4.05 0.01
N ARG H 320 34.60 -2.99 -0.65
CA ARG H 320 35.48 -1.87 -0.96
C ARG H 320 35.96 -1.17 0.32
N MET H 321 35.10 -1.12 1.34
CA MET H 321 35.42 -0.34 2.53
C MET H 321 36.32 -1.05 3.53
N GLY H 322 36.48 -2.37 3.43
CA GLY H 322 37.44 -3.02 4.32
C GLY H 322 37.04 -4.36 4.93
N ALA H 323 35.85 -4.85 4.60
CA ALA H 323 35.44 -6.17 5.09
C ALA H 323 36.35 -7.26 4.50
N LYS H 324 36.68 -8.25 5.33
CA LYS H 324 37.58 -9.31 4.87
C LYS H 324 36.84 -10.33 4.01
N LYS H 325 35.71 -10.84 4.51
CA LYS H 325 34.90 -11.80 3.77
C LYS H 325 33.49 -11.25 3.62
N VAL H 326 32.94 -11.42 2.42
CA VAL H 326 31.64 -10.88 2.05
C VAL H 326 30.76 -12.03 1.56
N MET H 327 29.54 -12.09 2.09
CA MET H 327 28.58 -13.12 1.72
C MET H 327 27.25 -12.47 1.39
N VAL H 328 26.53 -13.03 0.41
CA VAL H 328 25.25 -12.50 -0.04
C VAL H 328 24.24 -13.63 -0.19
N LEU H 329 22.97 -13.23 -0.33
CA LEU H 329 21.85 -14.14 -0.56
C LEU H 329 21.30 -13.89 -1.95
N ILE H 330 21.63 -14.77 -2.89
CA ILE H 330 21.26 -14.63 -4.29
C ILE H 330 20.14 -15.62 -4.60
N GLN H 331 19.02 -15.09 -5.11
CA GLN H 331 17.88 -15.91 -5.50
C GLN H 331 17.80 -16.11 -7.01
N ARG H 332 18.87 -15.80 -7.75
CA ARG H 332 18.89 -15.94 -9.21
C ARG H 332 20.24 -16.48 -9.63
N GLY H 333 20.28 -17.74 -10.08
CA GLY H 333 21.55 -18.33 -10.49
C GLY H 333 22.28 -17.53 -11.55
N ALA H 334 21.54 -16.74 -12.34
CA ALA H 334 22.18 -15.89 -13.33
C ALA H 334 23.08 -14.85 -12.68
N TYR H 335 22.73 -14.43 -11.45
CA TYR H 335 23.57 -13.45 -10.75
C TYR H 335 24.80 -14.12 -10.17
N VAL H 336 24.63 -15.28 -9.53
CA VAL H 336 25.76 -15.95 -8.89
C VAL H 336 26.77 -16.37 -9.93
N ASP H 337 26.31 -16.76 -11.13
CA ASP H 337 27.25 -17.09 -12.19
C ASP H 337 27.99 -15.87 -12.73
N LEU H 338 27.54 -14.66 -12.43
CA LEU H 338 28.07 -13.46 -13.08
C LEU H 338 28.92 -12.58 -12.18
N VAL H 339 28.48 -12.28 -10.96
CA VAL H 339 29.18 -11.22 -10.23
C VAL H 339 30.19 -11.79 -9.25
N GLN H 340 29.89 -12.98 -8.73
CA GLN H 340 30.62 -13.55 -7.61
C GLN H 340 31.94 -14.20 -8.07
N GLY H 341 32.89 -13.35 -8.40
CA GLY H 341 34.28 -13.70 -8.16
C GLY H 341 35.09 -12.52 -7.66
N GLY H 342 35.91 -12.74 -6.64
CA GLY H 342 36.79 -11.70 -6.15
C GLY H 342 36.09 -10.57 -5.40
N VAL H 343 35.12 -9.92 -6.05
CA VAL H 343 34.42 -8.82 -5.41
C VAL H 343 33.47 -9.32 -4.33
N ILE H 344 32.78 -10.43 -4.58
CA ILE H 344 31.86 -11.03 -3.62
C ILE H 344 32.33 -12.46 -3.39
N ASP H 345 32.78 -12.75 -2.16
CA ASP H 345 33.45 -14.03 -1.91
C ASP H 345 32.50 -15.22 -1.99
N VAL H 346 31.28 -15.09 -1.47
CA VAL H 346 30.36 -16.24 -1.45
C VAL H 346 28.90 -15.82 -1.35
N ALA H 347 28.05 -16.43 -2.18
CA ALA H 347 26.61 -16.24 -2.18
C ALA H 347 25.93 -17.53 -1.77
N ILE H 348 24.88 -17.41 -0.97
CA ILE H 348 24.24 -18.60 -0.46
C ILE H 348 22.91 -18.76 -1.20
N SER H 349 22.97 -19.46 -2.32
CA SER H 349 21.75 -19.83 -3.01
C SER H 349 21.04 -20.89 -2.19
N PRO H 350 19.88 -20.61 -1.59
CA PRO H 350 19.21 -21.65 -0.81
C PRO H 350 18.83 -22.85 -1.65
N GLN H 351 18.76 -22.67 -2.97
CA GLN H 351 18.51 -23.78 -3.87
C GLN H 351 19.74 -24.69 -3.98
N GLN H 352 20.88 -24.11 -4.35
CA GLN H 352 22.10 -24.90 -4.50
C GLN H 352 22.68 -25.36 -3.16
N ALA H 353 22.37 -24.68 -2.06
CA ALA H 353 22.90 -25.11 -0.77
C ALA H 353 22.36 -26.48 -0.38
N THR H 354 21.07 -26.72 -0.60
CA THR H 354 20.52 -28.05 -0.37
C THR H 354 20.85 -28.99 -1.54
N ILE H 355 20.73 -28.49 -2.77
CA ILE H 355 20.89 -29.33 -3.96
C ILE H 355 22.26 -29.99 -3.99
N SER H 356 23.33 -29.22 -3.73
CA SER H 356 24.68 -29.78 -3.83
C SER H 356 24.83 -31.02 -2.96
N ALA H 357 24.34 -30.97 -1.72
CA ALA H 357 24.43 -32.12 -0.83
C ALA H 357 23.48 -33.24 -1.25
N LEU H 358 22.24 -32.90 -1.62
CA LEU H 358 21.25 -33.94 -1.87
C LEU H 358 21.53 -34.67 -3.18
N LEU H 359 21.90 -33.95 -4.24
CA LEU H 359 22.21 -34.62 -5.51
C LEU H 359 23.37 -35.59 -5.31
N THR H 360 24.34 -35.21 -4.49
CA THR H 360 25.44 -36.12 -4.20
C THR H 360 24.90 -37.37 -3.49
N HIS H 361 24.05 -37.17 -2.48
CA HIS H 361 23.44 -38.31 -1.83
C HIS H 361 22.41 -39.01 -2.72
N VAL H 362 21.92 -38.33 -3.77
CA VAL H 362 20.90 -38.89 -4.65
C VAL H 362 21.55 -39.84 -5.66
N ARG H 363 20.89 -40.96 -5.92
CA ARG H 363 21.34 -41.93 -6.90
C ARG H 363 20.64 -41.68 -8.23
N ARG H 364 21.41 -41.71 -9.31
CA ARG H 364 22.78 -42.19 -9.31
C ARG H 364 23.75 -41.09 -9.72
N ALA H 365 23.22 -40.09 -10.42
CA ALA H 365 24.00 -38.96 -10.92
C ALA H 365 25.15 -39.37 -11.84
N ASP H 366 25.03 -40.52 -12.51
CA ASP H 366 26.07 -40.96 -13.45
C ASP H 366 25.53 -40.85 -14.87
N ILE H 367 25.94 -39.79 -15.56
CA ILE H 367 25.61 -39.55 -16.96
C ILE H 367 26.93 -39.17 -17.64
N VAL H 368 26.92 -39.16 -18.98
CA VAL H 368 28.14 -38.81 -19.73
C VAL H 368 28.75 -37.54 -19.17
N ASN H 369 27.92 -36.60 -18.73
CA ASN H 369 28.38 -35.46 -17.96
C ASN H 369 27.35 -35.13 -16.89
N VAL H 370 27.81 -35.00 -15.65
CA VAL H 370 26.97 -34.57 -14.54
C VAL H 370 27.65 -33.36 -13.94
N SER H 371 26.97 -32.22 -13.97
CA SER H 371 27.60 -30.97 -13.60
C SER H 371 27.15 -30.44 -12.25
N SER H 372 28.13 -30.16 -11.39
CA SER H 372 27.93 -29.42 -10.16
C SER H 372 28.47 -28.04 -10.53
N LEU H 373 27.67 -26.99 -10.38
CA LEU H 373 28.14 -25.71 -10.85
C LEU H 373 28.33 -24.70 -9.74
N ARG H 374 29.34 -23.86 -9.97
CA ARG H 374 29.84 -22.87 -9.04
C ARG H 374 29.71 -21.45 -9.57
N ARG H 375 30.58 -20.59 -9.08
CA ARG H 375 30.60 -19.18 -9.41
C ARG H 375 31.67 -18.93 -10.45
N GLY H 376 31.36 -18.15 -11.48
CA GLY H 376 32.35 -17.91 -12.50
C GLY H 376 32.19 -18.79 -13.74
N ALA H 377 33.18 -18.68 -14.62
CA ALA H 377 33.25 -19.54 -15.81
C ALA H 377 33.84 -20.90 -15.49
N ALA H 378 34.29 -21.13 -14.27
CA ALA H 378 34.89 -22.39 -13.87
C ALA H 378 33.86 -23.52 -13.91
N GLU H 379 34.36 -24.76 -13.83
CA GLU H 379 33.49 -25.92 -13.80
C GLU H 379 34.17 -27.07 -13.07
N ALA H 380 33.35 -27.86 -12.39
CA ALA H 380 33.79 -29.09 -11.72
C ALA H 380 32.82 -30.18 -12.14
N ILE H 381 33.30 -31.14 -12.94
CA ILE H 381 32.43 -32.18 -13.47
C ILE H 381 32.91 -33.54 -12.97
N GLU H 382 32.03 -34.53 -13.10
CA GLU H 382 32.30 -35.90 -12.69
C GLU H 382 31.92 -36.75 -13.89
N ALA H 383 32.79 -36.76 -14.90
CA ALA H 383 32.50 -37.49 -16.13
C ALA H 383 32.55 -38.99 -15.87
N VAL H 384 31.75 -39.73 -16.64
CA VAL H 384 31.72 -41.19 -16.58
C VAL H 384 32.23 -41.72 -17.91
N ALA H 385 33.21 -42.62 -17.83
CA ALA H 385 33.82 -43.21 -19.02
C ALA H 385 33.03 -44.46 -19.38
N HIS H 386 32.23 -44.36 -20.44
CA HIS H 386 31.38 -45.47 -20.88
C HIS H 386 31.92 -46.04 -22.19
N GLY H 387 31.81 -47.34 -22.34
CA GLY H 387 32.25 -48.03 -23.54
C GLY H 387 33.30 -49.07 -23.23
N ASP H 388 33.56 -49.90 -24.24
CA ASP H 388 34.49 -51.01 -24.12
C ASP H 388 35.92 -50.48 -24.18
N GLU H 389 36.89 -51.40 -24.27
CA GLU H 389 38.30 -51.05 -24.14
C GLU H 389 38.74 -50.00 -25.15
N THR H 390 38.11 -49.98 -26.34
CA THR H 390 38.49 -49.06 -27.39
C THR H 390 37.31 -48.32 -28.01
N THR H 391 36.08 -48.69 -27.68
CA THR H 391 34.93 -48.00 -28.26
C THR H 391 34.83 -46.55 -27.80
N SER H 392 35.36 -46.23 -26.63
CA SER H 392 35.38 -44.85 -26.14
C SER H 392 36.72 -44.20 -26.46
N LYS H 393 36.67 -42.88 -26.65
CA LYS H 393 37.89 -42.11 -26.88
C LYS H 393 38.86 -42.19 -25.70
N VAL H 394 38.35 -42.42 -24.49
CA VAL H 394 39.11 -42.14 -23.29
C VAL H 394 39.38 -43.36 -22.42
N VAL H 395 38.69 -44.49 -22.61
CA VAL H 395 38.90 -45.65 -21.74
C VAL H 395 40.18 -46.36 -22.15
N GLY H 396 40.94 -46.82 -21.15
CA GLY H 396 42.18 -47.54 -21.38
C GLY H 396 43.38 -46.67 -21.67
N ARG H 397 43.18 -45.42 -22.08
CA ARG H 397 44.26 -44.52 -22.43
C ARG H 397 44.65 -43.67 -21.23
N ALA H 398 45.75 -42.92 -21.37
CA ALA H 398 46.29 -42.12 -20.29
C ALA H 398 45.95 -40.66 -20.50
N ILE H 399 45.81 -39.93 -19.38
CA ILE H 399 45.33 -38.55 -19.45
C ILE H 399 46.30 -37.68 -20.23
N GLY H 400 47.61 -37.94 -20.10
CA GLY H 400 48.57 -37.19 -20.88
C GLY H 400 48.42 -37.37 -22.37
N ASP H 401 47.73 -38.43 -22.80
CA ASP H 401 47.49 -38.69 -24.22
C ASP H 401 46.10 -38.30 -24.68
N ILE H 402 45.22 -37.91 -23.75
CA ILE H 402 43.87 -37.48 -24.11
C ILE H 402 43.92 -36.04 -24.58
N LYS H 403 43.08 -35.73 -25.57
CA LYS H 403 42.99 -34.37 -26.10
C LYS H 403 41.92 -33.60 -25.35
N LEU H 404 42.24 -33.29 -24.09
CA LEU H 404 41.32 -32.59 -23.22
C LEU H 404 41.18 -31.14 -23.67
N PRO H 405 40.02 -30.52 -23.44
CA PRO H 405 39.85 -29.11 -23.80
C PRO H 405 40.84 -28.23 -23.04
N PRO H 406 41.05 -27.00 -23.49
CA PRO H 406 42.03 -26.13 -22.82
C PRO H 406 41.61 -25.81 -21.40
N GLY H 407 42.60 -25.70 -20.52
CA GLY H 407 42.37 -25.44 -19.12
C GLY H 407 41.80 -26.59 -18.33
N THR H 408 41.33 -27.65 -18.98
CA THR H 408 40.71 -28.76 -18.27
C THR H 408 41.77 -29.62 -17.58
N THR H 409 41.59 -29.82 -16.28
CA THR H 409 42.53 -30.57 -15.45
C THR H 409 41.76 -31.64 -14.69
N ILE H 410 42.15 -32.90 -14.86
CA ILE H 410 41.57 -34.00 -14.10
C ILE H 410 42.16 -33.99 -12.70
N GLY H 411 41.30 -34.00 -11.69
CA GLY H 411 41.74 -33.91 -10.31
C GLY H 411 41.90 -35.25 -9.63
N ALA H 412 40.89 -36.12 -9.72
CA ALA H 412 40.98 -37.43 -9.10
C ALA H 412 40.17 -38.44 -9.91
N VAL H 413 40.46 -39.71 -9.67
CA VAL H 413 39.76 -40.84 -10.29
C VAL H 413 39.28 -41.77 -9.19
N VAL H 414 37.99 -42.03 -9.15
CA VAL H 414 37.37 -42.91 -8.16
C VAL H 414 37.10 -44.27 -8.80
N ARG H 415 37.66 -45.33 -8.22
CA ARG H 415 37.15 -46.67 -8.48
C ARG H 415 36.60 -47.22 -7.18
N GLY H 416 35.34 -47.63 -7.19
CA GLY H 416 34.81 -48.34 -6.04
C GLY H 416 34.88 -47.48 -4.80
N GLU H 417 35.67 -47.94 -3.84
CA GLU H 417 35.87 -47.27 -2.57
C GLU H 417 37.20 -46.53 -2.46
N GLU H 418 38.09 -46.66 -3.45
CA GLU H 418 39.38 -46.00 -3.42
C GLU H 418 39.51 -44.90 -4.46
N VAL H 419 40.28 -43.87 -4.09
CA VAL H 419 40.49 -42.66 -4.87
C VAL H 419 41.96 -42.50 -5.20
N LEU H 420 42.26 -42.14 -6.45
CA LEU H 420 43.62 -41.87 -6.91
C LEU H 420 43.70 -40.42 -7.37
N ILE H 421 44.85 -39.77 -7.11
CA ILE H 421 45.03 -38.37 -7.48
C ILE H 421 45.38 -38.13 -8.94
N ALA H 422 45.48 -39.19 -9.75
CA ALA H 422 45.77 -39.07 -11.19
C ALA H 422 47.03 -38.27 -11.49
N HIS H 423 48.14 -38.68 -10.89
CA HIS H 423 49.44 -38.05 -11.15
C HIS H 423 50.19 -38.74 -12.28
N ASP H 424 50.59 -37.95 -13.29
CA ASP H 424 51.43 -38.38 -14.41
C ASP H 424 50.73 -39.48 -15.20
N ARG H 425 51.37 -40.62 -15.47
CA ARG H 425 50.86 -41.73 -16.28
C ARG H 425 49.39 -42.11 -16.05
N THR H 426 48.85 -41.87 -14.85
CA THR H 426 47.46 -42.21 -14.53
C THR H 426 47.16 -43.70 -14.65
N VAL H 427 48.05 -44.56 -14.14
CA VAL H 427 47.75 -46.00 -14.11
C VAL H 427 46.31 -46.11 -13.61
N ILE H 428 45.46 -46.90 -14.29
CA ILE H 428 44.04 -46.90 -13.97
C ILE H 428 43.36 -48.23 -14.27
N GLU H 429 42.24 -48.45 -13.60
CA GLU H 429 41.31 -49.56 -13.81
C GLU H 429 40.14 -49.15 -14.72
N GLN H 430 40.12 -47.90 -15.19
CA GLN H 430 38.86 -47.16 -15.26
C GLN H 430 37.90 -47.60 -16.36
N ASP H 431 37.01 -48.53 -15.99
CA ASP H 431 35.59 -48.39 -16.29
C ASP H 431 34.98 -47.15 -15.62
N ASP H 432 35.71 -46.48 -14.75
CA ASP H 432 35.25 -46.01 -13.44
C ASP H 432 35.58 -44.53 -13.26
N HIS H 433 34.91 -43.93 -12.27
CA HIS H 433 34.49 -42.54 -12.33
C HIS H 433 35.67 -41.59 -12.22
N VAL H 434 35.71 -40.59 -13.11
CA VAL H 434 36.83 -39.66 -13.22
C VAL H 434 36.32 -38.25 -12.91
N VAL H 435 37.00 -37.57 -11.99
CA VAL H 435 36.63 -36.23 -11.54
C VAL H 435 37.52 -35.21 -12.21
N MET H 436 36.89 -34.21 -12.84
CA MET H 436 37.57 -33.24 -13.69
C MET H 436 37.35 -31.82 -13.17
N PHE H 437 37.95 -30.85 -13.87
CA PHE H 437 37.81 -29.45 -13.51
C PHE H 437 38.05 -28.61 -14.75
N LEU H 438 37.03 -27.89 -15.20
CA LEU H 438 37.14 -26.96 -16.32
C LEU H 438 37.39 -25.55 -15.81
N VAL H 439 38.08 -24.76 -16.63
CA VAL H 439 38.27 -23.35 -16.36
C VAL H 439 37.23 -22.49 -17.08
N ASP H 440 36.84 -22.88 -18.29
CA ASP H 440 35.74 -22.25 -19.02
C ASP H 440 34.67 -23.30 -19.24
N LYS H 441 33.47 -23.03 -18.72
CA LYS H 441 32.42 -24.04 -18.73
C LYS H 441 31.73 -24.16 -20.08
N LYS H 442 32.02 -23.27 -21.03
CA LYS H 442 31.44 -23.42 -22.35
C LYS H 442 32.06 -24.60 -23.10
N TYR H 443 33.05 -25.26 -22.50
CA TYR H 443 33.64 -26.48 -23.04
C TYR H 443 33.07 -27.73 -22.38
N VAL H 444 32.01 -27.58 -21.57
CA VAL H 444 31.33 -28.76 -21.03
C VAL H 444 30.85 -29.72 -22.12
N PRO H 445 30.16 -29.26 -23.18
CA PRO H 445 29.69 -30.22 -24.18
C PRO H 445 30.81 -31.00 -24.87
N ASP H 446 31.93 -30.34 -25.19
CA ASP H 446 33.04 -31.05 -25.82
C ASP H 446 33.52 -32.22 -24.96
N VAL H 447 33.49 -32.05 -23.64
CA VAL H 447 33.91 -33.14 -22.77
C VAL H 447 32.89 -34.27 -22.84
N GLU H 448 31.61 -33.90 -22.93
CA GLU H 448 30.59 -34.90 -23.19
C GLU H 448 30.89 -35.60 -24.50
N ALA H 449 31.25 -34.83 -25.53
CA ALA H 449 31.60 -35.42 -26.80
C ALA H 449 32.84 -36.28 -26.65
N LEU H 450 33.77 -35.86 -25.78
CA LEU H 450 34.96 -36.66 -25.56
C LEU H 450 34.61 -37.98 -24.89
N PHE H 451 33.65 -37.96 -23.95
CA PHE H 451 33.29 -39.18 -23.24
C PHE H 451 32.13 -39.93 -23.88
N GLN H 452 31.42 -39.33 -24.81
CA GLN H 452 30.36 -40.02 -25.52
C GLN H 452 30.98 -40.98 -26.53
N PRO H 453 30.75 -42.30 -26.42
CA PRO H 453 31.34 -43.23 -27.39
C PRO H 453 30.75 -43.04 -28.77
N SER H 454 31.27 -43.77 -29.76
CA SER H 454 30.72 -43.72 -31.11
C SER H 454 29.28 -44.22 -31.12
N PRO H 455 28.30 -43.39 -31.47
CA PRO H 455 26.90 -43.82 -31.42
C PRO H 455 26.65 -44.99 -32.36
N PHE H 456 25.88 -45.97 -31.88
CA PHE H 456 25.54 -47.14 -32.67
C PHE H 456 24.62 -46.78 -33.83
#